data_1G21
#
_entry.id   1G21
#
_cell.length_a   110.5
_cell.length_b   121.5
_cell.length_c   264.9
_cell.angle_alpha   90
_cell.angle_beta   90
_cell.angle_gamma   90
#
_symmetry.space_group_name_H-M   'P 21 21 21'
#
loop_
_entity.id
_entity.type
_entity.pdbx_description
1 polymer 'NITROGENASE MOLYBDENUM-IRON PROTEIN ALPHA CHAIN'
2 polymer 'NITROGENASE MOLYBDENUM-IRON PROTEIN BETA CHAIN'
3 polymer 'NITROGENASE IRON PROTEIN'
4 non-polymer '3-HYDROXY-3-CARBOXY-ADIPIC ACID'
5 non-polymer 'FE-MO-S CLUSTER'
6 non-polymer 'FE(8)-S(7) CLUSTER'
7 non-polymer 'CALCIUM ION'
8 non-polymer 'MAGNESIUM ION'
9 non-polymer "ADENOSINE-5'-TRIPHOSPHATE"
10 non-polymer 'IRON/SULFUR CLUSTER'
#
loop_
_entity_poly.entity_id
_entity_poly.type
_entity_poly.pdbx_seq_one_letter_code
_entity_poly.pdbx_strand_id
1 'polypeptide(L)'
;MTGMSREEVESLIQEVLEVYPEKARKDRNKHLAVNDPAVTQSKKCIISNKKSQPGLMTIRGCAYAGSKGVVWGPIKDMIH
ISHGPVGCGQYSRAGRRNYYIGTTGVNAFVTMNFTSDFQEKDIVFGGDKKLAKLIDEVETLFPLNKGISVQSECPIGLIG
DDIESVSKVKGAELSKTIVPVRCEGFRGVSQSLGHHIANDAVRDWVLGKRDEDTTFASTPYDVAIIGDYNIGGDAWSSRI
LLEEMGLRCVAQWSGDGSISEIELTPKVKLNLVHCYRSMNYISRHMEEKYGIPWMEYNFFGPTKTIESLRAIAAKFDESI
QKKCEEVIAKYKPEWEAVVAKYRPRLEGKRVMLYIGGLRPRHVIGAYEDLGMEVVGTGYEFAHNDDYDRTMKEMGDSTLL
YDDVTGYEFEEFVKRIKPDLIGSGIKEKFIFQKMGIPFREMHSWDYSGPYHGFDGFAIFARDMDMTLNNPCWKKLQAPWE
ASEGAEKVAASA
;
A,C
2 'polypeptide(L)'
;MSQQVDKIKASYPLFLDQDYKDMLAKKRDGFEEKYPQDKIDEVFQWTTTKEYQELNFQREALTVNPAKACQPLGAVLCAL
GFEKTMPYVHGSQGCVAYFRSYFNRHFREPVSCVSDSMTEDAAVFGGQQNMKDGLQNCKATYKPDMIAVSTTCMAEVIGD
DLNAFINNSKKEGFIPDEFPVPFAHTPSFVGSHVTGWDNMFEGIARYFTLKSMDDKVVGSNKKINIVPGFETYLGNFRVI
KRMLSEMGVGYSLLSDPEEVLDTPADGQFRMYAGGTTQEEMKDAPNALNTVLLQPWHLEKTKKFVEGTWKHEVPKLNIPM
GLDWTDEFLMKVSEISGQPIPASLTKERGRLVDMMTDSHTWLHGKRFALWGDPDFVMGLVKFLLELGCEPVHILCHNGNK
RWKKAVDAILAASPYGKNATVYIGKDLWHLRSLVFTDKPDFMIGNSYGKFIQRDTLHKGKEFEVPLIRIGFPIFDRHHLH
RSTTLGYEGAMQILTTLVNSILERLDEETRGMQATDYNHDLVR
;
B,D
3 'polypeptide(L)'
;MAMRQCAIYGKGGIGKSTTTQNLVAALAEMGKKVMIVGCDPKADSTRLILHSKAQNTIMEMAAEAGTVEDLELEDVLKAG
YGGVKCVESGGPEPGVGCAGRGVITAINFLEEEGAYEDDLDFVFYDVGDVVCGGFAMPIRENKAQEIYIVCSGEMMAMYA
ANNISKGIVKYANSGSVRLGGLICNSRNTDREDELIIALANKLGTQMIHFVPRDNVVQRAEIRRMTVIEYDPKAKQADEY
RALARKVVDNKLLVIPNPITMDELEELLMEFGIMEVEDESIVGKTAEEV
;
E,F,G,H
#
# COMPACT_ATOMS: atom_id res chain seq x y z
N SER A 5 -46.97 21.92 5.31
CA SER A 5 -46.04 21.94 6.45
C SER A 5 -46.58 22.88 7.54
N ARG A 6 -47.56 22.42 8.31
CA ARG A 6 -48.11 23.29 9.35
C ARG A 6 -47.95 22.74 10.77
N GLU A 7 -48.88 21.88 11.18
CA GLU A 7 -48.84 21.30 12.50
C GLU A 7 -48.22 19.90 12.46
N GLU A 8 -47.42 19.66 11.44
CA GLU A 8 -46.76 18.37 11.27
C GLU A 8 -45.56 18.23 12.19
N VAL A 9 -44.67 19.23 12.20
CA VAL A 9 -43.51 19.17 13.06
C VAL A 9 -43.98 18.77 14.46
N GLU A 10 -45.14 19.29 14.83
CA GLU A 10 -45.73 19.01 16.14
C GLU A 10 -46.14 17.55 16.23
N SER A 11 -46.63 17.02 15.12
CA SER A 11 -47.01 15.60 15.08
C SER A 11 -45.72 14.81 14.97
N LEU A 12 -44.67 15.47 14.48
CA LEU A 12 -43.35 14.85 14.33
C LEU A 12 -42.72 14.80 15.71
N ILE A 13 -42.56 15.97 16.31
CA ILE A 13 -41.95 16.11 17.62
C ILE A 13 -42.59 15.19 18.66
N GLN A 14 -43.90 15.35 18.85
CA GLN A 14 -44.63 14.57 19.83
C GLN A 14 -44.64 13.08 19.55
N GLU A 15 -44.06 12.70 18.42
CA GLU A 15 -43.98 11.28 18.05
C GLU A 15 -42.56 10.79 18.33
N VAL A 16 -41.59 11.67 18.07
CA VAL A 16 -40.19 11.37 18.33
C VAL A 16 -40.06 11.34 19.84
N LEU A 17 -40.63 12.36 20.47
CA LEU A 17 -40.62 12.51 21.92
C LEU A 17 -41.59 11.56 22.62
N GLU A 18 -42.23 10.68 21.83
CA GLU A 18 -43.18 9.73 22.39
C GLU A 18 -42.48 8.65 23.19
N VAL A 19 -41.31 8.23 22.72
CA VAL A 19 -40.55 7.18 23.38
C VAL A 19 -39.93 7.57 24.72
N TYR A 20 -39.65 8.85 24.89
CA TYR A 20 -39.03 9.35 26.12
C TYR A 20 -39.81 9.19 27.41
N PRO A 21 -39.28 8.43 28.38
CA PRO A 21 -39.93 8.22 29.67
C PRO A 21 -40.26 9.64 30.15
N GLU A 22 -41.37 9.80 30.87
CA GLU A 22 -41.78 11.14 31.30
C GLU A 22 -40.73 12.06 31.95
N LYS A 23 -39.70 11.51 32.61
CA LYS A 23 -38.69 12.42 33.19
C LYS A 23 -38.07 13.29 32.10
N ALA A 24 -37.61 12.64 31.02
CA ALA A 24 -37.00 13.33 29.90
C ALA A 24 -38.04 13.91 28.95
N ARG A 25 -39.15 13.21 28.79
CA ARG A 25 -40.22 13.65 27.90
C ARG A 25 -40.58 15.13 28.03
N LYS A 26 -40.99 15.57 29.22
CA LYS A 26 -41.34 16.98 29.39
C LYS A 26 -40.18 17.86 28.97
N ASP A 27 -38.99 17.54 29.45
CA ASP A 27 -37.79 18.32 29.13
C ASP A 27 -37.49 18.52 27.64
N ARG A 28 -37.22 17.44 26.92
CA ARG A 28 -36.90 17.55 25.50
C ARG A 28 -37.97 18.26 24.67
N ASN A 29 -39.23 17.99 24.95
CA ASN A 29 -40.33 18.62 24.22
C ASN A 29 -40.23 20.15 24.19
N LYS A 30 -39.37 20.70 25.05
CA LYS A 30 -39.21 22.15 25.12
C LYS A 30 -37.93 22.65 24.44
N HIS A 31 -37.09 21.72 23.97
CA HIS A 31 -35.84 22.07 23.29
C HIS A 31 -35.99 22.14 21.77
N LEU A 32 -37.10 21.61 21.26
CA LEU A 32 -37.38 21.61 19.83
C LEU A 32 -38.77 22.15 19.54
N ALA A 33 -38.83 23.29 18.85
CA ALA A 33 -40.11 23.91 18.54
C ALA A 33 -40.09 24.48 17.13
N VAL A 34 -41.30 24.70 16.58
CA VAL A 34 -41.47 25.28 15.24
C VAL A 34 -41.14 26.78 15.25
N ASN A 35 -40.33 27.18 14.26
CA ASN A 35 -39.85 28.55 14.13
C ASN A 35 -40.76 29.57 13.45
N ASP A 36 -41.19 30.59 14.19
CA ASP A 36 -42.05 31.62 13.62
C ASP A 36 -41.12 32.77 13.26
N PRO A 37 -40.98 33.06 11.96
CA PRO A 37 -40.10 34.16 11.52
C PRO A 37 -40.23 35.45 12.33
N ALA A 38 -41.29 35.55 13.12
CA ALA A 38 -41.60 36.74 13.90
C ALA A 38 -41.26 37.00 15.38
N VAL A 39 -41.09 35.98 16.22
CA VAL A 39 -40.81 36.25 17.64
C VAL A 39 -39.46 36.82 17.79
N THR A 40 -39.22 37.50 18.85
CA THR A 40 -37.87 37.99 18.99
C THR A 40 -37.20 37.43 20.24
N GLN A 41 -37.75 36.39 20.82
CA GLN A 41 -37.17 35.74 21.96
C GLN A 41 -37.69 34.33 21.99
N SER A 42 -37.01 33.37 22.65
CA SER A 42 -37.57 32.05 22.68
C SER A 42 -38.11 31.63 24.04
N LYS A 43 -38.05 32.52 25.02
CA LYS A 43 -38.59 32.17 26.33
C LYS A 43 -39.98 31.63 26.06
N LYS A 44 -40.56 32.09 24.94
CA LYS A 44 -41.90 31.65 24.52
C LYS A 44 -41.88 30.45 23.57
N CYS A 45 -40.97 30.41 22.60
CA CYS A 45 -40.95 29.33 21.63
C CYS A 45 -40.08 28.08 21.88
N ILE A 46 -38.80 28.26 22.20
CA ILE A 46 -37.92 27.12 22.43
C ILE A 46 -36.92 27.40 23.57
N ILE A 47 -36.34 26.33 24.14
CA ILE A 47 -35.38 26.51 25.23
C ILE A 47 -34.04 25.87 24.95
N SER A 48 -33.01 26.60 25.28
CA SER A 48 -31.63 26.14 25.07
C SER A 48 -30.81 26.37 26.32
N ASN A 49 -29.59 25.77 26.36
CA ASN A 49 -28.67 25.93 27.47
C ASN A 49 -29.21 25.44 28.81
N LYS A 50 -29.48 24.15 28.89
CA LYS A 50 -29.90 23.56 30.12
C LYS A 50 -29.17 22.24 30.27
N LYS A 51 -29.33 21.54 31.38
CA LYS A 51 -28.65 20.27 31.55
C LYS A 51 -29.11 19.22 30.54
N SER A 52 -28.17 18.38 30.11
CA SER A 52 -28.46 17.31 29.16
C SER A 52 -28.96 16.11 29.91
N GLN A 53 -29.98 15.45 29.38
CA GLN A 53 -30.53 14.25 30.01
C GLN A 53 -29.57 13.06 29.80
N PRO A 54 -29.42 12.28 30.89
CA PRO A 54 -28.51 11.11 30.83
C PRO A 54 -28.71 10.10 29.70
N GLY A 55 -27.59 9.46 29.33
CA GLY A 55 -27.44 8.43 28.30
C GLY A 55 -28.21 8.68 27.00
N LEU A 56 -28.15 9.90 26.49
CA LEU A 56 -28.92 10.21 25.29
C LEU A 56 -28.12 10.53 24.00
N MET A 57 -26.78 10.36 24.00
CA MET A 57 -26.03 10.43 22.69
C MET A 57 -25.95 11.90 22.34
N THR A 58 -25.55 12.71 23.30
CA THR A 58 -25.41 14.13 23.06
C THR A 58 -24.08 14.27 22.33
N ILE A 59 -23.88 15.41 21.67
CA ILE A 59 -22.66 15.68 20.96
C ILE A 59 -21.99 16.78 21.78
N ARG A 60 -22.76 17.44 22.64
CA ARG A 60 -22.27 18.49 23.52
C ARG A 60 -20.96 18.07 24.14
N GLY A 61 -20.03 19.02 24.30
CA GLY A 61 -18.75 18.72 24.91
C GLY A 61 -18.72 19.09 26.40
N CYS A 62 -17.57 19.54 26.88
CA CYS A 62 -17.39 19.95 28.27
C CYS A 62 -16.75 21.34 28.33
N ALA A 63 -16.53 21.84 29.54
CA ALA A 63 -15.93 23.16 29.71
C ALA A 63 -14.50 23.19 29.17
N TYR A 64 -13.86 22.02 29.16
CA TYR A 64 -12.49 21.91 28.67
C TYR A 64 -12.47 22.17 27.17
N ALA A 65 -13.28 21.43 26.43
CA ALA A 65 -13.36 21.59 24.99
C ALA A 65 -13.44 23.07 24.65
N GLY A 66 -13.93 23.84 25.62
CA GLY A 66 -14.05 25.28 25.45
C GLY A 66 -12.76 26.03 25.74
N SER A 67 -12.05 25.65 26.78
CA SER A 67 -10.82 26.33 27.09
C SER A 67 -9.59 25.83 26.34
N LYS A 68 -9.29 24.54 26.40
CA LYS A 68 -8.12 24.04 25.67
C LYS A 68 -8.51 23.75 24.24
N GLY A 69 -9.80 23.49 24.02
CA GLY A 69 -10.27 23.18 22.67
C GLY A 69 -10.40 24.35 21.72
N VAL A 70 -11.34 25.24 22.03
CA VAL A 70 -11.60 26.41 21.15
C VAL A 70 -10.83 27.70 21.42
N VAL A 71 -10.79 28.16 22.66
CA VAL A 71 -10.13 29.41 22.96
C VAL A 71 -8.63 29.46 23.11
N TRP A 72 -8.05 28.71 24.04
CA TRP A 72 -6.60 28.77 24.22
C TRP A 72 -5.78 28.01 23.20
N GLY A 73 -6.04 26.71 23.04
CA GLY A 73 -5.30 25.90 22.08
C GLY A 73 -4.74 26.71 20.92
N PRO A 74 -5.56 27.52 20.24
CA PRO A 74 -5.26 28.39 19.10
C PRO A 74 -4.17 29.46 19.23
N ILE A 75 -3.53 29.57 20.38
CA ILE A 75 -2.49 30.58 20.48
C ILE A 75 -1.13 29.94 20.22
N LYS A 76 -0.65 30.16 19.00
CA LYS A 76 0.60 29.58 18.53
C LYS A 76 1.93 29.89 19.23
N ASP A 77 2.10 31.06 19.84
CA ASP A 77 3.38 31.33 20.49
C ASP A 77 3.40 30.98 21.99
N MET A 78 2.34 30.32 22.45
CA MET A 78 2.20 29.90 23.85
C MET A 78 2.18 28.37 23.94
N ILE A 79 2.37 27.85 25.13
CA ILE A 79 2.32 26.40 25.34
C ILE A 79 1.21 26.13 26.34
N HIS A 80 0.13 25.55 25.84
CA HIS A 80 -1.04 25.22 26.65
C HIS A 80 -0.92 23.83 27.28
N ILE A 81 -0.75 23.83 28.61
CA ILE A 81 -0.61 22.63 29.38
C ILE A 81 -1.94 22.02 29.75
N SER A 82 -2.19 20.80 29.28
CA SER A 82 -3.45 20.11 29.58
C SER A 82 -3.22 19.41 30.91
N HIS A 83 -3.43 20.18 31.97
CA HIS A 83 -3.27 19.72 33.36
C HIS A 83 -4.42 18.79 33.72
N GLY A 84 -4.07 17.60 34.17
CA GLY A 84 -5.06 16.61 34.52
C GLY A 84 -4.53 15.30 33.93
N PRO A 85 -5.34 14.22 33.88
CA PRO A 85 -4.88 12.94 33.33
C PRO A 85 -4.43 13.01 31.86
N VAL A 86 -4.11 11.84 31.29
CA VAL A 86 -3.59 11.76 29.93
C VAL A 86 -4.54 11.58 28.74
N GLY A 87 -5.84 11.71 28.98
CA GLY A 87 -6.79 11.49 27.91
C GLY A 87 -7.24 12.70 27.11
N CYS A 88 -7.66 13.75 27.81
CA CYS A 88 -8.14 14.94 27.14
C CYS A 88 -7.21 15.48 26.11
N GLY A 89 -5.98 15.69 26.53
CA GLY A 89 -4.98 16.25 25.63
C GLY A 89 -4.88 15.46 24.34
N GLN A 90 -4.46 14.21 24.48
CA GLN A 90 -4.27 13.37 23.32
C GLN A 90 -5.45 13.35 22.40
N TYR A 91 -6.65 13.31 22.95
CA TYR A 91 -7.84 13.26 22.07
C TYR A 91 -8.05 14.52 21.21
N SER A 92 -7.60 15.68 21.68
CA SER A 92 -7.74 16.89 20.92
C SER A 92 -6.46 17.38 20.24
N ARG A 93 -5.42 16.55 20.18
CA ARG A 93 -4.18 16.98 19.51
C ARG A 93 -4.51 17.10 18.02
N ALA A 94 -4.44 18.32 17.50
CA ALA A 94 -4.70 18.59 16.10
C ALA A 94 -6.11 18.24 15.65
N GLY A 95 -7.04 18.20 16.61
CA GLY A 95 -8.42 17.88 16.26
C GLY A 95 -9.05 19.05 15.51
N ARG A 96 -8.90 20.24 16.08
CA ARG A 96 -9.44 21.45 15.50
C ARG A 96 -8.46 21.84 14.41
N ARG A 97 -8.97 22.33 13.30
CA ARG A 97 -8.13 22.74 12.19
C ARG A 97 -7.84 24.21 12.18
N ASN A 98 -7.56 24.81 13.34
CA ASN A 98 -7.21 26.24 13.36
C ASN A 98 -5.76 26.41 12.95
N TYR A 99 -5.58 26.80 11.70
CA TYR A 99 -4.26 26.99 11.07
C TYR A 99 -3.45 28.13 11.58
N TYR A 100 -2.15 28.00 11.36
CA TYR A 100 -1.24 28.97 11.84
C TYR A 100 0.06 28.91 11.09
N ILE A 101 0.90 29.90 11.32
CA ILE A 101 2.19 29.97 10.66
C ILE A 101 3.26 29.96 11.74
N GLY A 102 4.34 29.23 11.51
CA GLY A 102 5.40 29.19 12.51
C GLY A 102 6.20 27.89 12.48
N THR A 103 7.11 27.75 13.43
CA THR A 103 7.92 26.56 13.47
C THR A 103 7.49 25.78 14.69
N THR A 104 6.57 24.81 14.48
CA THR A 104 6.06 23.99 15.59
C THR A 104 7.16 23.21 16.27
N GLY A 105 7.18 23.28 17.61
CA GLY A 105 8.20 22.62 18.39
C GLY A 105 9.23 23.66 18.82
N VAL A 106 9.51 24.59 17.91
CA VAL A 106 10.48 25.64 18.16
C VAL A 106 9.79 26.91 18.61
N ASN A 107 9.05 27.53 17.68
CA ASN A 107 8.36 28.79 17.93
C ASN A 107 6.90 28.62 18.32
N ALA A 108 6.18 27.79 17.57
CA ALA A 108 4.76 27.54 17.83
C ALA A 108 4.60 26.15 18.48
N PHE A 109 3.50 25.95 19.18
CA PHE A 109 3.30 24.68 19.83
C PHE A 109 1.82 24.28 19.83
N VAL A 110 1.14 24.47 18.70
CA VAL A 110 -0.28 24.15 18.62
C VAL A 110 -0.65 22.72 18.24
N THR A 111 -0.06 22.16 17.20
CA THR A 111 -0.40 20.77 16.84
C THR A 111 0.23 19.84 17.87
N MET A 112 0.79 20.44 18.91
CA MET A 112 1.50 19.76 20.01
C MET A 112 0.63 19.53 21.23
N ASN A 113 0.99 18.59 22.09
CA ASN A 113 0.16 18.34 23.25
C ASN A 113 1.00 18.15 24.51
N PHE A 114 0.90 19.10 25.42
CA PHE A 114 1.61 19.05 26.68
C PHE A 114 0.61 18.65 27.77
N THR A 115 0.93 17.63 28.55
CA THR A 115 0.06 17.19 29.60
C THR A 115 0.85 16.87 30.84
N SER A 116 0.24 17.07 32.00
CA SER A 116 0.88 16.79 33.27
C SER A 116 0.81 15.29 33.60
N ASP A 117 0.16 14.54 32.71
CA ASP A 117 0.01 13.10 32.87
C ASP A 117 -0.21 12.70 34.32
N PHE A 118 -1.42 12.91 34.81
CA PHE A 118 -1.74 12.56 36.20
C PHE A 118 -1.77 11.04 36.42
N GLN A 119 -1.10 10.62 37.49
CA GLN A 119 -1.06 9.22 37.87
C GLN A 119 -1.85 9.06 39.14
N GLU A 120 -1.96 7.83 39.58
CA GLU A 120 -2.71 7.48 40.77
C GLU A 120 -2.34 8.39 41.94
N LYS A 121 -1.04 8.52 42.19
CA LYS A 121 -0.49 9.31 43.29
C LYS A 121 -0.73 10.80 43.16
N ASP A 122 -0.62 11.32 41.95
CA ASP A 122 -0.84 12.75 41.76
C ASP A 122 -2.23 13.10 42.26
N ILE A 123 -3.19 12.22 41.98
CA ILE A 123 -4.58 12.42 42.42
C ILE A 123 -4.71 12.37 43.94
N VAL A 124 -4.12 11.34 44.56
CA VAL A 124 -4.16 11.18 46.01
C VAL A 124 -3.55 12.38 46.70
N PHE A 125 -2.25 12.55 46.52
CA PHE A 125 -1.49 13.64 47.13
C PHE A 125 -1.71 14.98 46.48
N GLY A 126 -2.58 15.05 45.48
CA GLY A 126 -2.83 16.32 44.81
C GLY A 126 -1.51 16.72 44.21
N GLY A 127 -1.50 17.62 43.24
CA GLY A 127 -0.20 17.95 42.68
C GLY A 127 0.14 19.28 42.02
N ASP A 128 0.34 20.33 42.81
CA ASP A 128 0.77 21.59 42.22
C ASP A 128 2.27 21.42 42.17
N LYS A 129 2.78 20.63 43.10
CA LYS A 129 4.20 20.31 43.20
C LYS A 129 4.71 19.73 41.87
N LYS A 130 3.85 19.03 41.13
CA LYS A 130 4.22 18.45 39.85
C LYS A 130 4.06 19.51 38.76
N LEU A 131 2.94 20.23 38.82
CA LEU A 131 2.64 21.28 37.86
C LEU A 131 3.76 22.30 37.78
N ALA A 132 4.39 22.58 38.92
CA ALA A 132 5.49 23.55 38.98
C ALA A 132 6.73 23.00 38.26
N LYS A 133 7.19 21.81 38.67
CA LYS A 133 8.36 21.22 38.03
C LYS A 133 8.11 21.16 36.54
N LEU A 134 6.83 20.94 36.19
CA LEU A 134 6.41 20.86 34.80
C LEU A 134 6.39 22.21 34.07
N ILE A 135 6.16 23.30 34.80
CA ILE A 135 6.16 24.62 34.20
C ILE A 135 7.62 25.03 33.99
N ASP A 136 8.50 24.30 34.67
CA ASP A 136 9.92 24.56 34.56
C ASP A 136 10.42 23.83 33.33
N GLU A 137 10.14 22.54 33.29
CA GLU A 137 10.57 21.71 32.19
C GLU A 137 10.23 22.25 30.79
N VAL A 138 9.33 23.22 30.72
CA VAL A 138 8.99 23.78 29.44
C VAL A 138 9.99 24.89 29.16
N GLU A 139 10.11 25.84 30.10
CA GLU A 139 11.01 26.96 29.93
C GLU A 139 12.40 26.48 29.51
N THR A 140 12.73 25.26 29.87
CA THR A 140 14.04 24.71 29.54
C THR A 140 14.13 23.85 28.32
N LEU A 141 13.00 23.29 27.90
CA LEU A 141 12.98 22.41 26.72
C LEU A 141 12.34 23.10 25.54
N PHE A 142 11.68 24.22 25.83
CA PHE A 142 11.01 25.01 24.80
C PHE A 142 11.19 26.49 25.07
N PRO A 143 12.46 26.98 25.08
CA PRO A 143 12.80 28.37 25.34
C PRO A 143 11.96 29.45 24.64
N LEU A 144 11.62 29.26 23.37
CA LEU A 144 10.88 30.29 22.67
C LEU A 144 9.40 30.36 23.03
N ASN A 145 8.99 29.58 24.03
CA ASN A 145 7.63 29.63 24.49
C ASN A 145 7.40 31.00 25.06
N LYS A 146 6.32 31.68 24.70
CA LYS A 146 6.18 33.06 25.16
C LYS A 146 5.17 33.25 26.27
N GLY A 147 4.82 32.17 26.96
CA GLY A 147 3.84 32.18 28.07
C GLY A 147 3.17 30.81 28.19
N ILE A 148 2.50 30.52 29.30
CA ILE A 148 1.89 29.22 29.47
C ILE A 148 0.48 29.26 30.02
N SER A 149 -0.42 28.62 29.29
CA SER A 149 -1.82 28.55 29.69
C SER A 149 -2.04 27.18 30.31
N VAL A 150 -2.44 27.14 31.57
CA VAL A 150 -2.65 25.85 32.21
C VAL A 150 -4.16 25.50 32.20
N GLN A 151 -4.56 24.68 31.23
CA GLN A 151 -5.95 24.26 31.10
C GLN A 151 -6.21 23.10 32.07
N SER A 152 -7.07 23.33 33.05
CA SER A 152 -7.44 22.33 34.05
C SER A 152 -8.45 21.31 33.52
N GLU A 153 -8.44 20.11 34.06
CA GLU A 153 -9.37 19.05 33.66
C GLU A 153 -10.28 18.78 34.87
N CYS A 154 -10.95 17.64 34.92
CA CYS A 154 -11.86 17.44 36.06
C CYS A 154 -11.14 17.16 37.38
N PRO A 155 -10.22 16.22 37.44
CA PRO A 155 -9.54 15.95 38.69
C PRO A 155 -9.11 17.18 39.45
N ILE A 156 -8.49 18.13 38.76
CA ILE A 156 -8.04 19.35 39.43
C ILE A 156 -9.16 20.08 40.14
N GLY A 157 -10.34 20.06 39.53
CA GLY A 157 -11.50 20.72 40.13
C GLY A 157 -12.03 20.07 41.39
N LEU A 158 -11.85 18.76 41.52
CA LEU A 158 -12.23 18.00 42.72
C LEU A 158 -11.12 17.98 43.79
N ILE A 159 -9.92 17.59 43.39
CA ILE A 159 -8.79 17.51 44.30
C ILE A 159 -8.63 18.83 45.03
N GLY A 160 -8.91 19.92 44.33
CA GLY A 160 -8.76 21.22 44.93
C GLY A 160 -7.32 21.67 45.01
N ASP A 161 -6.67 21.83 43.86
CA ASP A 161 -5.29 22.27 43.82
C ASP A 161 -5.29 23.74 43.49
N ASP A 162 -4.26 24.45 43.99
CA ASP A 162 -4.11 25.89 43.79
C ASP A 162 -3.32 26.14 42.51
N ILE A 163 -3.87 25.75 41.37
CA ILE A 163 -3.16 25.96 40.10
C ILE A 163 -3.17 27.45 39.83
N GLU A 164 -3.90 28.19 40.65
CA GLU A 164 -4.00 29.64 40.53
C GLU A 164 -2.78 30.30 41.16
N SER A 165 -2.36 29.75 42.29
CA SER A 165 -1.21 30.24 43.04
C SER A 165 0.11 29.90 42.35
N VAL A 166 0.30 28.65 41.97
CA VAL A 166 1.54 28.23 41.33
C VAL A 166 1.86 29.08 40.13
N SER A 167 0.85 29.34 39.33
CA SER A 167 1.04 30.12 38.12
C SER A 167 1.46 31.54 38.43
N LYS A 168 1.23 31.98 39.67
CA LYS A 168 1.66 33.31 40.07
C LYS A 168 3.10 33.15 40.48
N VAL A 169 3.40 32.13 41.29
CA VAL A 169 4.77 31.91 41.77
C VAL A 169 5.73 31.54 40.65
N LYS A 170 5.44 30.47 39.92
CA LYS A 170 6.29 30.08 38.79
C LYS A 170 5.70 30.96 37.72
N GLY A 171 6.48 31.92 37.25
CA GLY A 171 5.98 32.85 36.25
C GLY A 171 6.31 34.22 36.82
N ALA A 172 6.19 34.31 38.15
CA ALA A 172 6.56 35.54 38.85
C ALA A 172 8.04 35.27 38.96
N GLU A 173 8.36 33.99 39.09
CA GLU A 173 9.72 33.50 39.21
C GLU A 173 10.40 33.48 37.84
N LEU A 174 9.76 32.84 36.88
CA LEU A 174 10.32 32.74 35.54
C LEU A 174 10.07 33.95 34.65
N SER A 175 9.58 35.04 35.23
CA SER A 175 9.30 36.24 34.44
C SER A 175 8.58 35.92 33.12
N LYS A 176 7.45 35.21 33.23
CA LYS A 176 6.68 34.82 32.06
C LYS A 176 5.21 34.73 32.46
N THR A 177 4.32 35.12 31.56
CA THR A 177 2.89 35.09 31.84
C THR A 177 2.42 33.65 31.89
N ILE A 178 1.58 33.34 32.86
CA ILE A 178 1.05 31.99 32.98
C ILE A 178 -0.40 32.13 33.32
N VAL A 179 -1.29 31.62 32.48
CA VAL A 179 -2.73 31.76 32.73
C VAL A 179 -3.38 30.54 33.44
N PRO A 180 -3.66 30.72 34.74
CA PRO A 180 -4.30 29.70 35.54
C PRO A 180 -5.74 29.60 35.08
N VAL A 181 -5.93 29.04 33.90
CA VAL A 181 -7.26 28.90 33.34
C VAL A 181 -7.98 27.70 33.92
N ARG A 182 -9.18 27.92 34.45
CA ARG A 182 -9.98 26.86 35.04
C ARG A 182 -11.08 26.40 34.08
N CYS A 183 -10.97 25.19 33.56
CA CYS A 183 -11.95 24.71 32.61
C CYS A 183 -12.29 23.28 32.95
N GLU A 184 -12.87 23.10 34.13
CA GLU A 184 -13.21 21.77 34.59
C GLU A 184 -14.42 21.14 33.89
N GLY A 185 -14.21 19.95 33.36
CA GLY A 185 -15.27 19.23 32.67
C GLY A 185 -16.63 19.21 33.34
N PHE A 186 -16.64 18.88 34.64
CA PHE A 186 -17.87 18.83 35.42
C PHE A 186 -18.57 20.18 35.57
N ARG A 187 -17.95 21.24 35.01
CA ARG A 187 -18.51 22.59 35.10
C ARG A 187 -19.36 23.01 33.90
N GLY A 188 -20.48 23.70 34.21
CA GLY A 188 -21.39 24.15 33.18
C GLY A 188 -22.09 23.01 32.46
N VAL A 189 -23.15 23.33 31.73
CA VAL A 189 -23.87 22.31 31.01
C VAL A 189 -23.09 21.86 29.78
N SER A 190 -22.77 22.80 28.91
CA SER A 190 -22.07 22.51 27.67
C SER A 190 -20.58 22.86 27.69
N GLN A 191 -20.11 23.39 26.57
CA GLN A 191 -18.73 23.78 26.41
C GLN A 191 -18.74 25.28 26.70
N SER A 192 -19.94 25.84 26.62
CA SER A 192 -20.20 27.25 26.85
C SER A 192 -19.47 27.87 28.02
N LEU A 193 -19.52 27.25 29.19
CA LEU A 193 -18.82 27.83 30.32
C LEU A 193 -17.33 27.97 29.97
N GLY A 194 -16.80 26.99 29.24
CA GLY A 194 -15.40 27.05 28.86
C GLY A 194 -15.07 28.38 28.23
N HIS A 195 -15.93 28.85 27.33
CA HIS A 195 -15.71 30.11 26.66
C HIS A 195 -15.70 31.25 27.65
N HIS A 196 -16.78 31.35 28.41
CA HIS A 196 -16.92 32.41 29.38
C HIS A 196 -15.76 32.35 30.35
N ILE A 197 -15.33 31.14 30.67
CA ILE A 197 -14.20 31.02 31.58
C ILE A 197 -12.92 31.46 30.86
N ALA A 198 -12.80 31.12 29.58
CA ALA A 198 -11.62 31.52 28.80
C ALA A 198 -11.60 33.05 28.67
N ASN A 199 -12.67 33.62 28.10
CA ASN A 199 -12.76 35.07 27.95
C ASN A 199 -12.24 35.79 29.17
N ASP A 200 -12.90 35.58 30.31
CA ASP A 200 -12.47 36.22 31.56
C ASP A 200 -11.01 35.89 31.83
N ALA A 201 -10.67 34.61 31.77
CA ALA A 201 -9.30 34.16 32.00
C ALA A 201 -8.31 35.04 31.24
N VAL A 202 -8.78 35.58 30.11
CA VAL A 202 -7.92 36.40 29.26
C VAL A 202 -7.89 37.87 29.70
N ARG A 203 -9.05 38.41 30.05
CA ARG A 203 -8.99 39.79 30.44
C ARG A 203 -8.16 39.97 31.70
N ASP A 204 -7.93 38.86 32.44
CA ASP A 204 -7.23 38.93 33.73
C ASP A 204 -5.75 38.68 33.74
N TRP A 205 -5.29 37.69 33.02
CA TRP A 205 -3.86 37.44 33.08
C TRP A 205 -3.13 37.99 31.87
N VAL A 206 -3.79 38.00 30.72
CA VAL A 206 -3.13 38.48 29.49
C VAL A 206 -3.45 39.92 29.10
N LEU A 207 -4.72 40.18 28.77
CA LEU A 207 -5.22 41.50 28.30
C LEU A 207 -4.76 42.73 29.08
N GLY A 208 -4.92 42.76 30.41
CA GLY A 208 -4.57 43.93 31.21
C GLY A 208 -3.09 44.13 31.52
N LYS A 209 -2.20 43.74 30.61
CA LYS A 209 -0.77 43.90 30.89
C LYS A 209 -0.15 45.12 30.20
N ARG A 210 -0.59 45.45 29.00
CA ARG A 210 0.02 46.58 28.29
C ARG A 210 -0.68 47.92 28.60
N ASP A 211 -1.26 48.05 29.78
CA ASP A 211 -2.04 49.22 30.10
C ASP A 211 -1.33 50.55 30.24
N GLU A 212 -0.17 50.63 30.89
CA GLU A 212 0.49 51.93 31.00
C GLU A 212 1.58 52.11 29.93
N ASP A 213 1.47 51.29 28.88
CA ASP A 213 2.42 51.29 27.77
C ASP A 213 1.86 51.89 26.50
N THR A 214 2.43 53.02 26.06
CA THR A 214 1.94 53.72 24.86
C THR A 214 2.98 53.80 23.73
N THR A 215 3.85 52.81 23.59
CA THR A 215 4.81 52.85 22.51
C THR A 215 4.13 52.38 21.19
N PHE A 216 2.81 52.34 21.23
CA PHE A 216 1.97 51.89 20.13
C PHE A 216 1.17 53.06 19.50
N ALA A 217 0.82 52.95 18.20
CA ALA A 217 0.05 54.02 17.53
C ALA A 217 -1.32 53.61 17.02
N SER A 218 -2.33 54.03 17.73
CA SER A 218 -3.67 53.73 17.31
C SER A 218 -3.99 54.53 16.04
N THR A 219 -4.39 53.87 14.98
CA THR A 219 -4.81 54.55 13.76
C THR A 219 -6.32 54.49 13.74
N PRO A 220 -6.98 55.52 13.19
CA PRO A 220 -8.46 55.55 13.15
C PRO A 220 -9.06 54.32 12.49
N TYR A 221 -8.18 53.44 12.00
CA TYR A 221 -8.59 52.23 11.30
C TYR A 221 -8.27 50.93 12.05
N ASP A 222 -7.26 50.95 12.90
CA ASP A 222 -6.88 49.75 13.66
C ASP A 222 -8.06 48.99 14.24
N VAL A 223 -8.07 47.67 14.00
CA VAL A 223 -9.13 46.80 14.50
C VAL A 223 -8.58 45.41 14.79
N ALA A 224 -9.45 44.55 15.30
CA ALA A 224 -9.06 43.19 15.60
C ALA A 224 -10.19 42.23 15.25
N ILE A 225 -9.84 41.07 14.71
CA ILE A 225 -10.82 40.07 14.34
C ILE A 225 -10.94 39.17 15.56
N ILE A 226 -12.11 39.26 16.21
CA ILE A 226 -12.41 38.53 17.43
C ILE A 226 -13.45 37.45 17.20
N GLY A 227 -13.08 36.19 17.42
CA GLY A 227 -14.04 35.12 17.23
C GLY A 227 -13.95 34.45 15.88
N ASP A 228 -12.76 34.48 15.29
CA ASP A 228 -12.53 33.83 14.02
C ASP A 228 -11.38 32.94 14.34
N TYR A 229 -11.68 31.69 14.64
CA TYR A 229 -10.66 30.73 15.01
C TYR A 229 -9.83 30.32 13.83
N ASN A 230 -10.22 30.82 12.66
CA ASN A 230 -9.49 30.52 11.48
C ASN A 230 -9.51 29.02 11.19
N ILE A 231 -10.67 28.42 11.12
CA ILE A 231 -10.71 27.02 10.75
C ILE A 231 -10.48 26.99 9.23
N GLY A 232 -9.40 26.37 8.82
CA GLY A 232 -9.11 26.23 7.40
C GLY A 232 -8.45 27.46 6.79
N GLY A 233 -8.57 28.60 7.47
CA GLY A 233 -7.96 29.81 6.95
C GLY A 233 -8.97 30.93 6.87
N ASP A 234 -10.17 30.67 7.41
CA ASP A 234 -11.26 31.64 7.40
C ASP A 234 -10.83 32.99 7.96
N ALA A 235 -9.90 32.97 8.90
CA ALA A 235 -9.42 34.20 9.49
C ALA A 235 -8.58 34.98 8.51
N TRP A 236 -7.84 34.26 7.67
CA TRP A 236 -7.00 34.91 6.67
C TRP A 236 -7.84 35.28 5.48
N SER A 237 -8.89 34.50 5.23
CA SER A 237 -9.80 34.75 4.13
C SER A 237 -10.61 36.01 4.41
N SER A 238 -10.62 36.43 5.67
CA SER A 238 -11.34 37.63 6.07
C SER A 238 -10.39 38.78 6.37
N ARG A 239 -9.25 38.49 7.00
CA ARG A 239 -8.26 39.51 7.32
C ARG A 239 -7.78 40.14 6.01
N ILE A 240 -8.02 39.46 4.90
CA ILE A 240 -7.60 39.96 3.60
C ILE A 240 -8.53 41.05 3.13
N LEU A 241 -9.85 40.83 3.25
CA LEU A 241 -10.85 41.81 2.81
C LEU A 241 -10.80 43.11 3.59
N LEU A 242 -10.75 43.01 4.91
CA LEU A 242 -10.68 44.18 5.76
C LEU A 242 -9.49 45.04 5.37
N GLU A 243 -8.33 44.40 5.27
CA GLU A 243 -7.12 45.11 4.89
C GLU A 243 -7.19 45.67 3.46
N GLU A 244 -7.88 44.97 2.56
CA GLU A 244 -8.04 45.43 1.19
C GLU A 244 -9.07 46.54 1.11
N MET A 245 -9.69 46.81 2.25
CA MET A 245 -10.72 47.85 2.39
C MET A 245 -10.05 49.05 3.07
N GLY A 246 -8.79 48.87 3.44
CA GLY A 246 -8.04 49.92 4.05
C GLY A 246 -7.98 49.82 5.57
N LEU A 247 -8.84 49.04 6.20
CA LEU A 247 -8.75 48.93 7.64
C LEU A 247 -7.43 48.26 8.01
N ARG A 248 -6.90 48.49 9.21
CA ARG A 248 -5.65 47.86 9.58
C ARG A 248 -5.89 46.76 10.60
N CYS A 249 -5.76 45.53 10.12
CA CYS A 249 -5.96 44.36 10.97
C CYS A 249 -4.81 44.17 11.97
N VAL A 250 -5.09 44.50 13.21
CA VAL A 250 -4.13 44.46 14.29
C VAL A 250 -4.07 43.17 15.08
N ALA A 251 -5.25 42.65 15.43
CA ALA A 251 -5.33 41.44 16.23
C ALA A 251 -6.27 40.41 15.65
N GLN A 252 -6.16 39.18 16.12
CA GLN A 252 -7.00 38.06 15.67
C GLN A 252 -7.10 37.13 16.89
N TRP A 253 -8.28 37.01 17.50
CA TRP A 253 -8.42 36.19 18.70
C TRP A 253 -8.66 34.73 18.43
N SER A 254 -7.66 33.93 18.78
CA SER A 254 -7.68 32.47 18.59
C SER A 254 -7.78 32.08 17.13
N GLY A 255 -6.63 31.95 16.47
CA GLY A 255 -6.61 31.57 15.08
C GLY A 255 -5.35 32.19 14.57
N ASP A 256 -4.23 31.48 14.72
CA ASP A 256 -2.92 32.01 14.29
C ASP A 256 -2.65 33.23 15.18
N GLY A 257 -3.30 33.22 16.35
CA GLY A 257 -3.13 34.30 17.31
C GLY A 257 -1.74 34.39 17.92
N SER A 258 -1.39 35.61 18.33
CA SER A 258 -0.11 35.87 18.97
C SER A 258 -0.50 36.29 20.38
N ILE A 259 0.25 35.89 21.39
CA ILE A 259 -0.12 36.29 22.74
C ILE A 259 -0.11 37.80 22.79
N SER A 260 0.83 38.41 22.07
CA SER A 260 0.94 39.85 22.04
C SER A 260 -0.18 40.47 21.25
N GLU A 261 -0.58 39.80 20.19
CA GLU A 261 -1.66 40.30 19.35
C GLU A 261 -2.89 40.50 20.21
N ILE A 262 -3.09 39.59 21.15
CA ILE A 262 -4.23 39.64 22.06
C ILE A 262 -4.08 40.82 23.00
N GLU A 263 -2.83 41.16 23.31
CA GLU A 263 -2.50 42.25 24.22
C GLU A 263 -2.65 43.66 23.61
N LEU A 264 -2.83 43.73 22.29
CA LEU A 264 -2.97 45.01 21.60
C LEU A 264 -4.42 45.32 21.22
N THR A 265 -5.34 44.40 21.54
CA THR A 265 -6.76 44.58 21.27
C THR A 265 -7.33 45.84 21.96
N PRO A 266 -6.87 46.15 23.18
CA PRO A 266 -7.31 47.33 23.93
C PRO A 266 -7.03 48.67 23.25
N LYS A 267 -6.04 48.69 22.37
CA LYS A 267 -5.64 49.91 21.66
C LYS A 267 -6.35 50.20 20.34
N VAL A 268 -7.13 49.24 19.88
CA VAL A 268 -7.82 49.36 18.59
C VAL A 268 -9.02 50.30 18.61
N LYS A 269 -9.51 50.65 17.42
CA LYS A 269 -10.66 51.55 17.28
C LYS A 269 -11.96 50.77 17.20
N LEU A 270 -11.90 49.51 16.76
CA LEU A 270 -13.10 48.69 16.66
C LEU A 270 -12.82 47.20 16.77
N ASN A 271 -13.71 46.52 17.46
CA ASN A 271 -13.58 45.07 17.62
C ASN A 271 -14.62 44.41 16.71
N LEU A 272 -14.13 43.64 15.74
CA LEU A 272 -15.03 42.94 14.81
C LEU A 272 -15.24 41.54 15.32
N VAL A 273 -16.48 41.25 15.67
CA VAL A 273 -16.84 39.97 16.24
C VAL A 273 -17.68 39.08 15.32
N HIS A 274 -17.07 37.97 14.88
CA HIS A 274 -17.75 37.01 14.01
C HIS A 274 -18.48 36.02 14.91
N CYS A 275 -17.74 35.45 15.85
CA CYS A 275 -18.33 34.50 16.76
C CYS A 275 -18.85 35.22 18.03
N TYR A 276 -20.16 35.32 18.08
CA TYR A 276 -20.85 35.97 19.18
C TYR A 276 -20.81 35.11 20.46
N ARG A 277 -21.13 33.83 20.36
CA ARG A 277 -21.13 33.06 21.59
C ARG A 277 -19.81 32.95 22.33
N SER A 278 -18.70 32.92 21.60
CA SER A 278 -17.41 32.78 22.27
C SER A 278 -16.75 34.03 22.83
N MET A 279 -16.65 35.07 22.03
CA MET A 279 -16.02 36.30 22.52
C MET A 279 -16.99 37.45 22.79
N ASN A 280 -18.27 37.16 22.93
CA ASN A 280 -19.25 38.21 23.21
C ASN A 280 -18.99 38.73 24.60
N TYR A 281 -18.66 37.81 25.51
CA TYR A 281 -18.39 38.14 26.90
C TYR A 281 -17.25 39.14 26.97
N ILE A 282 -16.10 38.73 26.45
CA ILE A 282 -14.91 39.59 26.47
C ILE A 282 -15.09 40.93 25.78
N SER A 283 -15.76 40.94 24.62
CA SER A 283 -15.97 42.19 23.87
C SER A 283 -16.69 43.27 24.69
N ARG A 284 -17.45 42.85 25.70
CA ARG A 284 -18.15 43.80 26.55
C ARG A 284 -17.18 44.36 27.59
N HIS A 285 -16.35 43.51 28.19
CA HIS A 285 -15.37 44.00 29.16
C HIS A 285 -14.42 44.83 28.34
N MET A 286 -14.27 44.44 27.08
CA MET A 286 -13.40 45.14 26.15
C MET A 286 -13.91 46.57 26.02
N GLU A 287 -15.22 46.75 26.14
CA GLU A 287 -15.82 48.06 25.99
C GLU A 287 -16.12 48.83 27.30
N GLU A 288 -16.22 48.14 28.42
CA GLU A 288 -16.49 48.82 29.66
C GLU A 288 -15.16 49.28 30.26
N LYS A 289 -14.26 48.33 30.45
CA LYS A 289 -12.95 48.61 31.02
C LYS A 289 -12.21 49.61 30.12
N TYR A 290 -12.04 49.24 28.86
CA TYR A 290 -11.34 50.07 27.91
C TYR A 290 -12.17 51.07 27.10
N GLY A 291 -13.44 50.73 26.84
CA GLY A 291 -14.29 51.64 26.08
C GLY A 291 -14.06 51.54 24.58
N ILE A 292 -14.11 50.32 24.07
CA ILE A 292 -13.89 50.07 22.65
C ILE A 292 -15.11 49.39 22.01
N PRO A 293 -15.90 50.17 21.26
CA PRO A 293 -17.09 49.65 20.58
C PRO A 293 -16.81 48.39 19.77
N TRP A 294 -17.82 47.51 19.69
CA TRP A 294 -17.71 46.27 18.96
C TRP A 294 -18.98 46.02 18.18
N MET A 295 -18.90 45.18 17.15
CA MET A 295 -20.07 44.87 16.34
C MET A 295 -20.05 43.42 15.84
N GLU A 296 -21.20 42.95 15.39
CA GLU A 296 -21.33 41.60 14.88
C GLU A 296 -21.33 41.67 13.35
N TYR A 297 -20.62 40.76 12.70
CA TYR A 297 -20.58 40.72 11.25
C TYR A 297 -20.75 39.28 10.78
N ASN A 298 -20.84 39.08 9.46
CA ASN A 298 -21.03 37.74 8.89
C ASN A 298 -20.36 37.63 7.55
N PHE A 299 -19.31 36.77 7.41
CA PHE A 299 -18.60 36.67 6.11
C PHE A 299 -18.89 35.36 5.36
N PHE A 300 -20.09 34.78 5.51
CA PHE A 300 -20.47 33.53 4.79
C PHE A 300 -21.24 33.81 3.51
N GLY A 301 -20.52 33.73 2.38
CA GLY A 301 -21.15 33.96 1.08
C GLY A 301 -21.16 35.43 0.65
N PRO A 302 -21.46 35.68 -0.65
CA PRO A 302 -21.51 37.01 -1.28
C PRO A 302 -22.32 38.04 -0.47
N THR A 303 -23.64 37.92 -0.56
CA THR A 303 -24.57 38.82 0.08
C THR A 303 -24.30 39.16 1.54
N LYS A 304 -23.72 38.23 2.29
CA LYS A 304 -23.43 38.50 3.69
C LYS A 304 -22.16 39.31 3.80
N THR A 305 -21.09 38.80 3.22
CA THR A 305 -19.79 39.49 3.25
C THR A 305 -19.94 40.86 2.62
N ILE A 306 -20.54 40.91 1.43
CA ILE A 306 -20.74 42.17 0.74
C ILE A 306 -21.40 43.14 1.71
N GLU A 307 -22.54 42.72 2.24
CA GLU A 307 -23.29 43.53 3.20
C GLU A 307 -22.40 44.00 4.34
N SER A 308 -21.88 43.04 5.10
CA SER A 308 -21.02 43.34 6.22
C SER A 308 -19.85 44.28 5.81
N LEU A 309 -19.26 44.04 4.63
CA LEU A 309 -18.16 44.86 4.16
C LEU A 309 -18.48 46.34 4.23
N ARG A 310 -19.76 46.65 4.25
CA ARG A 310 -20.23 48.03 4.30
C ARG A 310 -20.53 48.50 5.70
N ALA A 311 -21.06 47.60 6.52
CA ALA A 311 -21.40 47.92 7.91
C ALA A 311 -20.16 48.32 8.68
N ILE A 312 -19.10 47.55 8.53
CA ILE A 312 -17.85 47.86 9.22
C ILE A 312 -17.32 49.16 8.65
N ALA A 313 -17.66 49.43 7.39
CA ALA A 313 -17.22 50.66 6.73
C ALA A 313 -17.83 51.91 7.34
N ALA A 314 -19.16 51.92 7.48
CA ALA A 314 -19.88 53.07 8.02
C ALA A 314 -19.44 53.46 9.42
N LYS A 315 -18.80 52.55 10.13
CA LYS A 315 -18.33 52.86 11.47
C LYS A 315 -17.07 53.70 11.40
N PHE A 316 -16.62 53.96 10.18
CA PHE A 316 -15.46 54.79 9.96
C PHE A 316 -15.85 55.97 9.09
N ASP A 317 -14.88 56.56 8.40
CA ASP A 317 -15.13 57.72 7.54
C ASP A 317 -15.47 57.35 6.10
N GLU A 318 -16.03 58.30 5.35
CA GLU A 318 -16.41 58.07 3.96
C GLU A 318 -15.20 57.52 3.21
N SER A 319 -14.02 58.00 3.59
CA SER A 319 -12.77 57.58 2.97
C SER A 319 -12.72 56.07 2.74
N ILE A 320 -12.89 55.31 3.80
CA ILE A 320 -12.84 53.86 3.73
C ILE A 320 -14.00 53.30 2.92
N GLN A 321 -15.14 53.96 3.00
CA GLN A 321 -16.34 53.52 2.28
C GLN A 321 -16.18 53.43 0.78
N LYS A 322 -15.62 54.46 0.14
CA LYS A 322 -15.43 54.39 -1.31
C LYS A 322 -14.43 53.29 -1.59
N LYS A 323 -13.44 53.15 -0.69
CA LYS A 323 -12.42 52.13 -0.84
C LYS A 323 -13.08 50.75 -0.75
N CYS A 324 -13.99 50.62 0.20
CA CYS A 324 -14.74 49.38 0.41
C CYS A 324 -15.37 48.93 -0.89
N GLU A 325 -16.18 49.80 -1.46
CA GLU A 325 -16.86 49.49 -2.71
C GLU A 325 -15.92 48.93 -3.74
N GLU A 326 -14.71 49.45 -3.82
CA GLU A 326 -13.73 48.96 -4.78
C GLU A 326 -13.49 47.49 -4.56
N VAL A 327 -13.44 47.08 -3.30
CA VAL A 327 -13.23 45.68 -2.95
C VAL A 327 -14.42 44.83 -3.40
N ILE A 328 -15.62 45.37 -3.18
CA ILE A 328 -16.85 44.69 -3.54
C ILE A 328 -16.93 44.56 -5.07
N ALA A 329 -16.52 45.60 -5.78
CA ALA A 329 -16.53 45.59 -7.22
C ALA A 329 -15.57 44.54 -7.73
N LYS A 330 -14.39 44.48 -7.11
CA LYS A 330 -13.35 43.52 -7.48
C LYS A 330 -13.83 42.08 -7.45
N TYR A 331 -14.41 41.67 -6.32
CA TYR A 331 -14.89 40.30 -6.20
C TYR A 331 -16.25 40.04 -6.81
N LYS A 332 -16.98 41.10 -7.11
CA LYS A 332 -18.31 40.98 -7.70
C LYS A 332 -18.35 40.00 -8.88
N PRO A 333 -17.43 40.14 -9.84
CA PRO A 333 -17.38 39.25 -11.00
C PRO A 333 -17.03 37.81 -10.63
N GLU A 334 -16.14 37.64 -9.65
CA GLU A 334 -15.71 36.32 -9.21
C GLU A 334 -16.84 35.54 -8.55
N TRP A 335 -17.45 36.10 -7.50
CA TRP A 335 -18.52 35.38 -6.84
C TRP A 335 -19.73 35.21 -7.76
N GLU A 336 -19.99 36.18 -8.62
CA GLU A 336 -21.11 36.06 -9.55
C GLU A 336 -20.83 34.83 -10.39
N ALA A 337 -19.58 34.72 -10.84
CA ALA A 337 -19.14 33.62 -11.67
C ALA A 337 -19.43 32.29 -10.99
N VAL A 338 -19.09 32.20 -9.70
CA VAL A 338 -19.32 30.98 -8.91
C VAL A 338 -20.80 30.58 -8.96
N VAL A 339 -21.68 31.49 -8.56
CA VAL A 339 -23.10 31.23 -8.55
C VAL A 339 -23.57 30.74 -9.88
N ALA A 340 -23.17 31.44 -10.94
CA ALA A 340 -23.56 31.06 -12.31
C ALA A 340 -23.15 29.61 -12.59
N LYS A 341 -22.02 29.19 -12.05
CA LYS A 341 -21.56 27.82 -12.25
C LYS A 341 -22.26 26.78 -11.36
N TYR A 342 -22.37 27.05 -10.05
CA TYR A 342 -22.91 26.07 -9.07
C TYR A 342 -24.38 26.23 -8.66
N ARG A 343 -24.88 27.47 -8.51
CA ARG A 343 -26.30 27.62 -8.13
C ARG A 343 -27.18 26.71 -8.99
N PRO A 344 -26.85 26.58 -10.29
CA PRO A 344 -27.64 25.73 -11.17
C PRO A 344 -27.76 24.32 -10.63
N ARG A 345 -26.69 23.85 -9.98
CA ARG A 345 -26.64 22.50 -9.45
C ARG A 345 -27.23 22.38 -8.04
N LEU A 346 -27.04 23.42 -7.25
CA LEU A 346 -27.55 23.42 -5.88
C LEU A 346 -28.99 23.93 -5.76
N GLU A 347 -29.45 24.68 -6.77
CA GLU A 347 -30.81 25.23 -6.77
C GLU A 347 -31.84 24.22 -6.31
N GLY A 348 -32.78 24.68 -5.50
CA GLY A 348 -33.84 23.81 -5.04
C GLY A 348 -33.41 22.85 -3.95
N LYS A 349 -32.25 22.23 -4.13
CA LYS A 349 -31.74 21.29 -3.15
C LYS A 349 -31.76 21.92 -1.78
N ARG A 350 -32.50 21.26 -0.86
CA ARG A 350 -32.64 21.71 0.54
C ARG A 350 -31.58 21.10 1.40
N VAL A 351 -31.33 21.75 2.52
CA VAL A 351 -30.28 21.34 3.41
C VAL A 351 -30.66 21.39 4.87
N MET A 352 -30.11 20.48 5.68
CA MET A 352 -30.39 20.43 7.11
C MET A 352 -29.09 20.57 7.91
N LEU A 353 -29.06 21.46 8.90
CA LEU A 353 -27.86 21.72 9.68
C LEU A 353 -27.96 21.45 11.17
N TYR A 354 -26.79 21.29 11.79
CA TYR A 354 -26.65 21.10 13.24
C TYR A 354 -25.21 21.41 13.65
N ILE A 355 -25.04 22.40 14.54
CA ILE A 355 -23.70 22.79 14.95
C ILE A 355 -23.61 23.32 16.40
N GLY A 356 -22.63 24.17 16.66
CA GLY A 356 -22.41 24.76 17.97
C GLY A 356 -23.16 26.05 18.29
N GLY A 357 -22.50 27.21 18.20
CA GLY A 357 -23.20 28.43 18.52
C GLY A 357 -23.06 29.61 17.58
N LEU A 358 -22.80 29.33 16.30
CA LEU A 358 -22.63 30.39 15.34
C LEU A 358 -23.05 30.00 13.95
N ARG A 359 -22.38 29.00 13.41
CA ARG A 359 -22.64 28.51 12.06
C ARG A 359 -24.09 28.17 11.75
N PRO A 360 -24.83 27.66 12.78
CA PRO A 360 -26.25 27.32 12.55
C PRO A 360 -27.11 28.39 11.92
N ARG A 361 -26.77 29.63 12.26
CA ARG A 361 -27.45 30.80 11.76
C ARG A 361 -26.63 31.55 10.77
N HIS A 362 -25.32 31.35 10.85
CA HIS A 362 -24.44 32.10 9.98
C HIS A 362 -24.19 31.46 8.63
N VAL A 363 -24.45 30.18 8.45
CA VAL A 363 -24.21 29.62 7.13
C VAL A 363 -25.42 29.78 6.19
N ILE A 364 -26.61 29.93 6.74
CA ILE A 364 -27.80 30.05 5.89
C ILE A 364 -27.63 31.08 4.74
N GLY A 365 -27.12 32.28 5.06
CA GLY A 365 -26.94 33.29 4.03
C GLY A 365 -26.06 32.80 2.91
N ALA A 366 -25.01 32.08 3.27
CA ALA A 366 -24.09 31.50 2.30
C ALA A 366 -24.89 30.57 1.37
N TYR A 367 -25.93 29.95 1.93
CA TYR A 367 -26.79 29.05 1.18
C TYR A 367 -27.78 29.78 0.29
N GLU A 368 -28.51 30.74 0.86
CA GLU A 368 -29.50 31.52 0.11
C GLU A 368 -28.91 31.83 -1.27
N ASP A 369 -27.67 32.32 -1.27
CA ASP A 369 -26.96 32.68 -2.50
C ASP A 369 -26.79 31.53 -3.48
N LEU A 370 -26.76 30.31 -2.96
CA LEU A 370 -26.60 29.15 -3.82
C LEU A 370 -27.94 28.49 -4.15
N GLY A 371 -29.00 29.02 -3.57
CA GLY A 371 -30.32 28.48 -3.86
C GLY A 371 -30.70 27.21 -3.12
N MET A 372 -29.98 26.91 -2.05
CA MET A 372 -30.31 25.75 -1.26
C MET A 372 -31.13 26.36 -0.13
N GLU A 373 -32.32 25.84 0.12
CA GLU A 373 -33.14 26.41 1.20
C GLU A 373 -32.95 25.58 2.45
N VAL A 374 -32.74 26.23 3.58
CA VAL A 374 -32.53 25.49 4.82
C VAL A 374 -33.84 25.22 5.54
N VAL A 375 -34.16 23.93 5.69
CA VAL A 375 -35.40 23.52 6.34
C VAL A 375 -35.26 23.02 7.79
N GLY A 376 -34.08 23.17 8.37
CA GLY A 376 -33.88 22.71 9.73
C GLY A 376 -32.51 23.04 10.28
N THR A 377 -32.46 23.43 11.55
CA THR A 377 -31.19 23.77 12.21
C THR A 377 -31.20 23.47 13.72
N GLY A 378 -30.07 23.71 14.35
CA GLY A 378 -29.98 23.48 15.77
C GLY A 378 -28.59 23.79 16.31
N TYR A 379 -28.52 24.03 17.60
CA TYR A 379 -27.26 24.32 18.26
C TYR A 379 -27.06 23.26 19.35
N GLU A 380 -25.83 23.14 19.85
CA GLU A 380 -25.60 22.18 20.90
C GLU A 380 -25.24 22.91 22.20
N PHE A 381 -24.97 24.21 22.10
CA PHE A 381 -24.64 24.96 23.30
C PHE A 381 -24.95 26.44 23.24
N ALA A 382 -25.87 26.82 22.35
CA ALA A 382 -26.25 28.23 22.24
C ALA A 382 -27.34 28.55 23.25
N HIS A 383 -27.65 29.84 23.38
CA HIS A 383 -28.66 30.31 24.31
C HIS A 383 -29.79 31.03 23.56
N ASN A 384 -30.78 31.53 24.30
CA ASN A 384 -31.92 32.22 23.69
C ASN A 384 -31.50 33.41 22.86
N ASP A 385 -30.46 34.10 23.33
CA ASP A 385 -29.95 35.25 22.60
C ASP A 385 -29.36 34.77 21.29
N ASP A 386 -28.94 33.52 21.24
CA ASP A 386 -28.34 33.00 20.01
C ASP A 386 -29.44 32.60 19.07
N TYR A 387 -30.57 32.17 19.63
CA TYR A 387 -31.72 31.82 18.80
C TYR A 387 -32.43 33.08 18.37
N ASP A 388 -32.28 34.12 19.18
CA ASP A 388 -32.89 35.42 18.90
C ASP A 388 -32.43 35.90 17.51
N ARG A 389 -31.21 35.50 17.14
CA ARG A 389 -30.62 35.89 15.88
C ARG A 389 -30.95 34.90 14.79
N THR A 390 -31.52 33.76 15.18
CA THR A 390 -31.88 32.70 14.23
C THR A 390 -33.27 32.82 13.61
N MET A 391 -34.31 32.89 14.45
CA MET A 391 -35.71 32.98 13.98
C MET A 391 -35.89 33.80 12.67
N LYS A 392 -35.23 34.96 12.60
CA LYS A 392 -35.28 35.85 11.46
C LYS A 392 -34.61 35.21 10.26
N GLU A 393 -33.41 34.71 10.47
CA GLU A 393 -32.66 34.07 9.38
C GLU A 393 -33.36 32.83 8.83
N MET A 394 -34.44 32.41 9.49
CA MET A 394 -35.20 31.22 9.09
C MET A 394 -36.58 31.43 8.44
N GLY A 395 -37.16 30.31 7.97
CA GLY A 395 -38.47 30.32 7.34
C GLY A 395 -39.55 30.02 8.37
N ASP A 396 -40.76 29.63 7.97
CA ASP A 396 -41.83 29.42 8.97
C ASP A 396 -42.03 27.99 9.50
N SER A 397 -42.24 26.99 8.66
CA SER A 397 -42.43 25.62 9.17
C SER A 397 -41.15 25.00 9.75
N THR A 398 -40.02 25.59 9.43
CA THR A 398 -38.70 25.13 9.83
C THR A 398 -38.59 24.52 11.26
N LEU A 399 -38.04 23.31 11.36
CA LEU A 399 -37.87 22.64 12.66
C LEU A 399 -36.50 22.97 13.22
N LEU A 400 -36.45 23.33 14.51
CA LEU A 400 -35.20 23.68 15.18
C LEU A 400 -34.95 22.79 16.40
N TYR A 401 -33.69 22.40 16.62
CA TYR A 401 -33.32 21.55 17.77
C TYR A 401 -32.20 22.18 18.59
N ASP A 402 -32.21 21.90 19.89
CA ASP A 402 -31.19 22.42 20.79
C ASP A 402 -30.72 21.28 21.68
N ASP A 403 -29.53 20.79 21.39
CA ASP A 403 -28.96 19.64 22.08
C ASP A 403 -29.89 18.53 21.65
N VAL A 404 -29.90 18.27 20.35
CA VAL A 404 -30.76 17.23 19.82
C VAL A 404 -30.06 15.90 20.04
N THR A 405 -30.83 14.85 20.33
CA THR A 405 -30.23 13.56 20.59
C THR A 405 -30.41 12.59 19.42
N GLY A 406 -29.53 11.58 19.36
CA GLY A 406 -29.58 10.60 18.31
C GLY A 406 -30.99 10.32 17.79
N TYR A 407 -31.84 9.83 18.69
CA TYR A 407 -33.21 9.52 18.33
C TYR A 407 -33.89 10.78 17.78
N GLU A 408 -33.77 11.89 18.51
CA GLU A 408 -34.41 13.14 18.09
C GLU A 408 -33.98 13.57 16.71
N PHE A 409 -32.67 13.62 16.47
CA PHE A 409 -32.16 14.04 15.17
C PHE A 409 -32.47 13.02 14.10
N GLU A 410 -31.95 11.82 14.27
CA GLU A 410 -32.15 10.74 13.31
C GLU A 410 -33.59 10.59 12.79
N GLU A 411 -34.58 10.73 13.65
CA GLU A 411 -35.96 10.59 13.19
C GLU A 411 -36.42 11.79 12.36
N PHE A 412 -35.87 12.97 12.64
CA PHE A 412 -36.23 14.17 11.89
C PHE A 412 -35.65 14.00 10.50
N VAL A 413 -34.39 13.58 10.45
CA VAL A 413 -33.70 13.36 9.19
C VAL A 413 -34.46 12.32 8.38
N LYS A 414 -34.83 11.23 9.03
CA LYS A 414 -35.57 10.18 8.36
C LYS A 414 -36.86 10.73 7.78
N ARG A 415 -37.47 11.72 8.42
CA ARG A 415 -38.78 12.27 8.00
C ARG A 415 -38.72 13.51 7.13
N ILE A 416 -37.87 14.50 7.47
CA ILE A 416 -37.82 15.70 6.65
C ILE A 416 -37.25 15.40 5.27
N LYS A 417 -36.49 14.31 5.21
CA LYS A 417 -35.87 13.82 3.97
C LYS A 417 -35.04 14.80 3.15
N PRO A 418 -34.03 15.44 3.77
CA PRO A 418 -33.10 16.41 3.17
C PRO A 418 -32.22 15.85 2.04
N ASP A 419 -31.74 16.73 1.17
CA ASP A 419 -30.86 16.30 0.07
C ASP A 419 -29.43 16.36 0.63
N LEU A 420 -29.16 17.37 1.44
CA LEU A 420 -27.84 17.56 2.05
C LEU A 420 -28.00 17.90 3.51
N ILE A 421 -27.01 17.51 4.31
CA ILE A 421 -27.01 17.77 5.75
C ILE A 421 -25.61 18.18 6.18
N GLY A 422 -25.52 19.01 7.21
CA GLY A 422 -24.24 19.47 7.68
C GLY A 422 -24.13 19.48 9.19
N SER A 423 -23.19 18.70 9.72
CA SER A 423 -22.99 18.60 11.16
C SER A 423 -21.58 18.07 11.41
N GLY A 424 -21.34 17.55 12.62
CA GLY A 424 -20.02 17.04 12.97
C GLY A 424 -19.57 15.66 12.53
N ILE A 425 -18.47 15.22 13.12
CA ILE A 425 -17.87 13.94 12.84
C ILE A 425 -18.66 12.77 13.44
N LYS A 426 -19.16 12.98 14.66
CA LYS A 426 -19.93 11.97 15.34
C LYS A 426 -21.16 11.63 14.53
N GLU A 427 -21.67 12.60 13.78
CA GLU A 427 -22.86 12.40 12.96
C GLU A 427 -22.59 12.11 11.49
N LYS A 428 -21.47 12.60 10.97
CA LYS A 428 -21.10 12.42 9.55
C LYS A 428 -21.47 11.06 8.94
N PHE A 429 -21.27 10.01 9.70
CA PHE A 429 -21.52 8.68 9.21
C PHE A 429 -22.93 8.12 9.31
N ILE A 430 -23.67 8.46 10.36
CA ILE A 430 -25.02 7.96 10.53
C ILE A 430 -25.90 8.21 9.31
N PHE A 431 -25.73 9.39 8.72
CA PHE A 431 -26.50 9.82 7.57
C PHE A 431 -25.87 9.44 6.24
N GLN A 432 -24.56 9.30 6.23
CA GLN A 432 -23.86 8.87 5.02
C GLN A 432 -24.23 7.43 4.72
N LYS A 433 -24.87 6.78 5.71
CA LYS A 433 -25.29 5.40 5.56
C LYS A 433 -26.72 5.34 5.10
N MET A 434 -27.46 6.42 5.34
CA MET A 434 -28.86 6.49 4.93
C MET A 434 -28.85 7.12 3.53
N GLY A 435 -27.68 7.11 2.90
CA GLY A 435 -27.54 7.66 1.58
C GLY A 435 -27.90 9.12 1.48
N ILE A 436 -27.74 9.88 2.56
CA ILE A 436 -28.05 11.31 2.53
C ILE A 436 -26.71 12.05 2.49
N PRO A 437 -26.45 12.82 1.42
CA PRO A 437 -25.20 13.57 1.31
C PRO A 437 -24.88 14.34 2.58
N PHE A 438 -23.72 14.07 3.17
CA PHE A 438 -23.29 14.78 4.39
C PHE A 438 -22.01 15.58 4.12
N ARG A 439 -21.98 16.78 4.67
CA ARG A 439 -20.84 17.67 4.51
C ARG A 439 -20.50 18.23 5.88
N GLU A 440 -19.36 17.81 6.44
CA GLU A 440 -18.93 18.31 7.74
C GLU A 440 -18.90 19.84 7.75
N MET A 441 -19.41 20.43 8.83
CA MET A 441 -19.42 21.87 8.96
C MET A 441 -18.41 22.32 9.99
N HIS A 442 -18.25 21.55 11.04
CA HIS A 442 -17.31 21.94 12.09
C HIS A 442 -15.92 22.13 11.43
N SER A 443 -15.32 21.03 11.00
CA SER A 443 -14.00 21.02 10.39
C SER A 443 -14.01 21.36 8.90
N TRP A 444 -15.15 21.79 8.40
CA TRP A 444 -15.23 22.11 6.99
C TRP A 444 -14.86 20.88 6.20
N ASP A 445 -14.91 19.74 6.88
CA ASP A 445 -14.57 18.44 6.31
C ASP A 445 -13.19 18.48 5.63
N TYR A 446 -12.24 19.14 6.33
CA TYR A 446 -10.84 19.31 5.88
C TYR A 446 -10.72 20.05 4.57
N SER A 447 -11.69 20.89 4.28
CA SER A 447 -11.70 21.66 3.04
C SER A 447 -11.36 23.13 3.27
N GLY A 448 -10.95 23.78 2.18
CA GLY A 448 -10.52 25.17 2.21
C GLY A 448 -11.49 26.13 2.91
N PRO A 449 -10.97 27.37 3.12
CA PRO A 449 -11.68 28.48 3.76
C PRO A 449 -13.07 28.73 3.25
N TYR A 450 -14.00 29.05 4.14
CA TYR A 450 -15.38 29.33 3.72
C TYR A 450 -15.76 30.80 3.97
N HIS A 451 -15.09 31.42 4.92
CA HIS A 451 -15.36 32.82 5.21
C HIS A 451 -14.88 33.64 4.02
N GLY A 452 -15.36 34.88 3.91
CA GLY A 452 -14.94 35.77 2.85
C GLY A 452 -15.31 35.39 1.43
N PHE A 453 -14.70 36.10 0.47
CA PHE A 453 -14.98 35.88 -0.94
C PHE A 453 -14.31 34.66 -1.52
N ASP A 454 -13.02 34.52 -1.27
CA ASP A 454 -12.29 33.35 -1.78
C ASP A 454 -12.91 32.09 -1.16
N GLY A 455 -13.27 32.21 0.12
CA GLY A 455 -13.87 31.10 0.83
C GLY A 455 -15.16 30.63 0.18
N PHE A 456 -16.10 31.55 0.00
CA PHE A 456 -17.37 31.21 -0.62
C PHE A 456 -17.18 30.32 -1.85
N ALA A 457 -16.13 30.60 -2.61
CA ALA A 457 -15.83 29.86 -3.83
C ALA A 457 -15.70 28.38 -3.56
N ILE A 458 -14.86 28.04 -2.60
CA ILE A 458 -14.62 26.64 -2.25
C ILE A 458 -15.92 26.03 -1.76
N PHE A 459 -16.59 26.71 -0.83
CA PHE A 459 -17.86 26.23 -0.28
C PHE A 459 -18.82 25.81 -1.39
N ALA A 460 -19.15 26.76 -2.26
CA ALA A 460 -20.07 26.52 -3.37
C ALA A 460 -19.63 25.31 -4.20
N ARG A 461 -18.37 24.93 -4.08
CA ARG A 461 -17.84 23.81 -4.83
C ARG A 461 -17.86 22.52 -4.01
N ASP A 462 -17.67 22.67 -2.71
CA ASP A 462 -17.66 21.54 -1.79
C ASP A 462 -19.06 20.94 -1.59
N MET A 463 -20.08 21.77 -1.75
CA MET A 463 -21.45 21.27 -1.61
C MET A 463 -21.78 20.51 -2.89
N ASP A 464 -21.12 20.88 -3.98
CA ASP A 464 -21.40 20.24 -5.23
C ASP A 464 -20.69 18.89 -5.36
N MET A 465 -19.44 18.81 -4.96
CA MET A 465 -18.76 17.54 -5.11
C MET A 465 -19.39 16.46 -4.24
N THR A 466 -19.94 16.83 -3.08
CA THR A 466 -20.57 15.85 -2.16
C THR A 466 -22.01 15.52 -2.55
N LEU A 467 -22.84 16.56 -2.57
CA LEU A 467 -24.26 16.42 -2.88
C LEU A 467 -24.54 15.70 -4.18
N ASN A 468 -23.90 16.15 -5.26
CA ASN A 468 -24.12 15.52 -6.56
C ASN A 468 -23.12 14.44 -6.92
N ASN A 469 -22.28 14.02 -5.97
CA ASN A 469 -21.31 12.97 -6.29
C ASN A 469 -22.05 11.71 -6.67
N PRO A 470 -21.41 10.86 -7.47
CA PRO A 470 -21.94 9.59 -7.96
C PRO A 470 -22.28 8.53 -6.90
N CYS A 471 -21.51 8.55 -5.83
CA CYS A 471 -21.71 7.58 -4.77
C CYS A 471 -23.16 7.27 -4.39
N TRP A 472 -23.91 8.31 -4.06
CA TRP A 472 -25.29 8.17 -3.60
C TRP A 472 -26.22 7.31 -4.42
N LYS A 473 -26.14 7.41 -5.75
CA LYS A 473 -27.01 6.63 -6.60
C LYS A 473 -26.72 5.15 -6.50
N LYS A 474 -25.55 4.81 -6.00
CA LYS A 474 -25.13 3.40 -5.88
C LYS A 474 -25.44 2.69 -4.55
N LEU A 475 -26.33 3.23 -3.73
CA LEU A 475 -26.61 2.61 -2.43
C LEU A 475 -27.33 1.27 -2.42
N GLN A 476 -28.56 1.24 -2.89
CA GLN A 476 -29.36 0.01 -2.91
C GLN A 476 -28.95 -0.87 -4.08
N ALA A 477 -28.52 -2.10 -3.79
CA ALA A 477 -28.09 -3.04 -4.84
C ALA A 477 -29.26 -3.44 -5.72
N PRO A 478 -29.04 -3.56 -7.04
CA PRO A 478 -30.03 -3.92 -8.05
C PRO A 478 -31.03 -5.00 -7.63
N TRP A 479 -30.54 -6.20 -7.35
CA TRP A 479 -31.42 -7.29 -6.93
C TRP A 479 -32.23 -6.83 -5.72
N GLU A 480 -31.67 -5.87 -4.99
CA GLU A 480 -32.26 -5.27 -3.79
C GLU A 480 -32.39 -6.27 -2.63
N SER B 2 -6.95 35.72 -4.51
CA SER B 2 -8.17 35.63 -5.37
C SER B 2 -8.44 34.20 -5.80
N GLN B 3 -9.67 33.96 -6.26
CA GLN B 3 -10.10 32.62 -6.66
C GLN B 3 -10.74 32.63 -8.06
N GLN B 4 -10.24 31.81 -8.97
CA GLN B 4 -10.82 31.76 -10.31
C GLN B 4 -11.72 30.52 -10.43
N VAL B 5 -12.95 30.72 -10.89
CA VAL B 5 -13.93 29.66 -10.99
C VAL B 5 -13.56 28.26 -11.50
N ASP B 6 -12.97 28.16 -12.67
CA ASP B 6 -12.67 26.83 -13.17
C ASP B 6 -11.39 26.17 -12.64
N LYS B 7 -10.73 26.80 -11.70
CA LYS B 7 -9.52 26.26 -11.11
C LYS B 7 -9.39 26.74 -9.66
N ILE B 8 -10.40 26.39 -8.87
CA ILE B 8 -10.49 26.78 -7.46
C ILE B 8 -9.36 26.25 -6.56
N LYS B 9 -8.57 27.17 -6.00
CA LYS B 9 -7.46 26.84 -5.11
C LYS B 9 -7.95 26.73 -3.67
N ALA B 10 -7.73 25.60 -3.00
CA ALA B 10 -8.23 25.42 -1.61
C ALA B 10 -7.21 25.86 -0.54
N SER B 11 -7.24 25.20 0.62
CA SER B 11 -6.30 25.54 1.71
C SER B 11 -4.89 25.69 1.19
N TYR B 12 -4.40 24.62 0.60
CA TYR B 12 -3.11 24.57 -0.09
C TYR B 12 -3.51 24.72 -1.58
N PRO B 13 -2.99 25.72 -2.33
CA PRO B 13 -2.46 26.80 -3.17
C PRO B 13 -2.87 28.23 -2.71
N LEU B 14 -4.08 28.38 -2.19
CA LEU B 14 -4.56 29.70 -1.82
C LEU B 14 -3.70 30.65 -0.95
N PHE B 15 -3.12 30.21 0.15
CA PHE B 15 -2.35 31.16 0.94
C PHE B 15 -0.94 31.33 0.42
N LEU B 16 -0.61 30.51 -0.57
CA LEU B 16 0.68 30.56 -1.22
C LEU B 16 0.73 31.77 -2.15
N ASP B 17 -0.40 32.11 -2.75
CA ASP B 17 -0.48 33.26 -3.64
C ASP B 17 0.27 34.45 -3.01
N GLN B 18 1.00 35.19 -3.84
CA GLN B 18 1.75 36.33 -3.37
C GLN B 18 0.87 37.32 -2.58
N ASP B 19 -0.38 37.48 -2.98
CA ASP B 19 -1.26 38.40 -2.29
C ASP B 19 -1.39 38.04 -0.80
N TYR B 20 -1.55 36.74 -0.51
CA TYR B 20 -1.68 36.24 0.85
C TYR B 20 -0.37 36.21 1.59
N LYS B 21 0.71 35.88 0.89
CA LYS B 21 2.01 35.84 1.57
C LYS B 21 2.24 37.22 2.15
N ASP B 22 2.01 38.23 1.32
CA ASP B 22 2.17 39.63 1.73
C ASP B 22 1.47 39.85 3.05
N MET B 23 0.19 39.54 3.07
CA MET B 23 -0.61 39.69 4.26
C MET B 23 0.07 39.13 5.50
N LEU B 24 0.32 37.83 5.47
CA LEU B 24 0.95 37.14 6.60
C LEU B 24 2.24 37.79 7.06
N ALA B 25 3.03 38.31 6.12
CA ALA B 25 4.28 38.96 6.47
C ALA B 25 3.98 40.20 7.30
N LYS B 26 3.05 41.03 6.81
CA LYS B 26 2.68 42.24 7.52
C LYS B 26 2.11 41.94 8.89
N LYS B 27 1.40 40.81 9.02
CA LYS B 27 0.85 40.41 10.31
C LYS B 27 2.03 40.05 11.23
N ARG B 28 2.91 39.18 10.75
CA ARG B 28 4.09 38.72 11.48
C ARG B 28 5.03 39.86 11.91
N ASP B 29 5.44 40.71 10.97
CA ASP B 29 6.33 41.81 11.30
C ASP B 29 5.58 42.89 12.10
N GLY B 30 4.27 42.84 11.99
CA GLY B 30 3.35 43.81 12.59
C GLY B 30 2.93 43.58 14.03
N PHE B 31 2.31 42.48 14.34
CA PHE B 31 1.79 42.39 15.72
C PHE B 31 2.18 41.11 16.47
N GLU B 32 2.96 40.26 15.82
CA GLU B 32 3.31 38.99 16.42
C GLU B 32 4.51 39.05 17.39
N GLU B 33 5.32 40.09 17.25
CA GLU B 33 6.50 40.23 18.09
C GLU B 33 7.19 38.88 18.14
N LYS B 34 7.33 38.29 16.95
CA LYS B 34 7.94 36.99 16.78
C LYS B 34 9.45 37.11 16.78
N TYR B 35 10.12 36.05 17.22
CA TYR B 35 11.58 36.05 17.25
C TYR B 35 12.10 36.00 15.82
N PRO B 36 13.35 36.44 15.64
CA PRO B 36 13.96 36.44 14.31
C PRO B 36 14.31 35.00 13.93
N GLN B 37 14.06 34.63 12.67
CA GLN B 37 14.34 33.28 12.20
C GLN B 37 15.68 32.78 12.70
N ASP B 38 16.67 33.67 12.79
CA ASP B 38 17.98 33.29 13.25
C ASP B 38 17.89 32.45 14.52
N LYS B 39 17.35 33.03 15.59
CA LYS B 39 17.26 32.30 16.84
C LYS B 39 16.22 31.18 16.76
N ILE B 40 15.22 31.34 15.90
CA ILE B 40 14.21 30.27 15.74
C ILE B 40 14.97 29.08 15.18
N ASP B 41 15.70 29.31 14.09
CA ASP B 41 16.49 28.25 13.50
C ASP B 41 17.43 27.74 14.58
N GLU B 42 18.01 28.66 15.35
CA GLU B 42 18.92 28.28 16.44
C GLU B 42 18.28 27.30 17.43
N VAL B 43 17.23 27.75 18.14
CA VAL B 43 16.52 26.91 19.11
C VAL B 43 16.18 25.54 18.51
N PHE B 44 15.83 25.52 17.23
CA PHE B 44 15.51 24.27 16.52
C PHE B 44 16.79 23.46 16.45
N GLN B 45 17.81 24.07 15.86
CA GLN B 45 19.11 23.45 15.72
C GLN B 45 19.49 22.81 17.04
N TRP B 46 19.11 23.52 18.10
CA TRP B 46 19.40 23.06 19.45
C TRP B 46 18.65 21.77 19.77
N THR B 47 17.33 21.82 19.79
CA THR B 47 16.50 20.65 20.10
C THR B 47 16.92 19.39 19.35
N THR B 48 17.45 19.56 18.15
CA THR B 48 17.84 18.41 17.35
C THR B 48 19.20 17.84 17.74
N THR B 49 19.75 18.26 18.89
CA THR B 49 21.06 17.78 19.33
C THR B 49 21.08 16.77 20.46
N LYS B 50 22.26 16.24 20.70
CA LYS B 50 22.48 15.26 21.77
C LYS B 50 22.48 15.96 23.13
N GLU B 51 22.81 17.25 23.13
CA GLU B 51 22.84 18.03 24.34
C GLU B 51 21.41 18.16 24.83
N TYR B 52 20.52 18.46 23.88
CA TYR B 52 19.10 18.64 24.15
C TYR B 52 18.46 17.34 24.58
N GLN B 53 18.93 16.23 24.01
CA GLN B 53 18.37 14.92 24.33
C GLN B 53 18.53 14.54 25.79
N GLU B 54 19.74 14.66 26.33
CA GLU B 54 19.90 14.36 27.74
C GLU B 54 18.92 15.25 28.50
N LEU B 55 18.91 16.54 28.22
CA LEU B 55 17.98 17.44 28.89
C LEU B 55 16.58 16.87 28.77
N ASN B 56 16.23 16.51 27.55
CA ASN B 56 14.94 15.93 27.21
C ASN B 56 14.62 14.78 28.18
N PHE B 57 15.44 13.73 28.14
CA PHE B 57 15.22 12.56 28.96
C PHE B 57 15.29 12.75 30.48
N GLN B 58 16.03 13.77 30.95
CA GLN B 58 16.11 14.08 32.39
C GLN B 58 14.76 14.58 32.88
N ARG B 59 13.81 14.64 31.95
CA ARG B 59 12.45 15.09 32.18
C ARG B 59 11.69 14.24 33.18
N GLU B 60 10.91 14.88 34.04
CA GLU B 60 10.14 14.06 34.93
C GLU B 60 8.71 14.55 35.15
N ALA B 61 8.34 15.76 34.80
CA ALA B 61 6.95 16.11 35.11
C ALA B 61 6.12 16.50 33.89
N LEU B 62 6.78 17.02 32.89
CA LEU B 62 6.06 17.38 31.68
C LEU B 62 6.09 16.23 30.70
N THR B 63 5.04 16.10 29.91
CA THR B 63 4.94 15.06 28.90
C THR B 63 4.49 15.71 27.58
N VAL B 64 5.24 15.50 26.51
CA VAL B 64 4.93 16.08 25.20
C VAL B 64 4.61 15.01 24.14
N ASN B 65 3.33 14.88 23.80
CA ASN B 65 2.84 13.94 22.80
C ASN B 65 2.91 12.43 23.07
N PRO B 66 1.97 11.94 23.87
CA PRO B 66 1.79 10.55 24.27
C PRO B 66 1.60 9.52 23.18
N ALA B 67 1.68 8.29 23.62
CA ALA B 67 1.47 7.15 22.77
C ALA B 67 0.43 6.31 23.55
N LYS B 68 -0.39 7.00 24.34
CA LYS B 68 -1.42 6.33 25.11
C LYS B 68 -2.73 7.15 25.21
N ALA B 69 -3.74 6.57 25.86
CA ALA B 69 -5.04 7.21 26.08
C ALA B 69 -5.57 6.70 27.44
N CYS B 70 -6.76 7.12 27.85
CA CYS B 70 -7.30 6.68 29.13
C CYS B 70 -8.05 5.37 29.04
N GLN B 71 -8.38 4.81 30.21
CA GLN B 71 -9.10 3.53 30.27
C GLN B 71 -10.53 3.48 29.68
N PRO B 72 -11.32 4.55 29.88
CA PRO B 72 -12.69 4.61 29.37
C PRO B 72 -12.78 4.40 27.87
N LEU B 73 -11.76 4.82 27.15
CA LEU B 73 -11.76 4.65 25.71
C LEU B 73 -11.58 3.19 25.36
N GLY B 74 -10.74 2.50 26.13
CA GLY B 74 -10.49 1.09 25.88
C GLY B 74 -11.63 0.25 26.39
N ALA B 75 -12.44 0.82 27.28
CA ALA B 75 -13.61 0.11 27.80
C ALA B 75 -14.65 0.11 26.71
N VAL B 76 -15.02 1.31 26.26
CA VAL B 76 -16.00 1.45 25.19
C VAL B 76 -15.80 0.51 24.00
N LEU B 77 -14.56 0.37 23.52
CA LEU B 77 -14.31 -0.53 22.39
C LEU B 77 -14.59 -1.98 22.78
N CYS B 78 -14.29 -2.34 24.02
CA CYS B 78 -14.55 -3.69 24.47
C CYS B 78 -16.04 -3.97 24.34
N ALA B 79 -16.84 -3.07 24.93
CA ALA B 79 -18.31 -3.15 24.94
C ALA B 79 -18.91 -3.21 23.53
N LEU B 80 -18.40 -2.41 22.61
CA LEU B 80 -18.91 -2.42 21.24
C LEU B 80 -18.97 -3.84 20.73
N GLY B 81 -18.10 -4.70 21.29
CA GLY B 81 -18.01 -6.09 20.87
C GLY B 81 -19.12 -7.00 21.24
N PHE B 82 -19.73 -6.79 22.38
CA PHE B 82 -20.80 -7.66 22.78
C PHE B 82 -22.08 -7.22 22.10
N GLU B 83 -22.73 -8.19 21.52
CA GLU B 83 -23.91 -7.95 20.77
C GLU B 83 -24.94 -7.12 21.48
N LYS B 84 -25.42 -6.13 20.73
CA LYS B 84 -26.45 -5.17 21.12
C LYS B 84 -26.26 -4.48 22.46
N THR B 85 -25.00 -4.31 22.85
CA THR B 85 -24.72 -3.63 24.11
C THR B 85 -24.48 -2.16 23.83
N MET B 86 -24.51 -1.36 24.88
CA MET B 86 -24.33 0.08 24.76
C MET B 86 -23.15 0.57 25.56
N PRO B 87 -22.14 1.12 24.87
CA PRO B 87 -21.02 1.60 25.66
C PRO B 87 -21.65 2.69 26.54
N TYR B 88 -21.66 2.48 27.85
CA TYR B 88 -22.25 3.46 28.75
C TYR B 88 -21.16 3.99 29.67
N VAL B 89 -20.94 5.30 29.64
CA VAL B 89 -19.90 5.88 30.47
C VAL B 89 -20.43 6.80 31.57
N HIS B 90 -20.25 6.37 32.81
CA HIS B 90 -20.70 7.11 33.99
C HIS B 90 -19.82 8.32 34.29
N GLY B 91 -20.38 9.50 34.13
CA GLY B 91 -19.61 10.70 34.40
C GLY B 91 -19.91 11.88 33.52
N SER B 92 -18.87 12.54 33.03
CA SER B 92 -19.00 13.70 32.15
C SER B 92 -19.46 13.27 30.76
N GLN B 93 -19.89 14.23 29.95
CA GLN B 93 -20.36 13.92 28.59
C GLN B 93 -19.35 14.30 27.51
N GLY B 94 -18.46 15.22 27.83
CA GLY B 94 -17.44 15.62 26.88
C GLY B 94 -16.54 14.47 26.51
N CYS B 95 -16.23 13.61 27.47
CA CYS B 95 -15.37 12.46 27.24
C CYS B 95 -15.99 11.55 26.23
N VAL B 96 -17.26 11.23 26.44
CA VAL B 96 -17.97 10.35 25.52
C VAL B 96 -17.92 11.03 24.17
N ALA B 97 -17.96 12.36 24.18
CA ALA B 97 -17.91 13.15 22.95
C ALA B 97 -16.55 13.01 22.29
N TYR B 98 -15.51 12.85 23.11
CA TYR B 98 -14.16 12.67 22.60
C TYR B 98 -13.92 11.20 22.22
N PHE B 99 -14.29 10.28 23.11
CA PHE B 99 -14.16 8.83 22.89
C PHE B 99 -14.75 8.49 21.54
N ARG B 100 -15.89 9.11 21.25
CA ARG B 100 -16.59 8.90 20.00
C ARG B 100 -15.88 9.50 18.82
N SER B 101 -15.67 10.81 18.89
CA SER B 101 -14.98 11.53 17.82
C SER B 101 -13.67 10.85 17.43
N TYR B 102 -12.98 10.34 18.42
CA TYR B 102 -11.71 9.67 18.21
C TYR B 102 -11.83 8.37 17.44
N PHE B 103 -12.72 7.49 17.88
CA PHE B 103 -12.92 6.21 17.23
C PHE B 103 -13.46 6.36 15.83
N ASN B 104 -13.96 7.54 15.53
CA ASN B 104 -14.54 7.87 14.23
C ASN B 104 -13.47 8.10 13.18
N ARG B 105 -12.52 8.92 13.53
CA ARG B 105 -11.48 9.28 12.64
C ARG B 105 -10.62 8.05 12.24
N HIS B 106 -10.58 7.04 13.10
CA HIS B 106 -9.80 5.84 12.79
C HIS B 106 -10.55 4.83 11.95
N PHE B 107 -11.71 4.39 12.44
CA PHE B 107 -12.54 3.40 11.73
C PHE B 107 -13.42 4.00 10.64
N ARG B 108 -13.77 5.30 10.77
CA ARG B 108 -14.61 6.02 9.77
C ARG B 108 -15.96 5.34 9.60
N GLU B 109 -16.61 5.08 10.71
CA GLU B 109 -17.95 4.49 10.77
C GLU B 109 -18.61 4.92 12.07
N PRO B 110 -19.91 4.62 12.28
CA PRO B 110 -20.60 5.02 13.53
C PRO B 110 -20.02 4.56 14.86
N VAL B 111 -19.91 5.48 15.79
CA VAL B 111 -19.48 5.14 17.12
C VAL B 111 -20.54 5.63 18.10
N SER B 112 -21.32 4.66 18.58
CA SER B 112 -22.36 4.87 19.55
C SER B 112 -21.84 4.64 20.94
N CYS B 113 -22.20 5.54 21.85
CA CYS B 113 -21.76 5.49 23.24
C CYS B 113 -22.56 6.59 23.92
N VAL B 114 -22.80 6.49 25.22
CA VAL B 114 -23.58 7.51 25.88
C VAL B 114 -22.97 7.84 27.25
N SER B 115 -23.50 8.85 27.92
CA SER B 115 -22.97 9.17 29.22
C SER B 115 -24.02 9.70 30.14
N ASP B 116 -23.90 9.47 31.46
CA ASP B 116 -24.88 10.10 32.34
C ASP B 116 -24.25 11.49 32.30
N SER B 117 -24.96 12.52 31.95
CA SER B 117 -24.24 13.76 31.93
C SER B 117 -24.14 14.34 33.33
N MET B 118 -23.01 14.06 34.00
CA MET B 118 -22.78 14.55 35.36
C MET B 118 -22.34 16.00 35.37
N THR B 119 -23.24 16.86 35.83
CA THR B 119 -23.00 18.28 35.91
C THR B 119 -22.30 18.56 37.21
N GLU B 120 -21.98 19.84 37.45
CA GLU B 120 -21.31 20.27 38.67
C GLU B 120 -21.89 19.64 39.96
N ASP B 121 -23.21 19.64 40.09
CA ASP B 121 -23.88 19.07 41.25
C ASP B 121 -23.46 17.63 41.49
N ALA B 122 -23.25 16.89 40.41
CA ALA B 122 -22.84 15.49 40.48
C ALA B 122 -21.62 15.34 41.35
N ALA B 123 -20.56 16.08 41.04
CA ALA B 123 -19.32 16.00 41.81
C ALA B 123 -19.62 16.27 43.28
N VAL B 124 -20.39 17.28 43.53
CA VAL B 124 -20.75 17.64 44.89
C VAL B 124 -21.59 16.53 45.53
N PHE B 125 -22.76 16.24 44.97
CA PHE B 125 -23.64 15.25 45.62
C PHE B 125 -23.45 13.79 45.26
N GLY B 126 -22.53 13.50 44.35
CA GLY B 126 -22.35 12.12 43.93
C GLY B 126 -23.26 11.97 42.72
N GLY B 127 -23.19 10.86 41.99
CA GLY B 127 -24.03 10.74 40.82
C GLY B 127 -25.06 9.64 40.80
N GLN B 128 -26.03 9.68 41.71
CA GLN B 128 -27.05 8.64 41.75
C GLN B 128 -28.24 8.76 40.77
N GLN B 129 -28.87 9.91 40.64
CA GLN B 129 -30.00 9.96 39.73
C GLN B 129 -29.65 9.83 38.25
N ASN B 130 -28.53 10.39 37.80
CA ASN B 130 -28.15 10.30 36.40
C ASN B 130 -27.89 8.84 36.07
N MET B 131 -27.32 8.12 37.01
CA MET B 131 -27.06 6.71 36.78
C MET B 131 -28.43 6.03 36.70
N LYS B 132 -29.31 6.36 37.65
CA LYS B 132 -30.64 5.79 37.73
C LYS B 132 -31.43 6.12 36.48
N ASP B 133 -31.57 7.41 36.20
CA ASP B 133 -32.32 7.85 35.00
C ASP B 133 -31.60 7.42 33.74
N GLY B 134 -30.36 7.86 33.61
CA GLY B 134 -29.56 7.52 32.46
C GLY B 134 -29.71 6.08 32.02
N LEU B 135 -29.69 5.15 32.97
CA LEU B 135 -29.84 3.75 32.62
C LEU B 135 -31.21 3.57 32.00
N GLN B 136 -32.21 4.28 32.54
CA GLN B 136 -33.57 4.22 32.05
C GLN B 136 -33.70 4.88 30.67
N ASN B 137 -33.40 6.18 30.59
CA ASN B 137 -33.46 6.93 29.33
C ASN B 137 -32.76 6.18 28.21
N CYS B 138 -31.46 5.97 28.37
CA CYS B 138 -30.68 5.25 27.36
C CYS B 138 -31.33 3.93 27.00
N LYS B 139 -31.58 3.09 27.99
CA LYS B 139 -32.20 1.79 27.73
C LYS B 139 -33.56 1.97 27.02
N ALA B 140 -34.26 3.05 27.31
CA ALA B 140 -35.56 3.32 26.66
C ALA B 140 -35.49 3.88 25.26
N THR B 141 -34.48 4.70 25.00
CA THR B 141 -34.30 5.33 23.70
C THR B 141 -33.62 4.49 22.61
N TYR B 142 -32.43 3.97 22.93
CA TYR B 142 -31.64 3.18 22.00
C TYR B 142 -31.82 1.67 22.08
N LYS B 143 -32.76 1.28 22.92
CA LYS B 143 -33.13 -0.10 23.17
C LYS B 143 -32.08 -1.23 23.12
N PRO B 144 -30.98 -1.09 23.85
CA PRO B 144 -29.95 -2.11 23.94
C PRO B 144 -30.47 -3.40 24.54
N ASP B 145 -29.66 -4.44 24.49
CA ASP B 145 -30.04 -5.69 25.11
C ASP B 145 -29.20 -5.69 26.37
N MET B 146 -28.14 -4.88 26.33
CA MET B 146 -27.21 -4.72 27.44
C MET B 146 -26.52 -3.35 27.46
N ILE B 147 -26.17 -2.89 28.66
CA ILE B 147 -25.51 -1.60 28.89
C ILE B 147 -24.31 -1.87 29.81
N ALA B 148 -23.10 -1.55 29.39
CA ALA B 148 -21.91 -1.79 30.23
C ALA B 148 -21.33 -0.48 30.75
N VAL B 149 -21.56 -0.15 32.03
CA VAL B 149 -21.13 1.11 32.63
C VAL B 149 -19.63 1.33 32.76
N SER B 150 -19.22 2.57 32.40
CA SER B 150 -17.86 3.07 32.44
C SER B 150 -17.78 4.40 33.17
N THR B 151 -16.59 4.87 33.47
CA THR B 151 -16.51 6.05 34.28
C THR B 151 -15.33 6.92 33.95
N THR B 152 -15.48 8.25 34.15
CA THR B 152 -14.39 9.19 33.90
C THR B 152 -13.76 9.56 35.24
N CYS B 153 -12.69 10.36 35.24
CA CYS B 153 -12.04 10.76 36.50
C CYS B 153 -13.10 11.31 37.44
N MET B 154 -14.06 12.02 36.86
CA MET B 154 -15.16 12.63 37.59
C MET B 154 -15.78 11.69 38.61
N ALA B 155 -16.09 10.46 38.19
CA ALA B 155 -16.70 9.48 39.08
C ALA B 155 -15.68 8.78 39.96
N GLU B 156 -14.46 8.65 39.48
CA GLU B 156 -13.42 7.98 40.25
C GLU B 156 -13.06 8.65 41.58
N VAL B 157 -12.75 9.94 41.49
CA VAL B 157 -12.37 10.72 42.66
C VAL B 157 -13.51 10.73 43.70
N ILE B 158 -14.70 11.12 43.24
CA ILE B 158 -15.88 11.16 44.11
C ILE B 158 -16.16 9.72 44.56
N GLY B 159 -15.61 8.75 43.87
CA GLY B 159 -15.73 7.37 44.29
C GLY B 159 -17.16 6.87 44.28
N ASP B 160 -17.85 7.13 43.17
CA ASP B 160 -19.21 6.67 42.99
C ASP B 160 -19.16 5.15 42.93
N ASP B 161 -19.91 4.48 43.78
CA ASP B 161 -19.99 3.03 43.68
C ASP B 161 -20.92 2.72 42.51
N LEU B 162 -20.37 2.30 41.37
CA LEU B 162 -21.18 1.95 40.21
C LEU B 162 -22.11 0.81 40.57
N ASN B 163 -21.54 -0.19 41.21
CA ASN B 163 -22.32 -1.35 41.61
C ASN B 163 -23.58 -0.92 42.34
N ALA B 164 -23.43 -0.31 43.51
CA ALA B 164 -24.57 0.13 44.29
C ALA B 164 -25.49 0.99 43.42
N PHE B 165 -24.95 2.02 42.82
CA PHE B 165 -25.71 2.93 41.98
C PHE B 165 -26.61 2.18 40.99
N ILE B 166 -26.06 1.14 40.39
CA ILE B 166 -26.79 0.32 39.42
C ILE B 166 -27.96 -0.40 40.07
N ASN B 167 -27.67 -1.16 41.12
CA ASN B 167 -28.65 -1.92 41.87
C ASN B 167 -29.79 -1.12 42.47
N ASN B 168 -29.51 0.11 42.91
CA ASN B 168 -30.57 0.95 43.46
C ASN B 168 -31.57 1.14 42.31
N SER B 169 -31.07 1.67 41.20
CA SER B 169 -31.87 1.89 40.00
C SER B 169 -32.75 0.69 39.68
N LYS B 170 -32.22 -0.51 39.87
CA LYS B 170 -32.96 -1.74 39.63
C LYS B 170 -34.11 -1.82 40.64
N LYS B 171 -33.75 -1.91 41.93
CA LYS B 171 -34.71 -1.98 43.00
C LYS B 171 -35.66 -0.78 42.93
N GLU B 172 -35.12 0.40 42.66
CA GLU B 172 -35.92 1.60 42.57
C GLU B 172 -36.87 1.58 41.36
N GLY B 173 -36.79 0.54 40.53
CA GLY B 173 -37.67 0.41 39.39
C GLY B 173 -37.47 1.17 38.08
N PHE B 174 -36.23 1.36 37.66
CA PHE B 174 -35.95 2.08 36.41
C PHE B 174 -35.63 1.16 35.25
N ILE B 175 -35.02 0.03 35.54
CA ILE B 175 -34.64 -0.93 34.54
C ILE B 175 -34.91 -2.36 35.02
N PRO B 176 -35.44 -3.21 34.11
CA PRO B 176 -35.74 -4.60 34.45
C PRO B 176 -34.58 -5.23 35.21
N ASP B 177 -34.86 -5.67 36.43
CA ASP B 177 -33.83 -6.28 37.27
C ASP B 177 -33.00 -7.34 36.54
N GLU B 178 -33.56 -7.95 35.50
CA GLU B 178 -32.81 -8.97 34.78
C GLU B 178 -32.00 -8.39 33.64
N PHE B 179 -32.15 -7.09 33.38
CA PHE B 179 -31.44 -6.46 32.30
C PHE B 179 -29.96 -6.41 32.59
N PRO B 180 -29.16 -7.00 31.69
CA PRO B 180 -27.70 -7.04 31.82
C PRO B 180 -27.06 -5.66 31.87
N VAL B 181 -26.39 -5.35 32.97
CA VAL B 181 -25.71 -4.07 33.08
C VAL B 181 -24.35 -4.16 33.79
N PRO B 182 -23.37 -4.82 33.15
CA PRO B 182 -21.99 -5.03 33.61
C PRO B 182 -21.32 -3.67 33.86
N PHE B 183 -20.36 -3.68 34.77
CA PHE B 183 -19.66 -2.43 35.08
C PHE B 183 -18.22 -2.65 35.45
N ALA B 184 -17.48 -1.59 35.47
CA ALA B 184 -16.11 -1.61 35.83
C ALA B 184 -15.72 -0.19 36.17
N HIS B 185 -14.83 -0.01 37.15
CA HIS B 185 -14.36 1.33 37.41
C HIS B 185 -13.21 1.55 36.45
N THR B 186 -13.23 2.64 35.66
CA THR B 186 -12.20 2.88 34.65
C THR B 186 -11.47 4.27 34.79
N PRO B 187 -10.62 4.32 35.87
CA PRO B 187 -9.78 5.44 36.27
C PRO B 187 -8.89 5.86 35.13
N SER B 188 -9.33 6.90 34.43
CA SER B 188 -8.56 7.40 33.31
C SER B 188 -7.15 7.75 33.74
N PHE B 189 -7.00 8.13 35.01
CA PHE B 189 -5.70 8.52 35.56
C PHE B 189 -4.85 7.37 36.10
N VAL B 190 -5.00 6.21 35.49
CA VAL B 190 -4.27 5.04 35.93
C VAL B 190 -4.09 4.18 34.68
N GLY B 191 -3.01 3.40 34.65
CA GLY B 191 -2.76 2.56 33.48
C GLY B 191 -2.97 3.31 32.18
N SER B 192 -3.66 2.69 31.23
CA SER B 192 -3.92 3.30 29.95
C SER B 192 -5.22 2.79 29.30
N HIS B 193 -5.42 3.14 28.03
CA HIS B 193 -6.63 2.71 27.32
C HIS B 193 -6.69 1.19 27.27
N VAL B 194 -5.54 0.55 27.09
CA VAL B 194 -5.49 -0.89 27.00
C VAL B 194 -6.01 -1.49 28.31
N THR B 195 -5.73 -0.81 29.42
CA THR B 195 -6.14 -1.24 30.74
C THR B 195 -7.66 -1.22 30.85
N GLY B 196 -8.27 -0.18 30.31
CA GLY B 196 -9.72 -0.07 30.36
C GLY B 196 -10.32 -1.33 29.80
N TRP B 197 -9.82 -1.75 28.64
CA TRP B 197 -10.31 -2.95 27.98
C TRP B 197 -10.34 -4.15 28.90
N ASP B 198 -9.33 -4.30 29.75
CA ASP B 198 -9.25 -5.41 30.69
C ASP B 198 -10.36 -5.31 31.71
N ASN B 199 -10.35 -4.21 32.44
CA ASN B 199 -11.34 -3.96 33.45
C ASN B 199 -12.74 -4.11 32.87
N MET B 200 -12.95 -3.52 31.70
CA MET B 200 -14.28 -3.59 31.06
C MET B 200 -14.63 -5.03 30.70
N PHE B 201 -13.70 -5.74 30.07
CA PHE B 201 -13.95 -7.13 29.69
C PHE B 201 -14.23 -7.99 30.91
N GLU B 202 -13.21 -8.16 31.73
CA GLU B 202 -13.33 -8.95 32.94
C GLU B 202 -14.67 -8.67 33.63
N GLY B 203 -15.06 -7.41 33.73
CA GLY B 203 -16.31 -7.06 34.36
C GLY B 203 -17.42 -7.94 33.84
N ILE B 204 -17.55 -7.97 32.51
CA ILE B 204 -18.55 -8.76 31.81
C ILE B 204 -18.28 -10.26 31.96
N ALA B 205 -17.02 -10.68 31.84
CA ALA B 205 -16.72 -12.10 31.97
C ALA B 205 -17.39 -12.53 33.26
N ARG B 206 -17.29 -11.72 34.30
CA ARG B 206 -17.91 -12.07 35.56
C ARG B 206 -19.44 -12.01 35.64
N TYR B 207 -20.02 -10.88 35.21
CA TYR B 207 -21.47 -10.70 35.23
C TYR B 207 -22.23 -11.95 34.77
N PHE B 208 -21.71 -12.65 33.77
CA PHE B 208 -22.40 -13.83 33.26
C PHE B 208 -21.91 -15.14 33.87
N THR B 209 -20.85 -15.14 34.68
CA THR B 209 -20.35 -16.44 35.10
C THR B 209 -20.16 -16.68 36.61
N LEU B 210 -19.73 -15.63 37.32
CA LEU B 210 -19.44 -15.72 38.76
C LEU B 210 -20.50 -16.45 39.56
N LYS B 211 -21.74 -16.05 39.35
CA LYS B 211 -22.85 -16.67 40.08
C LYS B 211 -23.11 -18.11 39.62
N SER B 212 -23.16 -18.33 38.31
CA SER B 212 -23.43 -19.64 37.69
C SER B 212 -22.23 -20.57 37.46
N MET B 213 -21.22 -20.48 38.34
CA MET B 213 -20.01 -21.29 38.22
C MET B 213 -20.14 -22.76 38.58
N ASP B 214 -21.05 -23.02 39.51
CA ASP B 214 -21.36 -24.35 40.04
C ASP B 214 -21.75 -25.46 39.06
N ASP B 215 -22.48 -25.09 38.01
CA ASP B 215 -22.97 -26.06 37.04
C ASP B 215 -22.22 -26.11 35.73
N LYS B 216 -21.05 -25.50 35.66
CA LYS B 216 -20.31 -25.50 34.40
C LYS B 216 -19.10 -26.44 34.47
N VAL B 217 -18.88 -27.18 33.40
CA VAL B 217 -17.77 -28.13 33.34
C VAL B 217 -16.69 -27.63 32.38
N VAL B 218 -15.42 -27.78 32.78
CA VAL B 218 -14.33 -27.32 31.93
C VAL B 218 -14.34 -28.15 30.66
N GLY B 219 -14.63 -27.51 29.55
CA GLY B 219 -14.63 -28.20 28.28
C GLY B 219 -15.90 -29.00 28.07
N SER B 220 -17.04 -28.36 28.32
CA SER B 220 -18.35 -28.96 28.13
C SER B 220 -18.81 -28.83 26.68
N ASN B 221 -18.41 -27.73 26.03
CA ASN B 221 -18.78 -27.49 24.64
C ASN B 221 -17.60 -27.73 23.73
N LYS B 222 -16.51 -28.19 24.31
CA LYS B 222 -15.31 -28.50 23.55
C LYS B 222 -14.83 -27.37 22.63
N LYS B 223 -15.01 -26.12 23.04
CA LYS B 223 -14.57 -25.02 22.19
C LYS B 223 -13.42 -24.30 22.82
N ILE B 224 -12.90 -23.29 22.12
CA ILE B 224 -11.76 -22.53 22.55
C ILE B 224 -12.14 -21.05 22.61
N ASN B 225 -12.02 -20.48 23.78
CA ASN B 225 -12.36 -19.06 23.93
C ASN B 225 -11.24 -18.23 23.34
N ILE B 226 -11.61 -17.10 22.74
CA ILE B 226 -10.63 -16.18 22.16
C ILE B 226 -10.86 -14.74 22.69
N VAL B 227 -9.92 -14.25 23.47
CA VAL B 227 -10.00 -12.92 24.01
C VAL B 227 -9.01 -12.01 23.31
N PRO B 228 -9.52 -11.10 22.45
CA PRO B 228 -8.89 -10.07 21.60
C PRO B 228 -8.02 -9.07 22.36
N GLY B 229 -8.73 -8.32 23.15
CA GLY B 229 -8.17 -7.25 23.91
C GLY B 229 -8.43 -6.03 23.08
N PHE B 230 -7.87 -4.92 23.47
CA PHE B 230 -8.01 -3.74 22.69
C PHE B 230 -7.42 -4.00 21.30
N GLU B 231 -8.27 -4.10 20.28
CA GLU B 231 -7.83 -4.33 18.92
C GLU B 231 -8.59 -3.46 17.97
N THR B 232 -7.91 -2.66 17.14
CA THR B 232 -8.59 -1.75 16.23
C THR B 232 -8.47 -2.03 14.74
N TYR B 233 -7.84 -3.13 14.38
CA TYR B 233 -7.70 -3.53 12.98
C TYR B 233 -8.74 -4.61 12.80
N LEU B 234 -9.83 -4.35 12.07
CA LEU B 234 -10.84 -5.40 11.88
C LEU B 234 -10.24 -6.59 11.18
N GLY B 235 -9.31 -6.34 10.26
CA GLY B 235 -8.68 -7.43 9.56
C GLY B 235 -8.17 -8.50 10.52
N ASN B 236 -7.78 -8.10 11.72
CA ASN B 236 -7.26 -9.02 12.71
C ASN B 236 -8.36 -9.86 13.35
N PHE B 237 -9.51 -9.27 13.60
CA PHE B 237 -10.60 -10.02 14.19
C PHE B 237 -10.97 -11.11 13.20
N ARG B 238 -11.18 -10.70 11.95
CA ARG B 238 -11.55 -11.58 10.87
C ARG B 238 -10.51 -12.68 10.65
N VAL B 239 -9.25 -12.31 10.53
CA VAL B 239 -8.21 -13.30 10.27
C VAL B 239 -8.11 -14.36 11.32
N ILE B 240 -8.22 -13.99 12.59
CA ILE B 240 -8.15 -15.00 13.68
C ILE B 240 -9.35 -15.96 13.61
N LYS B 241 -10.50 -15.43 13.23
CA LYS B 241 -11.71 -16.25 13.13
C LYS B 241 -11.57 -17.18 11.94
N ARG B 242 -10.99 -16.69 10.85
CA ARG B 242 -10.82 -17.50 9.65
C ARG B 242 -9.96 -18.74 9.90
N MET B 243 -8.81 -18.57 10.56
CA MET B 243 -7.92 -19.69 10.81
C MET B 243 -8.59 -20.77 11.65
N LEU B 244 -8.99 -20.41 12.86
CA LEU B 244 -9.65 -21.38 13.72
C LEU B 244 -10.73 -22.03 12.89
N SER B 245 -11.55 -21.20 12.25
CA SER B 245 -12.65 -21.71 11.45
C SER B 245 -12.24 -22.67 10.35
N GLU B 246 -11.13 -22.42 9.66
CA GLU B 246 -10.72 -23.33 8.61
C GLU B 246 -9.97 -24.53 9.18
N MET B 247 -9.86 -24.58 10.51
CA MET B 247 -9.21 -25.69 11.20
C MET B 247 -10.27 -26.64 11.68
N GLY B 248 -11.51 -26.16 11.68
CA GLY B 248 -12.62 -26.97 12.15
C GLY B 248 -12.56 -26.92 13.65
N VAL B 249 -12.03 -25.82 14.18
CA VAL B 249 -11.90 -25.61 15.61
C VAL B 249 -13.07 -24.84 16.13
N GLY B 250 -13.61 -25.32 17.24
CA GLY B 250 -14.75 -24.70 17.87
C GLY B 250 -14.24 -23.57 18.70
N TYR B 251 -14.75 -22.40 18.47
CA TYR B 251 -14.23 -21.33 19.25
C TYR B 251 -15.33 -20.37 19.55
N SER B 252 -15.02 -19.43 20.40
CA SER B 252 -15.95 -18.41 20.79
C SER B 252 -15.12 -17.17 21.00
N LEU B 253 -15.31 -16.18 20.14
CA LEU B 253 -14.58 -14.92 20.26
C LEU B 253 -15.34 -14.02 21.21
N LEU B 254 -14.76 -13.76 22.36
CA LEU B 254 -15.41 -12.91 23.34
C LEU B 254 -15.02 -11.46 23.06
N SER B 255 -16.01 -10.66 22.66
CA SER B 255 -15.88 -9.25 22.31
C SER B 255 -15.40 -9.13 20.89
N ASP B 256 -16.37 -9.13 19.97
CA ASP B 256 -16.09 -9.06 18.53
C ASP B 256 -16.74 -7.87 17.76
N PRO B 257 -15.96 -6.75 17.68
CA PRO B 257 -16.32 -5.44 16.94
C PRO B 257 -16.69 -5.41 15.46
N GLU B 258 -16.10 -6.36 14.75
CA GLU B 258 -16.13 -6.57 13.28
C GLU B 258 -17.39 -6.20 12.48
N GLU B 259 -18.57 -6.61 12.89
CA GLU B 259 -19.75 -6.21 12.11
C GLU B 259 -20.12 -4.78 12.38
N VAL B 260 -20.20 -4.44 13.69
CA VAL B 260 -20.59 -3.12 14.17
C VAL B 260 -19.72 -1.98 13.71
N LEU B 261 -18.42 -2.22 13.57
CA LEU B 261 -17.54 -1.16 13.15
C LEU B 261 -17.46 -1.14 11.64
N ASP B 262 -18.38 -1.79 10.94
CA ASP B 262 -18.31 -1.88 9.49
C ASP B 262 -19.67 -2.13 8.86
N THR B 263 -20.71 -1.52 9.43
CA THR B 263 -22.05 -1.68 8.94
C THR B 263 -22.14 -1.05 7.56
N PRO B 264 -22.55 -1.81 6.55
CA PRO B 264 -22.70 -1.36 5.17
C PRO B 264 -23.49 -0.08 5.01
N ALA B 265 -23.14 0.69 4.03
CA ALA B 265 -23.88 1.88 3.68
C ALA B 265 -24.75 1.47 2.53
N ASP B 266 -25.97 1.02 2.85
CA ASP B 266 -26.96 0.55 1.90
C ASP B 266 -28.31 1.23 2.09
N GLY B 267 -28.34 2.27 2.94
CA GLY B 267 -29.57 2.98 3.18
C GLY B 267 -30.16 2.79 4.55
N GLN B 268 -29.76 1.73 5.24
CA GLN B 268 -30.27 1.48 6.58
C GLN B 268 -29.17 1.63 7.64
N PHE B 269 -29.36 2.56 8.59
CA PHE B 269 -28.37 2.76 9.66
C PHE B 269 -28.54 1.64 10.69
N ARG B 270 -27.42 1.09 11.15
CA ARG B 270 -27.50 0.03 12.14
C ARG B 270 -26.65 0.38 13.35
N MET B 271 -27.32 0.72 14.43
CA MET B 271 -26.63 1.07 15.66
C MET B 271 -25.85 -0.11 16.21
N TYR B 272 -26.31 -1.32 15.87
CA TYR B 272 -25.66 -2.55 16.34
C TYR B 272 -25.61 -3.61 15.26
N ALA B 273 -24.64 -4.50 15.35
CA ALA B 273 -24.47 -5.59 14.41
C ALA B 273 -23.47 -6.58 14.97
N GLY B 274 -23.67 -7.86 14.69
CA GLY B 274 -22.76 -8.88 15.19
C GLY B 274 -22.57 -8.78 16.68
N GLY B 275 -21.38 -9.10 17.15
CA GLY B 275 -21.12 -8.99 18.57
C GLY B 275 -21.22 -10.34 19.26
N THR B 276 -20.67 -10.44 20.47
CA THR B 276 -20.69 -11.66 21.25
C THR B 276 -21.99 -11.75 22.03
N THR B 277 -22.69 -12.87 21.90
CA THR B 277 -23.94 -13.05 22.61
C THR B 277 -23.71 -13.28 24.10
N GLN B 278 -24.63 -12.76 24.91
CA GLN B 278 -24.51 -12.95 26.33
C GLN B 278 -24.62 -14.43 26.54
N GLU B 279 -25.61 -15.06 25.95
CA GLU B 279 -25.74 -16.49 26.14
C GLU B 279 -24.39 -17.15 25.84
N GLU B 280 -23.63 -16.54 24.92
CA GLU B 280 -22.31 -17.08 24.55
C GLU B 280 -21.29 -16.80 25.66
N MET B 281 -21.32 -15.58 26.19
CA MET B 281 -20.42 -15.16 27.26
C MET B 281 -20.80 -15.95 28.51
N LYS B 282 -22.10 -16.20 28.63
CA LYS B 282 -22.69 -16.95 29.75
C LYS B 282 -22.15 -18.37 29.77
N ASP B 283 -22.06 -18.97 28.59
CA ASP B 283 -21.60 -20.35 28.46
C ASP B 283 -20.07 -20.48 28.37
N ALA B 284 -19.34 -19.38 28.43
CA ALA B 284 -17.88 -19.43 28.28
C ALA B 284 -17.11 -20.51 29.05
N PRO B 285 -17.38 -20.61 30.39
CA PRO B 285 -16.69 -21.64 31.24
C PRO B 285 -16.65 -23.08 30.75
N ASN B 286 -17.68 -23.46 30.01
CA ASN B 286 -17.79 -24.80 29.52
C ASN B 286 -16.75 -25.14 28.48
N ALA B 287 -15.99 -24.15 28.01
CA ALA B 287 -15.00 -24.39 26.95
C ALA B 287 -13.82 -25.22 27.44
N LEU B 288 -12.97 -25.63 26.50
CA LEU B 288 -11.81 -26.42 26.83
C LEU B 288 -10.84 -25.48 27.51
N ASN B 289 -10.57 -24.37 26.86
CA ASN B 289 -9.62 -23.41 27.40
C ASN B 289 -9.76 -22.02 26.74
N THR B 290 -9.37 -20.98 27.47
CA THR B 290 -9.44 -19.60 26.97
C THR B 290 -8.07 -19.12 26.48
N VAL B 291 -8.06 -18.46 25.32
CA VAL B 291 -6.83 -17.95 24.74
C VAL B 291 -6.84 -16.44 24.77
N LEU B 292 -5.72 -15.84 25.17
CA LEU B 292 -5.63 -14.39 25.23
C LEU B 292 -4.64 -13.93 24.20
N LEU B 293 -5.14 -13.41 23.09
CA LEU B 293 -4.29 -12.91 22.02
C LEU B 293 -3.25 -11.87 22.47
N GLN B 294 -3.68 -10.83 23.18
CA GLN B 294 -2.76 -9.82 23.69
C GLN B 294 -2.87 -9.89 25.22
N PRO B 295 -2.04 -10.74 25.86
CA PRO B 295 -2.07 -10.90 27.32
C PRO B 295 -1.47 -9.79 28.17
N TRP B 296 -0.71 -8.89 27.57
CA TRP B 296 -0.08 -7.84 28.33
C TRP B 296 -0.96 -6.69 28.78
N HIS B 297 -2.25 -6.76 28.46
CA HIS B 297 -3.19 -5.75 28.93
C HIS B 297 -4.49 -6.45 29.29
N LEU B 298 -4.39 -7.78 29.40
CA LEU B 298 -5.48 -8.65 29.79
C LEU B 298 -5.03 -9.45 31.02
N GLU B 299 -4.18 -8.83 31.84
CA GLU B 299 -3.63 -9.45 33.05
C GLU B 299 -4.67 -9.68 34.11
N LYS B 300 -5.71 -8.86 34.15
CA LYS B 300 -6.78 -9.01 35.13
C LYS B 300 -7.83 -10.01 34.66
N THR B 301 -7.86 -10.26 33.35
CA THR B 301 -8.78 -11.21 32.77
C THR B 301 -8.25 -12.58 33.18
N LYS B 302 -6.99 -12.83 32.83
CA LYS B 302 -6.33 -14.08 33.14
C LYS B 302 -6.55 -14.50 34.61
N LYS B 303 -6.38 -13.53 35.51
CA LYS B 303 -6.55 -13.77 36.94
C LYS B 303 -7.93 -14.37 37.21
N PHE B 304 -8.93 -13.86 36.50
CA PHE B 304 -10.31 -14.33 36.64
C PHE B 304 -10.52 -15.67 35.95
N VAL B 305 -10.23 -15.69 34.66
CA VAL B 305 -10.39 -16.92 33.86
C VAL B 305 -9.71 -18.11 34.56
N GLU B 306 -8.43 -17.95 34.91
CA GLU B 306 -7.69 -19.02 35.58
C GLU B 306 -8.30 -19.27 36.97
N GLY B 307 -8.68 -18.20 37.65
CA GLY B 307 -9.24 -18.28 38.97
C GLY B 307 -10.67 -18.77 39.13
N THR B 308 -11.62 -18.15 38.42
CA THR B 308 -13.00 -18.52 38.56
C THR B 308 -13.40 -19.62 37.60
N TRP B 309 -12.97 -19.51 36.36
CA TRP B 309 -13.33 -20.53 35.36
C TRP B 309 -12.44 -21.74 35.48
N LYS B 310 -11.33 -21.55 36.15
CA LYS B 310 -10.41 -22.65 36.29
C LYS B 310 -9.82 -23.03 34.94
N HIS B 311 -9.61 -22.07 34.03
CA HIS B 311 -8.99 -22.39 32.74
C HIS B 311 -7.46 -22.38 32.80
N GLU B 312 -6.84 -23.43 32.24
CA GLU B 312 -5.37 -23.56 32.19
C GLU B 312 -4.82 -22.71 31.05
N VAL B 313 -5.08 -21.39 31.13
CA VAL B 313 -4.66 -20.42 30.14
C VAL B 313 -3.24 -20.57 29.62
N PRO B 314 -3.08 -20.73 28.29
CA PRO B 314 -1.84 -20.89 27.53
C PRO B 314 -0.89 -19.72 27.69
N LYS B 315 0.41 -20.03 27.73
CA LYS B 315 1.41 -18.99 27.84
C LYS B 315 1.79 -18.68 26.40
N LEU B 316 0.93 -17.91 25.73
CA LEU B 316 1.17 -17.55 24.35
C LEU B 316 1.41 -16.07 24.15
N ASN B 317 2.18 -15.77 23.12
CA ASN B 317 2.50 -14.41 22.76
C ASN B 317 1.48 -13.94 21.74
N ILE B 318 1.45 -12.64 21.47
CA ILE B 318 0.50 -12.12 20.49
C ILE B 318 0.90 -12.77 19.18
N PRO B 319 -0.06 -13.38 18.47
CA PRO B 319 0.20 -14.06 17.18
C PRO B 319 0.70 -13.13 16.08
N MET B 320 1.96 -12.73 16.15
CA MET B 320 2.53 -11.87 15.11
C MET B 320 3.82 -12.43 14.56
N GLY B 321 4.04 -12.18 13.28
CA GLY B 321 5.25 -12.70 12.67
C GLY B 321 5.05 -14.16 12.40
N LEU B 322 6.12 -14.84 12.01
CA LEU B 322 6.05 -16.25 11.69
C LEU B 322 6.06 -17.20 12.88
N ASP B 323 7.10 -17.16 13.69
CA ASP B 323 7.16 -18.08 14.81
C ASP B 323 5.98 -18.03 15.71
N TRP B 324 5.71 -16.89 16.32
CA TRP B 324 4.60 -16.79 17.25
C TRP B 324 3.29 -17.34 16.67
N THR B 325 3.11 -17.26 15.36
CA THR B 325 1.90 -17.80 14.74
C THR B 325 1.85 -19.33 14.74
N ASP B 326 2.93 -20.01 14.32
CA ASP B 326 2.94 -21.47 14.32
C ASP B 326 2.67 -21.91 15.76
N GLU B 327 3.28 -21.20 16.71
CA GLU B 327 3.11 -21.50 18.11
C GLU B 327 1.64 -21.35 18.51
N PHE B 328 0.99 -20.28 18.05
CA PHE B 328 -0.43 -20.07 18.33
C PHE B 328 -1.28 -21.24 17.78
N LEU B 329 -1.07 -21.55 16.49
CA LEU B 329 -1.78 -22.62 15.84
C LEU B 329 -1.46 -23.97 16.45
N MET B 330 -0.18 -24.21 16.69
CA MET B 330 0.22 -25.46 17.27
C MET B 330 -0.57 -25.68 18.55
N LYS B 331 -0.53 -24.69 19.45
CA LYS B 331 -1.24 -24.81 20.71
C LYS B 331 -2.74 -25.01 20.49
N VAL B 332 -3.32 -24.31 19.52
CA VAL B 332 -4.75 -24.50 19.26
C VAL B 332 -4.94 -25.95 18.83
N SER B 333 -3.99 -26.45 18.06
CA SER B 333 -4.03 -27.83 17.60
C SER B 333 -3.91 -28.77 18.81
N GLU B 334 -3.08 -28.43 19.78
CA GLU B 334 -2.93 -29.28 20.95
C GLU B 334 -4.27 -29.37 21.70
N ILE B 335 -5.06 -28.28 21.62
CA ILE B 335 -6.32 -28.13 22.36
C ILE B 335 -7.62 -28.55 21.67
N SER B 336 -7.90 -28.03 20.49
CA SER B 336 -9.15 -28.37 19.86
C SER B 336 -9.17 -29.84 19.43
N GLY B 337 -7.98 -30.37 19.16
CA GLY B 337 -7.88 -31.75 18.72
C GLY B 337 -7.67 -31.82 17.22
N GLN B 338 -8.11 -30.79 16.52
CA GLN B 338 -7.99 -30.72 15.08
C GLN B 338 -6.54 -30.44 14.62
N PRO B 339 -6.14 -31.02 13.47
CA PRO B 339 -4.81 -30.83 12.91
C PRO B 339 -4.59 -29.43 12.37
N ILE B 340 -3.33 -29.10 12.11
CA ILE B 340 -3.04 -27.82 11.48
C ILE B 340 -3.32 -28.22 10.04
N PRO B 341 -4.40 -27.68 9.47
CA PRO B 341 -4.83 -27.97 8.09
C PRO B 341 -3.71 -27.79 7.10
N ALA B 342 -3.70 -28.58 6.04
CA ALA B 342 -2.67 -28.44 5.03
C ALA B 342 -2.78 -27.03 4.45
N SER B 343 -3.99 -26.49 4.52
CA SER B 343 -4.32 -25.16 4.06
C SER B 343 -3.42 -24.14 4.73
N LEU B 344 -3.52 -24.07 6.05
CA LEU B 344 -2.70 -23.17 6.83
C LEU B 344 -1.21 -23.37 6.64
N THR B 345 -0.78 -24.63 6.51
CA THR B 345 0.64 -24.92 6.33
C THR B 345 1.15 -24.30 5.04
N LYS B 346 0.33 -24.37 4.00
CA LYS B 346 0.69 -23.77 2.73
C LYS B 346 0.94 -22.29 3.02
N GLU B 347 -0.11 -21.62 3.48
CA GLU B 347 -0.05 -20.20 3.83
C GLU B 347 1.30 -19.88 4.46
N ARG B 348 1.65 -20.63 5.51
CA ARG B 348 2.93 -20.41 6.18
C ARG B 348 4.07 -20.36 5.14
N GLY B 349 4.24 -21.47 4.42
CA GLY B 349 5.26 -21.60 3.40
C GLY B 349 5.22 -20.48 2.39
N ARG B 350 4.02 -19.97 2.10
CA ARG B 350 3.88 -18.87 1.15
C ARG B 350 4.48 -17.61 1.75
N LEU B 351 4.42 -17.51 3.07
CA LEU B 351 4.97 -16.33 3.77
C LEU B 351 6.48 -16.41 3.79
N VAL B 352 7.01 -17.60 4.08
CA VAL B 352 8.46 -17.81 4.11
C VAL B 352 8.99 -17.60 2.71
N ASP B 353 8.14 -17.79 1.72
CA ASP B 353 8.56 -17.61 0.35
C ASP B 353 8.81 -16.14 0.10
N MET B 354 7.86 -15.30 0.53
CA MET B 354 7.97 -13.85 0.36
C MET B 354 9.18 -13.31 1.13
N MET B 355 9.57 -14.00 2.21
CA MET B 355 10.71 -13.59 3.02
C MET B 355 11.97 -13.87 2.24
N THR B 356 12.17 -15.11 1.82
CA THR B 356 13.35 -15.42 1.06
C THR B 356 13.39 -14.50 -0.14
N ASP B 357 12.25 -14.32 -0.80
CA ASP B 357 12.15 -13.45 -1.98
C ASP B 357 12.41 -11.96 -1.69
N SER B 358 12.02 -11.46 -0.53
CA SER B 358 12.23 -10.05 -0.20
C SER B 358 13.37 -9.79 0.78
N HIS B 359 13.98 -10.84 1.32
CA HIS B 359 15.04 -10.69 2.33
C HIS B 359 16.18 -9.69 2.10
N THR B 360 16.60 -9.53 0.84
CA THR B 360 17.68 -8.60 0.51
C THR B 360 17.42 -7.15 0.89
N TRP B 361 16.28 -6.63 0.47
CA TRP B 361 15.92 -5.25 0.73
C TRP B 361 15.66 -4.98 2.21
N LEU B 362 15.04 -5.93 2.90
CA LEU B 362 14.72 -5.77 4.30
C LEU B 362 15.91 -5.97 5.19
N HIS B 363 16.81 -6.84 4.80
CA HIS B 363 17.99 -7.10 5.64
C HIS B 363 18.75 -5.87 6.09
N GLY B 364 18.94 -5.73 7.39
CA GLY B 364 19.70 -4.62 7.93
C GLY B 364 19.03 -3.26 8.07
N LYS B 365 17.79 -3.11 7.62
CA LYS B 365 17.12 -1.82 7.74
C LYS B 365 16.85 -1.49 9.21
N ARG B 366 17.41 -0.38 9.68
CA ARG B 366 17.23 0.05 11.07
C ARG B 366 15.91 0.81 11.25
N PHE B 367 15.10 0.34 12.20
CA PHE B 367 13.82 0.98 12.49
C PHE B 367 13.63 1.49 13.89
N ALA B 368 12.68 2.40 14.01
CA ALA B 368 12.26 2.98 15.26
C ALA B 368 10.79 2.68 15.17
N LEU B 369 10.15 2.31 16.27
CA LEU B 369 8.75 1.94 16.23
C LEU B 369 8.14 2.08 17.61
N TRP B 370 6.82 2.09 17.67
CA TRP B 370 6.12 2.26 18.94
C TRP B 370 4.63 1.87 18.83
N GLY B 371 3.99 1.74 19.97
CA GLY B 371 2.59 1.38 19.99
C GLY B 371 2.24 0.78 21.34
N ASP B 372 1.29 -0.17 21.34
CA ASP B 372 0.92 -0.84 22.58
C ASP B 372 1.94 -1.91 22.92
N PRO B 373 1.92 -2.38 24.16
CA PRO B 373 2.85 -3.40 24.62
C PRO B 373 2.85 -4.69 23.82
N ASP B 374 1.68 -5.17 23.44
CA ASP B 374 1.63 -6.41 22.68
C ASP B 374 2.09 -6.18 21.25
N PHE B 375 1.58 -5.14 20.62
CA PHE B 375 1.93 -4.77 19.25
C PHE B 375 3.43 -4.66 19.07
N VAL B 376 4.07 -3.71 19.77
CA VAL B 376 5.51 -3.47 19.68
C VAL B 376 6.34 -4.74 19.93
N MET B 377 5.93 -5.52 20.93
CA MET B 377 6.59 -6.78 21.28
C MET B 377 6.39 -7.72 20.08
N GLY B 378 5.23 -7.61 19.45
CA GLY B 378 4.95 -8.43 18.29
C GLY B 378 5.79 -7.94 17.12
N LEU B 379 5.50 -6.73 16.64
CA LEU B 379 6.23 -6.13 15.52
C LEU B 379 7.73 -6.34 15.65
N VAL B 380 8.29 -5.86 16.75
CA VAL B 380 9.74 -6.00 16.99
C VAL B 380 10.17 -7.41 16.60
N LYS B 381 9.57 -8.41 17.24
CA LYS B 381 9.87 -9.81 16.99
C LYS B 381 10.00 -10.08 15.48
N PHE B 382 8.89 -9.92 14.76
CA PHE B 382 8.84 -10.15 13.33
C PHE B 382 9.90 -9.37 12.55
N LEU B 383 10.32 -8.22 13.09
CA LEU B 383 11.34 -7.41 12.47
C LEU B 383 12.67 -8.17 12.52
N LEU B 384 12.93 -8.89 13.62
CA LEU B 384 14.17 -9.66 13.76
C LEU B 384 14.12 -10.83 12.81
N GLU B 385 12.92 -11.39 12.63
CA GLU B 385 12.71 -12.52 11.73
C GLU B 385 13.10 -12.11 10.32
N LEU B 386 12.67 -10.93 9.89
CA LEU B 386 13.02 -10.41 8.56
C LEU B 386 14.46 -9.94 8.60
N GLY B 387 15.08 -9.79 9.72
CA GLY B 387 16.47 -9.37 9.67
C GLY B 387 16.71 -7.87 9.59
N CYS B 388 15.93 -7.12 10.37
CA CYS B 388 16.06 -5.66 10.46
C CYS B 388 16.51 -5.32 11.87
N GLU B 389 17.22 -4.21 12.05
CA GLU B 389 17.66 -3.82 13.37
C GLU B 389 16.60 -2.94 14.04
N PRO B 390 15.96 -3.43 15.12
CA PRO B 390 14.94 -2.64 15.80
C PRO B 390 15.55 -1.61 16.75
N VAL B 391 16.41 -0.75 16.23
CA VAL B 391 17.09 0.28 17.01
C VAL B 391 16.36 0.88 18.23
N HIS B 392 15.39 1.74 17.97
CA HIS B 392 14.64 2.40 19.04
C HIS B 392 13.22 1.85 19.17
N ILE B 393 12.94 1.21 20.27
CA ILE B 393 11.64 0.61 20.54
C ILE B 393 10.98 1.37 21.69
N LEU B 394 9.95 2.15 21.41
CA LEU B 394 9.25 2.89 22.45
C LEU B 394 7.85 2.35 22.68
N CYS B 395 7.44 2.31 23.93
CA CYS B 395 6.14 1.83 24.35
C CYS B 395 5.79 2.68 25.58
N HIS B 396 4.99 3.72 25.36
CA HIS B 396 4.62 4.68 26.42
C HIS B 396 3.82 4.15 27.60
N ASN B 397 3.09 3.07 27.38
CA ASN B 397 2.22 2.49 28.42
C ASN B 397 2.72 1.14 28.87
N GLY B 398 4.00 0.88 28.57
CA GLY B 398 4.61 -0.38 28.93
C GLY B 398 5.09 -0.40 30.34
N ASN B 399 5.45 -1.59 30.80
CA ASN B 399 5.93 -1.68 32.16
C ASN B 399 7.22 -2.45 32.23
N LYS B 400 7.74 -2.53 33.44
CA LYS B 400 9.01 -3.22 33.73
C LYS B 400 9.09 -4.70 33.34
N ARG B 401 8.14 -5.52 33.79
CA ARG B 401 8.07 -6.94 33.50
C ARG B 401 8.02 -7.10 31.98
N TRP B 402 7.35 -6.17 31.32
CA TRP B 402 7.23 -6.15 29.86
C TRP B 402 8.60 -5.85 29.24
N LYS B 403 9.10 -4.63 29.46
CA LYS B 403 10.41 -4.22 28.96
C LYS B 403 11.41 -5.35 28.96
N LYS B 404 11.64 -5.93 30.14
CA LYS B 404 12.56 -7.06 30.28
C LYS B 404 12.23 -8.18 29.30
N ALA B 405 10.98 -8.56 29.25
CA ALA B 405 10.57 -9.60 28.34
C ALA B 405 11.01 -9.29 26.92
N VAL B 406 10.84 -8.04 26.52
CA VAL B 406 11.21 -7.64 25.18
C VAL B 406 12.71 -7.68 25.00
N ASP B 407 13.46 -7.09 25.93
CA ASP B 407 14.91 -7.08 25.82
C ASP B 407 15.40 -8.46 25.48
N ALA B 408 14.92 -9.45 26.24
CA ALA B 408 15.30 -10.86 26.05
C ALA B 408 15.01 -11.37 24.63
N ILE B 409 13.89 -10.94 24.07
CA ILE B 409 13.50 -11.34 22.73
C ILE B 409 14.53 -10.75 21.78
N LEU B 410 15.18 -9.68 22.22
CA LEU B 410 16.19 -8.99 21.42
C LEU B 410 17.58 -9.56 21.65
N ALA B 411 17.78 -10.15 22.82
CA ALA B 411 19.07 -10.73 23.17
C ALA B 411 19.30 -11.99 22.31
N ALA B 412 18.20 -12.56 21.84
CA ALA B 412 18.22 -13.80 21.05
C ALA B 412 18.79 -13.68 19.65
N SER B 413 18.48 -12.62 18.93
CA SER B 413 19.00 -12.47 17.58
C SER B 413 20.08 -11.42 17.45
N PRO B 414 21.05 -11.61 16.55
CA PRO B 414 22.14 -10.66 16.28
C PRO B 414 21.67 -9.29 15.80
N TYR B 415 20.45 -9.22 15.25
CA TYR B 415 19.83 -8.01 14.68
C TYR B 415 19.25 -7.12 15.74
N GLY B 416 19.01 -7.74 16.88
CA GLY B 416 18.45 -7.03 17.99
C GLY B 416 19.41 -6.46 19.00
N LYS B 417 20.65 -6.93 19.06
CA LYS B 417 21.52 -6.39 20.10
C LYS B 417 21.88 -4.90 20.00
N ASN B 418 21.44 -4.23 18.96
CA ASN B 418 21.75 -2.82 18.76
C ASN B 418 20.51 -1.93 19.04
N ALA B 419 19.51 -2.50 19.72
CA ALA B 419 18.26 -1.81 20.02
C ALA B 419 18.01 -1.57 21.48
N THR B 420 17.39 -0.47 21.82
CA THR B 420 17.08 -0.15 23.20
C THR B 420 15.58 -0.06 23.37
N VAL B 421 15.08 -0.34 24.57
CA VAL B 421 13.64 -0.29 24.82
C VAL B 421 13.35 1.00 25.57
N TYR B 422 12.11 1.46 25.49
CA TYR B 422 11.72 2.68 26.18
C TYR B 422 10.30 2.61 26.67
N ILE B 423 10.12 2.69 27.98
CA ILE B 423 8.77 2.66 28.53
C ILE B 423 8.57 3.90 29.37
N GLY B 424 7.34 4.35 29.45
CA GLY B 424 7.07 5.56 30.22
C GLY B 424 7.70 6.78 29.56
N LYS B 425 8.05 6.66 28.30
CA LYS B 425 8.64 7.74 27.56
C LYS B 425 7.67 8.11 26.44
N ASP B 426 7.39 9.41 26.28
CA ASP B 426 6.44 9.86 25.27
C ASP B 426 7.08 10.12 23.93
N LEU B 427 6.24 10.37 22.92
CA LEU B 427 6.68 10.64 21.55
C LEU B 427 7.82 11.64 21.40
N TRP B 428 7.67 12.78 22.05
CA TRP B 428 8.69 13.84 22.04
C TRP B 428 10.09 13.32 22.39
N HIS B 429 10.17 12.15 23.03
CA HIS B 429 11.45 11.54 23.37
C HIS B 429 11.98 10.88 22.13
N LEU B 430 11.08 10.23 21.42
CA LEU B 430 11.44 9.53 20.20
C LEU B 430 11.81 10.52 19.13
N ARG B 431 11.33 11.75 19.23
CA ARG B 431 11.68 12.78 18.24
C ARG B 431 13.21 12.93 18.32
N SER B 432 13.72 12.89 19.53
CA SER B 432 15.16 13.00 19.77
C SER B 432 15.87 11.75 19.25
N LEU B 433 15.48 10.57 19.74
CA LEU B 433 16.09 9.31 19.29
C LEU B 433 16.36 9.21 17.76
N VAL B 434 15.39 9.63 16.94
CA VAL B 434 15.56 9.56 15.50
C VAL B 434 16.47 10.63 14.94
N PHE B 435 16.89 11.57 15.80
CA PHE B 435 17.79 12.63 15.39
C PHE B 435 19.22 12.28 15.79
N THR B 436 19.41 11.84 17.03
CA THR B 436 20.76 11.50 17.48
C THR B 436 21.29 10.18 16.89
N ASP B 437 20.40 9.21 16.70
CA ASP B 437 20.74 7.91 16.12
C ASP B 437 19.61 7.68 15.11
N LYS B 438 19.74 8.25 13.91
CA LYS B 438 18.70 8.19 12.88
C LYS B 438 18.37 6.83 12.27
N PRO B 439 17.03 6.54 12.32
CA PRO B 439 16.41 5.40 11.61
C PRO B 439 16.45 5.45 10.10
N ASP B 440 15.79 4.49 9.56
CA ASP B 440 15.56 4.42 8.16
C ASP B 440 14.13 4.97 7.97
N PHE B 441 13.25 4.39 8.81
CA PHE B 441 11.85 4.70 8.86
C PHE B 441 11.31 4.56 10.28
N MET B 442 10.06 4.97 10.45
CA MET B 442 9.34 4.87 11.73
C MET B 442 8.11 4.03 11.45
N ILE B 443 7.66 3.30 12.46
CA ILE B 443 6.47 2.48 12.29
C ILE B 443 5.57 2.82 13.44
N GLY B 444 4.62 3.71 13.19
CA GLY B 444 3.70 4.12 14.23
C GLY B 444 2.39 4.65 13.70
N ASN B 445 1.72 5.48 14.49
CA ASN B 445 0.43 6.08 14.13
C ASN B 445 0.58 7.41 13.42
N SER B 446 -0.54 8.07 13.16
CA SER B 446 -0.49 9.36 12.47
C SER B 446 0.27 10.43 13.25
N TYR B 447 0.33 10.26 14.56
CA TYR B 447 1.05 11.21 15.41
C TYR B 447 2.54 11.30 15.04
N GLY B 448 3.05 10.25 14.40
CA GLY B 448 4.45 10.23 13.99
C GLY B 448 4.64 10.99 12.72
N LYS B 449 3.60 11.71 12.32
CA LYS B 449 3.63 12.51 11.08
C LYS B 449 4.53 13.72 11.29
N PHE B 450 4.54 14.23 12.53
CA PHE B 450 5.30 15.40 12.89
C PHE B 450 6.76 15.11 13.18
N ILE B 451 7.07 13.94 13.73
CA ILE B 451 8.46 13.60 13.99
C ILE B 451 9.08 13.51 12.59
N GLN B 452 8.29 13.05 11.61
CA GLN B 452 8.75 12.94 10.23
C GLN B 452 9.08 14.33 9.70
N ARG B 453 8.11 15.23 9.76
CA ARG B 453 8.29 16.60 9.30
C ARG B 453 9.52 17.27 9.91
N ASP B 454 9.65 17.18 11.22
CA ASP B 454 10.78 17.78 11.93
C ASP B 454 12.15 17.26 11.48
N THR B 455 12.19 16.03 10.99
CA THR B 455 13.46 15.47 10.52
C THR B 455 13.79 16.05 9.16
N LEU B 456 12.76 16.36 8.39
CA LEU B 456 12.95 16.93 7.06
C LEU B 456 13.46 18.36 7.15
N HIS B 457 12.84 19.16 8.03
CA HIS B 457 13.28 20.54 8.17
C HIS B 457 14.79 20.58 8.42
N LYS B 458 15.32 19.58 9.09
CA LYS B 458 16.75 19.52 9.36
C LYS B 458 17.53 19.25 8.10
N GLY B 459 17.04 18.33 7.28
CA GLY B 459 17.72 18.00 6.05
C GLY B 459 17.10 16.80 5.39
N LYS B 460 16.89 16.88 4.08
CA LYS B 460 16.28 15.78 3.34
C LYS B 460 17.05 14.50 3.61
N GLU B 461 18.36 14.63 3.79
CA GLU B 461 19.19 13.46 4.04
C GLU B 461 18.93 12.92 5.44
N PHE B 462 18.26 13.71 6.28
CA PHE B 462 17.97 13.32 7.66
C PHE B 462 16.51 12.92 7.92
N GLU B 463 15.66 13.14 6.94
CA GLU B 463 14.24 12.82 7.02
C GLU B 463 14.01 11.34 7.25
N VAL B 464 13.11 11.03 8.18
CA VAL B 464 12.77 9.66 8.53
C VAL B 464 11.30 9.42 8.14
N PRO B 465 11.07 8.73 7.01
CA PRO B 465 9.72 8.43 6.54
C PRO B 465 8.92 7.65 7.57
N LEU B 466 7.62 7.90 7.62
CA LEU B 466 6.74 7.21 8.56
C LEU B 466 5.82 6.16 7.92
N ILE B 467 6.03 4.90 8.31
CA ILE B 467 5.23 3.77 7.87
C ILE B 467 4.16 3.63 8.93
N ARG B 468 2.88 3.79 8.53
CA ARG B 468 1.76 3.75 9.46
C ARG B 468 1.11 2.41 9.76
N ILE B 469 1.49 1.85 10.90
CA ILE B 469 0.96 0.57 11.41
C ILE B 469 0.62 0.87 12.86
N GLY B 470 -0.59 0.55 13.28
CA GLY B 470 -0.98 0.81 14.64
C GLY B 470 -2.27 1.57 14.81
N PHE B 471 -2.28 2.53 15.73
CA PHE B 471 -3.47 3.33 16.04
C PHE B 471 -3.09 4.58 16.79
N PRO B 472 -3.66 5.72 16.43
CA PRO B 472 -4.59 5.96 15.33
C PRO B 472 -3.91 6.02 13.94
N ILE B 473 -4.72 6.26 12.94
CA ILE B 473 -4.27 6.42 11.57
C ILE B 473 -5.39 7.25 10.99
N PHE B 474 -5.22 8.56 11.14
CA PHE B 474 -6.18 9.56 10.68
C PHE B 474 -5.84 10.15 9.31
N ASP B 475 -4.57 10.35 9.01
CA ASP B 475 -4.19 10.94 7.74
C ASP B 475 -4.28 10.03 6.52
N ARG B 476 -4.73 8.79 6.71
CA ARG B 476 -4.89 7.83 5.62
C ARG B 476 -6.29 7.20 5.70
N HIS B 477 -6.72 6.54 4.62
CA HIS B 477 -8.06 5.92 4.59
C HIS B 477 -8.11 4.39 4.47
N HIS B 478 -9.07 3.80 5.18
CA HIS B 478 -9.33 2.36 5.15
C HIS B 478 -8.21 1.39 5.45
N LEU B 479 -7.30 1.76 6.34
CA LEU B 479 -6.23 0.86 6.70
C LEU B 479 -6.72 -0.03 7.81
N HIS B 480 -7.72 0.44 8.53
CA HIS B 480 -8.30 -0.32 9.63
C HIS B 480 -8.76 -1.70 9.18
N ARG B 481 -8.92 -1.88 7.88
CA ARG B 481 -9.38 -3.13 7.35
C ARG B 481 -8.32 -4.22 7.14
N SER B 482 -7.05 -3.84 7.18
CA SER B 482 -5.94 -4.79 6.99
C SER B 482 -5.68 -5.65 8.24
N THR B 483 -4.69 -6.53 8.17
CA THR B 483 -4.38 -7.39 9.29
C THR B 483 -2.91 -7.37 9.70
N THR B 484 -2.65 -7.49 11.00
CA THR B 484 -1.27 -7.50 11.52
C THR B 484 -0.96 -8.75 12.33
N LEU B 485 -1.96 -9.61 12.49
CA LEU B 485 -1.82 -10.86 13.24
C LEU B 485 -1.68 -12.09 12.32
N GLY B 486 -0.95 -13.09 12.78
CA GLY B 486 -0.78 -14.29 11.99
C GLY B 486 -0.24 -14.14 10.59
N TYR B 487 -0.03 -15.28 9.92
CA TYR B 487 0.51 -15.33 8.56
C TYR B 487 -0.09 -14.28 7.67
N GLU B 488 -1.42 -14.31 7.51
CA GLU B 488 -2.08 -13.34 6.63
C GLU B 488 -1.58 -11.93 6.91
N GLY B 489 -1.84 -11.45 8.11
CA GLY B 489 -1.42 -10.10 8.48
C GLY B 489 0.07 -9.87 8.38
N ALA B 490 0.84 -10.94 8.28
CA ALA B 490 2.28 -10.80 8.19
C ALA B 490 2.73 -10.66 6.76
N MET B 491 1.91 -11.14 5.82
CA MET B 491 2.22 -11.05 4.40
C MET B 491 2.21 -9.57 4.08
N GLN B 492 1.25 -8.88 4.69
CA GLN B 492 1.11 -7.48 4.50
C GLN B 492 2.20 -6.66 5.19
N ILE B 493 2.46 -6.88 6.47
CA ILE B 493 3.50 -6.11 7.15
C ILE B 493 4.74 -6.04 6.26
N LEU B 494 5.18 -7.21 5.81
CA LEU B 494 6.35 -7.35 4.96
C LEU B 494 6.27 -6.52 3.68
N THR B 495 5.22 -6.74 2.90
CA THR B 495 5.06 -6.02 1.64
C THR B 495 5.11 -4.51 1.90
N THR B 496 4.43 -4.08 2.99
CA THR B 496 4.38 -2.67 3.36
C THR B 496 5.77 -2.06 3.51
N LEU B 497 6.71 -2.82 4.06
CA LEU B 497 8.07 -2.34 4.24
C LEU B 497 8.98 -2.45 3.02
N VAL B 498 9.05 -3.63 2.42
CA VAL B 498 9.89 -3.82 1.24
C VAL B 498 9.51 -2.77 0.24
N ASN B 499 8.21 -2.56 0.06
CA ASN B 499 7.75 -1.56 -0.88
C ASN B 499 7.87 -0.16 -0.27
N SER B 500 8.02 -0.08 1.05
CA SER B 500 8.19 1.22 1.72
C SER B 500 9.62 1.67 1.45
N ILE B 501 10.50 0.69 1.39
CA ILE B 501 11.92 0.88 1.15
C ILE B 501 12.13 1.13 -0.33
N LEU B 502 11.61 0.22 -1.14
CA LEU B 502 11.73 0.36 -2.58
C LEU B 502 11.28 1.75 -3.06
N GLU B 503 10.21 2.28 -2.46
CA GLU B 503 9.73 3.59 -2.84
C GLU B 503 10.73 4.67 -2.56
N ARG B 504 11.28 4.68 -1.35
CA ARG B 504 12.29 5.67 -0.97
C ARG B 504 13.47 5.60 -1.94
N LEU B 505 13.97 4.40 -2.20
CA LEU B 505 15.09 4.26 -3.12
C LEU B 505 14.74 4.88 -4.46
N ASP B 506 13.48 4.79 -4.88
CA ASP B 506 13.04 5.36 -6.15
C ASP B 506 13.04 6.87 -6.06
N GLU B 507 12.74 7.41 -4.88
CA GLU B 507 12.71 8.84 -4.71
C GLU B 507 14.14 9.36 -4.51
N GLU B 508 14.95 8.65 -3.73
CA GLU B 508 16.32 9.10 -3.49
C GLU B 508 17.09 9.06 -4.80
N THR B 509 16.72 8.15 -5.69
CA THR B 509 17.41 8.00 -6.95
C THR B 509 16.67 8.45 -8.21
N ARG B 510 15.61 9.24 -8.09
CA ARG B 510 14.91 9.68 -9.31
C ARG B 510 15.44 10.97 -9.96
N GLY B 511 16.68 11.38 -9.60
CA GLY B 511 17.29 12.60 -10.13
C GLY B 511 17.94 12.40 -11.49
N MET B 512 17.54 13.18 -12.47
CA MET B 512 18.10 13.02 -13.81
C MET B 512 19.57 13.32 -13.96
N GLN B 513 20.30 12.36 -14.54
CA GLN B 513 21.72 12.55 -14.71
C GLN B 513 22.34 12.89 -13.36
N ALA B 514 21.90 12.30 -12.29
CA ALA B 514 22.50 12.54 -10.96
C ALA B 514 22.44 11.25 -10.13
N THR B 515 21.23 10.83 -9.77
CA THR B 515 21.03 9.63 -8.96
C THR B 515 20.31 8.51 -9.73
N ASP B 516 19.79 8.84 -10.91
CA ASP B 516 19.02 7.92 -11.73
C ASP B 516 19.76 6.73 -12.31
N TYR B 517 21.07 6.64 -12.10
CA TYR B 517 21.75 5.50 -12.68
C TYR B 517 21.30 4.30 -11.89
N ASN B 518 21.02 4.45 -10.60
CA ASN B 518 20.58 3.32 -9.79
C ASN B 518 19.06 3.13 -9.84
N HIS B 519 18.44 3.71 -10.86
CA HIS B 519 16.99 3.64 -11.01
C HIS B 519 16.59 2.32 -11.69
N ASP B 520 17.13 1.21 -11.19
CA ASP B 520 16.85 -0.12 -11.75
C ASP B 520 15.38 -0.31 -12.10
N LEU B 521 15.08 -0.86 -13.28
CA LEU B 521 13.68 -1.10 -13.66
C LEU B 521 13.12 -2.20 -12.75
N VAL B 522 13.96 -3.17 -12.39
CA VAL B 522 13.52 -4.27 -11.53
C VAL B 522 14.32 -4.38 -10.24
N ARG B 523 13.65 -4.73 -9.16
CA ARG B 523 14.32 -4.88 -7.87
C ARG B 523 13.83 -6.11 -7.10
N SER C 5 35.17 -38.14 -2.67
CA SER C 5 34.29 -37.74 -3.80
C SER C 5 35.07 -37.85 -5.11
N ARG C 6 35.57 -39.03 -5.43
CA ARG C 6 36.33 -39.18 -6.67
C ARG C 6 35.47 -39.80 -7.78
N GLU C 7 35.01 -41.04 -7.57
CA GLU C 7 34.20 -41.66 -8.60
C GLU C 7 32.74 -41.17 -8.52
N GLU C 8 32.38 -40.52 -7.42
CA GLU C 8 31.03 -39.99 -7.21
C GLU C 8 30.37 -39.24 -8.38
N VAL C 9 30.99 -38.16 -8.84
CA VAL C 9 30.42 -37.37 -9.93
C VAL C 9 30.00 -38.24 -11.10
N GLU C 10 30.78 -39.28 -11.37
CA GLU C 10 30.48 -40.20 -12.47
C GLU C 10 29.24 -41.06 -12.17
N SER C 11 29.09 -41.47 -10.91
CA SER C 11 27.93 -42.26 -10.51
C SER C 11 26.75 -41.29 -10.34
N LEU C 12 27.06 -40.00 -10.29
CA LEU C 12 26.07 -38.94 -10.16
C LEU C 12 25.61 -38.55 -11.54
N ILE C 13 26.57 -38.33 -12.46
CA ILE C 13 26.32 -37.87 -13.84
C ILE C 13 25.53 -38.81 -14.73
N GLN C 14 26.03 -40.02 -14.85
CA GLN C 14 25.33 -40.95 -15.70
C GLN C 14 24.04 -41.46 -15.04
N GLU C 15 23.89 -41.15 -13.74
CA GLU C 15 22.65 -41.49 -13.06
C GLU C 15 21.63 -40.39 -13.42
N VAL C 16 22.10 -39.14 -13.47
CA VAL C 16 21.26 -38.00 -13.84
C VAL C 16 20.89 -38.13 -15.33
N LEU C 17 21.91 -38.43 -16.14
CA LEU C 17 21.72 -38.60 -17.57
C LEU C 17 20.88 -39.84 -17.83
N GLU C 18 20.89 -40.75 -16.86
CA GLU C 18 20.12 -42.00 -17.00
C GLU C 18 18.74 -41.83 -17.60
N VAL C 19 18.06 -40.75 -17.23
CA VAL C 19 16.71 -40.48 -17.73
C VAL C 19 16.61 -40.12 -19.23
N TYR C 20 17.66 -39.50 -19.77
CA TYR C 20 17.72 -39.07 -21.16
C TYR C 20 17.66 -40.13 -22.25
N PRO C 21 16.69 -40.02 -23.15
CA PRO C 21 16.52 -40.95 -24.27
C PRO C 21 17.86 -41.03 -24.99
N GLU C 22 18.17 -42.12 -25.68
CA GLU C 22 19.50 -42.24 -26.28
C GLU C 22 20.05 -41.13 -27.18
N LYS C 23 19.20 -40.37 -27.86
CA LYS C 23 19.70 -39.28 -28.70
C LYS C 23 20.39 -38.23 -27.83
N ALA C 24 19.64 -37.70 -26.86
CA ALA C 24 20.15 -36.68 -25.95
C ALA C 24 21.14 -37.28 -24.98
N ARG C 25 20.88 -38.52 -24.56
CA ARG C 25 21.75 -39.21 -23.62
C ARG C 25 23.23 -39.10 -23.97
N LYS C 26 23.64 -39.68 -25.10
CA LYS C 26 25.05 -39.61 -25.48
C LYS C 26 25.58 -38.18 -25.43
N ASP C 27 24.83 -37.25 -26.04
CA ASP C 27 25.23 -35.84 -26.08
C ASP C 27 25.56 -35.19 -24.73
N ARG C 28 24.56 -35.09 -23.86
CA ARG C 28 24.76 -34.45 -22.56
C ARG C 28 25.91 -35.06 -21.76
N ASN C 29 26.03 -36.38 -21.79
CA ASN C 29 27.10 -37.05 -21.06
C ASN C 29 28.48 -36.48 -21.34
N LYS C 30 28.61 -35.69 -22.40
CA LYS C 30 29.90 -35.10 -22.75
C LYS C 30 30.01 -33.65 -22.38
N HIS C 31 28.92 -33.05 -21.91
CA HIS C 31 28.95 -31.64 -21.53
C HIS C 31 29.32 -31.47 -20.05
N LEU C 32 29.21 -32.55 -19.28
CA LEU C 32 29.53 -32.50 -17.87
C LEU C 32 30.54 -33.58 -17.51
N ALA C 33 31.74 -33.15 -17.10
CA ALA C 33 32.80 -34.07 -16.72
C ALA C 33 33.57 -33.59 -15.49
N VAL C 34 34.23 -34.52 -14.80
CA VAL C 34 35.01 -34.22 -13.61
C VAL C 34 36.27 -33.44 -13.98
N ASN C 35 36.56 -32.38 -13.21
CA ASN C 35 37.69 -31.49 -13.46
C ASN C 35 39.05 -31.91 -12.86
N ASP C 36 40.03 -32.15 -13.71
CA ASP C 36 41.37 -32.50 -13.22
C ASP C 36 42.17 -31.20 -13.25
N PRO C 37 42.61 -30.71 -12.09
CA PRO C 37 43.38 -29.47 -12.04
C PRO C 37 44.50 -29.26 -13.07
N ALA C 38 44.86 -30.29 -13.88
CA ALA C 38 46.05 -30.11 -14.74
C ALA C 38 45.94 -30.21 -16.30
N VAL C 39 44.83 -30.65 -16.87
CA VAL C 39 44.72 -30.82 -18.33
C VAL C 39 44.64 -29.47 -19.05
N THR C 40 45.30 -29.25 -20.19
CA THR C 40 45.19 -27.89 -20.73
C THR C 40 44.29 -27.75 -21.99
N GLN C 41 43.45 -28.71 -22.21
CA GLN C 41 42.51 -28.70 -23.32
C GLN C 41 41.25 -29.37 -22.76
N SER C 42 40.07 -28.90 -23.20
CA SER C 42 38.93 -29.64 -22.67
C SER C 42 38.40 -30.60 -23.74
N LYS C 43 39.10 -30.70 -24.86
CA LYS C 43 38.64 -31.58 -25.93
C LYS C 43 38.73 -33.05 -25.51
N LYS C 44 39.49 -33.33 -24.45
CA LYS C 44 39.61 -34.70 -23.94
C LYS C 44 38.67 -34.84 -22.74
N CYS C 45 38.54 -33.76 -21.98
CA CYS C 45 37.72 -33.77 -20.77
C CYS C 45 36.22 -33.43 -20.88
N ILE C 46 35.89 -32.32 -21.54
CA ILE C 46 34.50 -31.87 -21.65
C ILE C 46 34.24 -31.15 -22.98
N ILE C 47 32.98 -31.02 -23.37
CA ILE C 47 32.70 -30.30 -24.59
C ILE C 47 31.75 -29.15 -24.31
N SER C 48 31.87 -28.11 -25.11
CA SER C 48 31.04 -26.91 -24.99
C SER C 48 30.79 -26.32 -26.37
N ASN C 49 29.88 -25.34 -26.42
CA ASN C 49 29.53 -24.62 -27.66
C ASN C 49 28.83 -25.36 -28.79
N LYS C 50 28.07 -26.40 -28.45
CA LYS C 50 27.34 -27.16 -29.46
C LYS C 50 25.83 -26.87 -29.33
N LYS C 51 25.04 -27.41 -30.25
CA LYS C 51 23.61 -27.19 -30.23
C LYS C 51 22.96 -27.74 -28.97
N SER C 52 21.90 -27.07 -28.54
CA SER C 52 21.17 -27.46 -27.33
C SER C 52 20.07 -28.45 -27.72
N GLN C 53 19.87 -29.48 -26.90
CA GLN C 53 18.85 -30.47 -27.19
C GLN C 53 17.47 -29.92 -26.91
N PRO C 54 16.51 -30.16 -27.81
CA PRO C 54 15.13 -29.69 -27.67
C PRO C 54 14.45 -30.01 -26.34
N GLY C 55 13.34 -29.31 -26.07
CA GLY C 55 12.53 -29.44 -24.87
C GLY C 55 13.28 -29.69 -23.56
N LEU C 56 14.34 -28.92 -23.27
CA LEU C 56 15.01 -29.24 -22.01
C LEU C 56 15.21 -28.13 -20.95
N MET C 57 14.63 -26.97 -21.06
CA MET C 57 14.86 -26.00 -19.95
C MET C 57 16.25 -25.38 -19.95
N THR C 58 16.70 -24.94 -21.11
CA THR C 58 18.00 -24.30 -21.22
C THR C 58 17.90 -22.85 -20.75
N ILE C 59 19.05 -22.23 -20.47
CA ILE C 59 19.04 -20.85 -20.06
C ILE C 59 19.73 -20.09 -21.17
N ARG C 60 20.33 -20.83 -22.10
CA ARG C 60 21.03 -20.20 -23.21
C ARG C 60 20.11 -19.23 -23.91
N GLY C 61 20.69 -18.16 -24.44
CA GLY C 61 19.88 -17.19 -25.14
C GLY C 61 19.99 -17.34 -26.63
N CYS C 62 20.02 -16.23 -27.36
CA CYS C 62 20.13 -16.27 -28.79
C CYS C 62 21.18 -15.26 -29.21
N ALA C 63 21.42 -15.13 -30.52
CA ALA C 63 22.39 -14.18 -31.05
C ALA C 63 21.97 -12.73 -30.74
N TYR C 64 20.67 -12.53 -30.51
CA TYR C 64 20.12 -11.20 -30.19
C TYR C 64 20.54 -10.76 -28.80
N ALA C 65 20.37 -11.65 -27.83
CA ALA C 65 20.75 -11.33 -26.46
C ALA C 65 22.20 -10.85 -26.47
N GLY C 66 23.02 -11.41 -27.34
CA GLY C 66 24.41 -11.01 -27.41
C GLY C 66 24.73 -9.69 -28.08
N SER C 67 24.03 -9.35 -29.16
CA SER C 67 24.31 -8.12 -29.87
C SER C 67 23.54 -6.87 -29.40
N LYS C 68 22.26 -7.03 -29.07
CA LYS C 68 21.45 -5.88 -28.62
C LYS C 68 21.42 -5.94 -27.10
N GLY C 69 21.53 -7.15 -26.57
CA GLY C 69 21.48 -7.30 -25.13
C GLY C 69 22.76 -6.92 -24.40
N VAL C 70 23.86 -7.58 -24.73
CA VAL C 70 25.14 -7.33 -24.08
C VAL C 70 26.05 -6.29 -24.72
N VAL C 71 26.24 -6.36 -26.03
CA VAL C 71 27.17 -5.46 -26.69
C VAL C 71 26.69 -4.10 -27.12
N TRP C 72 25.65 -4.00 -27.92
CA TRP C 72 25.22 -2.68 -28.33
C TRP C 72 24.38 -1.94 -27.30
N GLY C 73 23.32 -2.57 -26.82
CA GLY C 73 22.47 -1.94 -25.82
C GLY C 73 23.18 -0.86 -24.99
N PRO C 74 24.31 -1.19 -24.39
CA PRO C 74 25.12 -0.33 -23.56
C PRO C 74 25.64 1.00 -24.11
N ILE C 75 25.64 1.22 -25.41
CA ILE C 75 26.19 2.49 -25.90
C ILE C 75 25.16 3.58 -25.65
N LYS C 76 25.42 4.39 -24.61
CA LYS C 76 24.50 5.43 -24.15
C LYS C 76 24.20 6.65 -25.03
N ASP C 77 25.07 6.98 -25.98
CA ASP C 77 24.81 8.13 -26.83
C ASP C 77 24.32 7.74 -28.21
N MET C 78 23.86 6.50 -28.34
CA MET C 78 23.34 5.95 -29.60
C MET C 78 21.91 5.45 -29.37
N ILE C 79 21.19 5.18 -30.46
CA ILE C 79 19.82 4.66 -30.37
C ILE C 79 19.78 3.31 -31.07
N HIS C 80 19.72 2.24 -30.28
CA HIS C 80 19.69 0.88 -30.81
C HIS C 80 18.27 0.46 -31.13
N ILE C 81 18.02 0.30 -32.42
CA ILE C 81 16.72 -0.08 -32.93
C ILE C 81 16.54 -1.59 -32.98
N SER C 82 15.59 -2.06 -32.21
CA SER C 82 15.24 -3.45 -32.27
C SER C 82 14.42 -3.62 -33.54
N HIS C 83 15.06 -4.11 -34.61
CA HIS C 83 14.40 -4.36 -35.88
C HIS C 83 13.80 -5.75 -35.88
N GLY C 84 12.49 -5.83 -36.04
CA GLY C 84 11.76 -7.08 -36.04
C GLY C 84 10.50 -6.84 -35.23
N PRO C 85 9.77 -7.89 -34.85
CA PRO C 85 8.54 -7.79 -34.05
C PRO C 85 8.68 -7.05 -32.71
N VAL C 86 7.60 -7.07 -31.92
CA VAL C 86 7.54 -6.33 -30.66
C VAL C 86 8.08 -6.95 -29.37
N GLY C 87 7.95 -8.26 -29.21
CA GLY C 87 8.42 -8.92 -27.99
C GLY C 87 9.84 -8.66 -27.49
N CYS C 88 10.84 -9.06 -28.26
CA CYS C 88 12.23 -8.87 -27.88
C CYS C 88 12.47 -7.53 -27.22
N GLY C 89 12.30 -6.47 -28.00
CA GLY C 89 12.51 -5.13 -27.48
C GLY C 89 11.96 -4.91 -26.10
N GLN C 90 10.69 -5.25 -25.90
CA GLN C 90 10.03 -5.05 -24.61
C GLN C 90 10.28 -6.15 -23.58
N TYR C 91 11.28 -6.99 -23.80
CA TYR C 91 11.60 -8.04 -22.83
C TYR C 91 12.96 -7.74 -22.27
N SER C 92 13.72 -6.90 -22.97
CA SER C 92 15.05 -6.53 -22.51
C SER C 92 15.15 -5.07 -22.07
N ARG C 93 14.04 -4.32 -22.11
CA ARG C 93 14.12 -2.93 -21.71
C ARG C 93 14.57 -2.89 -20.25
N ALA C 94 15.75 -2.34 -20.01
CA ALA C 94 16.32 -2.23 -18.66
C ALA C 94 16.51 -3.56 -17.92
N GLY C 95 16.62 -4.65 -18.68
CA GLY C 95 16.86 -5.94 -18.04
C GLY C 95 18.28 -6.02 -17.48
N ARG C 96 19.24 -5.64 -18.30
CA ARG C 96 20.64 -5.63 -17.92
C ARG C 96 20.87 -4.39 -17.07
N ARG C 97 21.71 -4.53 -16.06
CA ARG C 97 22.00 -3.42 -15.18
C ARG C 97 23.29 -2.66 -15.51
N ASN C 98 23.57 -2.49 -16.79
CA ASN C 98 24.76 -1.74 -17.16
C ASN C 98 24.44 -0.27 -16.99
N TYR C 99 24.99 0.36 -15.92
CA TYR C 99 24.79 1.78 -15.55
C TYR C 99 25.53 2.79 -16.42
N TYR C 100 24.97 3.99 -16.42
CA TYR C 100 25.46 5.05 -17.23
C TYR C 100 24.98 6.38 -16.75
N ILE C 101 25.61 7.42 -17.24
CA ILE C 101 25.26 8.79 -16.91
C ILE C 101 24.70 9.49 -18.14
N GLY C 102 23.88 10.50 -17.92
CA GLY C 102 23.31 11.26 -19.03
C GLY C 102 21.84 11.54 -18.85
N THR C 103 21.24 12.16 -19.84
CA THR C 103 19.83 12.46 -19.75
C THR C 103 19.05 11.54 -20.68
N THR C 104 18.56 10.42 -20.15
CA THR C 104 17.81 9.49 -20.97
C THR C 104 16.61 10.15 -21.65
N GLY C 105 16.49 9.92 -22.95
CA GLY C 105 15.42 10.49 -23.73
C GLY C 105 15.96 11.67 -24.51
N VAL C 106 16.85 12.41 -23.87
CA VAL C 106 17.46 13.59 -24.48
C VAL C 106 18.83 13.26 -25.08
N ASN C 107 19.77 12.90 -24.21
CA ASN C 107 21.11 12.59 -24.62
C ASN C 107 21.37 11.10 -24.76
N ALA C 108 20.95 10.33 -23.75
CA ALA C 108 21.14 8.89 -23.72
C ALA C 108 19.83 8.19 -24.02
N PHE C 109 19.89 6.93 -24.43
CA PHE C 109 18.69 6.17 -24.76
C PHE C 109 18.82 4.67 -24.42
N VAL C 110 19.45 4.36 -23.29
CA VAL C 110 19.67 2.95 -22.88
C VAL C 110 18.52 2.24 -22.18
N THR C 111 17.94 2.85 -21.17
CA THR C 111 16.78 2.21 -20.48
C THR C 111 15.55 2.36 -21.39
N MET C 112 15.80 2.82 -22.62
CA MET C 112 14.76 3.05 -23.61
C MET C 112 14.65 1.88 -24.58
N ASN C 113 13.54 1.80 -25.29
CA ASN C 113 13.35 0.73 -26.25
C ASN C 113 12.72 1.21 -27.58
N PHE C 114 13.49 1.16 -28.67
CA PHE C 114 12.98 1.56 -29.96
C PHE C 114 12.81 0.29 -30.77
N THR C 115 11.62 0.08 -31.31
CA THR C 115 11.37 -1.11 -32.12
C THR C 115 10.59 -0.75 -33.38
N SER C 116 10.84 -1.50 -34.45
CA SER C 116 10.17 -1.24 -35.72
C SER C 116 8.80 -1.88 -35.66
N ASP C 117 8.55 -2.61 -34.57
CA ASP C 117 7.25 -3.26 -34.31
C ASP C 117 6.65 -3.84 -35.57
N PHE C 118 7.23 -4.96 -36.02
CA PHE C 118 6.73 -5.62 -37.23
C PHE C 118 5.30 -6.11 -37.16
N GLN C 119 4.55 -5.84 -38.22
CA GLN C 119 3.16 -6.29 -38.31
C GLN C 119 3.07 -7.37 -39.36
N GLU C 120 1.89 -7.93 -39.50
CA GLU C 120 1.66 -9.00 -40.46
C GLU C 120 2.21 -8.65 -41.81
N LYS C 121 1.77 -7.53 -42.36
CA LYS C 121 2.20 -7.06 -43.68
C LYS C 121 3.70 -6.73 -43.79
N ASP C 122 4.30 -6.23 -42.72
CA ASP C 122 5.72 -5.93 -42.80
C ASP C 122 6.43 -7.21 -43.16
N ILE C 123 6.03 -8.30 -42.53
CA ILE C 123 6.62 -9.59 -42.81
C ILE C 123 6.35 -10.05 -44.25
N VAL C 124 5.10 -9.97 -44.70
CA VAL C 124 4.75 -10.37 -46.06
C VAL C 124 5.56 -9.58 -47.08
N PHE C 125 5.30 -8.27 -47.15
CA PHE C 125 6.00 -7.36 -48.07
C PHE C 125 7.45 -7.03 -47.69
N GLY C 126 7.93 -7.59 -46.58
CA GLY C 126 9.30 -7.33 -46.18
C GLY C 126 9.33 -5.85 -45.91
N GLY C 127 10.32 -5.37 -45.15
CA GLY C 127 10.35 -3.95 -44.87
C GLY C 127 11.62 -3.20 -44.55
N ASP C 128 12.24 -2.63 -45.57
CA ASP C 128 13.42 -1.81 -45.39
C ASP C 128 12.79 -0.43 -45.50
N LYS C 129 11.71 -0.37 -46.27
CA LYS C 129 10.98 0.86 -46.49
C LYS C 129 10.49 1.37 -45.14
N LYS C 130 10.16 0.46 -44.24
CA LYS C 130 9.69 0.84 -42.92
C LYS C 130 10.90 1.22 -42.07
N LEU C 131 12.04 0.56 -42.34
CA LEU C 131 13.26 0.84 -41.62
C LEU C 131 13.80 2.24 -41.91
N ALA C 132 13.61 2.73 -43.14
CA ALA C 132 14.09 4.05 -43.55
C ALA C 132 13.25 5.16 -42.94
N LYS C 133 11.94 4.99 -42.96
CA LYS C 133 11.09 6.02 -42.37
C LYS C 133 11.37 6.06 -40.88
N LEU C 134 11.70 4.90 -40.33
CA LEU C 134 11.97 4.76 -38.90
C LEU C 134 13.31 5.33 -38.47
N ILE C 135 14.28 5.33 -39.38
CA ILE C 135 15.61 5.87 -39.07
C ILE C 135 15.52 7.38 -39.20
N ASP C 136 14.41 7.80 -39.82
CA ASP C 136 14.11 9.20 -40.05
C ASP C 136 13.47 9.83 -38.83
N GLU C 137 12.44 9.15 -38.34
CA GLU C 137 11.72 9.62 -37.18
C GLU C 137 12.62 9.79 -35.95
N VAL C 138 13.70 9.02 -35.84
CA VAL C 138 14.57 9.19 -34.69
C VAL C 138 15.32 10.50 -34.82
N GLU C 139 15.97 10.69 -35.97
CA GLU C 139 16.75 11.89 -36.19
C GLU C 139 15.94 13.16 -35.91
N THR C 140 14.63 13.07 -36.15
CA THR C 140 13.79 14.21 -35.91
C THR C 140 13.32 14.25 -34.48
N LEU C 141 12.84 13.14 -33.94
CA LEU C 141 12.37 13.11 -32.55
C LEU C 141 13.45 12.92 -31.51
N PHE C 142 14.65 12.54 -31.92
CA PHE C 142 15.76 12.39 -30.97
C PHE C 142 17.03 12.99 -31.52
N PRO C 143 17.03 14.35 -31.66
CA PRO C 143 18.20 15.08 -32.25
C PRO C 143 19.56 14.76 -31.75
N LEU C 144 19.70 14.60 -30.45
CA LEU C 144 21.01 14.37 -29.89
C LEU C 144 21.52 12.94 -30.09
N ASN C 145 20.73 12.08 -30.72
CA ASN C 145 21.21 10.75 -30.98
C ASN C 145 22.49 10.85 -31.83
N LYS C 146 23.53 10.07 -31.47
CA LYS C 146 24.81 10.18 -32.17
C LYS C 146 25.14 8.99 -33.06
N GLY C 147 24.15 8.30 -33.52
CA GLY C 147 24.35 7.14 -34.35
C GLY C 147 23.22 6.17 -34.05
N ILE C 148 23.02 5.22 -34.95
CA ILE C 148 21.98 4.25 -34.75
C ILE C 148 22.44 2.84 -35.09
N SER C 149 22.23 1.94 -34.13
CA SER C 149 22.61 0.56 -34.30
C SER C 149 21.33 -0.24 -34.54
N VAL C 150 21.17 -0.79 -35.74
CA VAL C 150 20.00 -1.59 -36.07
C VAL C 150 20.19 -3.10 -35.78
N GLN C 151 19.69 -3.53 -34.61
CA GLN C 151 19.80 -4.91 -34.18
C GLN C 151 18.69 -5.72 -34.82
N SER C 152 19.06 -6.67 -35.68
CA SER C 152 18.05 -7.47 -36.38
C SER C 152 17.46 -8.58 -35.51
N GLU C 153 16.34 -9.13 -35.96
CA GLU C 153 15.63 -10.22 -35.27
C GLU C 153 15.33 -11.33 -36.29
N CYS C 154 14.91 -12.51 -35.81
CA CYS C 154 14.63 -13.66 -36.68
C CYS C 154 13.97 -13.32 -38.03
N PRO C 155 12.78 -12.72 -38.01
CA PRO C 155 12.12 -12.36 -39.26
C PRO C 155 13.03 -11.75 -40.32
N ILE C 156 13.78 -10.72 -39.95
CA ILE C 156 14.68 -10.04 -40.88
C ILE C 156 15.65 -11.04 -41.53
N GLY C 157 16.07 -12.02 -40.75
CA GLY C 157 16.98 -13.04 -41.27
C GLY C 157 16.36 -13.94 -42.34
N LEU C 158 15.08 -14.26 -42.18
CA LEU C 158 14.39 -15.11 -43.14
C LEU C 158 13.90 -14.30 -44.33
N ILE C 159 13.11 -13.27 -44.06
CA ILE C 159 12.55 -12.42 -45.10
C ILE C 159 13.64 -11.82 -45.99
N GLY C 160 14.88 -11.85 -45.50
CA GLY C 160 16.00 -11.32 -46.27
C GLY C 160 15.85 -9.89 -46.75
N ASP C 161 15.92 -8.95 -45.82
CA ASP C 161 15.81 -7.55 -46.13
C ASP C 161 17.21 -7.01 -46.10
N ASP C 162 17.46 -6.00 -46.93
CA ASP C 162 18.78 -5.39 -47.03
C ASP C 162 18.93 -4.30 -45.97
N ILE C 163 18.95 -4.69 -44.70
CA ILE C 163 19.08 -3.71 -43.63
C ILE C 163 20.49 -3.18 -43.69
N GLU C 164 21.31 -3.82 -44.51
CA GLU C 164 22.72 -3.46 -44.66
C GLU C 164 22.84 -2.26 -45.59
N SER C 165 22.02 -2.27 -46.64
CA SER C 165 22.00 -1.21 -47.64
C SER C 165 21.38 0.07 -47.10
N VAL C 166 20.15 -0.04 -46.57
CA VAL C 166 19.43 1.11 -46.03
C VAL C 166 20.30 1.91 -45.07
N SER C 167 20.98 1.18 -44.20
CA SER C 167 21.83 1.82 -43.24
C SER C 167 22.92 2.61 -43.91
N LYS C 168 23.24 2.24 -45.15
CA LYS C 168 24.26 2.95 -45.90
C LYS C 168 23.60 4.18 -46.49
N VAL C 169 22.43 3.99 -47.08
CA VAL C 169 21.70 5.09 -47.68
C VAL C 169 21.26 6.11 -46.62
N LYS C 170 20.35 5.72 -45.74
CA LYS C 170 19.93 6.65 -44.69
C LYS C 170 21.12 6.57 -43.75
N GLY C 171 21.82 7.69 -43.58
CA GLY C 171 23.00 7.66 -42.72
C GLY C 171 24.11 8.29 -43.54
N ALA C 172 24.19 7.87 -44.80
CA ALA C 172 25.15 8.45 -45.71
C ALA C 172 24.38 9.68 -46.12
N GLU C 173 23.07 9.59 -45.95
CA GLU C 173 22.14 10.66 -46.27
C GLU C 173 22.03 11.60 -45.10
N LEU C 174 21.72 11.05 -43.92
CA LEU C 174 21.53 11.88 -42.73
C LEU C 174 22.88 12.28 -42.10
N SER C 175 23.97 11.84 -42.71
CA SER C 175 25.32 12.15 -42.22
C SER C 175 25.50 11.65 -40.78
N LYS C 176 25.14 10.41 -40.55
CA LYS C 176 25.23 9.80 -39.25
C LYS C 176 25.58 8.32 -39.38
N THR C 177 26.36 7.81 -38.44
CA THR C 177 26.74 6.39 -38.46
C THR C 177 25.62 5.48 -38.06
N ILE C 178 25.40 4.50 -38.91
CA ILE C 178 24.37 3.54 -38.68
C ILE C 178 24.99 2.16 -38.73
N VAL C 179 24.80 1.32 -37.71
CA VAL C 179 25.39 -0.01 -37.76
C VAL C 179 24.40 -1.09 -38.12
N PRO C 180 24.45 -1.49 -39.41
CA PRO C 180 23.67 -2.63 -39.89
C PRO C 180 24.02 -3.91 -39.16
N VAL C 181 23.82 -3.96 -37.86
CA VAL C 181 24.24 -5.13 -37.11
C VAL C 181 23.24 -6.29 -37.31
N ARG C 182 23.77 -7.46 -37.67
CA ARG C 182 22.95 -8.65 -37.89
C ARG C 182 23.04 -9.61 -36.71
N CYS C 183 21.96 -9.70 -35.93
CA CYS C 183 21.96 -10.59 -34.78
C CYS C 183 20.70 -11.44 -34.77
N GLU C 184 20.50 -12.22 -35.83
CA GLU C 184 19.31 -13.05 -35.89
C GLU C 184 19.31 -14.22 -34.91
N GLY C 185 18.25 -14.29 -34.11
CA GLY C 185 18.11 -15.35 -33.12
C GLY C 185 18.37 -16.78 -33.59
N PHE C 186 17.90 -17.12 -34.80
CA PHE C 186 18.11 -18.47 -35.33
C PHE C 186 19.58 -18.78 -35.59
N ARG C 187 20.42 -17.76 -35.50
CA ARG C 187 21.86 -17.91 -35.75
C ARG C 187 22.66 -18.31 -34.49
N GLY C 188 23.62 -19.22 -34.67
CA GLY C 188 24.44 -19.65 -33.56
C GLY C 188 23.81 -20.70 -32.68
N VAL C 189 24.54 -21.17 -31.67
CA VAL C 189 24.02 -22.19 -30.76
C VAL C 189 23.61 -21.51 -29.47
N SER C 190 24.09 -20.30 -29.27
CA SER C 190 23.76 -19.54 -28.08
C SER C 190 23.77 -18.04 -28.37
N GLN C 191 24.14 -17.27 -27.36
CA GLN C 191 24.21 -15.82 -27.49
C GLN C 191 25.56 -15.50 -28.12
N SER C 192 26.54 -16.34 -27.80
CA SER C 192 27.91 -16.20 -28.28
C SER C 192 28.04 -15.56 -29.64
N LEU C 193 27.43 -16.14 -30.68
CA LEU C 193 27.54 -15.59 -32.02
C LEU C 193 27.25 -14.09 -32.00
N GLY C 194 26.23 -13.69 -31.24
CA GLY C 194 25.88 -12.28 -31.14
C GLY C 194 27.10 -11.42 -30.84
N HIS C 195 27.95 -11.92 -29.94
CA HIS C 195 29.18 -11.20 -29.56
C HIS C 195 30.08 -11.06 -30.76
N HIS C 196 30.43 -12.21 -31.32
CA HIS C 196 31.29 -12.26 -32.48
C HIS C 196 30.69 -11.41 -33.60
N ILE C 197 29.36 -11.43 -33.71
CA ILE C 197 28.74 -10.64 -34.74
C ILE C 197 28.82 -9.16 -34.35
N ALA C 198 28.70 -8.89 -33.05
CA ALA C 198 28.79 -7.51 -32.57
C ALA C 198 30.21 -7.01 -32.80
N ASN C 199 31.18 -7.67 -32.17
CA ASN C 199 32.58 -7.27 -32.32
C ASN C 199 32.89 -6.83 -33.74
N ASP C 200 32.72 -7.76 -34.68
CA ASP C 200 32.98 -7.47 -36.07
C ASP C 200 32.15 -6.26 -36.48
N ALA C 201 30.85 -6.31 -36.18
CA ALA C 201 29.96 -5.20 -36.52
C ALA C 201 30.56 -3.85 -36.15
N VAL C 202 31.32 -3.83 -35.05
CA VAL C 202 31.99 -2.63 -34.56
C VAL C 202 33.15 -2.24 -35.46
N ARG C 203 34.07 -3.18 -35.66
CA ARG C 203 35.26 -2.96 -36.47
C ARG C 203 34.94 -2.49 -37.91
N ASP C 204 33.72 -2.76 -38.36
CA ASP C 204 33.29 -2.38 -39.71
C ASP C 204 32.73 -0.98 -39.84
N TRP C 205 31.72 -0.69 -39.03
CA TRP C 205 31.05 0.60 -39.12
C TRP C 205 31.42 1.71 -38.16
N VAL C 206 31.93 1.36 -36.98
CA VAL C 206 32.30 2.36 -35.99
C VAL C 206 33.80 2.58 -35.80
N LEU C 207 34.48 1.52 -35.42
CA LEU C 207 35.92 1.55 -35.15
C LEU C 207 36.81 2.30 -36.14
N GLY C 208 36.85 1.82 -37.38
CA GLY C 208 37.71 2.46 -38.37
C GLY C 208 37.32 3.80 -38.98
N LYS C 209 36.71 4.72 -38.25
CA LYS C 209 36.39 5.96 -38.93
C LYS C 209 37.27 7.14 -38.56
N ARG C 210 38.06 6.97 -37.50
CA ARG C 210 38.97 8.03 -37.07
C ARG C 210 40.40 7.69 -37.49
N ASP C 211 40.53 6.93 -38.56
CA ASP C 211 41.84 6.40 -39.03
C ASP C 211 42.87 7.41 -39.53
N GLU C 212 42.45 8.43 -40.22
CA GLU C 212 43.46 9.42 -40.63
C GLU C 212 43.05 10.73 -40.02
N ASP C 213 43.00 10.68 -38.69
CA ASP C 213 42.65 11.85 -37.89
C ASP C 213 43.52 11.84 -36.63
N THR C 214 44.56 12.70 -36.63
CA THR C 214 45.48 12.72 -35.51
C THR C 214 45.38 13.95 -34.59
N THR C 215 44.18 14.45 -34.38
CA THR C 215 44.03 15.58 -33.49
C THR C 215 44.03 15.08 -32.02
N PHE C 216 44.49 13.87 -31.83
CA PHE C 216 44.50 13.17 -30.55
C PHE C 216 45.92 12.95 -30.07
N ALA C 217 46.13 12.79 -28.75
CA ALA C 217 47.47 12.54 -28.21
C ALA C 217 47.56 11.24 -27.44
N SER C 218 48.26 10.28 -28.02
CA SER C 218 48.50 8.97 -27.39
C SER C 218 49.58 9.13 -26.31
N THR C 219 49.17 8.97 -25.06
CA THR C 219 50.09 9.01 -23.93
C THR C 219 50.56 7.57 -23.67
N PRO C 220 51.83 7.38 -23.27
CA PRO C 220 52.36 6.05 -23.00
C PRO C 220 51.51 5.27 -21.99
N TYR C 221 50.47 5.90 -21.47
CA TYR C 221 49.61 5.29 -20.48
C TYR C 221 48.18 5.04 -20.97
N ASP C 222 47.74 5.81 -21.97
CA ASP C 222 46.39 5.66 -22.50
C ASP C 222 45.98 4.19 -22.69
N VAL C 223 44.80 3.85 -22.20
CA VAL C 223 44.26 2.49 -22.29
C VAL C 223 42.76 2.52 -22.43
N ALA C 224 42.17 1.35 -22.57
CA ALA C 224 40.71 1.26 -22.67
C ALA C 224 40.23 -0.01 -21.97
N ILE C 225 39.14 0.11 -21.20
CA ILE C 225 38.58 -1.03 -20.52
C ILE C 225 37.61 -1.67 -21.49
N ILE C 226 37.97 -2.86 -21.96
CA ILE C 226 37.21 -3.63 -22.93
C ILE C 226 36.60 -4.88 -22.32
N GLY C 227 35.28 -4.96 -22.30
CA GLY C 227 34.68 -6.16 -21.73
C GLY C 227 34.17 -6.00 -20.30
N ASP C 228 33.93 -4.76 -19.93
CA ASP C 228 33.40 -4.46 -18.60
C ASP C 228 32.12 -3.75 -18.95
N TYR C 229 31.02 -4.51 -18.85
CA TYR C 229 29.72 -3.93 -19.17
C TYR C 229 29.18 -3.14 -18.00
N ASN C 230 30.07 -2.90 -17.04
CA ASN C 230 29.73 -2.08 -15.90
C ASN C 230 28.42 -2.48 -15.24
N ILE C 231 28.24 -3.77 -14.99
CA ILE C 231 27.00 -4.18 -14.33
C ILE C 231 27.07 -3.67 -12.91
N GLY C 232 26.20 -2.71 -12.59
CA GLY C 232 26.20 -2.17 -11.24
C GLY C 232 27.24 -1.09 -10.95
N GLY C 233 28.21 -0.94 -11.84
CA GLY C 233 29.22 0.07 -11.62
C GLY C 233 30.62 -0.53 -11.69
N ASP C 234 30.67 -1.85 -11.90
CA ASP C 234 31.94 -2.55 -11.96
C ASP C 234 32.97 -1.84 -12.83
N ALA C 235 32.51 -1.21 -13.90
CA ALA C 235 33.39 -0.51 -14.83
C ALA C 235 33.96 0.72 -14.15
N TRP C 236 33.15 1.36 -13.32
CA TRP C 236 33.63 2.53 -12.64
C TRP C 236 34.48 2.10 -11.46
N SER C 237 34.08 0.99 -10.84
CA SER C 237 34.81 0.46 -9.71
C SER C 237 36.21 0.02 -10.13
N SER C 238 36.41 -0.12 -11.43
CA SER C 238 37.71 -0.52 -11.95
C SER C 238 38.43 0.65 -12.63
N ARG C 239 37.67 1.47 -13.36
CA ARG C 239 38.22 2.63 -14.02
C ARG C 239 38.87 3.53 -12.96
N ILE C 240 38.46 3.34 -11.72
CA ILE C 240 38.99 4.12 -10.59
C ILE C 240 40.42 3.69 -10.23
N LEU C 241 40.64 2.38 -10.09
CA LEU C 241 41.96 1.86 -9.75
C LEU C 241 43.01 2.20 -10.80
N LEU C 242 42.72 1.87 -12.05
CA LEU C 242 43.65 2.15 -13.13
C LEU C 242 44.09 3.59 -13.06
N GLU C 243 43.12 4.49 -13.02
CA GLU C 243 43.42 5.92 -12.97
C GLU C 243 44.17 6.35 -11.72
N GLU C 244 43.92 5.66 -10.61
CA GLU C 244 44.61 5.95 -9.35
C GLU C 244 46.00 5.31 -9.37
N MET C 245 46.27 4.56 -10.43
CA MET C 245 47.57 3.90 -10.61
C MET C 245 48.33 4.72 -11.65
N GLY C 246 47.71 5.79 -12.12
CA GLY C 246 48.36 6.63 -13.11
C GLY C 246 48.00 6.38 -14.56
N LEU C 247 47.53 5.18 -14.89
CA LEU C 247 47.17 4.92 -16.29
C LEU C 247 46.04 5.89 -16.67
N ARG C 248 45.90 6.18 -17.97
CA ARG C 248 44.84 7.08 -18.41
C ARG C 248 43.77 6.30 -19.13
N CYS C 249 42.66 6.08 -18.43
CA CYS C 249 41.54 5.34 -19.00
C CYS C 249 40.86 6.18 -20.08
N VAL C 250 41.06 5.78 -21.33
CA VAL C 250 40.53 6.47 -22.50
C VAL C 250 39.20 5.95 -23.00
N ALA C 251 39.03 4.63 -23.03
CA ALA C 251 37.80 4.05 -23.53
C ALA C 251 37.26 2.94 -22.63
N GLN C 252 35.96 2.72 -22.72
CA GLN C 252 35.26 1.70 -21.96
C GLN C 252 34.27 1.15 -22.98
N TRP C 253 34.38 -0.13 -23.30
CA TRP C 253 33.51 -0.71 -24.30
C TRP C 253 32.25 -1.36 -23.73
N SER C 254 31.11 -0.73 -23.99
CA SER C 254 29.79 -1.17 -23.55
C SER C 254 29.72 -1.14 -22.03
N GLY C 255 29.19 -0.05 -21.49
CA GLY C 255 29.11 0.08 -20.04
C GLY C 255 29.41 1.53 -19.86
N ASP C 256 28.36 2.33 -20.06
CA ASP C 256 28.44 3.78 -19.99
C ASP C 256 29.31 4.25 -21.17
N GLY C 257 29.42 3.38 -22.17
CA GLY C 257 30.23 3.72 -23.32
C GLY C 257 29.72 4.87 -24.16
N SER C 258 30.66 5.50 -24.87
CA SER C 258 30.35 6.64 -25.75
C SER C 258 30.70 6.08 -27.12
N ILE C 259 29.96 6.47 -28.15
CA ILE C 259 30.26 5.95 -29.47
C ILE C 259 31.66 6.41 -29.88
N SER C 260 32.01 7.60 -29.44
CA SER C 260 33.32 8.17 -29.74
C SER C 260 34.40 7.46 -28.94
N GLU C 261 34.07 7.14 -27.69
CA GLU C 261 35.01 6.45 -26.81
C GLU C 261 35.45 5.16 -27.49
N ILE C 262 34.53 4.52 -28.22
CA ILE C 262 34.81 3.28 -28.93
C ILE C 262 35.73 3.61 -30.09
N GLU C 263 35.56 4.81 -30.63
CA GLU C 263 36.37 5.25 -31.76
C GLU C 263 37.79 5.66 -31.44
N LEU C 264 38.13 5.74 -30.15
CA LEU C 264 39.47 6.14 -29.77
C LEU C 264 40.29 4.96 -29.26
N THR C 265 39.71 3.77 -29.30
CA THR C 265 40.38 2.58 -28.82
C THR C 265 41.65 2.31 -29.65
N PRO C 266 41.59 2.51 -30.96
CA PRO C 266 42.74 2.30 -31.85
C PRO C 266 44.00 3.11 -31.50
N LYS C 267 43.84 4.26 -30.87
CA LYS C 267 45.01 5.07 -30.54
C LYS C 267 45.55 4.90 -29.13
N VAL C 268 45.15 3.83 -28.45
CA VAL C 268 45.61 3.58 -27.10
C VAL C 268 46.88 2.73 -27.09
N LYS C 269 47.54 2.67 -25.93
CA LYS C 269 48.77 1.90 -25.79
C LYS C 269 48.50 0.48 -25.33
N LEU C 270 47.37 0.27 -24.67
CA LEU C 270 47.03 -1.07 -24.18
C LEU C 270 45.53 -1.30 -24.01
N ASN C 271 45.09 -2.48 -24.44
CA ASN C 271 43.70 -2.85 -24.32
C ASN C 271 43.57 -3.81 -23.16
N LEU C 272 42.83 -3.39 -22.14
CA LEU C 272 42.62 -4.23 -20.96
C LEU C 272 41.30 -4.94 -21.16
N VAL C 273 41.34 -6.27 -21.12
CA VAL C 273 40.15 -7.09 -21.34
C VAL C 273 39.75 -7.92 -20.13
N HIS C 274 38.52 -7.71 -19.67
CA HIS C 274 38.01 -8.45 -18.53
C HIS C 274 37.16 -9.57 -19.12
N CYS C 275 36.44 -9.29 -20.20
CA CYS C 275 35.61 -10.32 -20.82
C CYS C 275 36.32 -10.95 -22.03
N TYR C 276 37.01 -12.07 -21.79
CA TYR C 276 37.73 -12.74 -22.85
C TYR C 276 36.78 -13.49 -23.78
N ARG C 277 35.50 -13.52 -23.45
CA ARG C 277 34.57 -14.23 -24.29
C ARG C 277 33.79 -13.32 -25.23
N SER C 278 33.62 -12.06 -24.84
CA SER C 278 32.87 -11.12 -25.67
C SER C 278 33.72 -10.24 -26.58
N MET C 279 34.75 -9.62 -26.03
CA MET C 279 35.61 -8.77 -26.85
C MET C 279 36.97 -9.37 -27.22
N ASN C 280 37.10 -10.68 -27.06
CA ASN C 280 38.35 -11.35 -27.41
C ASN C 280 38.55 -11.26 -28.91
N TYR C 281 37.47 -11.45 -29.65
CA TYR C 281 37.50 -11.40 -31.10
C TYR C 281 38.03 -10.05 -31.56
N ILE C 282 37.37 -8.99 -31.13
CA ILE C 282 37.76 -7.65 -31.52
C ILE C 282 39.16 -7.26 -31.08
N SER C 283 39.54 -7.65 -29.86
CA SER C 283 40.86 -7.31 -29.35
C SER C 283 42.01 -7.86 -30.21
N ARG C 284 41.69 -8.77 -31.12
CA ARG C 284 42.71 -9.33 -32.00
C ARG C 284 42.76 -8.48 -33.27
N HIS C 285 41.61 -8.11 -33.80
CA HIS C 285 41.57 -7.25 -34.97
C HIS C 285 42.14 -5.95 -34.48
N MET C 286 41.90 -5.68 -33.21
CA MET C 286 42.41 -4.47 -32.58
C MET C 286 43.93 -4.48 -32.68
N GLU C 287 44.53 -5.66 -32.66
CA GLU C 287 45.99 -5.79 -32.72
C GLU C 287 46.58 -6.11 -34.11
N GLU C 288 45.85 -6.83 -34.96
CA GLU C 288 46.40 -7.16 -36.27
C GLU C 288 46.19 -6.03 -37.29
N LYS C 289 45.13 -5.26 -37.11
CA LYS C 289 44.89 -4.15 -38.03
C LYS C 289 45.64 -2.93 -37.55
N TYR C 290 45.45 -2.59 -36.27
CA TYR C 290 46.09 -1.43 -35.65
C TYR C 290 47.41 -1.73 -34.94
N GLY C 291 47.55 -2.96 -34.46
CA GLY C 291 48.78 -3.34 -33.76
C GLY C 291 48.84 -2.81 -32.33
N ILE C 292 47.82 -3.13 -31.55
CA ILE C 292 47.73 -2.67 -30.16
C ILE C 292 47.58 -3.85 -29.22
N PRO C 293 48.68 -4.23 -28.56
CA PRO C 293 48.69 -5.35 -27.61
C PRO C 293 47.55 -5.30 -26.61
N TRP C 294 47.08 -6.48 -26.19
CA TRP C 294 45.99 -6.59 -25.23
C TRP C 294 46.29 -7.68 -24.22
N MET C 295 45.65 -7.62 -23.06
CA MET C 295 45.86 -8.63 -22.04
C MET C 295 44.57 -8.92 -21.27
N GLU C 296 44.59 -10.05 -20.54
CA GLU C 296 43.44 -10.47 -19.75
C GLU C 296 43.74 -10.14 -18.29
N TYR C 297 42.76 -9.63 -17.57
CA TYR C 297 42.92 -9.27 -16.16
C TYR C 297 41.72 -9.79 -15.39
N ASN C 298 41.71 -9.64 -14.06
CA ASN C 298 40.56 -10.08 -13.25
C ASN C 298 40.44 -9.18 -12.02
N PHE C 299 39.27 -8.55 -11.81
CA PHE C 299 39.14 -7.65 -10.65
C PHE C 299 38.16 -8.13 -9.59
N PHE C 300 38.04 -9.45 -9.46
CA PHE C 300 37.13 -10.01 -8.49
C PHE C 300 37.90 -10.31 -7.19
N GLY C 301 37.73 -9.47 -6.15
CA GLY C 301 38.41 -9.74 -4.90
C GLY C 301 39.83 -9.15 -4.82
N PRO C 302 40.30 -9.03 -3.58
CA PRO C 302 41.63 -8.52 -3.26
C PRO C 302 42.79 -9.15 -4.03
N THR C 303 43.04 -10.43 -3.79
CA THR C 303 44.12 -11.16 -4.43
C THR C 303 44.12 -11.16 -5.96
N LYS C 304 42.96 -11.02 -6.58
CA LYS C 304 42.93 -10.99 -8.04
C LYS C 304 43.26 -9.60 -8.50
N THR C 305 42.52 -8.62 -8.00
CA THR C 305 42.73 -7.22 -8.34
C THR C 305 44.15 -6.81 -7.99
N ILE C 306 44.55 -7.09 -6.75
CA ILE C 306 45.91 -6.74 -6.31
C ILE C 306 46.89 -7.29 -7.34
N GLU C 307 46.80 -8.59 -7.60
CA GLU C 307 47.67 -9.23 -8.57
C GLU C 307 47.64 -8.52 -9.91
N SER C 308 46.46 -8.47 -10.50
CA SER C 308 46.29 -7.80 -11.79
C SER C 308 46.83 -6.37 -11.77
N LEU C 309 46.54 -5.64 -10.70
CA LEU C 309 47.02 -4.26 -10.59
C LEU C 309 48.50 -4.14 -10.92
N ARG C 310 49.22 -5.24 -10.79
CA ARG C 310 50.64 -5.27 -11.05
C ARG C 310 50.96 -5.72 -12.46
N ALA C 311 50.18 -6.67 -12.99
CA ALA C 311 50.39 -7.16 -14.33
C ALA C 311 50.26 -6.01 -15.32
N ILE C 312 49.16 -5.27 -15.22
CA ILE C 312 48.93 -4.15 -16.11
C ILE C 312 49.99 -3.07 -15.85
N ALA C 313 50.70 -3.20 -14.74
CA ALA C 313 51.74 -2.22 -14.41
C ALA C 313 53.03 -2.51 -15.18
N ALA C 314 53.45 -3.78 -15.13
CA ALA C 314 54.67 -4.22 -15.79
C ALA C 314 54.68 -3.96 -17.30
N LYS C 315 53.49 -3.84 -17.87
CA LYS C 315 53.40 -3.59 -19.30
C LYS C 315 53.76 -2.15 -19.57
N PHE C 316 54.13 -1.44 -18.51
CA PHE C 316 54.53 -0.05 -18.60
C PHE C 316 55.91 0.14 -17.98
N ASP C 317 56.25 1.39 -17.65
CA ASP C 317 57.53 1.69 -17.05
C ASP C 317 57.46 1.58 -15.53
N GLU C 318 58.61 1.51 -14.88
CA GLU C 318 58.66 1.39 -13.43
C GLU C 318 57.92 2.52 -12.77
N SER C 319 57.91 3.67 -13.44
CA SER C 319 57.22 4.85 -12.93
C SER C 319 55.85 4.53 -12.38
N ILE C 320 55.04 3.88 -13.20
CA ILE C 320 53.66 3.52 -12.83
C ILE C 320 53.65 2.42 -11.76
N GLN C 321 54.63 1.53 -11.81
CA GLN C 321 54.71 0.44 -10.85
C GLN C 321 54.80 0.89 -9.38
N LYS C 322 55.68 1.85 -9.07
CA LYS C 322 55.77 2.32 -7.70
C LYS C 322 54.46 3.00 -7.37
N LYS C 323 53.87 3.67 -8.36
CA LYS C 323 52.61 4.35 -8.15
C LYS C 323 51.55 3.30 -7.86
N CYS C 324 51.58 2.19 -8.59
CA CYS C 324 50.64 1.08 -8.41
C CYS C 324 50.64 0.62 -6.98
N GLU C 325 51.83 0.29 -6.49
CA GLU C 325 51.97 -0.17 -5.12
C GLU C 325 51.29 0.75 -4.14
N GLU C 326 51.37 2.05 -4.36
CA GLU C 326 50.72 3.02 -3.49
C GLU C 326 49.22 2.73 -3.43
N VAL C 327 48.62 2.39 -4.57
CA VAL C 327 47.19 2.08 -4.63
C VAL C 327 46.88 0.81 -3.82
N ILE C 328 47.72 -0.20 -3.99
CA ILE C 328 47.57 -1.46 -3.30
C ILE C 328 47.67 -1.26 -1.80
N ALA C 329 48.62 -0.43 -1.39
CA ALA C 329 48.84 -0.11 0.02
C ALA C 329 47.60 0.59 0.57
N LYS C 330 47.08 1.56 -0.18
CA LYS C 330 45.90 2.31 0.22
C LYS C 330 44.72 1.41 0.59
N TYR C 331 44.34 0.51 -0.32
CA TYR C 331 43.21 -0.38 -0.09
C TYR C 331 43.53 -1.61 0.75
N LYS C 332 44.82 -1.90 0.91
CA LYS C 332 45.23 -3.06 1.71
C LYS C 332 44.50 -3.12 3.06
N PRO C 333 44.47 -2.00 3.81
CA PRO C 333 43.80 -2.00 5.11
C PRO C 333 42.30 -2.19 5.00
N GLU C 334 41.71 -1.62 3.94
CA GLU C 334 40.27 -1.73 3.72
C GLU C 334 39.79 -3.15 3.42
N TRP C 335 40.37 -3.77 2.39
CA TRP C 335 39.95 -5.13 2.08
C TRP C 335 40.34 -6.11 3.18
N GLU C 336 41.45 -5.86 3.87
CA GLU C 336 41.87 -6.73 4.96
C GLU C 336 40.76 -6.64 5.99
N ALA C 337 40.33 -5.41 6.25
CA ALA C 337 39.27 -5.15 7.22
C ALA C 337 38.03 -5.96 6.89
N VAL C 338 37.64 -5.97 5.61
CA VAL C 338 36.47 -6.71 5.15
C VAL C 338 36.60 -8.20 5.51
N VAL C 339 37.66 -8.85 5.03
CA VAL C 339 37.89 -10.26 5.30
C VAL C 339 37.80 -10.58 6.79
N ALA C 340 38.51 -9.82 7.61
CA ALA C 340 38.50 -10.03 9.05
C ALA C 340 37.09 -9.90 9.60
N LYS C 341 36.23 -9.20 8.87
CA LYS C 341 34.85 -9.02 9.29
C LYS C 341 33.90 -10.10 8.81
N TYR C 342 34.01 -10.45 7.52
CA TYR C 342 33.15 -11.47 6.90
C TYR C 342 33.70 -12.87 6.82
N ARG C 343 34.93 -13.03 6.33
CA ARG C 343 35.46 -14.38 6.18
C ARG C 343 35.04 -15.27 7.36
N PRO C 344 35.10 -14.74 8.59
CA PRO C 344 34.68 -15.56 9.72
C PRO C 344 33.31 -16.23 9.49
N ARG C 345 32.42 -15.54 8.79
CA ARG C 345 31.06 -16.03 8.53
C ARG C 345 30.93 -16.88 7.26
N LEU C 346 31.78 -16.62 6.27
CA LEU C 346 31.73 -17.38 5.00
C LEU C 346 32.70 -18.58 5.01
N GLU C 347 33.67 -18.57 5.94
CA GLU C 347 34.66 -19.63 6.05
C GLU C 347 34.05 -21.01 5.91
N GLY C 348 34.66 -21.79 5.04
CA GLY C 348 34.27 -23.18 4.87
C GLY C 348 32.94 -23.34 4.17
N LYS C 349 32.05 -22.34 4.26
CA LYS C 349 30.82 -22.46 3.51
C LYS C 349 31.21 -22.64 2.04
N ARG C 350 30.71 -23.71 1.41
CA ARG C 350 31.03 -23.96 0.00
C ARG C 350 29.98 -23.29 -0.88
N VAL C 351 30.34 -23.09 -2.16
CA VAL C 351 29.40 -22.46 -3.06
C VAL C 351 29.33 -23.13 -4.45
N MET C 352 28.17 -23.05 -5.09
CA MET C 352 27.99 -23.64 -6.42
C MET C 352 27.54 -22.56 -7.43
N LEU C 353 28.24 -22.48 -8.56
CA LEU C 353 27.96 -21.46 -9.56
C LEU C 353 27.49 -21.96 -10.92
N TYR C 354 26.97 -21.04 -11.73
CA TYR C 354 26.51 -21.30 -13.09
C TYR C 354 26.18 -20.00 -13.80
N ILE C 355 27.08 -19.54 -14.66
CA ILE C 355 26.92 -18.28 -15.37
C ILE C 355 27.01 -18.30 -16.91
N GLY C 356 27.57 -17.24 -17.48
CA GLY C 356 27.72 -17.09 -18.91
C GLY C 356 29.07 -17.48 -19.45
N GLY C 357 29.95 -16.50 -19.70
CA GLY C 357 31.25 -16.87 -20.25
C GLY C 357 32.48 -16.27 -19.61
N LEU C 358 32.32 -15.75 -18.40
CA LEU C 358 33.45 -15.15 -17.72
C LEU C 358 33.45 -15.34 -16.21
N ARG C 359 32.33 -14.99 -15.58
CA ARG C 359 32.20 -15.06 -14.12
C ARG C 359 32.37 -16.47 -13.56
N PRO C 360 31.86 -17.49 -14.27
CA PRO C 360 31.99 -18.86 -13.79
C PRO C 360 33.39 -19.20 -13.25
N ARG C 361 34.43 -18.68 -13.88
CA ARG C 361 35.79 -18.94 -13.40
C ARG C 361 36.34 -17.70 -12.71
N HIS C 362 35.91 -16.54 -13.19
CA HIS C 362 36.38 -15.28 -12.67
C HIS C 362 35.95 -14.90 -11.25
N VAL C 363 34.94 -15.53 -10.68
CA VAL C 363 34.52 -15.17 -9.33
C VAL C 363 35.18 -16.01 -8.25
N ILE C 364 35.66 -17.20 -8.59
CA ILE C 364 36.28 -18.09 -7.61
C ILE C 364 37.32 -17.39 -6.72
N GLY C 365 38.23 -16.65 -7.35
CA GLY C 365 39.26 -15.94 -6.60
C GLY C 365 38.65 -14.99 -5.58
N ALA C 366 37.56 -14.34 -5.96
CA ALA C 366 36.86 -13.41 -5.07
C ALA C 366 36.32 -14.20 -3.89
N TYR C 367 36.20 -15.50 -4.09
CA TYR C 367 35.70 -16.40 -3.07
C TYR C 367 36.81 -16.94 -2.19
N GLU C 368 37.88 -17.39 -2.84
CA GLU C 368 39.05 -17.94 -2.14
C GLU C 368 39.37 -17.00 -0.95
N ASP C 369 39.37 -15.70 -1.24
CA ASP C 369 39.65 -14.69 -0.24
C ASP C 369 38.69 -14.68 0.91
N LEU C 370 37.45 -15.09 0.67
CA LEU C 370 36.44 -15.14 1.72
C LEU C 370 36.36 -16.55 2.35
N GLY C 371 37.07 -17.50 1.75
CA GLY C 371 37.09 -18.83 2.29
C GLY C 371 35.86 -19.65 1.99
N MET C 372 35.26 -19.39 0.84
CA MET C 372 34.10 -20.15 0.44
C MET C 372 34.60 -21.01 -0.68
N GLU C 373 34.89 -22.28 -0.41
CA GLU C 373 35.42 -23.11 -1.48
C GLU C 373 34.34 -23.42 -2.53
N VAL C 374 34.68 -23.30 -3.80
CA VAL C 374 33.75 -23.58 -4.90
C VAL C 374 33.81 -25.03 -5.36
N VAL C 375 32.70 -25.74 -5.19
CA VAL C 375 32.63 -27.15 -5.55
C VAL C 375 31.90 -27.51 -6.84
N GLY C 376 31.59 -26.50 -7.65
CA GLY C 376 30.89 -26.73 -8.90
C GLY C 376 30.65 -25.48 -9.72
N THR C 377 30.86 -25.56 -11.03
CA THR C 377 30.65 -24.43 -11.92
C THR C 377 30.19 -24.87 -13.32
N GLY C 378 29.81 -23.89 -14.12
CA GLY C 378 29.35 -24.19 -15.46
C GLY C 378 29.13 -22.92 -16.25
N TYR C 379 29.08 -23.05 -17.57
CA TYR C 379 28.86 -21.91 -18.44
C TYR C 379 27.69 -22.27 -19.31
N GLU C 380 27.07 -21.28 -19.92
CA GLU C 380 25.96 -21.58 -20.79
C GLU C 380 26.31 -21.27 -22.23
N PHE C 381 27.48 -20.67 -22.46
CA PHE C 381 27.85 -20.36 -23.84
C PHE C 381 29.34 -20.20 -24.06
N ALA C 382 30.13 -20.82 -23.21
CA ALA C 382 31.59 -20.74 -23.31
C ALA C 382 32.13 -21.82 -24.24
N HIS C 383 33.38 -21.66 -24.64
CA HIS C 383 34.06 -22.59 -25.53
C HIS C 383 35.17 -23.27 -24.71
N ASN C 384 35.85 -24.24 -25.31
CA ASN C 384 36.91 -24.96 -24.61
C ASN C 384 37.98 -24.02 -24.09
N ASP C 385 38.32 -23.03 -24.91
CA ASP C 385 39.34 -22.05 -24.55
C ASP C 385 38.86 -21.21 -23.35
N ASP C 386 37.63 -21.45 -22.90
CA ASP C 386 37.08 -20.71 -21.76
C ASP C 386 37.17 -21.63 -20.58
N TYR C 387 37.14 -22.93 -20.87
CA TYR C 387 37.25 -23.97 -19.85
C TYR C 387 38.74 -24.17 -19.59
N ASP C 388 39.53 -23.83 -20.58
CA ASP C 388 40.98 -23.95 -20.50
C ASP C 388 41.50 -23.02 -19.40
N ARG C 389 40.74 -21.96 -19.13
CA ARG C 389 41.09 -21.01 -18.09
C ARG C 389 40.47 -21.45 -16.76
N THR C 390 39.52 -22.37 -16.82
CA THR C 390 38.82 -22.87 -15.64
C THR C 390 39.49 -23.99 -14.83
N MET C 391 39.77 -25.11 -15.49
CA MET C 391 40.39 -26.27 -14.85
C MET C 391 41.39 -25.86 -13.75
N LYS C 392 42.25 -24.89 -14.04
CA LYS C 392 43.26 -24.43 -13.09
C LYS C 392 42.64 -23.72 -11.90
N GLU C 393 41.73 -22.79 -12.17
CA GLU C 393 41.09 -22.07 -11.09
C GLU C 393 40.26 -22.99 -10.21
N MET C 394 40.12 -24.25 -10.61
CA MET C 394 39.33 -25.25 -9.85
C MET C 394 40.08 -26.33 -9.04
N GLY C 395 39.33 -27.00 -8.17
CA GLY C 395 39.90 -28.07 -7.38
C GLY C 395 39.72 -29.35 -8.16
N ASP C 396 40.32 -30.46 -7.67
CA ASP C 396 40.20 -31.74 -8.41
C ASP C 396 38.98 -32.56 -7.94
N SER C 397 38.18 -33.06 -8.92
CA SER C 397 36.98 -33.88 -8.64
C SER C 397 35.77 -33.00 -8.30
N THR C 398 35.81 -31.81 -8.86
CA THR C 398 34.74 -30.83 -8.79
C THR C 398 33.92 -31.04 -10.05
N LEU C 399 32.61 -30.89 -9.94
CA LEU C 399 31.71 -31.08 -11.08
C LEU C 399 31.51 -29.82 -11.90
N LEU C 400 31.61 -29.94 -13.23
CA LEU C 400 31.42 -28.81 -14.13
C LEU C 400 30.33 -29.12 -15.14
N TYR C 401 29.56 -28.10 -15.49
CA TYR C 401 28.48 -28.26 -16.47
C TYR C 401 28.55 -27.25 -17.61
N ASP C 402 27.97 -27.60 -18.71
CA ASP C 402 27.95 -26.75 -19.88
C ASP C 402 26.59 -26.79 -20.48
N ASP C 403 25.89 -25.67 -20.43
CA ASP C 403 24.55 -25.67 -20.91
C ASP C 403 23.71 -26.65 -20.12
N VAL C 404 23.91 -26.71 -18.81
CA VAL C 404 23.19 -27.64 -17.98
C VAL C 404 21.68 -27.41 -18.01
N THR C 405 20.92 -28.50 -18.03
CA THR C 405 19.47 -28.40 -18.04
C THR C 405 18.85 -28.59 -16.67
N GLY C 406 17.62 -28.10 -16.50
CA GLY C 406 16.91 -28.21 -15.24
C GLY C 406 17.18 -29.49 -14.49
N TYR C 407 16.89 -30.62 -15.12
CA TYR C 407 17.12 -31.92 -14.50
C TYR C 407 18.61 -32.07 -14.17
N GLU C 408 19.46 -31.77 -15.15
CA GLU C 408 20.90 -31.88 -14.95
C GLU C 408 21.35 -31.09 -13.73
N PHE C 409 21.03 -29.80 -13.70
CA PHE C 409 21.43 -28.94 -12.60
C PHE C 409 20.76 -29.32 -11.30
N GLU C 410 19.44 -29.18 -11.28
CA GLU C 410 18.66 -29.50 -10.09
C GLU C 410 19.06 -30.78 -9.36
N GLU C 411 19.47 -31.82 -10.09
CA GLU C 411 19.88 -33.06 -9.45
C GLU C 411 21.24 -32.92 -8.77
N PHE C 412 22.14 -32.17 -9.39
CA PHE C 412 23.47 -31.95 -8.81
C PHE C 412 23.28 -31.18 -7.51
N VAL C 413 22.50 -30.10 -7.57
CA VAL C 413 22.22 -29.27 -6.41
C VAL C 413 21.60 -30.14 -5.30
N LYS C 414 20.65 -30.98 -5.68
CA LYS C 414 19.97 -31.87 -4.75
C LYS C 414 20.94 -32.84 -4.07
N ARG C 415 22.01 -33.22 -4.75
CA ARG C 415 22.95 -34.21 -4.21
C ARG C 415 24.18 -33.58 -3.60
N ILE C 416 24.80 -32.65 -4.28
CA ILE C 416 26.00 -32.07 -3.71
C ILE C 416 25.67 -31.26 -2.44
N LYS C 417 24.46 -30.71 -2.37
CA LYS C 417 24.01 -29.97 -1.19
C LYS C 417 24.85 -28.79 -0.69
N PRO C 418 25.03 -27.75 -1.53
CA PRO C 418 25.76 -26.49 -1.33
C PRO C 418 25.10 -25.57 -0.26
N ASP C 419 25.91 -24.70 0.33
CA ASP C 419 25.37 -23.77 1.33
C ASP C 419 24.86 -22.53 0.57
N LEU C 420 25.58 -22.17 -0.49
CA LEU C 420 25.22 -21.03 -1.31
C LEU C 420 25.36 -21.38 -2.79
N ILE C 421 24.53 -20.76 -3.62
CA ILE C 421 24.56 -20.98 -5.05
C ILE C 421 24.42 -19.65 -5.75
N GLY C 422 24.98 -19.56 -6.95
CA GLY C 422 24.91 -18.32 -7.70
C GLY C 422 24.70 -18.55 -9.19
N SER C 423 23.55 -18.08 -9.69
CA SER C 423 23.22 -18.20 -11.10
C SER C 423 22.29 -17.05 -11.48
N GLY C 424 21.39 -17.29 -12.43
CA GLY C 424 20.49 -16.22 -12.87
C GLY C 424 19.09 -16.15 -12.30
N ILE C 425 18.26 -15.33 -12.93
CA ILE C 425 16.87 -15.14 -12.53
C ILE C 425 15.97 -16.36 -12.74
N LYS C 426 16.15 -17.04 -13.88
CA LYS C 426 15.36 -18.22 -14.18
C LYS C 426 15.58 -19.31 -13.13
N GLU C 427 16.79 -19.34 -12.59
CA GLU C 427 17.15 -20.32 -11.57
C GLU C 427 17.05 -19.84 -10.11
N LYS C 428 17.18 -18.54 -9.87
CA LYS C 428 17.12 -18.02 -8.51
C LYS C 428 16.03 -18.55 -7.61
N PHE C 429 14.89 -18.92 -8.18
CA PHE C 429 13.77 -19.42 -7.38
C PHE C 429 13.77 -20.92 -7.04
N ILE C 430 13.96 -21.76 -8.06
CA ILE C 430 13.94 -23.20 -7.87
C ILE C 430 14.73 -23.65 -6.64
N PHE C 431 15.85 -22.98 -6.38
CA PHE C 431 16.68 -23.36 -5.24
C PHE C 431 16.27 -22.61 -3.97
N GLN C 432 15.81 -21.37 -4.11
CA GLN C 432 15.37 -20.65 -2.93
C GLN C 432 14.26 -21.45 -2.29
N LYS C 433 13.57 -22.24 -3.09
CA LYS C 433 12.47 -23.09 -2.60
C LYS C 433 13.01 -24.34 -1.88
N MET C 434 14.22 -24.75 -2.22
CA MET C 434 14.84 -25.92 -1.60
C MET C 434 15.61 -25.45 -0.38
N GLY C 435 15.31 -24.23 0.05
CA GLY C 435 15.96 -23.66 1.20
C GLY C 435 17.45 -23.51 1.04
N ILE C 436 17.93 -23.41 -0.20
CA ILE C 436 19.36 -23.24 -0.45
C ILE C 436 19.63 -21.78 -0.80
N PRO C 437 20.40 -21.07 0.04
CA PRO C 437 20.72 -19.66 -0.21
C PRO C 437 21.13 -19.39 -1.66
N PHE C 438 20.39 -18.52 -2.34
CA PHE C 438 20.72 -18.17 -3.72
C PHE C 438 21.06 -16.68 -3.81
N ARG C 439 22.09 -16.37 -4.62
CA ARG C 439 22.53 -15.01 -4.80
C ARG C 439 22.74 -14.82 -6.29
N GLU C 440 21.91 -13.97 -6.91
CA GLU C 440 22.04 -13.72 -8.33
C GLU C 440 23.45 -13.26 -8.67
N MET C 441 24.01 -13.79 -9.76
CA MET C 441 25.35 -13.41 -10.18
C MET C 441 25.31 -12.55 -11.42
N HIS C 442 24.38 -12.84 -12.32
CA HIS C 442 24.27 -12.06 -13.53
C HIS C 442 24.06 -10.58 -13.15
N SER C 443 22.89 -10.27 -12.63
CA SER C 443 22.52 -8.92 -12.22
C SER C 443 23.08 -8.51 -10.86
N TRP C 444 23.94 -9.34 -10.27
CA TRP C 444 24.51 -9.05 -8.96
C TRP C 444 23.34 -8.90 -7.98
N ASP C 445 22.18 -9.40 -8.42
CA ASP C 445 20.95 -9.34 -7.64
C ASP C 445 20.71 -7.89 -7.17
N TYR C 446 20.73 -6.99 -8.15
CA TYR C 446 20.51 -5.56 -7.97
C TYR C 446 21.38 -4.92 -6.88
N SER C 447 22.51 -5.56 -6.59
CA SER C 447 23.43 -5.05 -5.58
C SER C 447 24.48 -4.10 -6.18
N GLY C 448 25.39 -3.65 -5.32
CA GLY C 448 26.43 -2.72 -5.76
C GLY C 448 27.54 -3.40 -6.52
N PRO C 449 28.50 -2.63 -7.04
CA PRO C 449 29.65 -3.11 -7.80
C PRO C 449 30.43 -4.22 -7.11
N TYR C 450 30.94 -5.18 -7.88
CA TYR C 450 31.72 -6.28 -7.30
C TYR C 450 33.18 -6.21 -7.76
N HIS C 451 33.39 -5.69 -8.96
CA HIS C 451 34.74 -5.57 -9.48
C HIS C 451 35.53 -4.63 -8.59
N GLY C 452 36.85 -4.70 -8.68
CA GLY C 452 37.71 -3.81 -7.89
C GLY C 452 37.69 -3.93 -6.38
N PHE C 453 38.27 -2.94 -5.73
CA PHE C 453 38.36 -2.94 -4.28
C PHE C 453 37.07 -2.58 -3.58
N ASP C 454 36.50 -1.43 -3.91
CA ASP C 454 35.24 -1.01 -3.32
C ASP C 454 34.18 -2.10 -3.58
N GLY C 455 34.23 -2.66 -4.78
CA GLY C 455 33.29 -3.71 -5.15
C GLY C 455 33.40 -4.90 -4.23
N PHE C 456 34.59 -5.47 -4.11
CA PHE C 456 34.78 -6.62 -3.24
C PHE C 456 34.07 -6.46 -1.89
N ALA C 457 34.10 -5.24 -1.36
CA ALA C 457 33.49 -4.94 -0.07
C ALA C 457 32.02 -5.34 -0.03
N ILE C 458 31.25 -4.84 -1.00
CA ILE C 458 29.82 -5.13 -1.08
C ILE C 458 29.60 -6.63 -1.25
N PHE C 459 30.34 -7.24 -2.18
CA PHE C 459 30.24 -8.67 -2.43
C PHE C 459 30.33 -9.44 -1.12
N ALA C 460 31.46 -9.27 -0.44
CA ALA C 460 31.73 -9.95 0.82
C ALA C 460 30.60 -9.74 1.82
N ARG C 461 29.80 -8.69 1.59
CA ARG C 461 28.68 -8.39 2.47
C ARG C 461 27.37 -8.94 1.97
N ASP C 462 27.27 -9.03 0.65
CA ASP C 462 26.08 -9.57 -0.01
C ASP C 462 25.97 -11.09 0.16
N MET C 463 27.10 -11.78 0.25
CA MET C 463 27.05 -13.22 0.44
C MET C 463 26.63 -13.47 1.89
N ASP C 464 26.98 -12.54 2.77
CA ASP C 464 26.63 -12.72 4.16
C ASP C 464 25.16 -12.45 4.47
N MET C 465 24.60 -11.40 3.88
CA MET C 465 23.21 -11.11 4.19
C MET C 465 22.29 -12.19 3.68
N THR C 466 22.69 -12.87 2.61
CA THR C 466 21.85 -13.92 2.01
C THR C 466 22.10 -15.32 2.56
N LEU C 467 23.36 -15.70 2.61
CA LEU C 467 23.73 -17.02 3.08
C LEU C 467 23.31 -17.23 4.55
N ASN C 468 23.67 -16.29 5.41
CA ASN C 468 23.35 -16.41 6.82
C ASN C 468 22.05 -15.72 7.22
N ASN C 469 21.23 -15.30 6.26
CA ASN C 469 19.98 -14.64 6.64
C ASN C 469 19.11 -15.61 7.44
N PRO C 470 18.21 -15.07 8.30
CA PRO C 470 17.31 -15.89 9.13
C PRO C 470 16.25 -16.70 8.38
N CYS C 471 15.84 -16.22 7.20
CA CYS C 471 14.81 -16.91 6.43
C CYS C 471 14.97 -18.42 6.36
N TRP C 472 16.14 -18.86 5.90
CA TRP C 472 16.45 -20.26 5.73
C TRP C 472 16.07 -21.21 6.85
N LYS C 473 16.35 -20.82 8.08
CA LYS C 473 16.04 -21.69 9.21
C LYS C 473 14.52 -21.90 9.38
N LYS C 474 13.74 -21.01 8.78
CA LYS C 474 12.28 -21.07 8.89
C LYS C 474 11.52 -21.85 7.82
N LEU C 475 12.21 -22.68 7.04
CA LEU C 475 11.53 -23.42 5.94
C LEU C 475 10.60 -24.56 6.28
N GLN C 476 11.03 -25.55 7.06
CA GLN C 476 10.15 -26.67 7.39
C GLN C 476 9.34 -26.33 8.65
N ALA C 477 8.01 -26.27 8.52
CA ALA C 477 7.17 -25.96 9.67
C ALA C 477 7.34 -26.99 10.80
N PRO C 478 7.29 -26.53 12.07
CA PRO C 478 7.44 -27.36 13.28
C PRO C 478 6.71 -28.72 13.28
N TRP C 479 5.38 -28.70 13.17
CA TRP C 479 4.63 -29.94 13.12
C TRP C 479 5.13 -30.80 11.97
N GLU C 480 5.72 -30.12 10.98
CA GLU C 480 6.29 -30.76 9.80
C GLU C 480 5.21 -31.45 8.98
N SER D 2 36.16 5.15 -2.12
CA SER D 2 36.61 4.17 -1.08
C SER D 2 35.43 3.59 -0.32
N GLN D 3 35.69 2.48 0.37
CA GLN D 3 34.65 1.77 1.11
C GLN D 3 35.09 1.48 2.55
N GLN D 4 34.30 1.89 3.54
CA GLN D 4 34.65 1.63 4.93
C GLN D 4 33.83 0.45 5.44
N VAL D 5 34.49 -0.52 6.05
CA VAL D 5 33.83 -1.75 6.50
C VAL D 5 32.51 -1.70 7.22
N ASP D 6 32.39 -0.92 8.30
CA ASP D 6 31.13 -0.92 9.03
C ASP D 6 30.01 -0.04 8.47
N LYS D 7 30.22 0.53 7.30
CA LYS D 7 29.21 1.38 6.66
C LYS D 7 29.40 1.32 5.14
N ILE D 8 29.29 0.10 4.60
CA ILE D 8 29.47 -0.17 3.18
C ILE D 8 28.48 0.54 2.29
N LYS D 9 28.99 1.43 1.44
CA LYS D 9 28.16 2.18 0.49
C LYS D 9 27.99 1.39 -0.81
N ALA D 10 26.76 1.16 -1.23
CA ALA D 10 26.56 0.38 -2.42
C ALA D 10 26.51 1.23 -3.69
N SER D 11 25.97 0.65 -4.76
CA SER D 11 25.81 1.31 -6.08
C SER D 11 25.39 2.75 -5.92
N TYR D 12 24.26 2.99 -5.28
CA TYR D 12 23.88 4.38 -5.00
C TYR D 12 24.02 4.52 -3.51
N PRO D 13 24.97 5.34 -3.03
CA PRO D 13 25.99 6.20 -2.37
C PRO D 13 27.40 6.22 -2.90
N LEU D 14 27.93 5.09 -3.32
CA LEU D 14 29.30 5.04 -3.80
C LEU D 14 29.76 6.04 -4.87
N PHE D 15 29.15 6.03 -6.04
CA PHE D 15 29.58 6.91 -7.12
C PHE D 15 29.30 8.37 -6.87
N LEU D 16 28.67 8.64 -5.73
CA LEU D 16 28.36 10.01 -5.35
C LEU D 16 29.60 10.64 -4.73
N ASP D 17 30.39 9.80 -4.06
CA ASP D 17 31.63 10.26 -3.44
C ASP D 17 32.38 11.16 -4.40
N GLN D 18 32.95 12.25 -3.87
CA GLN D 18 33.69 13.19 -4.69
C GLN D 18 34.78 12.51 -5.52
N ASP D 19 35.42 11.46 -4.97
CA ASP D 19 36.46 10.76 -5.70
C ASP D 19 35.93 10.20 -7.04
N TYR D 20 34.73 9.62 -7.00
CA TYR D 20 34.11 9.06 -8.19
C TYR D 20 33.53 10.09 -9.13
N LYS D 21 32.97 11.16 -8.56
CA LYS D 21 32.40 12.21 -9.39
C LYS D 21 33.52 12.75 -10.28
N ASP D 22 34.68 13.01 -9.67
CA ASP D 22 35.85 13.48 -10.38
C ASP D 22 36.07 12.62 -11.59
N MET D 23 36.21 11.31 -11.34
CA MET D 23 36.43 10.34 -12.39
C MET D 23 35.50 10.52 -13.59
N LEU D 24 34.21 10.39 -13.34
CA LEU D 24 33.20 10.53 -14.37
C LEU D 24 33.31 11.85 -15.15
N ALA D 25 33.66 12.92 -14.47
CA ALA D 25 33.81 14.20 -15.15
C ALA D 25 34.94 14.10 -16.17
N LYS D 26 36.04 13.49 -15.76
CA LYS D 26 37.19 13.32 -16.64
C LYS D 26 36.85 12.41 -17.82
N LYS D 27 36.01 11.42 -17.58
CA LYS D 27 35.60 10.52 -18.66
C LYS D 27 34.77 11.37 -19.64
N ARG D 28 33.77 12.05 -19.09
CA ARG D 28 32.87 12.90 -19.88
C ARG D 28 33.61 13.96 -20.70
N ASP D 29 34.29 14.88 -20.03
CA ASP D 29 35.04 15.94 -20.72
C ASP D 29 36.17 15.37 -21.59
N GLY D 30 36.60 14.17 -21.26
CA GLY D 30 37.70 13.56 -21.99
C GLY D 30 37.49 12.73 -23.23
N PHE D 31 36.57 11.77 -23.21
CA PHE D 31 36.39 10.91 -24.38
C PHE D 31 34.96 10.67 -24.85
N GLU D 32 34.00 11.36 -24.23
CA GLU D 32 32.61 11.16 -24.61
C GLU D 32 32.17 12.07 -25.74
N GLU D 33 32.84 13.21 -25.89
CA GLU D 33 32.46 14.15 -26.93
C GLU D 33 30.97 14.39 -26.81
N LYS D 34 30.55 14.60 -25.57
CA LYS D 34 29.16 14.83 -25.22
C LYS D 34 28.78 16.26 -25.49
N TYR D 35 27.51 16.49 -25.78
CA TYR D 35 27.01 17.84 -26.05
C TYR D 35 27.02 18.61 -24.75
N PRO D 36 27.04 19.94 -24.84
CA PRO D 36 27.05 20.80 -23.65
C PRO D 36 25.66 20.78 -23.02
N GLN D 37 25.60 20.69 -21.70
CA GLN D 37 24.32 20.66 -21.00
C GLN D 37 23.32 21.65 -21.59
N ASP D 38 23.81 22.81 -22.01
CA ASP D 38 22.96 23.84 -22.58
C ASP D 38 22.01 23.23 -23.62
N LYS D 39 22.56 22.65 -24.69
CA LYS D 39 21.71 22.09 -25.70
C LYS D 39 21.03 20.83 -25.24
N ILE D 40 21.65 20.11 -24.30
CA ILE D 40 21.00 18.91 -23.78
C ILE D 40 19.72 19.39 -23.10
N ASP D 41 19.87 20.35 -22.19
CA ASP D 41 18.72 20.91 -21.51
C ASP D 41 17.76 21.40 -22.59
N GLU D 42 18.30 22.01 -23.63
CA GLU D 42 17.49 22.53 -24.73
C GLU D 42 16.63 21.44 -25.37
N VAL D 43 17.29 20.43 -25.95
CA VAL D 43 16.60 19.33 -26.63
C VAL D 43 15.53 18.74 -25.73
N PHE D 44 15.81 18.70 -24.43
CA PHE D 44 14.86 18.19 -23.43
C PHE D 44 13.69 19.14 -23.39
N GLN D 45 13.99 20.39 -23.09
CA GLN D 45 13.00 21.45 -23.03
C GLN D 45 12.12 21.34 -24.25
N TRP D 46 12.73 20.99 -25.37
CA TRP D 46 12.01 20.85 -26.61
C TRP D 46 10.98 19.70 -26.52
N THR D 47 11.48 18.46 -26.34
CA THR D 47 10.62 17.26 -26.27
C THR D 47 9.41 17.40 -25.34
N THR D 48 9.56 18.23 -24.31
CA THR D 48 8.51 18.44 -23.34
C THR D 48 7.46 19.45 -23.81
N THR D 49 7.52 19.83 -25.09
CA THR D 49 6.56 20.80 -25.61
C THR D 49 5.43 20.27 -26.48
N LYS D 50 4.52 21.19 -26.80
CA LYS D 50 3.36 20.91 -27.64
C LYS D 50 3.80 20.81 -29.11
N GLU D 51 4.89 21.49 -29.43
CA GLU D 51 5.42 21.45 -30.77
C GLU D 51 5.96 20.07 -31.04
N TYR D 52 6.71 19.54 -30.07
CA TYR D 52 7.28 18.22 -30.16
C TYR D 52 6.20 17.13 -30.21
N GLN D 53 5.12 17.34 -29.47
CA GLN D 53 4.02 16.38 -29.42
C GLN D 53 3.42 16.12 -30.77
N GLU D 54 3.05 17.16 -31.50
CA GLU D 54 2.47 16.92 -32.80
C GLU D 54 3.49 16.11 -33.59
N LEU D 55 4.76 16.51 -33.55
CA LEU D 55 5.80 15.78 -34.29
C LEU D 55 5.78 14.33 -33.84
N ASN D 56 5.69 14.17 -32.53
CA ASN D 56 5.65 12.87 -31.87
C ASN D 56 4.54 12.02 -32.48
N PHE D 57 3.32 12.47 -32.33
CA PHE D 57 2.16 11.76 -32.86
C PHE D 57 2.10 11.54 -34.40
N GLN D 58 2.72 12.42 -35.19
CA GLN D 58 2.71 12.29 -36.65
C GLN D 58 3.55 11.08 -37.02
N ARG D 59 4.17 10.52 -36.00
CA ARG D 59 5.02 9.36 -36.11
C ARG D 59 4.30 8.20 -36.80
N GLU D 60 4.99 7.38 -37.61
CA GLU D 60 4.26 6.26 -38.21
C GLU D 60 5.11 4.99 -38.51
N ALA D 61 6.35 4.96 -38.01
CA ALA D 61 7.25 3.80 -38.28
C ALA D 61 8.11 3.41 -37.10
N LEU D 62 8.49 4.38 -36.32
CA LEU D 62 9.27 4.10 -35.15
C LEU D 62 8.32 4.00 -33.96
N THR D 63 8.69 3.14 -33.03
CA THR D 63 7.90 2.95 -31.83
C THR D 63 8.82 3.09 -30.63
N VAL D 64 8.33 3.82 -29.66
CA VAL D 64 9.13 4.07 -28.50
C VAL D 64 8.47 3.65 -27.20
N ASN D 65 8.96 2.53 -26.69
CA ASN D 65 8.51 1.99 -25.42
C ASN D 65 7.08 1.48 -25.38
N PRO D 66 6.86 0.29 -25.92
CA PRO D 66 5.55 -0.34 -25.94
C PRO D 66 4.79 -0.51 -24.65
N ALA D 67 3.59 -1.04 -24.83
CA ALA D 67 2.68 -1.35 -23.76
C ALA D 67 2.05 -2.69 -24.12
N LYS D 68 2.80 -3.52 -24.86
CA LYS D 68 2.34 -4.84 -25.24
C LYS D 68 3.57 -5.77 -25.29
N ALA D 69 3.33 -7.04 -25.53
CA ALA D 69 4.39 -8.04 -25.67
C ALA D 69 3.92 -8.92 -26.82
N CYS D 70 4.70 -9.92 -27.19
CA CYS D 70 4.30 -10.79 -28.29
C CYS D 70 3.27 -11.80 -27.82
N GLN D 71 2.79 -12.63 -28.74
CA GLN D 71 1.79 -13.66 -28.45
C GLN D 71 2.25 -14.89 -27.66
N PRO D 72 3.42 -15.44 -28.00
CA PRO D 72 3.93 -16.62 -27.31
C PRO D 72 3.97 -16.47 -25.79
N LEU D 73 4.17 -15.26 -25.31
CA LEU D 73 4.22 -15.00 -23.88
C LEU D 73 2.84 -15.19 -23.28
N GLY D 74 1.82 -14.77 -24.01
CA GLY D 74 0.46 -14.89 -23.52
C GLY D 74 -0.02 -16.32 -23.65
N ALA D 75 0.65 -17.09 -24.48
CA ALA D 75 0.27 -18.49 -24.66
C ALA D 75 0.78 -19.22 -23.43
N VAL D 76 2.09 -19.13 -23.19
CA VAL D 76 2.73 -19.78 -22.05
C VAL D 76 1.97 -19.62 -20.76
N LEU D 77 1.51 -18.41 -20.46
CA LEU D 77 0.75 -18.17 -19.23
C LEU D 77 -0.55 -18.95 -19.24
N CYS D 78 -1.18 -19.05 -20.41
CA CYS D 78 -2.43 -19.78 -20.50
C CYS D 78 -2.19 -21.22 -20.11
N ALA D 79 -1.15 -21.81 -20.72
CA ALA D 79 -0.75 -23.20 -20.47
C ALA D 79 -0.45 -23.47 -19.00
N LEU D 80 0.38 -22.63 -18.38
CA LEU D 80 0.69 -22.80 -16.97
C LEU D 80 -0.56 -23.17 -16.20
N GLY D 81 -1.70 -22.66 -16.67
CA GLY D 81 -2.99 -22.88 -16.04
C GLY D 81 -3.53 -24.30 -16.00
N PHE D 82 -3.32 -25.04 -17.08
CA PHE D 82 -3.82 -26.42 -17.09
C PHE D 82 -2.89 -27.34 -16.36
N GLU D 83 -3.49 -28.08 -15.45
CA GLU D 83 -2.76 -28.97 -14.60
C GLU D 83 -1.73 -29.85 -15.29
N LYS D 84 -0.53 -29.85 -14.68
CA LYS D 84 0.64 -30.58 -15.10
C LYS D 84 1.02 -30.49 -16.57
N THR D 85 0.72 -29.37 -17.20
CA THR D 85 1.06 -29.18 -18.59
C THR D 85 2.41 -28.48 -18.67
N MET D 86 3.00 -28.47 -19.86
CA MET D 86 4.28 -27.84 -20.05
C MET D 86 4.22 -26.77 -21.12
N PRO D 87 4.51 -25.53 -20.74
CA PRO D 87 4.47 -24.52 -21.77
C PRO D 87 5.54 -24.98 -22.74
N TYR D 88 5.15 -25.33 -23.96
CA TYR D 88 6.12 -25.78 -24.96
C TYR D 88 6.13 -24.81 -26.12
N VAL D 89 7.28 -24.20 -26.41
CA VAL D 89 7.34 -23.24 -27.50
C VAL D 89 8.22 -23.68 -28.67
N HIS D 90 7.56 -23.92 -29.80
CA HIS D 90 8.19 -24.37 -31.03
C HIS D 90 8.96 -23.25 -31.69
N GLY D 91 10.29 -23.35 -31.69
CA GLY D 91 11.12 -22.33 -32.30
C GLY D 91 12.49 -22.08 -31.72
N SER D 92 12.79 -20.81 -31.54
CA SER D 92 14.06 -20.42 -30.95
C SER D 92 14.02 -20.73 -29.46
N GLN D 93 15.19 -20.79 -28.82
CA GLN D 93 15.28 -21.09 -27.38
C GLN D 93 15.43 -19.84 -26.54
N GLY D 94 15.95 -18.78 -27.15
CA GLY D 94 16.14 -17.54 -26.42
C GLY D 94 14.82 -16.86 -26.13
N CYS D 95 13.83 -17.15 -26.95
CA CYS D 95 12.50 -16.58 -26.78
C CYS D 95 11.91 -16.98 -25.46
N VAL D 96 11.97 -18.28 -25.19
CA VAL D 96 11.43 -18.83 -23.96
C VAL D 96 12.30 -18.38 -22.81
N ALA D 97 13.56 -18.14 -23.12
CA ALA D 97 14.51 -17.67 -22.11
C ALA D 97 14.08 -16.27 -21.66
N TYR D 98 13.44 -15.52 -22.55
CA TYR D 98 12.96 -14.18 -22.25
C TYR D 98 11.58 -14.32 -21.61
N PHE D 99 10.72 -15.13 -22.23
CA PHE D 99 9.37 -15.36 -21.72
C PHE D 99 9.45 -15.71 -20.25
N ARG D 100 10.40 -16.57 -19.91
CA ARG D 100 10.62 -16.99 -18.54
C ARG D 100 11.11 -15.83 -17.67
N SER D 101 12.31 -15.35 -17.97
CA SER D 101 12.90 -14.26 -17.22
C SER D 101 11.90 -13.19 -16.93
N TYR D 102 11.04 -12.90 -17.88
CA TYR D 102 10.04 -11.85 -17.73
C TYR D 102 8.99 -12.18 -16.68
N PHE D 103 8.38 -13.35 -16.81
CA PHE D 103 7.35 -13.79 -15.88
C PHE D 103 7.89 -13.97 -14.46
N ASN D 104 9.21 -14.09 -14.36
CA ASN D 104 9.85 -14.23 -13.07
C ASN D 104 9.72 -12.90 -12.38
N ARG D 105 10.43 -11.90 -12.90
CA ARG D 105 10.45 -10.56 -12.34
C ARG D 105 9.08 -10.04 -11.83
N HIS D 106 7.98 -10.49 -12.43
CA HIS D 106 6.64 -10.06 -12.01
C HIS D 106 6.12 -10.87 -10.86
N PHE D 107 6.04 -12.17 -11.06
CA PHE D 107 5.52 -13.06 -10.02
C PHE D 107 6.52 -13.44 -8.95
N ARG D 108 7.76 -13.50 -9.42
CA ARG D 108 8.95 -13.83 -8.67
C ARG D 108 8.78 -15.16 -7.94
N GLU D 109 8.53 -16.15 -8.72
CA GLU D 109 8.44 -17.58 -8.46
C GLU D 109 8.95 -18.39 -9.65
N PRO D 110 9.12 -19.62 -9.66
CA PRO D 110 9.59 -20.27 -10.90
C PRO D 110 8.66 -20.25 -12.13
N VAL D 111 9.28 -20.19 -13.30
CA VAL D 111 8.53 -20.19 -14.54
C VAL D 111 9.15 -21.22 -15.46
N SER D 112 8.47 -22.37 -15.55
CA SER D 112 8.91 -23.49 -16.39
C SER D 112 8.28 -23.34 -17.75
N CYS D 113 9.06 -23.60 -18.77
CA CYS D 113 8.61 -23.51 -20.16
C CYS D 113 9.78 -24.10 -20.94
N VAL D 114 9.53 -24.81 -22.03
CA VAL D 114 10.65 -25.37 -22.77
C VAL D 114 10.59 -24.95 -24.23
N SER D 115 11.60 -25.31 -25.01
CA SER D 115 11.58 -24.93 -26.41
C SER D 115 12.35 -25.91 -27.28
N ASP D 116 11.90 -26.12 -28.51
CA ASP D 116 12.71 -26.97 -29.37
C ASP D 116 13.75 -25.97 -29.88
N SER D 117 14.98 -26.04 -29.41
CA SER D 117 15.98 -25.07 -29.87
C SER D 117 16.21 -25.16 -31.39
N MET D 118 15.46 -24.38 -32.16
CA MET D 118 15.60 -24.37 -33.60
C MET D 118 16.84 -23.59 -34.02
N THR D 119 17.87 -24.31 -34.44
CA THR D 119 19.10 -23.66 -34.88
C THR D 119 18.92 -23.21 -36.32
N GLU D 120 19.95 -22.58 -36.88
CA GLU D 120 19.92 -22.07 -38.25
C GLU D 120 19.35 -23.04 -39.27
N ASP D 121 19.79 -24.29 -39.18
CA ASP D 121 19.30 -25.34 -40.09
C ASP D 121 17.77 -25.42 -40.08
N ALA D 122 17.18 -25.21 -38.90
CA ALA D 122 15.74 -25.26 -38.73
C ALA D 122 15.07 -24.34 -39.73
N ALA D 123 15.47 -23.08 -39.76
CA ALA D 123 14.86 -22.12 -40.69
C ALA D 123 14.97 -22.63 -42.12
N VAL D 124 16.15 -23.14 -42.46
CA VAL D 124 16.44 -23.64 -43.80
C VAL D 124 15.74 -24.96 -44.19
N PHE D 125 15.64 -25.91 -43.27
CA PHE D 125 14.97 -27.19 -43.56
C PHE D 125 13.63 -27.40 -42.87
N GLY D 126 13.13 -26.37 -42.18
CA GLY D 126 11.88 -26.55 -41.47
C GLY D 126 12.24 -27.11 -40.10
N GLY D 127 11.27 -27.31 -39.22
CA GLY D 127 11.61 -27.82 -37.89
C GLY D 127 10.93 -29.12 -37.48
N GLN D 128 11.21 -30.21 -38.17
CA GLN D 128 10.58 -31.49 -37.86
C GLN D 128 11.18 -32.31 -36.73
N GLN D 129 12.48 -32.54 -36.76
CA GLN D 129 13.08 -33.35 -35.72
C GLN D 129 12.96 -32.78 -34.33
N ASN D 130 13.33 -31.52 -34.17
CA ASN D 130 13.26 -30.89 -32.86
C ASN D 130 11.86 -30.99 -32.28
N MET D 131 10.87 -30.85 -33.15
CA MET D 131 9.49 -30.98 -32.68
C MET D 131 9.33 -32.44 -32.24
N LYS D 132 9.76 -33.36 -33.10
CA LYS D 132 9.68 -34.79 -32.83
C LYS D 132 10.44 -35.12 -31.55
N ASP D 133 11.76 -34.93 -31.56
CA ASP D 133 12.58 -35.20 -30.37
C ASP D 133 12.14 -34.36 -29.18
N GLY D 134 12.15 -33.05 -29.35
CA GLY D 134 11.75 -32.13 -28.30
C GLY D 134 10.52 -32.61 -27.53
N LEU D 135 9.52 -33.09 -28.24
CA LEU D 135 8.32 -33.59 -27.59
C LEU D 135 8.70 -34.79 -26.73
N GLN D 136 9.59 -35.64 -27.25
CA GLN D 136 10.05 -36.82 -26.53
C GLN D 136 10.92 -36.42 -25.34
N ASN D 137 12.06 -35.75 -25.60
CA ASN D 137 12.97 -35.30 -24.53
C ASN D 137 12.20 -34.62 -23.39
N CYS D 138 11.58 -33.49 -23.68
CA CYS D 138 10.81 -32.77 -22.68
C CYS D 138 9.85 -33.71 -21.96
N LYS D 139 8.98 -34.39 -22.71
CA LYS D 139 8.03 -35.31 -22.09
C LYS D 139 8.74 -36.35 -21.22
N ALA D 140 9.96 -36.71 -21.61
CA ALA D 140 10.73 -37.71 -20.86
C ALA D 140 11.42 -37.14 -19.64
N THR D 141 11.95 -35.92 -19.74
CA THR D 141 12.67 -35.29 -18.63
C THR D 141 11.77 -34.65 -17.56
N TYR D 142 10.92 -33.74 -17.97
CA TYR D 142 10.07 -33.03 -17.02
C TYR D 142 8.70 -33.66 -16.77
N LYS D 143 8.53 -34.84 -17.32
CA LYS D 143 7.32 -35.66 -17.20
C LYS D 143 5.89 -35.04 -17.14
N PRO D 144 5.51 -34.19 -18.09
CA PRO D 144 4.18 -33.59 -18.12
C PRO D 144 3.05 -34.57 -18.31
N ASP D 145 1.85 -34.04 -18.31
CA ASP D 145 0.69 -34.86 -18.59
C ASP D 145 0.27 -34.32 -19.91
N MET D 146 0.64 -33.07 -20.15
CA MET D 146 0.28 -32.43 -21.39
C MET D 146 1.34 -31.42 -21.79
N ILE D 147 1.43 -31.16 -23.08
CA ILE D 147 2.36 -30.18 -23.62
C ILE D 147 1.60 -29.37 -24.68
N ALA D 148 1.45 -28.08 -24.45
CA ALA D 148 0.74 -27.19 -25.40
C ALA D 148 1.77 -26.42 -26.23
N VAL D 149 1.96 -26.85 -27.47
CA VAL D 149 2.95 -26.24 -28.37
C VAL D 149 2.65 -24.80 -28.82
N SER D 150 3.69 -23.97 -28.80
CA SER D 150 3.64 -22.54 -29.20
C SER D 150 4.67 -22.29 -30.27
N THR D 151 4.87 -21.05 -30.68
CA THR D 151 5.82 -20.87 -31.77
C THR D 151 6.39 -19.45 -31.81
N THR D 152 7.70 -19.34 -32.04
CA THR D 152 8.36 -18.04 -32.10
C THR D 152 8.31 -17.54 -33.54
N CYS D 153 8.77 -16.32 -33.80
CA CYS D 153 8.74 -15.78 -35.16
C CYS D 153 9.23 -16.80 -36.18
N MET D 154 10.33 -17.45 -35.85
CA MET D 154 11.00 -18.43 -36.67
C MET D 154 10.16 -19.51 -37.34
N ALA D 155 9.15 -20.03 -36.64
CA ALA D 155 8.35 -21.07 -37.25
C ALA D 155 7.25 -20.45 -38.08
N GLU D 156 6.71 -19.33 -37.64
CA GLU D 156 5.63 -18.69 -38.39
C GLU D 156 5.94 -18.43 -39.87
N VAL D 157 7.04 -17.74 -40.11
CA VAL D 157 7.46 -17.42 -41.45
C VAL D 157 7.70 -18.70 -42.24
N ILE D 158 8.56 -19.57 -41.72
CA ILE D 158 8.87 -20.83 -42.37
C ILE D 158 7.64 -21.74 -42.32
N GLY D 159 6.55 -21.22 -41.82
CA GLY D 159 5.27 -21.89 -41.70
C GLY D 159 5.31 -23.38 -41.34
N ASP D 160 5.98 -23.74 -40.27
CA ASP D 160 5.98 -25.14 -39.86
C ASP D 160 4.55 -25.48 -39.48
N ASP D 161 4.02 -26.57 -39.98
CA ASP D 161 2.72 -26.99 -39.58
C ASP D 161 2.88 -27.72 -38.25
N LEU D 162 2.54 -27.05 -37.16
CA LEU D 162 2.63 -27.67 -35.85
C LEU D 162 1.79 -28.95 -35.80
N ASN D 163 0.58 -28.85 -36.33
CA ASN D 163 -0.29 -30.00 -36.35
C ASN D 163 0.42 -31.20 -36.94
N ALA D 164 0.75 -31.13 -38.23
CA ALA D 164 1.42 -32.23 -38.89
C ALA D 164 2.64 -32.65 -38.09
N PHE D 165 3.53 -31.70 -37.83
CA PHE D 165 4.76 -31.97 -37.08
C PHE D 165 4.50 -32.83 -35.82
N ILE D 166 3.43 -32.48 -35.10
CA ILE D 166 3.06 -33.21 -33.88
C ILE D 166 2.68 -34.65 -34.17
N ASN D 167 1.73 -34.82 -35.08
CA ASN D 167 1.21 -36.14 -35.46
C ASN D 167 2.27 -37.09 -36.05
N ASN D 168 3.24 -36.55 -36.77
CA ASN D 168 4.28 -37.41 -37.32
C ASN D 168 4.96 -38.03 -36.11
N SER D 169 5.47 -37.17 -35.21
CA SER D 169 6.14 -37.60 -33.99
C SER D 169 5.36 -38.71 -33.28
N LYS D 170 4.03 -38.60 -33.30
CA LYS D 170 3.17 -39.61 -32.68
C LYS D 170 3.33 -40.91 -33.47
N LYS D 171 2.93 -40.88 -34.74
CA LYS D 171 3.01 -42.04 -35.61
C LYS D 171 4.44 -42.57 -35.66
N GLU D 172 5.40 -41.65 -35.74
CA GLU D 172 6.82 -42.01 -35.79
C GLU D 172 7.30 -42.63 -34.45
N GLY D 173 6.39 -42.64 -33.47
CA GLY D 173 6.60 -43.21 -32.16
C GLY D 173 7.51 -42.53 -31.15
N PHE D 174 7.29 -41.26 -30.87
CA PHE D 174 8.13 -40.55 -29.92
C PHE D 174 7.40 -40.32 -28.65
N ILE D 175 6.10 -40.10 -28.81
CA ILE D 175 5.24 -39.83 -27.69
C ILE D 175 3.93 -40.62 -27.80
N PRO D 176 3.45 -41.16 -26.67
CA PRO D 176 2.20 -41.92 -26.64
C PRO D 176 1.10 -41.20 -27.42
N ASP D 177 0.60 -41.84 -28.47
CA ASP D 177 -0.43 -41.25 -29.30
C ASP D 177 -1.58 -40.63 -28.52
N GLU D 178 -1.80 -41.10 -27.30
CA GLU D 178 -2.88 -40.56 -26.49
C GLU D 178 -2.43 -39.39 -25.62
N PHE D 179 -1.13 -39.11 -25.64
CA PHE D 179 -0.59 -38.00 -24.85
C PHE D 179 -1.12 -36.67 -25.37
N PRO D 180 -1.78 -35.89 -24.51
CA PRO D 180 -2.34 -34.59 -24.85
C PRO D 180 -1.27 -33.58 -25.28
N VAL D 181 -1.38 -33.10 -26.51
CA VAL D 181 -0.42 -32.12 -27.02
C VAL D 181 -1.12 -31.11 -27.90
N PRO D 182 -1.87 -30.16 -27.29
CA PRO D 182 -2.59 -29.11 -28.01
C PRO D 182 -1.58 -28.18 -28.66
N PHE D 183 -2.06 -27.31 -29.55
CA PHE D 183 -1.14 -26.38 -30.22
C PHE D 183 -1.86 -25.16 -30.75
N ALA D 184 -1.09 -24.15 -31.10
CA ALA D 184 -1.64 -22.93 -31.65
C ALA D 184 -0.53 -22.06 -32.22
N HIS D 185 -0.65 -21.69 -33.49
CA HIS D 185 0.35 -20.84 -34.10
C HIS D 185 0.22 -19.54 -33.32
N THR D 186 1.35 -19.02 -32.86
CA THR D 186 1.36 -17.80 -32.07
C THR D 186 2.28 -16.74 -32.64
N PRO D 187 1.91 -16.19 -33.82
CA PRO D 187 2.64 -15.16 -34.57
C PRO D 187 2.94 -13.97 -33.70
N SER D 188 4.15 -13.91 -33.14
CA SER D 188 4.51 -12.80 -32.28
C SER D 188 4.34 -11.48 -33.01
N PHE D 189 4.45 -11.54 -34.36
CA PHE D 189 4.34 -10.32 -35.19
C PHE D 189 2.90 -9.92 -35.55
N VAL D 190 1.98 -10.35 -34.72
CA VAL D 190 0.59 -10.13 -34.97
C VAL D 190 -0.14 -9.94 -33.65
N GLY D 191 -1.20 -9.17 -33.61
CA GLY D 191 -1.87 -8.95 -32.35
C GLY D 191 -0.91 -8.60 -31.22
N SER D 192 -1.09 -9.24 -30.07
CA SER D 192 -0.25 -9.00 -28.92
C SER D 192 -0.20 -10.21 -27.99
N HIS D 193 0.38 -10.03 -26.80
CA HIS D 193 0.46 -11.13 -25.85
C HIS D 193 -0.92 -11.63 -25.46
N VAL D 194 -1.87 -10.72 -25.30
CA VAL D 194 -3.23 -11.08 -24.93
C VAL D 194 -3.82 -12.02 -25.97
N THR D 195 -3.45 -11.78 -27.23
CA THR D 195 -3.92 -12.57 -28.35
C THR D 195 -3.43 -14.01 -28.24
N GLY D 196 -2.15 -14.17 -27.86
CA GLY D 196 -1.58 -15.49 -27.72
C GLY D 196 -2.46 -16.29 -26.79
N TRP D 197 -2.85 -15.70 -25.68
CA TRP D 197 -3.69 -16.37 -24.70
C TRP D 197 -4.96 -16.94 -25.32
N ASP D 198 -5.56 -16.22 -26.28
CA ASP D 198 -6.77 -16.70 -26.95
C ASP D 198 -6.45 -17.92 -27.79
N ASN D 199 -5.54 -17.74 -28.72
CA ASN D 199 -5.11 -18.81 -29.60
C ASN D 199 -4.70 -20.03 -28.78
N MET D 200 -3.90 -19.82 -27.76
CA MET D 200 -3.44 -20.93 -26.93
C MET D 200 -4.61 -21.59 -26.23
N PHE D 201 -5.49 -20.80 -25.61
CA PHE D 201 -6.64 -21.36 -24.91
C PHE D 201 -7.52 -22.13 -25.85
N GLU D 202 -8.15 -21.42 -26.76
CA GLU D 202 -9.04 -22.03 -27.73
C GLU D 202 -8.43 -23.34 -28.25
N GLY D 203 -7.15 -23.32 -28.59
CA GLY D 203 -6.51 -24.54 -29.07
C GLY D 203 -6.89 -25.71 -28.19
N ILE D 204 -6.67 -25.55 -26.89
CA ILE D 204 -6.97 -26.56 -25.90
C ILE D 204 -8.48 -26.80 -25.74
N ALA D 205 -9.25 -25.72 -25.74
CA ALA D 205 -10.70 -25.86 -25.62
C ALA D 205 -11.16 -26.82 -26.70
N ARG D 206 -10.42 -26.90 -27.80
CA ARG D 206 -10.76 -27.80 -28.89
C ARG D 206 -10.26 -29.20 -28.72
N TYR D 207 -8.95 -29.32 -28.48
CA TYR D 207 -8.33 -30.63 -28.33
C TYR D 207 -9.16 -31.60 -27.50
N PHE D 208 -9.84 -31.10 -26.46
CA PHE D 208 -10.64 -31.97 -25.59
C PHE D 208 -12.13 -31.97 -25.88
N THR D 209 -12.57 -31.24 -26.89
CA THR D 209 -14.00 -31.22 -27.16
C THR D 209 -14.45 -31.50 -28.59
N LEU D 210 -13.85 -30.83 -29.55
CA LEU D 210 -14.22 -30.96 -30.97
C LEU D 210 -14.64 -32.37 -31.43
N LYS D 211 -13.83 -33.36 -31.11
CA LYS D 211 -14.12 -34.72 -31.49
C LYS D 211 -15.29 -35.32 -30.69
N SER D 212 -15.30 -35.07 -29.39
CA SER D 212 -16.33 -35.58 -28.48
C SER D 212 -17.66 -34.82 -28.39
N MET D 213 -17.86 -33.82 -29.23
CA MET D 213 -19.10 -33.02 -29.18
C MET D 213 -20.44 -33.75 -29.24
N ASP D 214 -20.42 -34.91 -29.88
CA ASP D 214 -21.62 -35.71 -30.10
C ASP D 214 -22.40 -36.23 -28.89
N ASP D 215 -21.72 -36.36 -27.76
CA ASP D 215 -22.39 -36.90 -26.56
C ASP D 215 -22.55 -35.95 -25.39
N LYS D 216 -22.22 -34.68 -25.58
CA LYS D 216 -22.34 -33.73 -24.49
C LYS D 216 -23.62 -32.92 -24.57
N VAL D 217 -24.24 -32.68 -23.42
CA VAL D 217 -25.47 -31.90 -23.33
C VAL D 217 -25.22 -30.55 -22.69
N VAL D 218 -25.84 -29.51 -23.23
CA VAL D 218 -25.64 -28.19 -22.67
C VAL D 218 -26.23 -28.16 -21.26
N GLY D 219 -25.36 -27.98 -20.30
CA GLY D 219 -25.80 -27.92 -18.93
C GLY D 219 -26.09 -29.29 -18.37
N SER D 220 -25.15 -30.21 -18.55
CA SER D 220 -25.27 -31.58 -18.04
C SER D 220 -24.77 -31.67 -16.61
N ASN D 221 -23.78 -30.84 -16.27
CA ASN D 221 -23.24 -30.82 -14.93
C ASN D 221 -23.78 -29.62 -14.17
N LYS D 222 -24.59 -28.82 -14.84
CA LYS D 222 -25.20 -27.64 -14.22
C LYS D 222 -24.17 -26.70 -13.60
N LYS D 223 -23.05 -26.54 -14.27
CA LYS D 223 -22.02 -25.67 -13.73
C LYS D 223 -21.76 -24.48 -14.67
N ILE D 224 -20.90 -23.57 -14.24
CA ILE D 224 -20.60 -22.40 -15.03
C ILE D 224 -19.11 -22.29 -15.33
N ASN D 225 -18.77 -22.29 -16.62
CA ASN D 225 -17.39 -22.17 -17.03
C ASN D 225 -16.88 -20.76 -16.80
N ILE D 226 -15.61 -20.65 -16.42
CA ILE D 226 -15.01 -19.33 -16.19
C ILE D 226 -13.67 -19.24 -16.93
N VAL D 227 -13.67 -18.48 -18.02
CA VAL D 227 -12.47 -18.29 -18.81
C VAL D 227 -11.87 -16.94 -18.44
N PRO D 228 -10.74 -16.94 -17.72
CA PRO D 228 -10.04 -15.73 -17.28
C PRO D 228 -9.34 -14.93 -18.34
N GLY D 229 -8.50 -15.59 -19.12
CA GLY D 229 -7.78 -14.88 -20.14
C GLY D 229 -6.44 -14.54 -19.52
N PHE D 230 -5.63 -13.79 -20.24
CA PHE D 230 -4.32 -13.40 -19.76
C PHE D 230 -4.46 -12.54 -18.50
N GLU D 231 -4.33 -13.19 -17.34
CA GLU D 231 -4.44 -12.52 -16.04
C GLU D 231 -3.19 -12.82 -15.23
N THR D 232 -2.56 -11.78 -14.67
CA THR D 232 -1.33 -11.92 -13.87
C THR D 232 -1.41 -11.57 -12.37
N TYR D 233 -2.59 -11.19 -11.90
CA TYR D 233 -2.79 -10.89 -10.49
C TYR D 233 -3.43 -12.16 -9.92
N LEU D 234 -2.71 -12.93 -9.11
CA LEU D 234 -3.32 -14.15 -8.57
C LEU D 234 -4.53 -13.78 -7.73
N GLY D 235 -4.46 -12.63 -7.07
CA GLY D 235 -5.58 -12.22 -6.25
C GLY D 235 -6.89 -12.26 -7.01
N ASN D 236 -6.82 -12.07 -8.32
CA ASN D 236 -8.01 -12.07 -9.15
C ASN D 236 -8.53 -13.45 -9.43
N PHE D 237 -7.64 -14.41 -9.61
CA PHE D 237 -8.07 -15.78 -9.84
C PHE D 237 -8.79 -16.24 -8.58
N ARG D 238 -8.14 -16.04 -7.44
CA ARG D 238 -8.68 -16.40 -6.15
C ARG D 238 -10.02 -15.73 -5.84
N VAL D 239 -10.09 -14.41 -5.99
CA VAL D 239 -11.33 -13.69 -5.71
C VAL D 239 -12.52 -14.15 -6.55
N ILE D 240 -12.32 -14.41 -7.84
CA ILE D 240 -13.44 -14.85 -8.65
C ILE D 240 -13.91 -16.22 -8.21
N LYS D 241 -12.97 -17.07 -7.79
CA LYS D 241 -13.34 -18.42 -7.31
C LYS D 241 -14.07 -18.32 -5.99
N ARG D 242 -13.64 -17.40 -5.14
CA ARG D 242 -14.27 -17.22 -3.84
C ARG D 242 -15.74 -16.84 -3.93
N MET D 243 -16.05 -15.85 -4.78
CA MET D 243 -17.42 -15.43 -4.94
C MET D 243 -18.34 -16.53 -5.42
N LEU D 244 -18.07 -17.07 -6.60
CA LEU D 244 -18.89 -18.15 -7.12
C LEU D 244 -19.02 -19.18 -6.01
N SER D 245 -17.88 -19.56 -5.44
CA SER D 245 -17.87 -20.57 -4.39
C SER D 245 -18.73 -20.25 -3.18
N GLU D 246 -18.75 -18.99 -2.75
CA GLU D 246 -19.58 -18.63 -1.60
C GLU D 246 -21.02 -18.38 -2.02
N MET D 247 -21.31 -18.63 -3.29
CA MET D 247 -22.66 -18.48 -3.83
C MET D 247 -23.27 -19.86 -3.90
N GLY D 248 -22.40 -20.86 -3.83
CA GLY D 248 -22.85 -22.23 -3.94
C GLY D 248 -23.08 -22.50 -5.42
N VAL D 249 -22.32 -21.79 -6.24
CA VAL D 249 -22.39 -21.92 -7.69
C VAL D 249 -21.33 -22.87 -8.20
N GLY D 250 -21.74 -23.78 -9.07
CA GLY D 250 -20.80 -24.74 -9.61
C GLY D 250 -20.00 -24.03 -10.67
N TYR D 251 -18.73 -24.35 -10.78
CA TYR D 251 -17.97 -23.68 -11.79
C TYR D 251 -16.73 -24.47 -12.14
N SER D 252 -16.04 -23.98 -13.15
CA SER D 252 -14.80 -24.58 -13.58
C SER D 252 -13.96 -23.43 -14.14
N LEU D 253 -12.83 -23.16 -13.50
CA LEU D 253 -11.94 -22.10 -13.96
C LEU D 253 -11.07 -22.72 -15.01
N LEU D 254 -11.37 -22.45 -16.27
CA LEU D 254 -10.55 -23.00 -17.34
C LEU D 254 -9.34 -22.09 -17.50
N SER D 255 -8.17 -22.60 -17.10
CA SER D 255 -6.90 -21.89 -17.09
C SER D 255 -6.76 -21.26 -15.72
N ASP D 256 -6.12 -21.99 -14.79
CA ASP D 256 -5.95 -21.54 -13.39
C ASP D 256 -4.51 -21.59 -12.77
N PRO D 257 -3.68 -20.53 -13.08
CA PRO D 257 -2.26 -20.39 -12.59
C PRO D 257 -1.95 -20.39 -11.10
N GLU D 258 -2.87 -19.87 -10.31
CA GLU D 258 -2.81 -19.65 -8.84
C GLU D 258 -1.92 -20.50 -7.94
N GLU D 259 -2.03 -21.82 -8.01
CA GLU D 259 -1.17 -22.67 -7.18
C GLU D 259 0.25 -22.68 -7.73
N VAL D 260 0.36 -23.00 -9.02
CA VAL D 260 1.65 -23.09 -9.70
C VAL D 260 2.49 -21.81 -9.62
N LEU D 261 1.85 -20.64 -9.68
CA LEU D 261 2.60 -19.38 -9.60
C LEU D 261 2.81 -18.94 -8.15
N ASP D 262 2.60 -19.85 -7.23
CA ASP D 262 2.70 -19.48 -5.84
C ASP D 262 3.02 -20.72 -5.00
N THR D 263 4.03 -21.48 -5.41
CA THR D 263 4.40 -22.68 -4.70
C THR D 263 5.22 -22.40 -3.46
N PRO D 264 4.67 -22.72 -2.31
CA PRO D 264 5.35 -22.51 -1.04
C PRO D 264 6.78 -22.99 -0.99
N ALA D 265 7.62 -22.15 -0.41
CA ALA D 265 9.04 -22.49 -0.24
C ALA D 265 9.05 -23.14 1.12
N ASP D 266 9.10 -24.47 1.09
CA ASP D 266 9.09 -25.26 2.31
C ASP D 266 10.14 -26.35 2.15
N GLY D 267 10.96 -26.24 1.12
CA GLY D 267 12.00 -27.22 0.92
C GLY D 267 11.81 -28.13 -0.28
N GLN D 268 10.59 -28.22 -0.79
CA GLN D 268 10.32 -29.07 -1.93
C GLN D 268 9.94 -28.21 -3.14
N PHE D 269 10.70 -28.33 -4.23
CA PHE D 269 10.41 -27.59 -5.46
C PHE D 269 9.24 -28.29 -6.18
N ARG D 270 8.31 -27.51 -6.71
CA ARG D 270 7.16 -28.08 -7.41
C ARG D 270 7.05 -27.47 -8.79
N MET D 271 7.43 -28.24 -9.80
CA MET D 271 7.37 -27.75 -11.16
C MET D 271 5.92 -27.48 -11.54
N TYR D 272 4.99 -28.22 -10.93
CA TYR D 272 3.57 -28.05 -11.20
C TYR D 272 2.75 -28.04 -9.90
N ALA D 273 1.59 -27.46 -9.96
CA ALA D 273 0.63 -27.43 -8.86
C ALA D 273 -0.73 -26.99 -9.40
N GLY D 274 -1.80 -27.36 -8.71
CA GLY D 274 -3.12 -26.97 -9.17
C GLY D 274 -3.30 -27.09 -10.66
N GLY D 275 -4.06 -26.16 -11.25
CA GLY D 275 -4.28 -26.20 -12.67
C GLY D 275 -5.61 -26.84 -13.02
N THR D 276 -6.06 -26.63 -14.26
CA THR D 276 -7.32 -27.17 -14.73
C THR D 276 -7.09 -28.56 -15.30
N THR D 277 -7.85 -29.52 -14.79
CA THR D 277 -7.71 -30.90 -15.26
C THR D 277 -8.25 -31.07 -16.67
N GLN D 278 -7.59 -31.95 -17.44
CA GLN D 278 -8.06 -32.20 -18.79
C GLN D 278 -9.44 -32.77 -18.64
N GLU D 279 -9.59 -33.78 -17.78
CA GLU D 279 -10.89 -34.36 -17.57
C GLU D 279 -11.93 -33.29 -17.29
N GLU D 280 -11.46 -32.11 -16.87
CA GLU D 280 -12.33 -30.98 -16.56
C GLU D 280 -12.61 -30.17 -17.81
N MET D 281 -11.55 -29.97 -18.58
CA MET D 281 -11.61 -29.24 -19.84
C MET D 281 -12.39 -30.11 -20.81
N LYS D 282 -12.22 -31.43 -20.67
CA LYS D 282 -12.90 -32.40 -21.52
C LYS D 282 -14.41 -32.29 -21.32
N ASP D 283 -14.82 -32.23 -20.06
CA ASP D 283 -16.23 -32.14 -19.73
C ASP D 283 -16.85 -30.75 -19.89
N ALA D 284 -16.04 -29.74 -20.18
CA ALA D 284 -16.53 -28.37 -20.30
C ALA D 284 -17.92 -28.16 -20.94
N PRO D 285 -18.13 -28.64 -22.16
CA PRO D 285 -19.43 -28.46 -22.81
C PRO D 285 -20.70 -28.84 -22.05
N ASN D 286 -20.59 -29.74 -21.10
CA ASN D 286 -21.74 -30.16 -20.33
C ASN D 286 -22.16 -29.11 -19.31
N ALA D 287 -21.58 -27.93 -19.36
CA ALA D 287 -21.94 -26.89 -18.39
C ALA D 287 -23.18 -26.11 -18.84
N LEU D 288 -23.70 -25.24 -17.99
CA LEU D 288 -24.88 -24.49 -18.38
C LEU D 288 -24.45 -23.44 -19.36
N ASN D 289 -23.37 -22.72 -19.02
CA ASN D 289 -22.87 -21.66 -19.89
C ASN D 289 -21.44 -21.24 -19.53
N THR D 290 -20.71 -20.71 -20.52
CA THR D 290 -19.33 -20.27 -20.31
C THR D 290 -19.26 -18.75 -20.14
N VAL D 291 -18.46 -18.30 -19.17
CA VAL D 291 -18.30 -16.86 -18.91
C VAL D 291 -16.88 -16.43 -19.24
N LEU D 292 -16.75 -15.30 -19.93
CA LEU D 292 -15.46 -14.80 -20.33
C LEU D 292 -15.18 -13.51 -19.59
N LEU D 293 -14.30 -13.57 -18.61
CA LEU D 293 -13.95 -12.42 -17.81
C LEU D 293 -13.32 -11.25 -18.58
N GLN D 294 -12.55 -11.52 -19.65
CA GLN D 294 -11.97 -10.44 -20.47
C GLN D 294 -12.24 -10.71 -21.98
N PRO D 295 -13.48 -10.52 -22.45
CA PRO D 295 -13.82 -10.77 -23.86
C PRO D 295 -12.98 -10.13 -24.91
N TRP D 296 -12.37 -9.02 -24.58
CA TRP D 296 -11.65 -8.34 -25.61
C TRP D 296 -10.39 -8.95 -26.16
N HIS D 297 -9.96 -10.08 -25.60
CA HIS D 297 -8.78 -10.77 -26.11
C HIS D 297 -9.09 -12.26 -26.13
N LEU D 298 -10.36 -12.58 -25.96
CA LEU D 298 -10.86 -13.94 -25.98
C LEU D 298 -11.95 -14.02 -27.06
N GLU D 299 -11.78 -13.22 -28.11
CA GLU D 299 -12.73 -13.17 -29.22
C GLU D 299 -12.76 -14.45 -30.03
N LYS D 300 -11.64 -15.18 -30.05
CA LYS D 300 -11.56 -16.43 -30.81
C LYS D 300 -12.11 -17.58 -30.00
N THR D 301 -12.11 -17.41 -28.69
CA THR D 301 -12.63 -18.43 -27.79
C THR D 301 -14.13 -18.43 -27.97
N LYS D 302 -14.73 -17.27 -27.80
CA LYS D 302 -16.18 -17.08 -27.92
C LYS D 302 -16.69 -17.71 -29.21
N LYS D 303 -16.00 -17.46 -30.31
CA LYS D 303 -16.37 -18.01 -31.61
C LYS D 303 -16.53 -19.50 -31.52
N PHE D 304 -15.61 -20.15 -30.80
CA PHE D 304 -15.60 -21.60 -30.62
C PHE D 304 -16.67 -22.02 -29.64
N VAL D 305 -16.60 -21.50 -28.43
CA VAL D 305 -17.56 -21.84 -27.39
C VAL D 305 -19.00 -21.70 -27.89
N GLU D 306 -19.33 -20.55 -28.46
CA GLU D 306 -20.68 -20.31 -29.00
C GLU D 306 -20.95 -21.26 -30.19
N GLY D 307 -19.92 -21.43 -31.01
CA GLY D 307 -20.05 -22.28 -32.19
C GLY D 307 -20.06 -23.76 -31.94
N THR D 308 -18.96 -24.31 -31.40
CA THR D 308 -18.91 -25.74 -31.17
C THR D 308 -19.68 -26.22 -29.94
N TRP D 309 -19.46 -25.59 -28.79
CA TRP D 309 -20.16 -26.00 -27.56
C TRP D 309 -21.59 -25.53 -27.57
N LYS D 310 -21.88 -24.58 -28.44
CA LYS D 310 -23.22 -24.06 -28.54
C LYS D 310 -23.61 -23.32 -27.26
N HIS D 311 -22.66 -22.67 -26.60
CA HIS D 311 -22.96 -21.92 -25.37
C HIS D 311 -23.46 -20.48 -25.62
N GLU D 312 -24.55 -20.10 -24.96
CA GLU D 312 -25.14 -18.77 -25.12
C GLU D 312 -24.36 -17.77 -24.29
N VAL D 313 -23.08 -17.63 -24.62
CA VAL D 313 -22.14 -16.73 -23.92
C VAL D 313 -22.69 -15.36 -23.62
N PRO D 314 -22.67 -14.96 -22.34
CA PRO D 314 -23.12 -13.69 -21.77
C PRO D 314 -22.39 -12.49 -22.27
N LYS D 315 -23.10 -11.39 -22.42
CA LYS D 315 -22.49 -10.15 -22.90
C LYS D 315 -22.02 -9.33 -21.71
N LEU D 316 -21.02 -9.84 -20.99
CA LEU D 316 -20.50 -9.15 -19.81
C LEU D 316 -19.16 -8.50 -20.05
N ASN D 317 -18.88 -7.47 -19.25
CA ASN D 317 -17.59 -6.80 -19.35
C ASN D 317 -16.74 -7.31 -18.21
N ILE D 318 -15.45 -6.95 -18.23
CA ILE D 318 -14.59 -7.40 -17.18
C ILE D 318 -15.18 -6.95 -15.85
N PRO D 319 -15.29 -7.88 -14.88
CA PRO D 319 -15.86 -7.56 -13.56
C PRO D 319 -14.99 -6.59 -12.77
N MET D 320 -15.06 -5.30 -13.11
CA MET D 320 -14.28 -4.31 -12.38
C MET D 320 -15.16 -3.17 -11.89
N GLY D 321 -14.77 -2.60 -10.76
CA GLY D 321 -15.54 -1.50 -10.22
C GLY D 321 -16.80 -2.05 -9.62
N LEU D 322 -17.74 -1.17 -9.32
CA LEU D 322 -18.99 -1.58 -8.69
C LEU D 322 -20.05 -2.09 -9.64
N ASP D 323 -20.45 -1.31 -10.65
CA ASP D 323 -21.54 -1.74 -11.51
C ASP D 323 -21.29 -3.02 -12.31
N TRP D 324 -20.10 -3.11 -12.89
CA TRP D 324 -19.76 -4.28 -13.67
C TRP D 324 -19.62 -5.54 -12.83
N THR D 325 -19.68 -5.41 -11.50
CA THR D 325 -19.58 -6.57 -10.64
C THR D 325 -20.96 -7.09 -10.29
N ASP D 326 -21.87 -6.19 -9.92
CA ASP D 326 -23.23 -6.60 -9.59
C ASP D 326 -23.77 -7.27 -10.86
N GLU D 327 -23.42 -6.71 -12.02
CA GLU D 327 -23.89 -7.26 -13.27
C GLU D 327 -23.33 -8.67 -13.44
N PHE D 328 -22.04 -8.85 -13.12
CA PHE D 328 -21.40 -10.16 -13.23
C PHE D 328 -22.12 -11.17 -12.33
N LEU D 329 -22.30 -10.79 -11.07
CA LEU D 329 -22.98 -11.63 -10.09
C LEU D 329 -24.44 -11.88 -10.44
N MET D 330 -25.13 -10.81 -10.82
CA MET D 330 -26.52 -10.96 -11.18
C MET D 330 -26.64 -12.01 -12.25
N LYS D 331 -25.87 -11.87 -13.33
CA LYS D 331 -25.93 -12.84 -14.42
C LYS D 331 -25.60 -14.24 -13.94
N VAL D 332 -24.60 -14.37 -13.07
CA VAL D 332 -24.26 -15.69 -12.54
C VAL D 332 -25.48 -16.22 -11.80
N SER D 333 -26.17 -15.32 -11.11
CA SER D 333 -27.38 -15.66 -10.36
C SER D 333 -28.46 -16.08 -11.34
N GLU D 334 -28.49 -15.41 -12.50
CA GLU D 334 -29.47 -15.72 -13.53
C GLU D 334 -29.25 -17.15 -14.01
N ILE D 335 -27.98 -17.60 -14.08
CA ILE D 335 -27.62 -18.92 -14.59
C ILE D 335 -27.58 -20.09 -13.62
N SER D 336 -26.68 -20.02 -12.63
CA SER D 336 -26.50 -21.05 -11.60
C SER D 336 -27.81 -21.44 -10.94
N GLY D 337 -28.62 -20.44 -10.66
CA GLY D 337 -29.88 -20.70 -9.98
C GLY D 337 -29.78 -20.14 -8.58
N GLN D 338 -28.58 -20.24 -8.01
CA GLN D 338 -28.31 -19.74 -6.66
C GLN D 338 -28.50 -18.23 -6.63
N PRO D 339 -28.99 -17.70 -5.51
CA PRO D 339 -29.18 -16.26 -5.42
C PRO D 339 -27.92 -15.55 -5.00
N ILE D 340 -27.96 -14.22 -5.03
CA ILE D 340 -26.79 -13.49 -4.60
C ILE D 340 -26.86 -13.59 -3.09
N PRO D 341 -25.86 -14.25 -2.47
CA PRO D 341 -25.78 -14.45 -1.02
C PRO D 341 -25.81 -13.10 -0.28
N ALA D 342 -26.39 -13.08 0.91
CA ALA D 342 -26.44 -11.86 1.71
C ALA D 342 -25.00 -11.44 1.98
N SER D 343 -24.12 -12.44 1.97
CA SER D 343 -22.70 -12.24 2.20
C SER D 343 -22.16 -11.25 1.20
N LEU D 344 -22.24 -11.60 -0.09
CA LEU D 344 -21.78 -10.73 -1.17
C LEU D 344 -22.44 -9.36 -1.18
N THR D 345 -23.73 -9.31 -0.87
CA THR D 345 -24.46 -8.05 -0.83
C THR D 345 -23.86 -7.12 0.20
N LYS D 346 -23.48 -7.69 1.35
CA LYS D 346 -22.85 -6.90 2.41
C LYS D 346 -21.60 -6.28 1.78
N GLU D 347 -20.70 -7.15 1.33
CA GLU D 347 -19.46 -6.75 0.69
C GLU D 347 -19.70 -5.54 -0.20
N ARG D 348 -20.66 -5.64 -1.09
CA ARG D 348 -20.96 -4.53 -1.98
C ARG D 348 -21.17 -3.27 -1.16
N GLY D 349 -22.15 -3.29 -0.26
CA GLY D 349 -22.44 -2.13 0.57
C GLY D 349 -21.22 -1.61 1.33
N ARG D 350 -20.31 -2.50 1.68
CA ARG D 350 -19.09 -2.13 2.40
C ARG D 350 -18.22 -1.34 1.46
N LEU D 351 -18.30 -1.64 0.17
CA LEU D 351 -17.51 -0.93 -0.85
C LEU D 351 -18.08 0.46 -1.08
N VAL D 352 -19.40 0.53 -1.21
CA VAL D 352 -20.08 1.81 -1.41
C VAL D 352 -19.85 2.69 -0.19
N ASP D 353 -19.58 2.05 0.95
CA ASP D 353 -19.33 2.79 2.18
C ASP D 353 -18.03 3.50 2.05
N MET D 354 -17.01 2.77 1.60
CA MET D 354 -15.68 3.33 1.42
C MET D 354 -15.69 4.47 0.41
N MET D 355 -16.61 4.38 -0.56
CA MET D 355 -16.74 5.40 -1.59
C MET D 355 -17.29 6.66 -0.99
N THR D 356 -18.43 6.56 -0.33
CA THR D 356 -19.01 7.74 0.29
C THR D 356 -17.98 8.32 1.27
N ASP D 357 -17.32 7.43 2.00
CA ASP D 357 -16.34 7.85 2.98
C ASP D 357 -15.10 8.49 2.33
N SER D 358 -14.64 7.99 1.19
CA SER D 358 -13.45 8.56 0.54
C SER D 358 -13.73 9.51 -0.63
N HIS D 359 -14.99 9.63 -1.04
CA HIS D 359 -15.38 10.44 -2.19
C HIS D 359 -14.77 11.83 -2.33
N THR D 360 -14.59 12.54 -1.23
CA THR D 360 -14.01 13.88 -1.26
C THR D 360 -12.63 14.01 -1.89
N TRP D 361 -11.69 13.19 -1.42
CA TRP D 361 -10.33 13.20 -1.95
C TRP D 361 -10.24 12.74 -3.41
N LEU D 362 -10.99 11.70 -3.74
CA LEU D 362 -10.99 11.15 -5.07
C LEU D 362 -11.76 11.96 -6.10
N HIS D 363 -12.68 12.78 -5.64
CA HIS D 363 -13.48 13.56 -6.58
C HIS D 363 -12.67 14.54 -7.42
N GLY D 364 -12.80 14.44 -8.74
CA GLY D 364 -12.11 15.35 -9.64
C GLY D 364 -10.66 15.10 -9.99
N LYS D 365 -10.03 14.10 -9.37
CA LYS D 365 -8.62 13.82 -9.66
C LYS D 365 -8.45 13.35 -11.10
N ARG D 366 -7.67 14.10 -11.88
CA ARG D 366 -7.42 13.78 -13.27
C ARG D 366 -6.32 12.73 -13.43
N PHE D 367 -6.63 11.62 -14.11
CA PHE D 367 -5.64 10.58 -14.29
C PHE D 367 -5.32 10.23 -15.72
N ALA D 368 -4.15 9.63 -15.89
CA ALA D 368 -3.67 9.14 -17.15
C ALA D 368 -3.41 7.69 -16.93
N LEU D 369 -3.91 6.85 -17.82
CA LEU D 369 -3.74 5.41 -17.60
C LEU D 369 -3.58 4.53 -18.85
N TRP D 370 -3.13 3.31 -18.61
CA TRP D 370 -2.87 2.43 -19.71
C TRP D 370 -2.72 0.99 -19.26
N GLY D 371 -2.89 0.07 -20.18
CA GLY D 371 -2.76 -1.34 -19.87
C GLY D 371 -3.37 -2.17 -20.99
N ASP D 372 -3.98 -3.30 -20.66
CA ASP D 372 -4.59 -4.12 -21.65
C ASP D 372 -5.97 -3.56 -21.91
N PRO D 373 -6.61 -4.00 -23.01
CA PRO D 373 -7.94 -3.52 -23.38
C PRO D 373 -9.02 -3.75 -22.34
N ASP D 374 -9.00 -4.89 -21.68
CA ASP D 374 -10.02 -5.14 -20.68
C ASP D 374 -9.76 -4.34 -19.40
N PHE D 375 -8.50 -4.36 -18.97
CA PHE D 375 -8.08 -3.63 -17.78
C PHE D 375 -8.44 -2.17 -17.87
N VAL D 376 -7.88 -1.47 -18.84
CA VAL D 376 -8.15 -0.04 -19.02
C VAL D 376 -9.63 0.29 -19.12
N MET D 377 -10.36 -0.54 -19.84
CA MET D 377 -11.80 -0.37 -20.02
C MET D 377 -12.44 -0.56 -18.65
N GLY D 378 -11.85 -1.46 -17.87
CA GLY D 378 -12.35 -1.72 -16.53
C GLY D 378 -11.99 -0.54 -15.65
N LEU D 379 -10.70 -0.35 -15.40
CA LEU D 379 -10.22 0.74 -14.57
C LEU D 379 -10.92 2.05 -14.89
N VAL D 380 -10.84 2.49 -16.14
CA VAL D 380 -11.48 3.73 -16.52
C VAL D 380 -12.87 3.82 -15.93
N LYS D 381 -13.70 2.82 -16.22
CA LYS D 381 -15.08 2.74 -15.73
C LYS D 381 -15.14 3.12 -14.25
N PHE D 382 -14.53 2.27 -13.43
CA PHE D 382 -14.50 2.46 -11.98
C PHE D 382 -14.01 3.85 -11.58
N LEU D 383 -13.15 4.46 -12.41
CA LEU D 383 -12.63 5.80 -12.13
C LEU D 383 -13.77 6.81 -12.24
N LEU D 384 -14.69 6.59 -13.17
CA LEU D 384 -15.85 7.48 -13.33
C LEU D 384 -16.78 7.28 -12.14
N GLU D 385 -16.89 6.03 -11.69
CA GLU D 385 -17.74 5.70 -10.54
C GLU D 385 -17.26 6.51 -9.32
N LEU D 386 -15.95 6.54 -9.11
CA LEU D 386 -15.39 7.28 -7.99
C LEU D 386 -15.45 8.78 -8.26
N GLY D 387 -15.66 9.16 -9.50
CA GLY D 387 -15.74 10.58 -9.81
C GLY D 387 -14.42 11.26 -10.10
N CYS D 388 -13.56 10.61 -10.89
CA CYS D 388 -12.26 11.16 -11.28
C CYS D 388 -12.31 11.36 -12.79
N GLU D 389 -11.54 12.30 -13.30
CA GLU D 389 -11.52 12.53 -14.75
C GLU D 389 -10.47 11.66 -15.39
N PRO D 390 -10.87 10.70 -16.25
CA PRO D 390 -9.89 9.84 -16.92
C PRO D 390 -9.29 10.50 -18.14
N VAL D 391 -8.67 11.66 -17.96
CA VAL D 391 -8.04 12.45 -19.02
C VAL D 391 -7.42 11.71 -20.22
N HIS D 392 -6.26 11.10 -20.01
CA HIS D 392 -5.58 10.35 -21.06
C HIS D 392 -5.65 8.84 -20.86
N ILE D 393 -6.34 8.16 -21.76
CA ILE D 393 -6.49 6.72 -21.68
C ILE D 393 -5.77 6.05 -22.84
N LEU D 394 -4.63 5.40 -22.58
CA LEU D 394 -3.87 4.74 -23.64
C LEU D 394 -3.94 3.24 -23.53
N CYS D 395 -4.02 2.59 -24.67
CA CYS D 395 -4.11 1.13 -24.77
C CYS D 395 -3.40 0.79 -26.07
N HIS D 396 -2.13 0.43 -25.96
CA HIS D 396 -1.28 0.11 -27.11
C HIS D 396 -1.69 -1.04 -28.02
N ASN D 397 -2.43 -1.98 -27.46
CA ASN D 397 -2.85 -3.17 -28.21
C ASN D 397 -4.32 -3.18 -28.46
N GLY D 398 -4.95 -2.04 -28.27
CA GLY D 398 -6.39 -1.95 -28.47
C GLY D 398 -6.80 -1.80 -29.91
N ASN D 399 -8.09 -1.92 -30.17
CA ASN D 399 -8.54 -1.77 -31.54
C ASN D 399 -9.70 -0.80 -31.64
N LYS D 400 -10.17 -0.62 -32.86
CA LYS D 400 -11.26 0.32 -33.17
C LYS D 400 -12.61 0.02 -32.47
N ARG D 401 -13.09 -1.21 -32.61
CA ARG D 401 -14.34 -1.64 -32.00
C ARG D 401 -14.23 -1.38 -30.49
N TRP D 402 -13.03 -1.57 -29.96
CA TRP D 402 -12.76 -1.38 -28.54
C TRP D 402 -12.81 0.09 -28.22
N LYS D 403 -11.90 0.87 -28.78
CA LYS D 403 -11.85 2.31 -28.56
C LYS D 403 -13.24 2.93 -28.50
N LYS D 404 -14.03 2.73 -29.53
CA LYS D 404 -15.37 3.31 -29.55
C LYS D 404 -16.36 2.68 -28.56
N ALA D 405 -15.96 1.62 -27.88
CA ALA D 405 -16.87 1.07 -26.87
C ALA D 405 -16.51 1.83 -25.60
N VAL D 406 -15.22 2.13 -25.44
CA VAL D 406 -14.75 2.86 -24.28
C VAL D 406 -15.22 4.30 -24.33
N ASP D 407 -15.09 4.96 -25.48
CA ASP D 407 -15.53 6.35 -25.62
C ASP D 407 -16.95 6.47 -25.09
N ALA D 408 -17.83 5.57 -25.55
CA ALA D 408 -19.23 5.56 -25.13
C ALA D 408 -19.39 5.43 -23.60
N ILE D 409 -18.54 4.61 -22.97
CA ILE D 409 -18.59 4.43 -21.52
C ILE D 409 -18.22 5.76 -20.88
N LEU D 410 -17.50 6.60 -21.62
CA LEU D 410 -17.07 7.91 -21.16
C LEU D 410 -18.12 8.97 -21.49
N ALA D 411 -18.91 8.71 -22.50
CA ALA D 411 -19.95 9.62 -22.94
C ALA D 411 -21.04 9.71 -21.89
N ALA D 412 -21.21 8.63 -21.14
CA ALA D 412 -22.24 8.54 -20.11
C ALA D 412 -22.06 9.47 -18.93
N SER D 413 -20.90 9.42 -18.28
CA SER D 413 -20.66 10.27 -17.12
C SER D 413 -20.00 11.58 -17.49
N PRO D 414 -20.29 12.65 -16.71
CA PRO D 414 -19.72 13.98 -16.93
C PRO D 414 -18.24 14.04 -16.59
N TYR D 415 -17.80 13.14 -15.74
CA TYR D 415 -16.40 13.05 -15.33
C TYR D 415 -15.60 12.43 -16.47
N GLY D 416 -16.29 11.95 -17.49
CA GLY D 416 -15.62 11.35 -18.61
C GLY D 416 -15.61 12.21 -19.85
N LYS D 417 -16.26 13.36 -19.81
CA LYS D 417 -16.29 14.18 -21.00
C LYS D 417 -14.98 14.95 -21.26
N ASN D 418 -13.97 14.76 -20.43
CA ASN D 418 -12.71 15.49 -20.61
C ASN D 418 -11.54 14.54 -20.94
N ALA D 419 -11.86 13.31 -21.35
CA ALA D 419 -10.86 12.29 -21.65
C ALA D 419 -10.80 11.80 -23.06
N THR D 420 -9.59 11.48 -23.54
CA THR D 420 -9.39 10.97 -24.90
C THR D 420 -8.82 9.56 -24.84
N VAL D 421 -9.14 8.76 -25.85
CA VAL D 421 -8.67 7.37 -25.90
C VAL D 421 -7.49 7.31 -26.86
N TYR D 422 -6.63 6.31 -26.68
CA TYR D 422 -5.47 6.18 -27.56
C TYR D 422 -5.13 4.72 -27.79
N ILE D 423 -5.19 4.29 -29.05
CA ILE D 423 -4.87 2.93 -29.38
C ILE D 423 -3.76 2.91 -30.43
N GLY D 424 -2.93 1.89 -30.40
CA GLY D 424 -1.83 1.81 -31.34
C GLY D 424 -0.81 2.89 -31.07
N LYS D 425 -0.87 3.48 -29.88
CA LYS D 425 0.06 4.53 -29.47
C LYS D 425 0.92 3.98 -28.34
N ASP D 426 2.24 4.14 -28.44
CA ASP D 426 3.13 3.61 -27.41
C ASP D 426 3.39 4.58 -26.28
N LEU D 427 4.02 4.07 -25.22
CA LEU D 427 4.33 4.85 -24.01
C LEU D 427 4.92 6.23 -24.27
N TRP D 428 5.92 6.29 -25.14
CA TRP D 428 6.57 7.54 -25.48
C TRP D 428 5.57 8.60 -25.93
N HIS D 429 4.36 8.20 -26.31
CA HIS D 429 3.33 9.14 -26.72
C HIS D 429 2.72 9.72 -25.45
N LEU D 430 2.49 8.84 -24.48
CA LEU D 430 1.90 9.23 -23.23
C LEU D 430 2.87 10.10 -22.44
N ARG D 431 4.16 10.00 -22.74
CA ARG D 431 5.13 10.84 -22.04
C ARG D 431 4.78 12.28 -22.39
N SER D 432 4.39 12.49 -23.65
CA SER D 432 4.00 13.81 -24.10
C SER D 432 2.67 14.22 -23.46
N LEU D 433 1.64 13.43 -23.64
CA LEU D 433 0.35 13.76 -23.05
C LEU D 433 0.43 14.20 -21.57
N VAL D 434 1.28 13.61 -20.73
CA VAL D 434 1.34 14.05 -19.33
C VAL D 434 2.09 15.38 -19.16
N PHE D 435 2.69 15.83 -20.25
CA PHE D 435 3.42 17.07 -20.24
C PHE D 435 2.58 18.24 -20.77
N THR D 436 1.94 18.04 -21.90
CA THR D 436 1.10 19.08 -22.46
C THR D 436 -0.14 19.27 -21.61
N ASP D 437 -0.85 18.20 -21.28
CA ASP D 437 -2.03 18.27 -20.40
C ASP D 437 -1.71 17.33 -19.23
N LYS D 438 -1.11 17.89 -18.16
CA LYS D 438 -0.68 17.14 -16.96
C LYS D 438 -1.74 16.64 -15.98
N PRO D 439 -1.67 15.31 -15.71
CA PRO D 439 -2.51 14.62 -14.70
C PRO D 439 -2.38 15.11 -13.31
N ASP D 440 -2.49 14.11 -12.50
CA ASP D 440 -2.32 14.13 -11.09
C ASP D 440 -1.37 12.94 -10.86
N PHE D 441 -1.78 11.81 -11.41
CA PHE D 441 -0.97 10.60 -11.32
C PHE D 441 -1.14 9.75 -12.56
N MET D 442 -0.35 8.69 -12.63
CA MET D 442 -0.42 7.74 -13.73
C MET D 442 -0.75 6.40 -13.08
N ILE D 443 -1.43 5.54 -13.83
CA ILE D 443 -1.79 4.24 -13.30
C ILE D 443 -1.33 3.23 -14.33
N GLY D 444 -0.15 2.67 -14.14
CA GLY D 444 0.35 1.69 -15.09
C GLY D 444 1.32 0.68 -14.51
N ASN D 445 2.29 0.25 -15.32
CA ASN D 445 3.29 -0.72 -14.88
C ASN D 445 4.59 -0.05 -14.50
N SER D 446 5.63 -0.83 -14.24
CA SER D 446 6.90 -0.26 -13.86
C SER D 446 7.52 0.60 -14.96
N TYR D 447 7.16 0.33 -16.20
CA TYR D 447 7.68 1.08 -17.32
C TYR D 447 7.30 2.56 -17.22
N GLY D 448 6.27 2.85 -16.43
CA GLY D 448 5.83 4.23 -16.27
C GLY D 448 6.67 4.90 -15.21
N LYS D 449 7.78 4.27 -14.84
CA LYS D 449 8.67 4.81 -13.82
C LYS D 449 9.49 5.91 -14.45
N PHE D 450 9.74 5.80 -15.75
CA PHE D 450 10.52 6.78 -16.48
C PHE D 450 9.72 8.01 -16.92
N ILE D 451 8.44 7.82 -17.23
CA ILE D 451 7.64 8.97 -17.60
C ILE D 451 7.57 9.83 -16.35
N GLN D 452 7.55 9.17 -15.19
CA GLN D 452 7.51 9.87 -13.92
C GLN D 452 8.79 10.69 -13.75
N ARG D 453 9.93 10.03 -13.87
CA ARG D 453 11.22 10.70 -13.74
C ARG D 453 11.35 11.92 -14.63
N ASP D 454 11.04 11.74 -15.90
CA ASP D 454 11.11 12.81 -16.89
C ASP D 454 10.24 14.02 -16.56
N THR D 455 9.17 13.82 -15.80
CA THR D 455 8.28 14.94 -15.44
C THR D 455 8.92 15.72 -14.30
N LEU D 456 9.66 15.02 -13.46
CA LEU D 456 10.32 15.67 -12.34
C LEU D 456 11.47 16.52 -12.82
N HIS D 457 12.30 16.00 -13.72
CA HIS D 457 13.42 16.77 -14.23
C HIS D 457 12.94 18.12 -14.73
N LYS D 458 11.73 18.17 -15.26
CA LYS D 458 11.17 19.44 -15.74
C LYS D 458 10.91 20.35 -14.54
N GLY D 459 10.13 19.87 -13.57
CA GLY D 459 9.85 20.66 -12.39
C GLY D 459 9.07 19.86 -11.37
N LYS D 460 9.44 19.96 -10.10
CA LYS D 460 8.74 19.22 -9.07
C LYS D 460 7.25 19.50 -9.15
N GLU D 461 6.90 20.71 -9.55
CA GLU D 461 5.50 21.08 -9.65
C GLU D 461 4.89 20.49 -10.92
N PHE D 462 5.67 19.72 -11.66
CA PHE D 462 5.21 19.10 -12.91
C PHE D 462 5.27 17.58 -12.87
N GLU D 463 5.92 17.06 -11.84
CA GLU D 463 6.07 15.63 -11.64
C GLU D 463 4.73 14.94 -11.52
N VAL D 464 4.60 13.81 -12.20
CA VAL D 464 3.40 13.00 -12.18
C VAL D 464 3.72 11.65 -11.52
N PRO D 465 3.31 11.46 -10.26
CA PRO D 465 3.53 10.22 -9.52
C PRO D 465 2.91 9.02 -10.21
N LEU D 466 3.59 7.88 -10.13
CA LEU D 466 3.10 6.67 -10.76
C LEU D 466 2.55 5.65 -9.79
N ILE D 467 1.24 5.37 -9.93
CA ILE D 467 0.53 4.38 -9.14
C ILE D 467 0.62 3.10 -9.93
N ARG D 468 1.22 2.06 -9.36
CA ARG D 468 1.42 0.80 -10.10
C ARG D 468 0.25 -0.21 -9.99
N ILE D 469 -0.52 -0.29 -11.06
CA ILE D 469 -1.58 -1.25 -11.20
C ILE D 469 -1.42 -1.79 -12.64
N GLY D 470 -1.40 -3.12 -12.78
CA GLY D 470 -1.26 -3.71 -14.09
C GLY D 470 -0.18 -4.78 -14.23
N PHE D 471 0.62 -4.65 -15.27
CA PHE D 471 1.69 -5.60 -15.58
C PHE D 471 2.60 -5.01 -16.67
N PRO D 472 3.92 -5.01 -16.45
CA PRO D 472 4.68 -5.56 -15.32
C PRO D 472 4.69 -4.65 -14.07
N ILE D 473 5.30 -5.18 -13.04
CA ILE D 473 5.53 -4.46 -11.81
C ILE D 473 6.78 -5.15 -11.27
N PHE D 474 7.92 -4.61 -11.68
CA PHE D 474 9.22 -5.11 -11.29
C PHE D 474 9.87 -4.34 -10.16
N ASP D 475 9.71 -3.02 -10.14
CA ASP D 475 10.35 -2.24 -9.08
C ASP D 475 9.68 -2.35 -7.70
N ARG D 476 8.67 -3.21 -7.57
CA ARG D 476 7.99 -3.41 -6.30
C ARG D 476 7.86 -4.90 -6.01
N HIS D 477 7.55 -5.26 -4.77
CA HIS D 477 7.43 -6.66 -4.39
C HIS D 477 6.05 -7.12 -3.94
N HIS D 478 5.70 -8.34 -4.33
CA HIS D 478 4.45 -8.99 -3.96
C HIS D 478 3.12 -8.30 -4.25
N LEU D 479 3.04 -7.52 -5.31
CA LEU D 479 1.78 -6.88 -5.63
C LEU D 479 0.94 -7.86 -6.41
N HIS D 480 1.61 -8.82 -7.01
CA HIS D 480 0.95 -9.84 -7.81
C HIS D 480 -0.12 -10.57 -7.03
N ARG D 481 -0.10 -10.45 -5.72
CA ARG D 481 -1.06 -11.16 -4.89
C ARG D 481 -2.38 -10.45 -4.62
N SER D 482 -2.44 -9.17 -4.96
CA SER D 482 -3.64 -8.37 -4.74
C SER D 482 -4.69 -8.63 -5.81
N THR D 483 -5.83 -7.96 -5.68
CA THR D 483 -6.94 -8.15 -6.63
C THR D 483 -7.46 -6.86 -7.25
N THR D 484 -7.89 -6.93 -8.51
CA THR D 484 -8.41 -5.76 -9.22
C THR D 484 -9.80 -6.02 -9.78
N LEU D 485 -10.29 -7.24 -9.60
CA LEU D 485 -11.60 -7.64 -10.09
C LEU D 485 -12.63 -7.66 -8.97
N GLY D 486 -13.88 -7.39 -9.31
CA GLY D 486 -14.97 -7.41 -8.35
C GLY D 486 -14.80 -6.57 -7.09
N TYR D 487 -15.83 -6.56 -6.26
CA TYR D 487 -15.84 -5.79 -5.01
C TYR D 487 -14.50 -5.86 -4.30
N GLU D 488 -14.08 -7.06 -3.88
CA GLU D 488 -12.81 -7.22 -3.16
C GLU D 488 -11.71 -6.39 -3.81
N GLY D 489 -11.35 -6.75 -5.04
CA GLY D 489 -10.31 -6.05 -5.76
C GLY D 489 -10.61 -4.58 -6.04
N ALA D 490 -11.78 -4.11 -5.64
CA ALA D 490 -12.17 -2.72 -5.86
C ALA D 490 -11.96 -1.93 -4.58
N MET D 491 -11.97 -2.64 -3.46
CA MET D 491 -11.77 -2.05 -2.14
C MET D 491 -10.35 -1.56 -2.21
N GLN D 492 -9.49 -2.40 -2.78
CA GLN D 492 -8.09 -2.07 -2.91
C GLN D 492 -7.82 -0.93 -3.86
N ILE D 493 -8.24 -1.05 -5.11
CA ILE D 493 -8.00 0.04 -6.07
C ILE D 493 -8.22 1.39 -5.42
N LEU D 494 -9.39 1.54 -4.81
CA LEU D 494 -9.77 2.78 -4.13
C LEU D 494 -8.77 3.23 -3.04
N THR D 495 -8.50 2.36 -2.08
CA THR D 495 -7.58 2.67 -1.00
C THR D 495 -6.23 3.10 -1.56
N THR D 496 -5.81 2.39 -2.58
CA THR D 496 -4.55 2.65 -3.21
C THR D 496 -4.49 4.06 -3.82
N LEU D 497 -5.62 4.67 -4.20
CA LEU D 497 -5.61 6.02 -4.75
C LEU D 497 -5.75 7.08 -3.67
N VAL D 498 -6.84 6.97 -2.90
CA VAL D 498 -7.10 7.93 -1.83
C VAL D 498 -5.84 8.10 -1.02
N ASN D 499 -5.20 6.98 -0.69
CA ASN D 499 -3.96 7.04 0.06
C ASN D 499 -2.78 7.43 -0.84
N SER D 500 -2.94 7.31 -2.15
CA SER D 500 -1.90 7.71 -3.11
C SER D 500 -1.93 9.23 -3.17
N ILE D 501 -3.13 9.77 -3.05
CA ILE D 501 -3.37 11.21 -3.07
C ILE D 501 -2.97 11.78 -1.71
N LEU D 502 -3.52 11.19 -0.65
CA LEU D 502 -3.22 11.64 0.69
C LEU D 502 -1.72 11.74 0.91
N GLU D 503 -0.98 10.77 0.39
CA GLU D 503 0.46 10.79 0.56
C GLU D 503 1.10 12.00 -0.09
N ARG D 504 0.72 12.26 -1.34
CA ARG D 504 1.26 13.39 -2.06
C ARG D 504 0.93 14.67 -1.30
N LEU D 505 -0.32 14.85 -0.89
CA LEU D 505 -0.68 16.06 -0.17
C LEU D 505 0.20 16.22 1.06
N ASP D 506 0.63 15.10 1.65
CA ASP D 506 1.46 15.15 2.84
C ASP D 506 2.88 15.53 2.47
N GLU D 507 3.27 15.25 1.23
CA GLU D 507 4.63 15.57 0.79
C GLU D 507 4.67 16.98 0.29
N GLU D 508 3.67 17.35 -0.50
CA GLU D 508 3.58 18.71 -1.04
C GLU D 508 3.51 19.68 0.12
N THR D 509 2.82 19.27 1.18
CA THR D 509 2.65 20.15 2.33
C THR D 509 3.49 19.91 3.56
N ARG D 510 4.66 19.33 3.48
CA ARG D 510 5.32 19.14 4.76
C ARG D 510 6.48 20.09 5.04
N GLY D 511 6.53 21.18 4.30
CA GLY D 511 7.59 22.18 4.48
C GLY D 511 7.33 23.02 5.72
N MET D 512 8.24 22.99 6.70
CA MET D 512 8.03 23.74 7.93
C MET D 512 7.87 25.25 7.76
N GLN D 513 6.76 25.77 8.28
CA GLN D 513 6.43 27.20 8.24
C GLN D 513 6.27 27.68 6.81
N ALA D 514 6.02 26.74 5.90
CA ALA D 514 5.86 27.05 4.48
C ALA D 514 4.56 26.45 3.94
N THR D 515 4.47 25.14 3.96
CA THR D 515 3.28 24.45 3.44
C THR D 515 2.69 23.53 4.50
N ASP D 516 3.41 23.35 5.61
CA ASP D 516 2.97 22.47 6.69
C ASP D 516 1.72 22.94 7.43
N TYR D 517 1.21 24.09 7.05
CA TYR D 517 0.04 24.59 7.73
C TYR D 517 -1.14 23.73 7.34
N ASN D 518 -1.15 23.20 6.12
CA ASN D 518 -2.25 22.34 5.63
C ASN D 518 -1.97 20.88 5.97
N HIS D 519 -1.02 20.68 6.87
CA HIS D 519 -0.63 19.33 7.28
C HIS D 519 -1.63 18.75 8.27
N ASP D 520 -2.93 18.79 7.94
CA ASP D 520 -3.96 18.26 8.83
C ASP D 520 -3.61 16.91 9.46
N LEU D 521 -3.85 16.74 10.75
CA LEU D 521 -3.57 15.45 11.37
C LEU D 521 -4.52 14.43 10.80
N VAL D 522 -5.76 14.84 10.56
CA VAL D 522 -6.76 13.91 10.03
C VAL D 522 -7.35 14.34 8.69
N ARG D 523 -7.62 13.38 7.81
CA ARG D 523 -8.17 13.68 6.50
C ARG D 523 -9.24 12.67 6.08
N MET E 3 -11.60 44.90 55.05
CA MET E 3 -12.34 43.85 55.85
C MET E 3 -11.49 42.62 56.05
N ARG E 4 -11.50 42.13 57.27
CA ARG E 4 -10.73 40.94 57.66
C ARG E 4 -11.54 39.64 57.63
N GLN E 5 -10.94 38.61 57.06
CA GLN E 5 -11.58 37.31 56.99
C GLN E 5 -10.76 36.30 57.78
N CYS E 6 -11.36 35.71 58.80
CA CYS E 6 -10.66 34.73 59.59
C CYS E 6 -11.31 33.38 59.33
N ALA E 7 -10.49 32.34 59.32
CA ALA E 7 -10.94 30.99 59.09
C ALA E 7 -10.82 30.27 60.42
N ILE E 8 -11.88 29.61 60.87
CA ILE E 8 -11.83 28.88 62.14
C ILE E 8 -11.78 27.36 61.92
N TYR E 9 -10.67 26.73 62.33
CA TYR E 9 -10.47 25.27 62.19
C TYR E 9 -10.45 24.53 63.52
N GLY E 10 -10.17 23.23 63.44
CA GLY E 10 -10.15 22.41 64.64
C GLY E 10 -10.57 20.99 64.33
N LYS E 11 -10.90 20.28 65.39
CA LYS E 11 -11.30 18.92 65.28
C LYS E 11 -12.79 18.77 65.52
N GLY E 12 -13.42 18.12 64.58
CA GLY E 12 -14.83 17.94 64.79
C GLY E 12 -15.03 17.40 66.21
N GLY E 13 -15.96 18.00 66.93
CA GLY E 13 -16.21 17.52 68.26
C GLY E 13 -15.43 18.26 69.33
N ILE E 14 -14.93 19.45 69.00
CA ILE E 14 -14.24 20.23 70.03
C ILE E 14 -14.94 21.57 70.22
N GLY E 15 -15.71 22.02 69.22
CA GLY E 15 -16.42 23.28 69.40
C GLY E 15 -16.31 24.38 68.35
N LYS E 16 -16.11 24.03 67.08
CA LYS E 16 -16.02 25.08 66.05
C LYS E 16 -17.22 26.05 65.88
N SER E 17 -18.35 25.52 65.43
CA SER E 17 -19.56 26.31 65.21
C SER E 17 -20.09 27.15 66.37
N THR E 18 -20.17 26.58 67.57
CA THR E 18 -20.68 27.35 68.71
C THR E 18 -19.71 28.48 68.99
N THR E 19 -18.45 28.12 69.23
CA THR E 19 -17.41 29.08 69.49
C THR E 19 -17.44 30.19 68.43
N THR E 20 -17.72 29.80 67.19
CA THR E 20 -17.77 30.75 66.07
C THR E 20 -19.03 31.61 66.07
N GLN E 21 -20.18 30.95 66.00
CA GLN E 21 -21.41 31.71 66.02
C GLN E 21 -21.48 32.64 67.23
N ASN E 22 -20.89 32.24 68.36
CA ASN E 22 -20.90 33.10 69.55
C ASN E 22 -19.93 34.27 69.40
N LEU E 23 -18.81 34.00 68.75
CA LEU E 23 -17.80 35.03 68.54
C LEU E 23 -18.39 36.11 67.66
N VAL E 24 -19.10 35.74 66.60
CA VAL E 24 -19.72 36.73 65.72
C VAL E 24 -21.00 37.24 66.34
N ALA E 25 -21.62 36.45 67.20
CA ALA E 25 -22.84 36.91 67.83
C ALA E 25 -22.33 38.09 68.66
N ALA E 26 -21.21 37.85 69.34
CA ALA E 26 -20.59 38.87 70.17
C ALA E 26 -20.10 40.03 69.33
N LEU E 27 -19.54 39.71 68.17
CA LEU E 27 -19.00 40.71 67.25
C LEU E 27 -20.11 41.59 66.69
N ALA E 28 -21.30 41.00 66.58
CA ALA E 28 -22.46 41.70 66.07
C ALA E 28 -22.88 42.69 67.14
N GLU E 29 -22.78 42.24 68.38
CA GLU E 29 -23.13 43.06 69.54
C GLU E 29 -22.29 44.33 69.48
N MET E 30 -21.07 44.22 68.96
CA MET E 30 -20.16 45.35 68.88
C MET E 30 -20.46 46.29 67.72
N GLY E 31 -21.52 45.98 66.99
CA GLY E 31 -21.92 46.79 65.85
C GLY E 31 -21.05 46.57 64.63
N LYS E 32 -20.67 45.31 64.39
CA LYS E 32 -19.83 44.97 63.24
C LYS E 32 -20.63 44.25 62.15
N LYS E 33 -20.18 44.43 60.90
CA LYS E 33 -20.83 43.77 59.77
C LYS E 33 -20.07 42.48 59.60
N VAL E 34 -20.70 41.36 59.98
CA VAL E 34 -20.05 40.05 59.89
C VAL E 34 -20.79 39.01 59.06
N MET E 35 -20.01 38.18 58.38
CA MET E 35 -20.58 37.13 57.57
C MET E 35 -20.02 35.75 57.94
N ILE E 36 -20.90 34.77 57.99
CA ILE E 36 -20.49 33.40 58.30
C ILE E 36 -20.66 32.53 57.06
N VAL E 37 -19.56 31.93 56.63
CA VAL E 37 -19.54 31.05 55.47
C VAL E 37 -19.39 29.65 56.07
N GLY E 38 -20.41 28.82 55.86
CA GLY E 38 -20.38 27.49 56.41
C GLY E 38 -19.67 26.54 55.44
N CYS E 39 -18.38 26.35 55.59
CA CYS E 39 -17.64 25.42 54.73
C CYS E 39 -17.56 24.00 55.37
N ASP E 40 -18.73 23.39 55.63
CA ASP E 40 -18.77 22.07 56.36
C ASP E 40 -19.99 21.40 55.91
N PRO E 41 -19.80 20.15 55.58
CA PRO E 41 -20.80 19.25 55.09
C PRO E 41 -22.12 19.22 55.74
N LYS E 42 -22.17 19.02 57.07
CA LYS E 42 -23.45 19.08 57.79
C LYS E 42 -23.63 20.51 58.10
N ALA E 43 -24.67 21.07 57.48
CA ALA E 43 -24.99 22.46 57.65
C ALA E 43 -25.49 22.93 59.04
N ASP E 44 -24.56 23.47 59.88
CA ASP E 44 -24.97 23.99 61.20
C ASP E 44 -24.16 25.22 61.60
N SER E 45 -23.28 25.66 60.71
CA SER E 45 -22.43 26.82 60.95
C SER E 45 -23.22 28.09 61.22
N THR E 46 -24.47 28.12 60.74
CA THR E 46 -25.31 29.29 60.94
C THR E 46 -26.58 29.01 61.75
N ARG E 47 -26.90 27.73 61.92
CA ARG E 47 -28.12 27.32 62.61
C ARG E 47 -28.43 27.99 63.94
N LEU E 48 -27.44 28.56 64.60
CA LEU E 48 -27.68 29.22 65.89
C LEU E 48 -27.91 30.72 65.76
N ILE E 49 -27.58 31.25 64.59
CA ILE E 49 -27.71 32.69 64.32
C ILE E 49 -28.95 32.96 63.46
N LEU E 50 -29.39 31.92 62.76
CA LEU E 50 -30.53 32.00 61.87
C LEU E 50 -31.79 31.42 62.43
N HIS E 51 -31.66 30.59 63.45
CA HIS E 51 -32.76 29.98 64.23
C HIS E 51 -33.53 28.80 63.61
N SER E 52 -32.81 27.72 63.30
CA SER E 52 -33.43 26.52 62.74
C SER E 52 -32.45 25.42 62.43
N LYS E 53 -32.96 24.33 61.84
CA LYS E 53 -32.09 23.24 61.45
C LYS E 53 -31.03 23.70 60.46
N ALA E 54 -31.48 24.53 59.56
CA ALA E 54 -30.64 25.12 58.52
C ALA E 54 -31.48 25.53 57.34
N GLN E 55 -31.16 26.65 56.70
CA GLN E 55 -32.02 27.13 55.58
C GLN E 55 -31.66 26.49 54.22
N ASN E 56 -31.57 27.29 53.16
CA ASN E 56 -31.20 26.67 51.91
C ASN E 56 -29.74 26.93 51.61
N THR E 57 -28.95 25.86 51.50
CA THR E 57 -27.52 25.89 51.24
C THR E 57 -27.22 26.21 49.79
N ILE E 58 -25.96 26.52 49.47
CA ILE E 58 -25.60 26.84 48.08
C ILE E 58 -25.65 25.62 47.17
N MET E 59 -24.93 24.56 47.54
CA MET E 59 -24.89 23.36 46.71
C MET E 59 -26.17 22.58 46.62
N GLU E 60 -27.05 22.75 47.60
CA GLU E 60 -28.33 22.06 47.60
C GLU E 60 -29.33 22.88 46.77
N MET E 61 -29.15 24.19 46.80
CA MET E 61 -29.98 25.13 46.07
C MET E 61 -29.57 25.11 44.61
N ALA E 62 -28.27 25.23 44.35
CA ALA E 62 -27.77 25.24 42.99
C ALA E 62 -28.15 23.95 42.27
N ALA E 63 -28.47 22.90 43.03
CA ALA E 63 -28.85 21.62 42.45
C ALA E 63 -30.21 21.72 41.77
N GLU E 64 -31.10 22.47 42.41
CA GLU E 64 -32.45 22.69 41.93
C GLU E 64 -32.43 23.46 40.60
N ALA E 65 -31.53 24.44 40.50
CA ALA E 65 -31.38 25.26 39.30
C ALA E 65 -30.52 24.56 38.24
N GLY E 66 -30.17 23.31 38.51
CA GLY E 66 -29.38 22.53 37.56
C GLY E 66 -27.90 22.89 37.54
N THR E 67 -27.60 24.18 37.46
CA THR E 67 -26.23 24.62 37.46
C THR E 67 -26.03 25.70 38.52
N VAL E 68 -24.83 25.74 39.09
CA VAL E 68 -24.50 26.71 40.11
C VAL E 68 -24.56 28.13 39.56
N GLU E 69 -24.19 28.28 38.29
CA GLU E 69 -24.18 29.59 37.65
C GLU E 69 -25.59 30.17 37.60
N ASP E 70 -26.57 29.29 37.81
CA ASP E 70 -27.98 29.69 37.78
C ASP E 70 -28.51 30.16 39.15
N LEU E 71 -27.68 30.13 40.18
CA LEU E 71 -28.13 30.59 41.49
C LEU E 71 -27.94 32.09 41.65
N GLU E 72 -28.50 32.61 42.74
CA GLU E 72 -28.39 34.04 43.03
C GLU E 72 -27.99 34.19 44.50
N LEU E 73 -27.07 35.10 44.77
CA LEU E 73 -26.60 35.32 46.13
C LEU E 73 -27.77 35.52 47.11
N GLU E 74 -28.86 36.10 46.60
CA GLU E 74 -30.07 36.37 47.39
C GLU E 74 -30.69 35.11 47.98
N ASP E 75 -30.60 34.00 47.24
CA ASP E 75 -31.18 32.73 47.68
C ASP E 75 -30.50 32.02 48.85
N VAL E 76 -29.18 32.07 48.89
CA VAL E 76 -28.48 31.41 49.96
C VAL E 76 -28.24 32.35 51.13
N LEU E 77 -27.82 33.56 50.80
CA LEU E 77 -27.49 34.58 51.79
C LEU E 77 -28.67 35.18 52.54
N LYS E 78 -28.77 34.85 53.82
CA LYS E 78 -29.85 35.34 54.67
C LYS E 78 -29.36 36.14 55.88
N ALA E 79 -30.14 37.14 56.27
CA ALA E 79 -29.81 37.98 57.41
C ALA E 79 -30.25 37.28 58.68
N GLY E 80 -29.45 37.42 59.72
CA GLY E 80 -29.75 36.80 60.99
C GLY E 80 -29.63 37.79 62.14
N TYR E 81 -29.23 37.27 63.28
CA TYR E 81 -29.07 38.07 64.48
C TYR E 81 -28.03 39.18 64.31
N GLY E 82 -28.34 40.35 64.86
CA GLY E 82 -27.43 41.48 64.79
C GLY E 82 -26.92 41.76 63.40
N GLY E 83 -27.83 41.77 62.43
CA GLY E 83 -27.44 42.03 61.07
C GLY E 83 -26.29 41.17 60.58
N VAL E 84 -26.26 39.91 60.96
CA VAL E 84 -25.18 39.02 60.53
C VAL E 84 -25.58 38.20 59.30
N LYS E 85 -24.72 38.18 58.28
CA LYS E 85 -24.98 37.44 57.05
C LYS E 85 -24.50 36.00 57.17
N CYS E 86 -25.28 35.06 56.62
CA CYS E 86 -25.00 33.60 56.68
C CYS E 86 -25.21 32.80 55.39
N VAL E 87 -24.22 32.00 55.02
CA VAL E 87 -24.30 31.16 53.83
C VAL E 87 -23.74 29.78 54.11
N GLU E 88 -24.25 28.79 53.39
CA GLU E 88 -23.80 27.43 53.55
C GLU E 88 -23.25 26.89 52.21
N SER E 89 -22.13 26.19 52.29
CA SER E 89 -21.50 25.62 51.12
C SER E 89 -22.26 24.38 50.66
N GLY E 90 -22.92 23.71 51.60
CA GLY E 90 -23.69 22.53 51.27
C GLY E 90 -22.75 21.35 51.27
N GLY E 91 -23.27 20.18 50.96
CA GLY E 91 -22.42 19.02 50.95
C GLY E 91 -23.26 17.79 50.78
N PRO E 92 -22.65 16.66 50.37
CA PRO E 92 -23.34 15.40 50.16
C PRO E 92 -23.57 14.69 51.49
N GLU E 93 -24.20 13.53 51.43
CA GLU E 93 -24.46 12.76 52.62
C GLU E 93 -23.33 11.73 52.83
N PRO E 94 -23.19 11.20 54.05
CA PRO E 94 -22.13 10.25 54.33
C PRO E 94 -22.03 9.08 53.34
N GLY E 95 -20.90 9.01 52.66
CA GLY E 95 -20.67 7.94 51.70
C GLY E 95 -21.13 8.18 50.27
N VAL E 96 -20.91 9.40 49.77
CA VAL E 96 -21.31 9.71 48.41
C VAL E 96 -21.04 11.15 48.04
N GLY E 97 -20.38 11.32 46.91
CA GLY E 97 -20.09 12.67 46.45
C GLY E 97 -18.71 13.18 46.82
N CYS E 98 -18.64 14.50 47.01
CA CYS E 98 -17.40 15.18 47.34
C CYS E 98 -17.77 16.53 47.94
N ALA E 99 -17.62 16.68 49.25
CA ALA E 99 -17.95 17.96 49.87
C ALA E 99 -16.78 18.87 49.70
N GLY E 100 -15.59 18.29 49.60
CA GLY E 100 -14.38 19.07 49.43
C GLY E 100 -14.63 20.01 48.28
N ARG E 101 -15.44 19.55 47.33
CA ARG E 101 -15.80 20.31 46.14
C ARG E 101 -16.75 21.46 46.45
N GLY E 102 -17.84 21.13 47.14
CA GLY E 102 -18.81 22.15 47.51
C GLY E 102 -18.07 23.34 48.07
N VAL E 103 -17.26 23.06 49.09
CA VAL E 103 -16.47 24.08 49.75
C VAL E 103 -15.88 24.99 48.70
N ILE E 104 -15.48 24.39 47.58
CA ILE E 104 -14.89 25.19 46.54
C ILE E 104 -15.96 25.88 45.72
N THR E 105 -16.97 25.12 45.32
CA THR E 105 -18.03 25.69 44.52
C THR E 105 -18.72 26.82 45.25
N ALA E 106 -19.00 26.60 46.52
CA ALA E 106 -19.68 27.60 47.34
C ALA E 106 -18.84 28.84 47.62
N ILE E 107 -17.54 28.68 47.77
CA ILE E 107 -16.71 29.85 48.04
C ILE E 107 -16.52 30.60 46.74
N ASN E 108 -16.26 29.88 45.65
CA ASN E 108 -16.05 30.52 44.36
C ASN E 108 -17.26 31.38 44.07
N PHE E 109 -18.42 30.80 44.30
CA PHE E 109 -19.70 31.48 44.10
C PHE E 109 -19.73 32.82 44.84
N LEU E 110 -19.74 32.77 46.16
CA LEU E 110 -19.76 33.98 46.97
C LEU E 110 -18.84 35.06 46.38
N GLU E 111 -17.58 34.70 46.16
CA GLU E 111 -16.62 35.64 45.60
C GLU E 111 -17.06 36.08 44.23
N GLU E 112 -17.69 35.13 43.50
CA GLU E 112 -18.12 35.37 42.15
C GLU E 112 -19.33 36.28 42.06
N GLU E 113 -20.29 36.07 42.94
CA GLU E 113 -21.48 36.92 42.94
C GLU E 113 -21.23 38.22 43.73
N GLY E 114 -20.02 38.51 44.08
CA GLY E 114 -19.73 39.72 44.83
C GLY E 114 -20.43 39.69 46.20
N ALA E 115 -20.15 38.65 46.98
CA ALA E 115 -20.73 38.55 48.32
C ALA E 115 -19.80 39.35 49.25
N TYR E 116 -18.59 39.54 48.78
CA TYR E 116 -17.58 40.29 49.53
C TYR E 116 -17.68 41.77 49.22
N GLU E 117 -17.93 42.09 47.97
CA GLU E 117 -18.04 43.48 47.54
C GLU E 117 -19.18 44.21 48.24
N ASP E 118 -19.33 43.91 49.53
CA ASP E 118 -20.36 44.50 50.38
C ASP E 118 -19.65 45.50 51.32
N ASP E 119 -20.06 45.52 52.59
CA ASP E 119 -19.47 46.41 53.58
C ASP E 119 -19.12 45.66 54.86
N LEU E 120 -18.81 44.37 54.73
CA LEU E 120 -18.45 43.51 55.85
C LEU E 120 -17.13 43.93 56.50
N ASP E 121 -17.01 43.64 57.80
CA ASP E 121 -15.80 43.95 58.56
C ASP E 121 -15.08 42.65 58.90
N PHE E 122 -15.89 41.61 59.13
CA PHE E 122 -15.39 40.28 59.46
C PHE E 122 -16.10 39.17 58.70
N VAL E 123 -15.30 38.37 58.00
CA VAL E 123 -15.81 37.23 57.27
C VAL E 123 -15.26 36.00 57.96
N PHE E 124 -16.15 35.22 58.56
CA PHE E 124 -15.71 34.02 59.23
C PHE E 124 -16.03 32.75 58.42
N TYR E 125 -15.00 31.94 58.25
CA TYR E 125 -15.08 30.69 57.54
C TYR E 125 -15.12 29.57 58.58
N ASP E 126 -16.26 28.92 58.75
CA ASP E 126 -16.33 27.81 59.69
C ASP E 126 -15.96 26.60 58.82
N VAL E 127 -14.73 26.10 58.97
CA VAL E 127 -14.28 24.95 58.19
C VAL E 127 -14.38 23.66 58.99
N GLY E 128 -14.80 22.59 58.34
CA GLY E 128 -14.94 21.32 59.02
C GLY E 128 -13.62 20.58 59.08
N ASP E 129 -13.65 19.29 58.76
CA ASP E 129 -12.44 18.48 58.77
C ASP E 129 -11.51 18.96 57.64
N VAL E 130 -10.21 19.08 57.95
CA VAL E 130 -9.20 19.53 56.97
C VAL E 130 -8.72 18.37 56.11
N VAL E 131 -9.57 17.35 56.00
CA VAL E 131 -9.34 16.12 55.25
C VAL E 131 -8.56 16.21 53.93
N CYS E 132 -9.00 17.08 53.02
CA CYS E 132 -8.34 17.21 51.72
C CYS E 132 -8.14 18.61 51.22
N GLY E 133 -7.74 18.70 49.95
CA GLY E 133 -7.46 19.99 49.32
C GLY E 133 -8.59 20.98 49.37
N GLY E 134 -9.78 20.61 48.93
CA GLY E 134 -10.90 21.55 48.94
C GLY E 134 -11.17 22.18 50.27
N PHE E 135 -10.95 21.50 51.38
CA PHE E 135 -11.25 22.14 52.66
C PHE E 135 -10.15 23.11 53.06
N ALA E 136 -9.22 23.30 52.14
CA ALA E 136 -8.12 24.23 52.35
C ALA E 136 -8.45 25.51 51.60
N MET E 137 -9.62 25.54 50.98
CA MET E 137 -10.06 26.71 50.21
C MET E 137 -10.02 28.03 50.99
N PRO E 138 -10.62 28.06 52.20
CA PRO E 138 -10.63 29.28 53.01
C PRO E 138 -9.30 29.93 53.34
N ILE E 139 -8.19 29.34 52.93
CA ILE E 139 -6.91 29.92 53.30
C ILE E 139 -5.87 30.12 52.22
N ARG E 140 -6.32 30.35 50.99
CA ARG E 140 -5.37 30.62 49.92
C ARG E 140 -5.03 32.08 50.00
N GLU E 141 -5.10 32.74 48.85
CA GLU E 141 -4.86 34.18 48.76
C GLU E 141 -6.23 34.73 48.43
N ASN E 142 -6.60 35.80 49.13
CA ASN E 142 -7.91 36.40 48.94
C ASN E 142 -8.98 35.73 49.84
N LYS E 143 -8.66 34.58 50.48
CA LYS E 143 -9.66 33.85 51.32
C LYS E 143 -9.63 34.30 52.79
N ALA E 144 -8.84 33.69 53.62
CA ALA E 144 -8.71 34.17 54.98
C ALA E 144 -7.24 34.36 55.24
N GLN E 145 -6.90 35.39 55.98
CA GLN E 145 -5.50 35.68 56.34
C GLN E 145 -5.26 35.20 57.76
N GLU E 146 -6.33 35.24 58.55
CA GLU E 146 -6.31 34.87 59.96
C GLU E 146 -6.92 33.51 60.25
N ILE E 147 -6.16 32.67 60.95
CA ILE E 147 -6.63 31.35 61.34
C ILE E 147 -6.60 31.22 62.86
N TYR E 148 -7.63 30.64 63.39
CA TYR E 148 -7.69 30.37 64.80
C TYR E 148 -8.01 28.90 64.90
N ILE E 149 -7.09 28.20 65.52
CA ILE E 149 -7.24 26.78 65.68
C ILE E 149 -7.86 26.49 67.05
N VAL E 150 -8.96 25.76 67.05
CA VAL E 150 -9.67 25.37 68.29
C VAL E 150 -9.13 24.05 68.83
N CYS E 151 -8.95 23.99 70.13
CA CYS E 151 -8.41 22.79 70.75
C CYS E 151 -8.93 22.57 72.17
N SER E 152 -8.32 21.60 72.83
CA SER E 152 -8.69 21.28 74.19
C SER E 152 -7.54 20.56 74.89
N GLY E 153 -7.74 20.23 76.15
CA GLY E 153 -6.69 19.56 76.91
C GLY E 153 -6.53 18.09 76.60
N GLU E 154 -7.17 17.59 75.55
CA GLU E 154 -7.07 16.18 75.19
C GLU E 154 -5.85 15.92 74.28
N MET E 155 -5.25 14.73 74.44
CA MET E 155 -4.07 14.33 73.68
C MET E 155 -4.31 14.44 72.18
N MET E 156 -5.53 14.07 71.78
CA MET E 156 -5.98 14.03 70.38
C MET E 156 -6.47 15.35 69.86
N ALA E 157 -6.89 16.21 70.76
CA ALA E 157 -7.41 17.48 70.36
C ALA E 157 -6.24 18.36 70.00
N MET E 158 -5.10 18.10 70.62
CA MET E 158 -3.91 18.87 70.36
C MET E 158 -3.18 18.30 69.16
N TYR E 159 -3.08 16.97 69.09
CA TYR E 159 -2.43 16.29 67.96
C TYR E 159 -2.96 16.94 66.70
N ALA E 160 -4.24 17.31 66.78
CA ALA E 160 -4.92 17.95 65.67
C ALA E 160 -4.47 19.40 65.60
N ALA E 161 -4.61 20.14 66.70
CA ALA E 161 -4.20 21.52 66.71
C ALA E 161 -2.81 21.63 66.10
N ASN E 162 -1.96 20.63 66.39
CA ASN E 162 -0.59 20.58 65.85
C ASN E 162 -0.68 20.13 64.38
N ASN E 163 -1.37 19.02 64.16
CA ASN E 163 -1.59 18.46 62.84
C ASN E 163 -2.06 19.55 61.88
N ILE E 164 -3.10 20.27 62.28
CA ILE E 164 -3.64 21.31 61.43
C ILE E 164 -2.59 22.39 61.14
N SER E 165 -2.00 22.98 62.18
CA SER E 165 -0.99 24.03 61.99
C SER E 165 0.11 23.54 61.04
N LYS E 166 0.35 22.23 61.04
CA LYS E 166 1.35 21.68 60.15
C LYS E 166 0.93 21.90 58.70
N GLY E 167 -0.31 21.49 58.41
CA GLY E 167 -0.84 21.66 57.07
C GLY E 167 -1.06 23.11 56.66
N ILE E 168 -0.81 24.04 57.60
CA ILE E 168 -0.95 25.49 57.39
C ILE E 168 0.37 26.08 56.86
N VAL E 169 1.47 25.70 57.50
CA VAL E 169 2.77 26.21 57.11
C VAL E 169 2.95 26.16 55.58
N LYS E 170 2.20 25.27 54.93
CA LYS E 170 2.25 25.09 53.47
C LYS E 170 1.67 26.32 52.79
N TYR E 171 0.47 26.66 53.22
CA TYR E 171 -0.28 27.81 52.71
C TYR E 171 0.28 29.11 53.28
N ALA E 172 0.85 29.02 54.47
CA ALA E 172 1.43 30.16 55.14
C ALA E 172 2.67 30.64 54.39
N ASN E 173 3.60 29.71 54.13
CA ASN E 173 4.85 29.99 53.44
C ASN E 173 4.73 30.64 52.05
N SER E 174 3.92 30.04 51.19
CA SER E 174 3.71 30.53 49.83
C SER E 174 2.69 31.69 49.80
N GLY E 175 1.82 31.72 50.81
CA GLY E 175 0.81 32.77 50.89
C GLY E 175 0.96 33.69 52.09
N SER E 176 -0.12 34.39 52.44
CA SER E 176 -0.09 35.33 53.58
C SER E 176 -0.81 34.86 54.84
N VAL E 177 -1.66 33.80 54.74
CA VAL E 177 -2.43 33.24 55.91
C VAL E 177 -1.49 32.86 57.06
N ARG E 178 -1.93 33.21 58.25
CA ARG E 178 -1.14 32.99 59.46
C ARG E 178 -1.97 32.50 60.65
N LEU E 179 -1.39 31.72 61.50
CA LEU E 179 -2.08 31.25 62.71
C LEU E 179 -2.21 32.49 63.58
N GLY E 180 -3.42 32.75 64.08
CA GLY E 180 -3.65 33.90 64.92
C GLY E 180 -3.41 33.56 66.38
N GLY E 181 -3.78 32.33 66.74
CA GLY E 181 -3.64 31.83 68.10
C GLY E 181 -4.60 30.68 68.29
N LEU E 182 -4.55 30.01 69.43
CA LEU E 182 -5.49 28.90 69.64
C LEU E 182 -6.69 29.36 70.47
N ILE E 183 -7.75 28.57 70.46
CA ILE E 183 -8.93 28.93 71.22
C ILE E 183 -9.34 27.72 71.98
N CYS E 184 -9.07 27.74 73.27
CA CYS E 184 -9.41 26.59 74.07
C CYS E 184 -10.78 26.70 74.63
N ASN E 185 -11.60 25.75 74.20
CA ASN E 185 -12.97 25.67 74.66
C ASN E 185 -12.87 24.45 75.59
N SER E 186 -13.21 24.65 76.87
CA SER E 186 -13.10 23.64 77.96
C SER E 186 -13.49 22.19 77.76
N ARG E 187 -12.52 21.33 78.01
CA ARG E 187 -12.70 19.89 77.87
C ARG E 187 -12.48 19.23 79.22
N ASN E 188 -12.43 20.05 80.26
CA ASN E 188 -12.28 19.55 81.63
C ASN E 188 -11.09 18.62 81.92
N THR E 189 -9.90 19.20 82.06
CA THR E 189 -8.71 18.39 82.41
C THR E 189 -8.05 19.10 83.59
N ASP E 190 -7.14 18.40 84.27
CA ASP E 190 -6.40 19.00 85.38
C ASP E 190 -5.34 19.79 84.61
N ARG E 191 -5.11 21.05 84.97
CA ARG E 191 -4.14 21.86 84.23
C ARG E 191 -4.68 21.96 82.80
N GLU E 192 -5.80 22.67 82.59
CA GLU E 192 -6.31 22.78 81.24
C GLU E 192 -5.94 24.14 80.68
N ASP E 193 -5.85 25.13 81.56
CA ASP E 193 -5.48 26.48 81.17
C ASP E 193 -4.01 26.53 80.79
N GLU E 194 -3.20 25.74 81.49
CA GLU E 194 -1.76 25.72 81.25
C GLU E 194 -1.33 24.84 80.08
N LEU E 195 -1.66 23.56 80.15
CA LEU E 195 -1.26 22.62 79.11
C LEU E 195 -1.31 23.17 77.70
N ILE E 196 -2.38 23.90 77.42
CA ILE E 196 -2.59 24.48 76.11
C ILE E 196 -1.58 25.60 75.83
N ILE E 197 -1.45 26.50 76.78
CA ILE E 197 -0.54 27.64 76.65
C ILE E 197 0.85 27.13 76.33
N ALA E 198 1.18 25.98 76.93
CA ALA E 198 2.46 25.35 76.71
C ALA E 198 2.62 25.01 75.23
N LEU E 199 1.65 24.27 74.70
CA LEU E 199 1.65 23.86 73.29
C LEU E 199 1.63 25.10 72.42
N ALA E 200 0.89 26.10 72.90
CA ALA E 200 0.77 27.36 72.18
C ALA E 200 2.14 27.95 71.93
N ASN E 201 3.05 27.73 72.86
CA ASN E 201 4.43 28.24 72.75
C ASN E 201 5.29 27.37 71.85
N LYS E 202 5.23 26.06 72.07
CA LYS E 202 6.00 25.12 71.28
C LYS E 202 5.56 25.18 69.82
N LEU E 203 4.48 25.91 69.56
CA LEU E 203 3.96 26.04 68.20
C LEU E 203 4.39 27.40 67.66
N GLY E 204 4.47 28.37 68.54
CA GLY E 204 4.86 29.70 68.12
C GLY E 204 3.72 30.69 68.06
N THR E 205 2.61 30.34 68.69
CA THR E 205 1.45 31.21 68.71
C THR E 205 1.11 31.50 70.15
N GLN E 206 -0.14 31.91 70.39
CA GLN E 206 -0.60 32.22 71.75
C GLN E 206 -1.93 31.53 71.95
N MET E 207 -2.35 31.42 73.20
CA MET E 207 -3.65 30.84 73.51
C MET E 207 -4.53 32.07 73.69
N ILE E 208 -5.19 32.46 72.60
CA ILE E 208 -6.02 33.67 72.58
C ILE E 208 -6.92 33.84 73.76
N HIS E 209 -7.65 32.77 74.08
CA HIS E 209 -8.56 32.84 75.17
C HIS E 209 -8.93 31.42 75.67
N PHE E 210 -9.41 31.32 76.92
CA PHE E 210 -9.88 30.05 77.50
C PHE E 210 -11.37 30.10 77.73
N VAL E 211 -12.07 29.16 77.09
CA VAL E 211 -13.55 29.04 77.18
C VAL E 211 -14.02 27.84 78.05
N PRO E 212 -14.71 28.18 79.16
CA PRO E 212 -15.28 27.31 80.18
C PRO E 212 -16.32 26.33 79.63
N ARG E 213 -16.57 25.24 80.34
CA ARG E 213 -17.63 24.38 79.89
C ARG E 213 -18.83 24.78 80.71
N ASP E 214 -19.60 25.72 80.16
CA ASP E 214 -20.82 26.21 80.81
C ASP E 214 -22.00 25.56 80.09
N ASN E 215 -22.91 24.94 80.83
CA ASN E 215 -24.05 24.27 80.22
C ASN E 215 -25.09 25.21 79.61
N VAL E 216 -24.80 26.51 79.69
CA VAL E 216 -25.69 27.51 79.12
C VAL E 216 -25.78 27.27 77.61
N VAL E 217 -24.68 26.76 77.05
CA VAL E 217 -24.58 26.51 75.63
C VAL E 217 -25.49 25.38 75.18
N GLN E 218 -25.87 24.49 76.09
CA GLN E 218 -26.79 23.42 75.72
C GLN E 218 -28.19 24.04 75.75
N ARG E 219 -28.41 24.90 76.73
CA ARG E 219 -29.69 25.60 76.89
C ARG E 219 -29.91 26.46 75.64
N ALA E 220 -28.82 27.02 75.14
CA ALA E 220 -28.84 27.86 73.95
C ALA E 220 -28.89 26.98 72.70
N GLU E 221 -27.99 26.01 72.63
CA GLU E 221 -27.93 25.10 71.48
C GLU E 221 -29.28 24.43 71.25
N ILE E 222 -29.80 23.80 72.28
CA ILE E 222 -31.09 23.12 72.19
C ILE E 222 -32.27 24.06 72.03
N ARG E 223 -32.10 25.32 72.41
CA ARG E 223 -33.20 26.26 72.27
C ARG E 223 -33.19 26.96 70.92
N ARG E 224 -32.22 26.60 70.07
CA ARG E 224 -32.02 27.18 68.71
C ARG E 224 -31.46 28.63 68.66
N MET E 225 -30.42 28.89 69.45
CA MET E 225 -29.81 30.22 69.52
C MET E 225 -28.47 30.22 70.25
N THR E 226 -27.78 31.34 70.17
CA THR E 226 -26.49 31.49 70.80
C THR E 226 -26.65 31.85 72.27
N VAL E 227 -25.52 31.87 72.98
CA VAL E 227 -25.52 32.21 74.41
C VAL E 227 -25.66 33.72 74.59
N ILE E 228 -25.18 34.48 73.62
CA ILE E 228 -25.22 35.94 73.68
C ILE E 228 -26.60 36.56 73.55
N GLU E 229 -27.49 35.89 72.83
CA GLU E 229 -28.85 36.37 72.65
C GLU E 229 -29.73 35.66 73.69
N TYR E 230 -29.36 34.44 74.04
CA TYR E 230 -30.09 33.65 75.02
C TYR E 230 -30.01 34.18 76.44
N ASP E 231 -28.79 34.29 76.99
CA ASP E 231 -28.58 34.85 78.32
C ASP E 231 -27.40 35.84 78.25
N PRO E 232 -27.67 37.07 77.78
CA PRO E 232 -26.73 38.18 77.61
C PRO E 232 -25.72 38.42 78.73
N LYS E 233 -26.08 38.11 79.98
CA LYS E 233 -25.16 38.36 81.11
C LYS E 233 -24.61 37.07 81.74
N ALA E 234 -25.05 35.92 81.25
CA ALA E 234 -24.54 34.67 81.81
C ALA E 234 -23.02 34.78 81.92
N LYS E 235 -22.45 33.90 82.75
CA LYS E 235 -21.01 33.90 82.96
C LYS E 235 -20.32 33.69 81.60
N GLN E 236 -20.74 32.68 80.86
CA GLN E 236 -20.12 32.41 79.57
C GLN E 236 -20.56 33.29 78.39
N ALA E 237 -21.35 34.33 78.63
CA ALA E 237 -21.76 35.21 77.55
C ALA E 237 -20.68 36.28 77.46
N ASP E 238 -20.05 36.58 78.59
CA ASP E 238 -18.97 37.55 78.64
C ASP E 238 -17.71 36.87 78.22
N GLU E 239 -17.63 35.57 78.47
CA GLU E 239 -16.44 34.82 78.07
C GLU E 239 -16.38 34.90 76.57
N TYR E 240 -17.52 34.62 75.92
CA TYR E 240 -17.56 34.66 74.48
C TYR E 240 -17.32 36.07 73.94
N ARG E 241 -17.66 37.08 74.75
CA ARG E 241 -17.43 38.47 74.36
C ARG E 241 -15.93 38.72 74.44
N ALA E 242 -15.28 38.07 75.39
CA ALA E 242 -13.84 38.22 75.58
C ALA E 242 -13.16 37.76 74.32
N LEU E 243 -13.37 36.48 74.01
CA LEU E 243 -12.78 35.85 72.83
C LEU E 243 -12.90 36.81 71.65
N ALA E 244 -14.11 37.31 71.44
CA ALA E 244 -14.35 38.25 70.35
C ALA E 244 -13.43 39.47 70.52
N ARG E 245 -13.47 40.08 71.69
CA ARG E 245 -12.64 41.25 71.95
C ARG E 245 -11.18 40.96 71.64
N LYS E 246 -10.62 39.94 72.28
CA LYS E 246 -9.23 39.57 72.07
C LYS E 246 -8.91 39.43 70.56
N VAL E 247 -9.76 38.72 69.85
CA VAL E 247 -9.60 38.51 68.41
C VAL E 247 -9.49 39.86 67.69
N VAL E 248 -10.39 40.77 68.00
CA VAL E 248 -10.39 42.09 67.37
C VAL E 248 -9.04 42.78 67.48
N ASP E 249 -8.55 42.88 68.72
CA ASP E 249 -7.29 43.55 69.03
C ASP E 249 -6.02 42.73 68.83
N ASN E 250 -6.20 41.42 68.63
CA ASN E 250 -5.09 40.55 68.42
C ASN E 250 -4.23 41.08 67.30
N LYS E 251 -2.91 41.02 67.41
CA LYS E 251 -2.05 41.48 66.30
C LYS E 251 -0.93 40.46 66.09
N LEU E 252 -1.13 39.28 66.69
CA LEU E 252 -0.18 38.17 66.62
C LEU E 252 -0.63 37.09 65.63
N LEU E 253 0.07 37.05 64.50
CA LEU E 253 -0.19 36.07 63.48
C LEU E 253 1.15 35.51 63.09
N VAL E 254 1.42 34.28 63.43
CA VAL E 254 2.71 33.68 63.06
C VAL E 254 2.53 32.47 62.18
N ILE E 255 3.68 31.92 61.78
CA ILE E 255 3.80 30.73 60.99
C ILE E 255 4.03 29.59 61.96
N PRO E 256 3.09 28.64 62.03
CA PRO E 256 3.16 27.49 62.93
C PRO E 256 4.43 26.64 62.86
N ASN E 257 4.83 26.15 64.02
CA ASN E 257 5.99 25.28 64.17
C ASN E 257 5.44 24.01 64.80
N PRO E 258 5.15 22.99 63.97
CA PRO E 258 4.60 21.72 64.49
C PRO E 258 5.56 21.12 65.51
N ILE E 259 5.06 20.23 66.37
CA ILE E 259 5.89 19.56 67.35
C ILE E 259 5.80 18.10 66.95
N THR E 260 6.68 17.26 67.50
CA THR E 260 6.64 15.84 67.14
C THR E 260 5.87 15.02 68.16
N MET E 261 5.30 13.90 67.72
CA MET E 261 4.55 13.04 68.61
C MET E 261 5.27 12.95 69.92
N ASP E 262 6.59 12.75 69.81
CA ASP E 262 7.42 12.62 71.00
C ASP E 262 7.48 13.83 71.96
N GLU E 263 7.46 15.04 71.41
CA GLU E 263 7.49 16.26 72.24
C GLU E 263 6.07 16.56 72.68
N LEU E 264 5.12 16.05 71.89
CA LEU E 264 3.70 16.23 72.12
C LEU E 264 3.37 15.47 73.40
N GLU E 265 3.48 14.14 73.34
CA GLU E 265 3.22 13.25 74.47
C GLU E 265 4.06 13.58 75.71
N GLU E 266 5.24 14.18 75.49
CA GLU E 266 6.19 14.60 76.51
C GLU E 266 5.50 15.64 77.38
N LEU E 267 4.80 16.54 76.72
CA LEU E 267 4.04 17.60 77.37
C LEU E 267 3.10 17.01 78.42
N LEU E 268 2.10 16.28 77.93
CA LEU E 268 1.09 15.63 78.78
C LEU E 268 1.74 14.78 79.88
N MET E 269 2.76 14.01 79.51
CA MET E 269 3.47 13.15 80.44
C MET E 269 4.18 13.99 81.52
N GLU E 270 4.55 15.23 81.18
CA GLU E 270 5.21 16.10 82.14
C GLU E 270 4.20 16.93 82.94
N MET F 3 -14.70 -16.03 56.49
CA MET F 3 -14.01 -14.94 57.21
C MET F 3 -14.90 -13.72 57.09
N ARG F 4 -15.25 -13.14 58.24
CA ARG F 4 -16.09 -11.94 58.31
C ARG F 4 -15.24 -10.69 58.09
N GLN F 5 -15.92 -9.64 57.63
CA GLN F 5 -15.30 -8.34 57.43
C GLN F 5 -16.29 -7.35 58.03
N CYS F 6 -15.86 -6.63 59.06
CA CYS F 6 -16.68 -5.62 59.72
C CYS F 6 -16.00 -4.26 59.60
N ALA F 7 -16.79 -3.25 59.31
CA ALA F 7 -16.24 -1.91 59.17
C ALA F 7 -16.79 -1.16 60.36
N ILE F 8 -15.91 -0.43 61.03
CA ILE F 8 -16.23 0.36 62.22
C ILE F 8 -16.28 1.84 61.93
N TYR F 9 -17.47 2.42 62.04
CA TYR F 9 -17.64 3.84 61.80
C TYR F 9 -17.94 4.70 63.01
N GLY F 10 -18.02 6.00 62.78
CA GLY F 10 -18.32 6.91 63.87
C GLY F 10 -17.91 8.35 63.63
N LYS F 11 -18.36 9.21 64.54
CA LYS F 11 -18.01 10.60 64.46
C LYS F 11 -16.61 10.65 65.08
N GLY F 12 -15.64 11.12 64.29
CA GLY F 12 -14.26 11.20 64.78
C GLY F 12 -14.16 11.81 66.16
N GLY F 13 -13.27 11.26 66.97
CA GLY F 13 -13.10 11.80 68.29
C GLY F 13 -14.10 11.23 69.31
N ILE F 14 -14.61 10.02 69.08
CA ILE F 14 -15.50 9.41 70.01
C ILE F 14 -14.78 8.13 70.48
N GLY F 15 -14.07 7.49 69.58
CA GLY F 15 -13.30 6.33 69.97
C GLY F 15 -13.28 5.17 69.00
N LYS F 16 -13.09 5.42 67.71
CA LYS F 16 -13.02 4.31 66.74
C LYS F 16 -11.77 3.41 66.91
N SER F 17 -10.56 3.96 66.75
CA SER F 17 -9.29 3.20 66.83
C SER F 17 -9.01 2.43 68.11
N THR F 18 -9.08 3.08 69.26
CA THR F 18 -8.84 2.35 70.51
C THR F 18 -9.82 1.21 70.63
N THR F 19 -11.11 1.55 70.52
CA THR F 19 -12.22 0.60 70.60
C THR F 19 -12.10 -0.57 69.64
N THR F 20 -11.42 -0.35 68.51
CA THR F 20 -11.22 -1.43 67.52
C THR F 20 -9.96 -2.21 67.81
N GLN F 21 -8.85 -1.49 67.87
CA GLN F 21 -7.58 -2.10 68.13
C GLN F 21 -7.63 -2.89 69.41
N ASN F 22 -8.59 -2.54 70.29
CA ASN F 22 -8.75 -3.24 71.58
C ASN F 22 -9.69 -4.40 71.43
N LEU F 23 -10.57 -4.28 70.44
CA LEU F 23 -11.54 -5.32 70.18
C LEU F 23 -10.81 -6.46 69.51
N VAL F 24 -9.92 -6.14 68.58
CA VAL F 24 -9.15 -7.15 67.87
C VAL F 24 -8.03 -7.66 68.77
N ALA F 25 -7.57 -6.82 69.69
CA ALA F 25 -6.51 -7.25 70.59
C ALA F 25 -7.14 -8.40 71.34
N ALA F 26 -8.37 -8.17 71.79
CA ALA F 26 -9.15 -9.16 72.51
C ALA F 26 -9.44 -10.35 71.62
N LEU F 27 -9.81 -10.07 70.38
CA LEU F 27 -10.13 -11.07 69.37
C LEU F 27 -8.89 -11.92 69.05
N ALA F 28 -7.73 -11.32 69.23
CA ALA F 28 -6.46 -11.98 68.98
C ALA F 28 -6.29 -12.97 70.11
N GLU F 29 -6.56 -12.46 71.32
CA GLU F 29 -6.49 -13.20 72.60
C GLU F 29 -7.29 -14.51 72.48
N MET F 30 -8.40 -14.42 71.75
CA MET F 30 -9.27 -15.56 71.54
C MET F 30 -8.68 -16.46 70.47
N GLY F 31 -7.46 -16.13 70.05
CA GLY F 31 -6.78 -16.90 69.03
C GLY F 31 -7.41 -16.78 67.66
N LYS F 32 -7.71 -15.56 67.23
CA LYS F 32 -8.31 -15.38 65.92
C LYS F 32 -7.30 -14.74 64.95
N LYS F 33 -7.48 -15.04 63.67
CA LYS F 33 -6.64 -14.48 62.61
C LYS F 33 -7.39 -13.20 62.23
N VAL F 34 -6.84 -12.06 62.63
CA VAL F 34 -7.45 -10.77 62.37
C VAL F 34 -6.55 -9.79 61.59
N MET F 35 -7.17 -8.90 60.83
CA MET F 35 -6.39 -7.91 60.11
C MET F 35 -7.04 -6.55 60.32
N ILE F 36 -6.24 -5.50 60.41
CA ILE F 36 -6.79 -4.17 60.60
C ILE F 36 -6.36 -3.32 59.43
N VAL F 37 -7.32 -2.91 58.60
CA VAL F 37 -7.04 -2.05 57.45
C VAL F 37 -7.29 -0.64 57.95
N GLY F 38 -6.31 0.23 57.83
CA GLY F 38 -6.52 1.56 58.36
C GLY F 38 -7.00 2.48 57.28
N CYS F 39 -8.31 2.69 57.20
CA CYS F 39 -8.87 3.55 56.15
C CYS F 39 -9.07 4.93 56.67
N ASP F 40 -7.96 5.54 57.07
CA ASP F 40 -7.96 6.87 57.62
C ASP F 40 -6.65 7.57 57.42
N PRO F 41 -6.79 8.81 56.99
CA PRO F 41 -5.63 9.67 56.73
C PRO F 41 -4.71 9.82 57.95
N LYS F 42 -5.26 9.81 59.17
CA LYS F 42 -4.45 10.01 60.38
C LYS F 42 -3.36 8.96 60.50
N ALA F 43 -3.68 7.72 60.18
CA ALA F 43 -2.73 6.62 60.24
C ALA F 43 -2.30 6.23 61.65
N ASP F 44 -3.28 5.94 62.50
CA ASP F 44 -3.04 5.55 63.88
C ASP F 44 -3.94 4.38 64.22
N SER F 45 -4.60 3.86 63.20
CA SER F 45 -5.51 2.73 63.32
C SER F 45 -4.78 1.46 63.75
N THR F 46 -3.46 1.41 63.57
CA THR F 46 -2.70 0.23 63.97
C THR F 46 -1.60 0.56 64.99
N ARG F 47 -1.31 1.84 65.13
CA ARG F 47 -0.26 2.31 66.03
C ARG F 47 -0.25 1.64 67.41
N LEU F 48 -1.41 1.17 67.87
CA LEU F 48 -1.50 0.53 69.19
C LEU F 48 -1.27 -0.99 69.20
N ILE F 49 -1.27 -1.61 68.03
CA ILE F 49 -1.09 -3.05 67.96
C ILE F 49 0.30 -3.36 67.45
N LEU F 50 0.91 -2.40 66.76
CA LEU F 50 2.23 -2.56 66.17
C LEU F 50 3.33 -2.01 67.07
N HIS F 51 3.06 -0.86 67.68
CA HIS F 51 3.97 -0.21 68.65
C HIS F 51 4.76 1.02 68.18
N SER F 52 4.11 2.05 67.63
CA SER F 52 4.87 3.21 67.22
C SER F 52 3.97 4.28 66.61
N LYS F 53 4.57 5.37 66.17
CA LYS F 53 3.86 6.46 65.57
C LYS F 53 3.03 5.99 64.38
N ALA F 54 3.60 5.06 63.63
CA ALA F 54 2.99 4.46 62.44
C ALA F 54 4.12 3.92 61.56
N GLN F 55 3.81 2.90 60.78
CA GLN F 55 4.81 2.34 59.90
C GLN F 55 4.52 2.86 58.50
N ASN F 56 5.21 2.28 57.53
CA ASN F 56 5.07 2.65 56.15
C ASN F 56 3.73 2.27 55.54
N THR F 57 2.95 3.29 55.22
CA THR F 57 1.62 3.17 54.67
C THR F 57 1.61 2.85 53.18
N ILE F 58 0.48 2.34 52.70
CA ILE F 58 0.31 1.99 51.28
C ILE F 58 0.58 3.21 50.38
N MET F 59 -0.29 4.23 50.43
CA MET F 59 -0.12 5.43 49.59
C MET F 59 1.20 6.13 49.71
N GLU F 60 1.71 6.22 50.94
CA GLU F 60 2.99 6.88 51.18
C GLU F 60 4.07 6.01 50.56
N MET F 61 3.93 4.71 50.75
CA MET F 61 4.85 3.73 50.22
C MET F 61 4.78 3.71 48.70
N ALA F 62 3.59 3.62 48.14
CA ALA F 62 3.41 3.56 46.69
C ALA F 62 3.92 4.83 46.01
N ALA F 63 4.18 5.85 46.82
CA ALA F 63 4.68 7.11 46.28
C ALA F 63 6.13 6.92 45.90
N GLU F 64 6.85 6.23 46.75
CA GLU F 64 8.27 5.96 46.55
C GLU F 64 8.50 5.15 45.28
N ALA F 65 7.67 4.15 45.04
CA ALA F 65 7.81 3.28 43.87
C ALA F 65 7.22 3.90 42.59
N GLY F 66 6.72 5.12 42.71
CA GLY F 66 6.16 5.80 41.56
C GLY F 66 4.71 5.43 41.32
N THR F 67 4.41 4.15 41.38
CA THR F 67 3.04 3.71 41.17
C THR F 67 2.67 2.63 42.16
N VAL F 68 1.40 2.62 42.54
CA VAL F 68 0.86 1.65 43.48
C VAL F 68 1.02 0.21 42.98
N GLU F 69 0.92 0.00 41.67
CA GLU F 69 1.06 -1.31 41.06
C GLU F 69 2.48 -1.86 41.27
N ASP F 70 3.38 -0.96 41.67
CA ASP F 70 4.80 -1.26 41.94
C ASP F 70 5.06 -1.65 43.38
N LEU F 71 4.02 -1.59 44.21
CA LEU F 71 4.17 -1.95 45.62
C LEU F 71 3.93 -3.44 45.82
N GLU F 72 4.31 -3.94 46.99
CA GLU F 72 4.16 -5.34 47.33
C GLU F 72 3.51 -5.41 48.70
N LEU F 73 2.54 -6.30 48.87
CA LEU F 73 1.86 -6.44 50.15
C LEU F 73 2.87 -6.53 51.28
N GLU F 74 3.99 -7.21 51.00
CA GLU F 74 5.05 -7.39 51.96
C GLU F 74 5.50 -6.07 52.57
N ASP F 75 5.40 -4.99 51.80
CA ASP F 75 5.83 -3.68 52.27
C ASP F 75 4.91 -2.91 53.22
N VAL F 76 3.60 -3.14 53.13
CA VAL F 76 2.65 -2.44 53.99
C VAL F 76 2.10 -3.30 55.11
N LEU F 77 2.02 -4.58 54.83
CA LEU F 77 1.47 -5.49 55.81
C LEU F 77 2.47 -5.95 56.84
N LYS F 78 2.23 -5.58 58.09
CA LYS F 78 3.09 -5.99 59.17
C LYS F 78 2.31 -6.69 60.29
N ALA F 79 2.86 -7.77 60.82
CA ALA F 79 2.19 -8.47 61.90
C ALA F 79 2.46 -7.66 63.17
N GLY F 80 1.59 -7.78 64.17
CA GLY F 80 1.82 -7.04 65.40
C GLY F 80 1.57 -7.91 66.61
N TYR F 81 0.71 -7.44 67.50
CA TYR F 81 0.35 -8.19 68.70
C TYR F 81 -0.59 -9.37 68.39
N GLY F 82 -0.39 -10.48 69.09
CA GLY F 82 -1.23 -11.65 68.91
C GLY F 82 -1.39 -12.07 67.47
N GLY F 83 -0.36 -11.83 66.68
CA GLY F 83 -0.44 -12.20 65.28
C GLY F 83 -1.49 -11.45 64.50
N VAL F 84 -1.74 -10.20 64.86
CA VAL F 84 -2.71 -9.39 64.15
C VAL F 84 -2.01 -8.70 62.99
N LYS F 85 -2.58 -8.78 61.79
CA LYS F 85 -1.96 -8.12 60.65
C LYS F 85 -2.52 -6.71 60.54
N CYS F 86 -1.68 -5.79 60.06
CA CYS F 86 -2.10 -4.40 59.93
C CYS F 86 -1.62 -3.73 58.64
N VAL F 87 -2.44 -2.81 58.15
CA VAL F 87 -2.10 -2.09 56.94
C VAL F 87 -2.78 -0.74 57.02
N GLU F 88 -2.11 0.27 56.50
CA GLU F 88 -2.68 1.59 56.52
C GLU F 88 -3.01 2.06 55.10
N SER F 89 -4.06 2.85 54.96
CA SER F 89 -4.44 3.33 53.65
C SER F 89 -3.54 4.49 53.27
N GLY F 90 -3.13 5.28 54.25
CA GLY F 90 -2.26 6.39 53.94
C GLY F 90 -3.10 7.56 53.53
N GLY F 91 -2.45 8.66 53.19
CA GLY F 91 -3.19 9.85 52.77
C GLY F 91 -2.35 11.10 52.72
N PRO F 92 -2.88 12.23 52.15
CA PRO F 92 -2.15 13.49 52.06
C PRO F 92 -2.23 14.21 53.40
N GLU F 93 -1.73 15.43 53.47
CA GLU F 93 -1.77 16.17 54.72
C GLU F 93 -2.88 17.18 54.74
N PRO F 94 -3.16 17.78 55.89
CA PRO F 94 -4.25 18.75 55.96
C PRO F 94 -4.27 19.80 54.83
N GLY F 95 -5.34 19.82 54.02
CA GLY F 95 -5.55 20.82 52.95
C GLY F 95 -4.87 20.62 51.58
N VAL F 96 -4.91 19.39 51.06
CA VAL F 96 -4.28 19.07 49.81
C VAL F 96 -4.57 17.63 49.42
N GLY F 97 -4.57 17.36 48.13
CA GLY F 97 -4.79 15.98 47.68
C GLY F 97 -6.21 15.50 48.00
N CYS F 98 -6.33 14.18 47.92
CA CYS F 98 -7.60 13.50 48.08
C CYS F 98 -7.44 12.20 48.91
N ALA F 99 -7.90 12.24 50.16
CA ALA F 99 -7.79 11.09 51.05
C ALA F 99 -8.81 10.03 50.68
N GLY F 100 -9.99 10.48 50.25
CA GLY F 100 -11.02 9.54 49.86
C GLY F 100 -10.52 8.60 48.79
N ARG F 101 -9.50 9.03 48.05
CA ARG F 101 -8.97 8.19 46.99
C ARG F 101 -8.11 7.09 47.56
N GLY F 102 -7.19 7.49 48.45
CA GLY F 102 -6.29 6.55 49.09
C GLY F 102 -7.08 5.36 49.60
N VAL F 103 -8.18 5.64 50.29
CA VAL F 103 -9.01 4.58 50.84
C VAL F 103 -9.32 3.61 49.73
N ILE F 104 -9.64 4.16 48.56
CA ILE F 104 -9.97 3.31 47.44
C ILE F 104 -8.73 2.57 46.98
N THR F 105 -7.72 3.35 46.60
CA THR F 105 -6.44 2.82 46.14
C THR F 105 -5.85 1.77 47.09
N ALA F 106 -5.98 1.98 48.38
CA ALA F 106 -5.39 1.05 49.31
C ALA F 106 -6.22 -0.20 49.39
N ILE F 107 -7.52 -0.06 49.36
CA ILE F 107 -8.35 -1.23 49.49
C ILE F 107 -8.24 -2.07 48.23
N ASN F 108 -8.37 -1.41 47.08
CA ASN F 108 -8.24 -2.10 45.83
C ASN F 108 -6.95 -2.91 45.83
N PHE F 109 -5.89 -2.29 46.38
CA PHE F 109 -4.55 -2.94 46.43
C PHE F 109 -4.49 -4.23 47.26
N LEU F 110 -4.99 -4.12 48.49
CA LEU F 110 -5.03 -5.28 49.34
C LEU F 110 -5.76 -6.39 48.60
N GLU F 111 -7.01 -6.12 48.21
CA GLU F 111 -7.81 -7.10 47.49
C GLU F 111 -7.07 -7.57 46.27
N GLU F 112 -6.60 -6.62 45.51
CA GLU F 112 -5.91 -6.94 44.29
C GLU F 112 -4.73 -7.86 44.50
N GLU F 113 -3.94 -7.60 45.56
CA GLU F 113 -2.76 -8.42 45.85
C GLU F 113 -3.05 -9.65 46.69
N GLY F 114 -4.33 -9.91 46.89
CA GLY F 114 -4.75 -11.08 47.65
C GLY F 114 -4.38 -11.07 49.10
N ALA F 115 -4.67 -9.95 49.75
CA ALA F 115 -4.42 -9.76 51.16
C ALA F 115 -5.49 -10.54 51.94
N TYR F 116 -6.58 -10.87 51.25
CA TYR F 116 -7.70 -11.57 51.86
C TYR F 116 -7.67 -13.11 51.81
N GLU F 117 -7.47 -13.65 50.60
CA GLU F 117 -7.48 -15.08 50.24
C GLU F 117 -7.05 -16.31 51.07
N ASP F 118 -6.08 -16.24 51.96
CA ASP F 118 -5.67 -17.47 52.65
C ASP F 118 -5.49 -17.48 54.16
N ASP F 119 -5.86 -16.41 54.85
CA ASP F 119 -5.57 -16.42 56.27
C ASP F 119 -6.59 -16.12 57.38
N LEU F 120 -7.17 -14.93 57.30
CA LEU F 120 -8.08 -14.38 58.29
C LEU F 120 -9.46 -14.87 58.66
N ASP F 121 -9.81 -14.60 59.91
CA ASP F 121 -11.11 -14.89 60.54
C ASP F 121 -11.91 -13.60 60.61
N PHE F 122 -11.22 -12.50 60.92
CA PHE F 122 -11.87 -11.21 60.97
C PHE F 122 -11.00 -10.20 60.28
N VAL F 123 -11.64 -9.29 59.55
CA VAL F 123 -10.96 -8.17 58.89
C VAL F 123 -11.70 -6.90 59.29
N PHE F 124 -11.01 -6.01 59.99
CA PHE F 124 -11.61 -4.78 60.47
C PHE F 124 -11.12 -3.53 59.73
N TYR F 125 -12.07 -2.81 59.16
CA TYR F 125 -11.74 -1.59 58.46
C TYR F 125 -12.03 -0.49 59.45
N ASP F 126 -11.00 0.26 59.85
CA ASP F 126 -11.15 1.38 60.78
C ASP F 126 -11.35 2.57 59.84
N VAL F 127 -12.61 2.98 59.67
CA VAL F 127 -12.94 4.07 58.75
C VAL F 127 -13.08 5.42 59.38
N GLY F 128 -12.30 6.37 58.85
CA GLY F 128 -12.32 7.73 59.35
C GLY F 128 -13.64 8.41 59.13
N ASP F 129 -13.56 9.68 58.77
CA ASP F 129 -14.75 10.48 58.52
C ASP F 129 -15.40 10.00 57.23
N VAL F 130 -16.71 9.82 57.26
CA VAL F 130 -17.51 9.34 56.11
C VAL F 130 -17.78 10.45 55.08
N VAL F 131 -16.90 11.46 55.05
CA VAL F 131 -17.03 12.61 54.18
C VAL F 131 -17.58 12.42 52.73
N CYS F 132 -17.00 11.50 51.96
CA CYS F 132 -17.41 11.31 50.56
C CYS F 132 -17.39 9.89 50.00
N GLY F 133 -17.48 9.80 48.68
CA GLY F 133 -17.45 8.51 48.03
C GLY F 133 -16.39 7.53 48.52
N GLY F 134 -15.12 7.91 48.43
CA GLY F 134 -14.07 7.03 48.89
C GLY F 134 -14.21 6.38 50.28
N PHE F 135 -14.59 7.16 51.29
CA PHE F 135 -14.72 6.60 52.65
C PHE F 135 -15.91 5.70 52.86
N ALA F 136 -16.48 5.23 51.76
CA ALA F 136 -17.58 4.32 51.85
C ALA F 136 -17.03 3.03 51.29
N MET F 137 -15.83 3.10 50.74
CA MET F 137 -15.25 1.91 50.13
C MET F 137 -15.36 0.69 51.03
N PRO F 138 -14.89 0.76 52.31
CA PRO F 138 -15.07 -0.47 53.11
C PRO F 138 -16.45 -1.18 53.12
N ILE F 139 -17.53 -0.56 52.60
CA ILE F 139 -18.84 -1.23 52.66
C ILE F 139 -19.58 -1.52 51.32
N ARG F 140 -18.86 -1.95 50.29
CA ARG F 140 -19.51 -2.37 49.07
C ARG F 140 -19.52 -3.86 49.07
N GLU F 141 -19.83 -4.47 47.95
CA GLU F 141 -19.88 -5.89 47.99
C GLU F 141 -18.47 -6.48 47.99
N ASN F 142 -18.26 -7.44 48.89
CA ASN F 142 -16.98 -8.15 49.06
C ASN F 142 -16.05 -7.45 50.06
N LYS F 143 -16.48 -6.32 50.59
CA LYS F 143 -15.63 -5.65 51.58
C LYS F 143 -16.21 -5.97 52.93
N ALA F 144 -17.06 -5.11 53.46
CA ALA F 144 -17.61 -5.40 54.78
C ALA F 144 -19.12 -5.62 54.77
N GLN F 145 -19.56 -6.65 55.51
CA GLN F 145 -20.98 -7.01 55.64
C GLN F 145 -21.61 -6.52 56.96
N GLU F 146 -20.76 -6.36 57.98
CA GLU F 146 -21.19 -5.90 59.29
C GLU F 146 -20.58 -4.51 59.51
N ILE F 147 -21.39 -3.58 60.01
CA ILE F 147 -20.92 -2.22 60.33
C ILE F 147 -21.24 -1.96 61.78
N TYR F 148 -20.27 -1.47 62.53
CA TYR F 148 -20.55 -1.17 63.91
C TYR F 148 -20.23 0.28 64.23
N ILE F 149 -21.26 1.12 64.10
CA ILE F 149 -21.14 2.54 64.39
C ILE F 149 -20.85 2.77 65.88
N VAL F 150 -19.84 3.58 66.18
CA VAL F 150 -19.52 3.88 67.56
C VAL F 150 -20.18 5.22 67.94
N CYS F 151 -20.70 5.32 69.17
CA CYS F 151 -21.39 6.54 69.62
C CYS F 151 -21.23 6.83 71.10
N SER F 152 -21.84 7.93 71.54
CA SER F 152 -21.82 8.35 72.94
C SER F 152 -23.16 9.02 73.30
N GLY F 153 -23.28 9.56 74.51
CA GLY F 153 -24.52 10.20 74.92
C GLY F 153 -24.66 11.67 74.55
N GLU F 154 -23.81 12.14 73.63
CA GLU F 154 -23.81 13.52 73.17
C GLU F 154 -24.72 13.79 71.94
N MET F 155 -25.46 14.90 72.01
CA MET F 155 -26.38 15.34 70.97
C MET F 155 -25.78 15.28 69.57
N MET F 156 -24.47 15.47 69.49
CA MET F 156 -23.75 15.45 68.22
C MET F 156 -23.13 14.09 67.94
N ALA F 157 -22.99 13.28 68.98
CA ALA F 157 -22.40 11.95 68.83
C ALA F 157 -23.42 11.03 68.17
N MET F 158 -24.68 11.29 68.48
CA MET F 158 -25.79 10.51 67.95
C MET F 158 -26.22 11.05 66.59
N TYR F 159 -26.29 12.37 66.46
CA TYR F 159 -26.64 12.99 65.19
C TYR F 159 -25.81 12.30 64.13
N ALA F 160 -24.59 11.97 64.53
CA ALA F 160 -23.63 11.28 63.67
C ALA F 160 -24.02 9.80 63.56
N ALA F 161 -24.20 9.14 64.70
CA ALA F 161 -24.55 7.74 64.66
C ALA F 161 -25.72 7.59 63.73
N ASN F 162 -26.64 8.56 63.79
CA ASN F 162 -27.85 8.59 62.95
C ASN F 162 -27.51 8.91 61.49
N ASN F 163 -26.78 10.01 61.34
CA ASN F 163 -26.30 10.52 60.05
C ASN F 163 -25.56 9.42 59.23
N ILE F 164 -24.61 8.75 59.88
CA ILE F 164 -23.84 7.69 59.27
C ILE F 164 -24.77 6.59 58.79
N SER F 165 -25.54 5.99 59.71
CA SER F 165 -26.45 4.90 59.35
C SER F 165 -27.33 5.29 58.18
N LYS F 166 -27.63 6.58 58.07
CA LYS F 166 -28.46 7.04 56.97
C LYS F 166 -27.70 6.72 55.70
N GLY F 167 -26.47 7.20 55.62
CA GLY F 167 -25.69 6.94 54.43
C GLY F 167 -25.60 5.48 54.08
N ILE F 168 -25.69 4.63 55.10
CA ILE F 168 -25.57 3.18 54.94
C ILE F 168 -26.71 2.51 54.18
N VAL F 169 -27.92 3.02 54.39
CA VAL F 169 -29.12 2.49 53.75
C VAL F 169 -28.93 2.47 52.25
N LYS F 170 -28.02 3.32 51.76
CA LYS F 170 -27.71 3.45 50.33
C LYS F 170 -26.98 2.20 49.87
N TYR F 171 -25.97 1.82 50.63
CA TYR F 171 -25.16 0.64 50.32
C TYR F 171 -25.79 -0.62 50.90
N ALA F 172 -26.72 -0.46 51.85
CA ALA F 172 -27.40 -1.61 52.50
C ALA F 172 -28.57 -2.17 51.70
N ASN F 173 -29.32 -1.30 51.05
CA ASN F 173 -30.44 -1.71 50.24
C ASN F 173 -29.92 -2.45 49.00
N SER F 174 -29.04 -1.77 48.27
CA SER F 174 -28.43 -2.29 47.05
C SER F 174 -27.43 -3.41 47.30
N GLY F 175 -26.80 -3.40 48.47
CA GLY F 175 -25.84 -4.43 48.80
C GLY F 175 -26.28 -5.31 49.95
N SER F 176 -25.33 -5.97 50.60
CA SER F 176 -25.62 -6.84 51.73
C SER F 176 -25.06 -6.32 53.05
N VAL F 177 -24.28 -5.23 53.01
CA VAL F 177 -23.69 -4.67 54.22
C VAL F 177 -24.81 -4.28 55.17
N ARG F 178 -24.60 -4.53 56.46
CA ARG F 178 -25.60 -4.26 57.47
C ARG F 178 -25.03 -3.67 58.78
N LEU F 179 -25.80 -2.79 59.43
CA LEU F 179 -25.43 -2.17 60.70
C LEU F 179 -25.66 -3.32 61.69
N GLY F 180 -24.60 -3.73 62.38
CA GLY F 180 -24.72 -4.83 63.32
C GLY F 180 -25.18 -4.29 64.65
N GLY F 181 -24.67 -3.10 64.97
CA GLY F 181 -25.03 -2.45 66.21
C GLY F 181 -24.13 -1.29 66.57
N LEU F 182 -24.54 -0.51 67.56
CA LEU F 182 -23.75 0.62 68.00
C LEU F 182 -22.89 0.20 69.18
N ILE F 183 -21.77 0.88 69.34
CA ILE F 183 -20.87 0.64 70.45
C ILE F 183 -20.70 1.97 71.18
N CYS F 184 -21.21 2.01 72.40
CA CYS F 184 -21.18 3.21 73.19
C CYS F 184 -19.95 3.41 74.09
N ASN F 185 -19.28 4.53 73.92
CA ASN F 185 -18.14 4.81 74.78
C ASN F 185 -18.71 5.92 75.60
N SER F 186 -19.09 5.59 76.82
CA SER F 186 -19.66 6.58 77.71
C SER F 186 -18.74 7.76 77.95
N ARG F 187 -19.22 8.95 77.59
CA ARG F 187 -18.47 10.17 77.83
C ARG F 187 -18.94 10.55 79.25
N ASN F 188 -19.65 9.59 79.86
CA ASN F 188 -20.23 9.74 81.17
C ASN F 188 -21.15 10.93 81.19
N THR F 189 -22.08 10.92 80.25
CA THR F 189 -23.11 11.94 80.10
C THR F 189 -24.23 11.29 80.91
N ASP F 190 -25.28 12.03 81.28
CA ASP F 190 -26.31 11.38 82.09
C ASP F 190 -27.28 10.49 81.33
N ARG F 191 -27.72 9.42 81.96
CA ARG F 191 -28.67 8.51 81.33
C ARG F 191 -28.19 8.17 79.93
N GLU F 192 -26.87 8.18 79.81
CA GLU F 192 -26.20 7.85 78.56
C GLU F 192 -26.43 6.40 78.17
N ASP F 193 -26.53 5.53 79.16
CA ASP F 193 -26.70 4.08 79.02
C ASP F 193 -27.91 3.64 78.19
N GLU F 194 -29.10 3.92 78.73
CA GLU F 194 -30.33 3.54 78.04
C GLU F 194 -30.61 4.47 76.87
N LEU F 195 -30.21 5.73 76.99
CA LEU F 195 -30.46 6.68 75.92
C LEU F 195 -29.98 6.13 74.59
N ILE F 196 -28.82 5.48 74.60
CA ILE F 196 -28.23 4.93 73.40
C ILE F 196 -29.07 3.75 72.94
N ILE F 197 -29.45 2.92 73.91
CA ILE F 197 -30.27 1.75 73.68
C ILE F 197 -31.57 2.23 73.02
N ALA F 198 -31.94 3.45 73.37
CA ALA F 198 -33.14 4.05 72.82
C ALA F 198 -32.92 4.24 71.33
N LEU F 199 -31.85 4.96 71.01
CA LEU F 199 -31.49 5.25 69.63
C LEU F 199 -31.21 3.99 68.82
N ALA F 200 -30.63 2.98 69.47
CA ALA F 200 -30.35 1.73 68.78
C ALA F 200 -31.67 1.09 68.37
N ASN F 201 -32.75 1.43 69.06
CA ASN F 201 -34.05 0.85 68.75
C ASN F 201 -34.71 1.68 67.68
N LYS F 202 -34.80 2.98 67.88
CA LYS F 202 -35.43 3.81 66.88
C LYS F 202 -34.65 3.68 65.59
N LEU F 203 -33.53 2.96 65.66
CA LEU F 203 -32.70 2.76 64.50
C LEU F 203 -32.98 1.41 63.88
N GLY F 204 -33.21 0.41 64.72
CA GLY F 204 -33.48 -0.93 64.21
C GLY F 204 -32.31 -1.87 64.41
N THR F 205 -31.42 -1.46 65.31
CA THR F 205 -30.26 -2.26 65.63
C THR F 205 -30.17 -2.43 67.13
N GLN F 206 -29.06 -2.96 67.57
CA GLN F 206 -28.85 -3.18 68.98
C GLN F 206 -27.66 -2.38 69.43
N MET F 207 -27.57 -2.20 70.75
CA MET F 207 -26.45 -1.58 71.35
C MET F 207 -25.52 -2.72 71.75
N ILE F 208 -24.63 -3.13 70.87
CA ILE F 208 -23.77 -4.29 71.13
C ILE F 208 -23.28 -4.33 72.55
N HIS F 209 -22.65 -3.30 73.02
CA HIS F 209 -22.07 -3.37 74.32
C HIS F 209 -21.78 -1.95 74.77
N PHE F 210 -21.57 -1.77 76.05
CA PHE F 210 -21.29 -0.46 76.56
C PHE F 210 -19.84 -0.41 77.06
N VAL F 211 -19.10 0.56 76.54
CA VAL F 211 -17.71 0.69 76.93
C VAL F 211 -17.54 1.88 77.87
N PRO F 212 -17.01 1.55 79.07
CA PRO F 212 -16.68 2.54 80.15
C PRO F 212 -15.68 3.62 79.78
N ARG F 213 -15.53 4.62 80.62
CA ARG F 213 -14.50 5.64 80.42
C ARG F 213 -13.45 5.26 81.46
N ASP F 214 -12.46 4.43 81.08
CA ASP F 214 -11.42 3.99 82.01
C ASP F 214 -10.06 4.52 81.57
N ASN F 215 -9.47 5.38 82.39
CA ASN F 215 -8.19 5.98 82.03
C ASN F 215 -7.04 5.02 81.76
N VAL F 216 -7.30 3.72 81.81
CA VAL F 216 -6.26 2.77 81.48
C VAL F 216 -5.97 2.86 79.97
N VAL F 217 -6.88 3.50 79.24
CA VAL F 217 -6.75 3.66 77.79
C VAL F 217 -5.69 4.70 77.41
N GLN F 218 -5.51 5.69 78.26
CA GLN F 218 -4.49 6.69 77.98
C GLN F 218 -3.14 6.07 78.40
N ARG F 219 -3.14 5.35 79.52
CA ARG F 219 -1.92 4.72 80.00
C ARG F 219 -1.41 3.83 78.88
N ALA F 220 -2.34 3.14 78.22
CA ALA F 220 -1.98 2.25 77.12
C ALA F 220 -1.67 3.05 75.86
N GLU F 221 -2.54 4.02 75.55
CA GLU F 221 -2.37 4.87 74.37
C GLU F 221 -1.01 5.58 74.35
N ILE F 222 -0.72 6.29 75.43
CA ILE F 222 0.53 7.02 75.52
C ILE F 222 1.73 6.07 75.61
N ARG F 223 1.54 4.85 76.13
CA ARG F 223 2.67 3.89 76.23
C ARG F 223 2.85 3.11 74.92
N ARG F 224 2.09 3.46 73.89
CA ARG F 224 2.23 2.80 72.59
C ARG F 224 1.68 1.38 72.53
N MET F 225 0.62 1.10 73.29
CA MET F 225 -0.01 -0.23 73.26
C MET F 225 -1.48 -0.31 73.73
N THR F 226 -2.12 -1.44 73.41
CA THR F 226 -3.53 -1.72 73.75
C THR F 226 -3.69 -2.02 75.22
N VAL F 227 -4.91 -1.87 75.73
CA VAL F 227 -5.18 -2.12 77.14
C VAL F 227 -5.02 -3.61 77.45
N ILE F 228 -5.34 -4.46 76.48
CA ILE F 228 -5.26 -5.91 76.66
C ILE F 228 -3.84 -6.48 76.78
N GLU F 229 -2.86 -5.76 76.28
CA GLU F 229 -1.47 -6.21 76.38
C GLU F 229 -0.80 -5.47 77.53
N TYR F 230 -1.34 -4.28 77.80
CA TYR F 230 -0.87 -3.38 78.84
C TYR F 230 -1.25 -3.85 80.23
N ASP F 231 -2.55 -3.97 80.47
CA ASP F 231 -3.08 -4.47 81.76
C ASP F 231 -4.21 -5.50 81.55
N PRO F 232 -3.83 -6.70 81.07
CA PRO F 232 -4.72 -7.84 80.79
C PRO F 232 -5.92 -8.02 81.71
N LYS F 233 -5.75 -7.76 82.99
CA LYS F 233 -6.86 -7.94 83.93
C LYS F 233 -7.61 -6.66 84.30
N ALA F 234 -7.07 -5.51 83.91
CA ALA F 234 -7.72 -4.24 84.22
C ALA F 234 -9.19 -4.32 83.93
N LYS F 235 -9.98 -3.54 84.65
CA LYS F 235 -11.43 -3.57 84.45
C LYS F 235 -11.84 -3.49 82.96
N GLN F 236 -11.33 -2.46 82.29
CA GLN F 236 -11.67 -2.28 80.89
C GLN F 236 -10.98 -3.23 79.95
N ALA F 237 -10.21 -4.15 80.50
CA ALA F 237 -9.53 -5.12 79.66
C ALA F 237 -10.59 -6.13 79.31
N ASP F 238 -11.37 -6.51 80.32
CA ASP F 238 -12.45 -7.49 80.15
C ASP F 238 -13.55 -6.86 79.32
N GLU F 239 -13.87 -5.60 79.60
CA GLU F 239 -14.91 -4.92 78.86
C GLU F 239 -14.68 -5.09 77.37
N TYR F 240 -13.44 -4.78 76.97
CA TYR F 240 -13.04 -4.89 75.57
C TYR F 240 -13.08 -6.33 75.12
N ARG F 241 -13.00 -7.27 76.07
CA ARG F 241 -13.09 -8.70 75.75
C ARG F 241 -14.54 -9.05 75.49
N ALA F 242 -15.45 -8.41 76.26
CA ALA F 242 -16.91 -8.58 76.11
C ALA F 242 -17.38 -8.06 74.74
N LEU F 243 -16.97 -6.88 74.37
CA LEU F 243 -17.27 -6.33 73.08
C LEU F 243 -16.83 -7.34 71.97
N ALA F 244 -15.72 -8.01 72.22
CA ALA F 244 -15.18 -8.92 71.23
C ALA F 244 -16.05 -10.18 71.15
N ARG F 245 -16.32 -10.74 72.32
CA ARG F 245 -17.14 -11.94 72.40
C ARG F 245 -18.53 -11.68 71.80
N LYS F 246 -19.15 -10.54 72.13
CA LYS F 246 -20.49 -10.19 71.61
C LYS F 246 -20.48 -10.06 70.09
N VAL F 247 -19.44 -9.44 69.56
CA VAL F 247 -19.32 -9.28 68.13
C VAL F 247 -19.23 -10.66 67.50
N VAL F 248 -18.32 -11.50 68.00
CA VAL F 248 -18.14 -12.84 67.44
C VAL F 248 -19.45 -13.62 67.35
N ASP F 249 -20.21 -13.63 68.44
CA ASP F 249 -21.46 -14.35 68.51
C ASP F 249 -22.66 -13.58 67.97
N ASN F 250 -22.47 -12.32 67.60
CA ASN F 250 -23.57 -11.51 67.11
C ASN F 250 -24.15 -12.08 65.82
N LYS F 251 -25.48 -12.14 65.73
CA LYS F 251 -26.13 -12.64 64.54
C LYS F 251 -27.07 -11.57 64.01
N LEU F 252 -27.22 -10.47 64.75
CA LEU F 252 -28.13 -9.39 64.34
C LEU F 252 -27.45 -8.34 63.47
N LEU F 253 -27.85 -8.36 62.23
CA LEU F 253 -27.39 -7.43 61.23
C LEU F 253 -28.65 -6.90 60.52
N VAL F 254 -28.96 -5.62 60.70
CA VAL F 254 -30.15 -5.08 60.05
C VAL F 254 -29.86 -3.98 59.06
N ILE F 255 -30.95 -3.48 58.50
CA ILE F 255 -30.88 -2.35 57.57
C ILE F 255 -31.30 -1.13 58.41
N PRO F 256 -30.39 -0.18 58.68
CA PRO F 256 -30.70 0.97 59.51
C PRO F 256 -31.97 1.71 59.11
N ASN F 257 -32.58 2.37 60.10
CA ASN F 257 -33.78 3.19 59.90
C ASN F 257 -33.51 4.56 60.51
N PRO F 258 -32.92 5.48 59.74
CA PRO F 258 -32.64 6.80 60.28
C PRO F 258 -33.85 7.43 60.92
N ILE F 259 -33.59 8.34 61.84
CA ILE F 259 -34.63 9.07 62.52
C ILE F 259 -34.42 10.52 62.09
N THR F 260 -35.39 11.39 62.38
CA THR F 260 -35.33 12.81 62.00
C THR F 260 -34.88 13.67 63.17
N MET F 261 -34.17 14.77 62.89
CA MET F 261 -33.68 15.69 63.93
C MET F 261 -34.71 15.86 65.03
N ASP F 262 -35.97 15.97 64.62
CA ASP F 262 -37.08 16.16 65.55
C ASP F 262 -37.23 14.98 66.51
N GLU F 263 -37.25 13.77 65.96
CA GLU F 263 -37.38 12.58 66.80
C GLU F 263 -36.09 12.39 67.60
N LEU F 264 -35.00 12.86 67.01
CA LEU F 264 -33.69 12.77 67.64
C LEU F 264 -33.63 13.59 68.92
N GLU F 265 -33.82 14.90 68.77
CA GLU F 265 -33.76 15.84 69.88
C GLU F 265 -34.86 15.52 70.87
N GLU F 266 -35.86 14.84 70.35
CA GLU F 266 -36.94 14.44 71.22
C GLU F 266 -36.40 13.47 72.26
N LEU F 267 -35.61 12.51 71.81
CA LEU F 267 -35.00 11.49 72.65
C LEU F 267 -34.33 12.16 73.83
N LEU F 268 -33.32 12.95 73.50
CA LEU F 268 -32.56 13.68 74.50
C LEU F 268 -33.51 14.48 75.39
N MET F 269 -34.42 15.21 74.74
CA MET F 269 -35.38 16.07 75.43
C MET F 269 -36.45 15.23 76.13
N MET G 3 37.07 -9.82 -61.83
CA MET G 3 36.17 -11.00 -61.96
C MET G 3 34.69 -10.55 -62.03
N ARG G 4 34.03 -10.87 -63.15
CA ARG G 4 32.62 -10.53 -63.36
C ARG G 4 31.74 -11.60 -62.73
N GLN G 5 30.59 -11.21 -62.20
CA GLN G 5 29.69 -12.20 -61.64
C GLN G 5 28.36 -11.92 -62.31
N CYS G 6 27.76 -12.94 -62.90
CA CYS G 6 26.46 -12.76 -63.52
C CYS G 6 25.48 -13.72 -62.91
N ALA G 7 24.26 -13.25 -62.78
CA ALA G 7 23.21 -14.07 -62.24
C ALA G 7 22.39 -14.39 -63.46
N ILE G 8 21.71 -15.53 -63.43
CA ILE G 8 20.86 -15.93 -64.52
C ILE G 8 19.50 -16.22 -63.91
N TYR G 9 18.49 -15.47 -64.35
CA TYR G 9 17.12 -15.66 -63.87
C TYR G 9 16.19 -16.06 -65.00
N GLY G 10 14.96 -16.37 -64.64
CA GLY G 10 13.99 -16.78 -65.64
C GLY G 10 12.81 -17.45 -64.96
N LYS G 11 11.83 -17.87 -65.76
CA LYS G 11 10.62 -18.55 -65.26
C LYS G 11 10.83 -20.06 -65.19
N GLY G 12 10.59 -20.66 -64.03
CA GLY G 12 10.78 -22.09 -63.87
C GLY G 12 10.28 -22.86 -65.09
N GLY G 13 11.11 -23.73 -65.65
CA GLY G 13 10.65 -24.45 -66.81
C GLY G 13 10.94 -23.83 -68.17
N ILE G 14 11.95 -22.96 -68.28
CA ILE G 14 12.27 -22.37 -69.60
C ILE G 14 13.71 -22.61 -70.00
N GLY G 15 14.55 -22.95 -69.03
CA GLY G 15 15.94 -23.28 -69.39
C GLY G 15 17.11 -22.65 -68.69
N LYS G 16 17.01 -22.36 -67.43
CA LYS G 16 18.12 -21.75 -66.73
C LYS G 16 19.39 -22.65 -66.61
N SER G 17 19.28 -23.70 -65.79
CA SER G 17 20.41 -24.60 -65.53
C SER G 17 21.22 -25.15 -66.73
N THR G 18 20.53 -25.72 -67.70
CA THR G 18 21.21 -26.25 -68.87
C THR G 18 21.90 -25.13 -69.62
N THR G 19 21.17 -24.02 -69.80
CA THR G 19 21.70 -22.86 -70.53
C THR G 19 22.89 -22.28 -69.82
N THR G 20 22.87 -22.37 -68.49
CA THR G 20 23.96 -21.84 -67.66
C THR G 20 25.18 -22.75 -67.70
N GLN G 21 24.94 -24.01 -67.35
CA GLN G 21 25.99 -25.00 -67.32
C GLN G 21 26.67 -25.10 -68.69
N ASN G 22 25.87 -25.06 -69.75
CA ASN G 22 26.43 -25.14 -71.10
C ASN G 22 27.25 -23.87 -71.37
N LEU G 23 26.75 -22.73 -70.95
CA LEU G 23 27.44 -21.46 -71.18
C LEU G 23 28.79 -21.42 -70.46
N VAL G 24 28.84 -21.97 -69.25
CA VAL G 24 30.10 -22.01 -68.51
C VAL G 24 30.93 -23.18 -69.03
N ALA G 25 30.23 -24.20 -69.55
CA ALA G 25 30.90 -25.38 -70.11
C ALA G 25 31.73 -24.82 -71.25
N ALA G 26 31.07 -23.97 -72.03
CA ALA G 26 31.70 -23.31 -73.17
C ALA G 26 32.74 -22.30 -72.67
N LEU G 27 32.45 -21.67 -71.54
CA LEU G 27 33.35 -20.67 -70.95
C LEU G 27 34.62 -21.33 -70.42
N ALA G 28 34.48 -22.62 -70.10
CA ALA G 28 35.60 -23.43 -69.61
C ALA G 28 36.44 -23.76 -70.84
N GLU G 29 35.76 -24.20 -71.89
CA GLU G 29 36.41 -24.54 -73.14
C GLU G 29 37.35 -23.42 -73.51
N MET G 30 36.92 -22.18 -73.23
CA MET G 30 37.70 -20.99 -73.53
C MET G 30 38.85 -20.76 -72.54
N GLY G 31 39.03 -21.69 -71.62
CA GLY G 31 40.10 -21.55 -70.66
C GLY G 31 39.84 -20.44 -69.66
N LYS G 32 38.63 -20.41 -69.09
CA LYS G 32 38.28 -19.41 -68.10
C LYS G 32 38.05 -20.09 -66.74
N LYS G 33 38.41 -19.38 -65.67
CA LYS G 33 38.21 -19.85 -64.32
C LYS G 33 36.79 -19.48 -63.94
N VAL G 34 35.88 -20.47 -63.94
CA VAL G 34 34.48 -20.15 -63.64
C VAL G 34 33.90 -20.94 -62.47
N MET G 35 32.93 -20.32 -61.79
CA MET G 35 32.26 -20.93 -60.64
C MET G 35 30.75 -20.86 -60.77
N ILE G 36 30.08 -21.93 -60.38
CA ILE G 36 28.63 -21.96 -60.43
C ILE G 36 28.10 -22.11 -59.02
N VAL G 37 27.37 -21.08 -58.59
CA VAL G 37 26.74 -21.05 -57.27
C VAL G 37 25.28 -21.43 -57.49
N GLY G 38 24.88 -22.57 -56.93
CA GLY G 38 23.52 -23.03 -57.12
C GLY G 38 22.51 -22.48 -56.14
N CYS G 39 21.97 -21.31 -56.45
CA CYS G 39 20.99 -20.67 -55.59
C CYS G 39 19.59 -21.22 -55.80
N ASP G 40 19.47 -22.54 -55.98
CA ASP G 40 18.17 -23.19 -56.18
C ASP G 40 18.06 -24.45 -55.33
N PRO G 41 16.90 -24.62 -54.67
CA PRO G 41 16.59 -25.76 -53.79
C PRO G 41 16.57 -27.11 -54.51
N LYS G 42 16.15 -27.12 -55.76
CA LYS G 42 16.13 -28.37 -56.51
C LYS G 42 17.52 -29.03 -56.44
N ALA G 43 18.58 -28.22 -56.57
CA ALA G 43 19.96 -28.69 -56.51
C ALA G 43 20.44 -29.47 -57.75
N ASP G 44 20.29 -28.86 -58.92
CA ASP G 44 20.70 -29.45 -60.20
C ASP G 44 21.56 -28.46 -61.02
N SER G 45 21.83 -27.30 -60.43
CA SER G 45 22.62 -26.25 -61.08
C SER G 45 24.02 -26.70 -61.49
N THR G 46 24.50 -27.79 -60.89
CA THR G 46 25.83 -28.29 -61.18
C THR G 46 25.86 -29.74 -61.68
N ARG G 47 24.79 -30.47 -61.43
CA ARG G 47 24.66 -31.87 -61.81
C ARG G 47 25.14 -32.28 -63.19
N LEU G 48 25.19 -31.34 -64.14
CA LEU G 48 25.64 -31.64 -65.50
C LEU G 48 27.14 -31.40 -65.70
N ILE G 49 27.71 -30.58 -64.82
CA ILE G 49 29.12 -30.25 -64.88
C ILE G 49 29.93 -31.18 -63.99
N LEU G 50 29.25 -31.66 -62.92
CA LEU G 50 29.84 -32.58 -61.94
C LEU G 50 29.53 -34.06 -62.19
N HIS G 51 28.45 -34.39 -62.91
CA HIS G 51 28.20 -35.82 -63.31
C HIS G 51 27.42 -36.70 -62.35
N SER G 52 26.30 -36.19 -61.86
CA SER G 52 25.51 -37.02 -60.98
C SER G 52 24.22 -36.32 -60.56
N LYS G 53 23.50 -36.96 -59.65
CA LYS G 53 22.27 -36.37 -59.19
C LYS G 53 22.63 -35.02 -58.57
N ALA G 54 23.62 -34.99 -57.68
CA ALA G 54 24.05 -33.81 -56.96
C ALA G 54 24.92 -34.22 -55.79
N GLN G 55 25.95 -33.42 -55.52
CA GLN G 55 26.89 -33.72 -54.43
C GLN G 55 26.35 -33.13 -53.14
N ASN G 56 27.19 -33.09 -52.14
CA ASN G 56 26.78 -32.55 -50.88
C ASN G 56 26.73 -31.02 -50.88
N THR G 57 25.51 -30.51 -50.69
CA THR G 57 25.20 -29.08 -50.68
C THR G 57 25.66 -28.33 -49.43
N ILE G 58 25.64 -27.00 -49.44
CA ILE G 58 26.05 -26.26 -48.26
C ILE G 58 25.06 -26.49 -47.09
N MET G 59 23.81 -26.07 -47.24
CA MET G 59 22.84 -26.24 -46.16
C MET G 59 22.61 -27.66 -45.65
N GLU G 60 22.80 -28.65 -46.51
CA GLU G 60 22.60 -30.06 -46.16
C GLU G 60 23.81 -30.56 -45.40
N MET G 61 24.96 -30.09 -45.84
CA MET G 61 26.23 -30.45 -45.25
C MET G 61 26.29 -29.80 -43.85
N ALA G 62 26.11 -28.48 -43.81
CA ALA G 62 26.15 -27.72 -42.57
C ALA G 62 25.21 -28.24 -41.50
N ALA G 63 24.16 -28.96 -41.90
CA ALA G 63 23.21 -29.48 -40.91
C ALA G 63 23.93 -30.60 -40.20
N GLU G 64 24.78 -31.31 -40.93
CA GLU G 64 25.55 -32.39 -40.34
C GLU G 64 26.47 -31.85 -39.25
N ALA G 65 27.15 -30.75 -39.53
CA ALA G 65 28.05 -30.16 -38.56
C ALA G 65 27.35 -29.32 -37.49
N GLY G 66 26.02 -29.41 -37.45
CA GLY G 66 25.25 -28.68 -36.46
C GLY G 66 25.09 -27.20 -36.74
N THR G 67 26.16 -26.54 -37.20
CA THR G 67 26.05 -25.14 -37.52
C THR G 67 26.84 -24.85 -38.79
N VAL G 68 26.36 -23.87 -39.55
CA VAL G 68 27.00 -23.47 -40.79
C VAL G 68 28.41 -22.98 -40.55
N GLU G 69 28.66 -22.43 -39.38
CA GLU G 69 29.98 -21.91 -39.06
C GLU G 69 31.00 -23.05 -38.94
N ASP G 70 30.50 -24.27 -38.82
CA ASP G 70 31.34 -25.45 -38.70
C ASP G 70 31.77 -26.03 -40.04
N LEU G 71 31.16 -25.57 -41.13
CA LEU G 71 31.52 -26.08 -42.44
C LEU G 71 32.81 -25.50 -42.97
N GLU G 72 33.35 -26.19 -43.97
CA GLU G 72 34.58 -25.78 -44.65
C GLU G 72 34.30 -25.69 -46.15
N LEU G 73 34.79 -24.65 -46.78
CA LEU G 73 34.54 -24.50 -48.21
C LEU G 73 34.95 -25.78 -48.96
N GLU G 74 35.96 -26.49 -48.44
CA GLU G 74 36.46 -27.71 -49.06
C GLU G 74 35.40 -28.78 -49.25
N ASP G 75 34.43 -28.81 -48.34
CA ASP G 75 33.35 -29.84 -48.38
C ASP G 75 32.25 -29.58 -49.44
N VAL G 76 31.96 -28.32 -49.76
CA VAL G 76 30.89 -28.00 -50.73
C VAL G 76 31.43 -27.73 -52.13
N LEU G 77 32.56 -27.09 -52.19
CA LEU G 77 33.17 -26.76 -53.44
C LEU G 77 33.87 -27.94 -54.07
N LYS G 78 33.42 -28.37 -55.23
CA LYS G 78 34.05 -29.51 -55.92
C LYS G 78 34.39 -29.14 -57.36
N ALA G 79 35.56 -29.55 -57.83
CA ALA G 79 35.95 -29.24 -59.21
C ALA G 79 35.20 -30.15 -60.16
N GLY G 80 34.86 -29.63 -61.33
CA GLY G 80 34.11 -30.40 -62.30
C GLY G 80 34.77 -30.36 -63.67
N TYR G 81 33.97 -30.28 -64.71
CA TYR G 81 34.49 -30.22 -66.07
C TYR G 81 35.30 -28.95 -66.33
N GLY G 82 36.37 -29.06 -67.10
CA GLY G 82 37.19 -27.90 -67.43
C GLY G 82 37.54 -27.05 -66.24
N GLY G 83 37.88 -27.69 -65.14
CA GLY G 83 38.26 -26.94 -63.95
C GLY G 83 37.23 -25.92 -63.48
N VAL G 84 35.96 -26.25 -63.62
CA VAL G 84 34.89 -25.35 -63.18
C VAL G 84 34.48 -25.66 -61.74
N LYS G 85 34.47 -24.65 -60.88
CA LYS G 85 34.10 -24.84 -59.47
C LYS G 85 32.57 -24.84 -59.34
N CYS G 86 32.03 -25.69 -58.46
CA CYS G 86 30.57 -25.79 -58.28
C CYS G 86 30.11 -25.95 -56.84
N VAL G 87 29.19 -25.10 -56.43
CA VAL G 87 28.68 -25.17 -55.07
C VAL G 87 27.15 -25.07 -55.09
N GLU G 88 26.49 -25.70 -54.12
CA GLU G 88 25.04 -25.65 -54.05
C GLU G 88 24.58 -24.97 -52.76
N SER G 89 23.52 -24.17 -52.82
CA SER G 89 23.07 -23.50 -51.61
C SER G 89 22.31 -24.43 -50.70
N GLY G 90 21.64 -25.44 -51.26
CA GLY G 90 20.91 -26.37 -50.42
C GLY G 90 19.50 -25.84 -50.18
N GLY G 91 18.63 -26.69 -49.64
CA GLY G 91 17.29 -26.20 -49.44
C GLY G 91 16.36 -27.28 -48.89
N PRO G 92 15.24 -26.87 -48.29
CA PRO G 92 14.32 -27.86 -47.74
C PRO G 92 13.61 -28.58 -48.86
N GLU G 93 12.63 -29.38 -48.50
CA GLU G 93 11.83 -30.13 -49.44
C GLU G 93 10.53 -29.38 -49.64
N PRO G 94 9.70 -29.82 -50.58
CA PRO G 94 8.41 -29.17 -50.85
C PRO G 94 7.46 -29.03 -49.66
N GLY G 95 7.18 -27.77 -49.29
CA GLY G 95 6.28 -27.52 -48.19
C GLY G 95 6.87 -27.69 -46.81
N VAL G 96 7.96 -26.99 -46.55
CA VAL G 96 8.60 -27.05 -45.24
C VAL G 96 9.92 -26.36 -45.20
N GLY G 97 10.07 -25.42 -44.28
CA GLY G 97 11.32 -24.72 -44.18
C GLY G 97 11.34 -23.45 -45.00
N CYS G 98 12.54 -22.93 -45.26
CA CYS G 98 12.73 -21.68 -45.97
C CYS G 98 13.99 -21.77 -46.84
N ALA G 99 13.82 -21.91 -48.16
CA ALA G 99 14.96 -21.99 -49.05
C ALA G 99 15.57 -20.59 -49.29
N GLY G 100 14.70 -19.58 -49.32
CA GLY G 100 15.15 -18.21 -49.52
C GLY G 100 16.23 -17.89 -48.52
N ARG G 101 16.27 -18.67 -47.44
CA ARG G 101 17.26 -18.51 -46.39
C ARG G 101 18.54 -19.25 -46.74
N GLY G 102 18.37 -20.44 -47.30
CA GLY G 102 19.51 -21.23 -47.71
C GLY G 102 20.31 -20.40 -48.70
N VAL G 103 19.60 -19.81 -49.65
CA VAL G 103 20.26 -18.98 -50.64
C VAL G 103 21.19 -18.01 -49.94
N ILE G 104 20.69 -17.42 -48.86
CA ILE G 104 21.42 -16.44 -48.06
C ILE G 104 22.57 -17.06 -47.29
N THR G 105 22.23 -18.04 -46.47
CA THR G 105 23.23 -18.73 -45.66
C THR G 105 24.35 -19.27 -46.52
N ALA G 106 23.98 -19.77 -47.70
CA ALA G 106 24.92 -20.35 -48.63
C ALA G 106 25.79 -19.28 -49.28
N ILE G 107 25.19 -18.14 -49.63
CA ILE G 107 25.94 -17.08 -50.28
C ILE G 107 26.86 -16.41 -49.27
N ASN G 108 26.33 -16.08 -48.10
CA ASN G 108 27.16 -15.44 -47.09
C ASN G 108 28.36 -16.30 -46.78
N PHE G 109 28.14 -17.61 -46.71
CA PHE G 109 29.19 -18.61 -46.45
C PHE G 109 30.33 -18.54 -47.48
N LEU G 110 29.99 -18.72 -48.76
CA LEU G 110 30.96 -18.67 -49.83
C LEU G 110 31.76 -17.37 -49.72
N GLU G 111 31.08 -16.25 -49.54
CA GLU G 111 31.75 -14.96 -49.41
C GLU G 111 32.57 -14.92 -48.13
N GLU G 112 32.00 -15.46 -47.08
CA GLU G 112 32.67 -15.49 -45.77
C GLU G 112 33.96 -16.29 -45.84
N GLU G 113 33.84 -17.54 -46.31
CA GLU G 113 34.96 -18.46 -46.46
C GLU G 113 35.89 -18.13 -47.63
N GLY G 114 35.79 -16.91 -48.14
CA GLY G 114 36.64 -16.50 -49.25
C GLY G 114 36.65 -17.42 -50.46
N ALA G 115 35.48 -17.70 -51.01
CA ALA G 115 35.37 -18.56 -52.18
C ALA G 115 35.63 -17.71 -53.43
N TYR G 116 35.58 -16.40 -53.24
CA TYR G 116 35.80 -15.47 -54.34
C TYR G 116 37.24 -14.96 -54.33
N GLU G 117 37.82 -14.86 -53.15
CA GLU G 117 39.20 -14.40 -53.01
C GLU G 117 40.10 -15.46 -53.59
N ASP G 118 39.63 -16.01 -54.71
CA ASP G 118 40.31 -17.05 -55.47
C ASP G 118 40.89 -16.39 -56.74
N ASP G 119 40.81 -17.07 -57.88
CA ASP G 119 41.34 -16.50 -59.14
C ASP G 119 40.38 -16.66 -60.32
N LEU G 120 39.08 -16.52 -60.03
CA LEU G 120 38.03 -16.65 -61.03
C LEU G 120 37.83 -15.43 -61.91
N ASP G 121 37.24 -15.67 -63.08
CA ASP G 121 36.96 -14.62 -64.04
C ASP G 121 35.45 -14.45 -64.19
N PHE G 122 34.71 -15.54 -63.97
CA PHE G 122 33.25 -15.55 -64.05
C PHE G 122 32.58 -16.39 -62.96
N VAL G 123 31.70 -15.74 -62.19
CA VAL G 123 30.94 -16.37 -61.12
C VAL G 123 29.49 -16.35 -61.56
N PHE G 124 28.94 -17.50 -61.90
CA PHE G 124 27.55 -17.52 -62.33
C PHE G 124 26.59 -17.98 -61.26
N TYR G 125 25.57 -17.18 -61.04
CA TYR G 125 24.56 -17.49 -60.05
C TYR G 125 23.31 -18.07 -60.74
N ASP G 126 23.04 -19.36 -60.55
CA ASP G 126 21.87 -19.97 -61.16
C ASP G 126 20.74 -19.82 -60.15
N VAL G 127 19.96 -18.75 -60.27
CA VAL G 127 18.87 -18.49 -59.35
C VAL G 127 17.54 -19.08 -59.87
N GLY G 128 16.81 -19.76 -58.99
CA GLY G 128 15.55 -20.35 -59.40
C GLY G 128 14.47 -19.29 -59.40
N ASP G 129 13.29 -19.63 -58.88
CA ASP G 129 12.18 -18.67 -58.83
C ASP G 129 12.57 -17.50 -57.93
N VAL G 130 12.24 -16.28 -58.37
CA VAL G 130 12.57 -15.04 -57.62
C VAL G 130 11.52 -14.73 -56.56
N VAL G 131 10.73 -15.74 -56.22
CA VAL G 131 9.62 -15.66 -55.25
C VAL G 131 9.71 -14.63 -54.14
N CYS G 132 10.77 -14.63 -53.35
CA CYS G 132 10.85 -13.69 -52.25
C CYS G 132 12.18 -12.97 -52.11
N GLY G 133 12.45 -12.50 -50.90
CA GLY G 133 13.67 -11.74 -50.62
C GLY G 133 15.03 -12.40 -50.74
N GLY G 134 15.22 -13.53 -50.06
CA GLY G 134 16.51 -14.22 -50.13
C GLY G 134 16.96 -14.61 -51.54
N PHE G 135 16.02 -14.87 -52.43
CA PHE G 135 16.32 -15.26 -53.79
C PHE G 135 16.78 -14.07 -54.60
N ALA G 136 16.89 -12.94 -53.90
CA ALA G 136 17.33 -11.70 -54.52
C ALA G 136 18.78 -11.50 -54.11
N MET G 137 19.31 -12.43 -53.33
CA MET G 137 20.68 -12.36 -52.84
C MET G 137 21.74 -12.12 -53.92
N PRO G 138 21.72 -12.95 -54.99
CA PRO G 138 22.70 -12.79 -56.07
C PRO G 138 22.76 -11.46 -56.78
N ILE G 139 21.98 -10.47 -56.35
CA ILE G 139 22.03 -9.19 -57.03
C ILE G 139 22.08 -7.97 -56.14
N ARG G 140 22.74 -8.06 -55.01
CA ARG G 140 22.91 -6.89 -54.14
C ARG G 140 24.20 -6.20 -54.55
N GLU G 141 24.79 -5.52 -53.61
CA GLU G 141 26.09 -4.92 -53.86
C GLU G 141 27.12 -6.03 -53.51
N ASN G 142 28.10 -6.27 -54.39
CA ASN G 142 29.12 -7.28 -54.13
C ASN G 142 28.72 -8.66 -54.62
N LYS G 143 27.54 -8.77 -55.18
CA LYS G 143 27.13 -10.07 -55.73
C LYS G 143 27.23 -9.92 -57.26
N ALA G 144 26.10 -10.07 -57.97
CA ALA G 144 26.13 -9.95 -59.41
C ALA G 144 25.78 -8.55 -59.91
N GLN G 145 26.50 -8.14 -60.96
CA GLN G 145 26.33 -6.84 -61.59
C GLN G 145 25.65 -7.03 -62.96
N GLU G 146 25.81 -8.22 -63.54
CA GLU G 146 25.20 -8.51 -64.81
C GLU G 146 24.14 -9.55 -64.57
N ILE G 147 22.97 -9.36 -65.18
CA ILE G 147 21.85 -10.28 -65.07
C ILE G 147 21.40 -10.65 -66.49
N TYR G 148 21.22 -11.93 -66.76
CA TYR G 148 20.79 -12.34 -68.09
C TYR G 148 19.49 -13.10 -68.03
N ILE G 149 18.39 -12.37 -68.12
CA ILE G 149 17.07 -12.97 -68.09
C ILE G 149 16.83 -13.89 -69.31
N VAL G 150 16.52 -15.17 -69.06
CA VAL G 150 16.24 -16.16 -70.14
C VAL G 150 14.76 -16.13 -70.44
N CYS G 151 14.41 -16.35 -71.71
CA CYS G 151 13.01 -16.26 -72.11
C CYS G 151 12.71 -17.06 -73.36
N SER G 152 11.43 -17.08 -73.74
CA SER G 152 10.99 -17.77 -74.95
C SER G 152 9.81 -17.04 -75.61
N GLY G 153 9.31 -17.59 -76.72
CA GLY G 153 8.23 -16.98 -77.45
C GLY G 153 6.83 -17.16 -76.91
N GLU G 154 6.71 -17.56 -75.65
CA GLU G 154 5.42 -17.78 -75.02
C GLU G 154 4.95 -16.55 -74.23
N MET G 155 3.65 -16.33 -74.21
CA MET G 155 3.06 -15.21 -73.50
C MET G 155 3.48 -15.17 -72.03
N MET G 156 3.49 -16.35 -71.40
CA MET G 156 3.84 -16.46 -70.00
C MET G 156 5.34 -16.49 -69.73
N ALA G 157 6.13 -16.68 -70.77
CA ALA G 157 7.56 -16.72 -70.59
C ALA G 157 8.08 -15.29 -70.62
N MET G 158 7.38 -14.44 -71.36
CA MET G 158 7.75 -13.05 -71.48
C MET G 158 7.21 -12.32 -70.26
N TYR G 159 5.98 -12.64 -69.87
CA TYR G 159 5.37 -12.01 -68.70
C TYR G 159 6.36 -12.09 -67.53
N ALA G 160 7.18 -13.13 -67.53
CA ALA G 160 8.16 -13.31 -66.48
C ALA G 160 9.42 -12.53 -66.83
N ALA G 161 9.89 -12.65 -68.05
CA ALA G 161 11.09 -11.90 -68.41
C ALA G 161 10.87 -10.43 -68.02
N ASN G 162 9.64 -9.97 -68.23
CA ASN G 162 9.23 -8.61 -67.92
C ASN G 162 9.01 -8.41 -66.40
N ASN G 163 8.34 -9.39 -65.80
CA ASN G 163 8.03 -9.42 -64.37
C ASN G 163 9.38 -9.44 -63.62
N ILE G 164 10.33 -10.20 -64.14
CA ILE G 164 11.63 -10.26 -63.49
C ILE G 164 12.34 -8.93 -63.55
N SER G 165 12.57 -8.39 -64.74
CA SER G 165 13.27 -7.11 -64.88
C SER G 165 12.61 -6.01 -64.06
N LYS G 166 11.32 -6.17 -63.76
CA LYS G 166 10.64 -5.18 -62.96
C LYS G 166 11.21 -5.21 -61.55
N GLY G 167 11.24 -6.40 -60.96
CA GLY G 167 11.79 -6.53 -59.62
C GLY G 167 13.26 -6.16 -59.58
N ILE G 168 13.88 -6.05 -60.76
CA ILE G 168 15.29 -5.69 -60.87
C ILE G 168 15.51 -4.20 -60.68
N VAL G 169 14.70 -3.39 -61.35
CA VAL G 169 14.82 -1.94 -61.27
C VAL G 169 14.99 -1.46 -59.79
N LYS G 170 14.47 -2.25 -58.85
CA LYS G 170 14.56 -1.93 -57.42
C LYS G 170 16.01 -2.01 -56.96
N TYR G 171 16.66 -3.12 -57.29
CA TYR G 171 18.05 -3.35 -56.93
C TYR G 171 18.98 -2.64 -57.91
N ALA G 172 18.44 -2.30 -59.08
CA ALA G 172 19.20 -1.62 -60.12
C ALA G 172 19.36 -0.14 -59.80
N ASN G 173 18.27 0.52 -59.46
CA ASN G 173 18.33 1.94 -59.13
C ASN G 173 19.21 2.21 -57.92
N SER G 174 18.92 1.53 -56.82
CA SER G 174 19.71 1.71 -55.60
C SER G 174 21.11 1.08 -55.68
N GLY G 175 21.27 0.03 -56.46
CA GLY G 175 22.57 -0.62 -56.56
C GLY G 175 23.21 -0.46 -57.92
N SER G 176 24.14 -1.35 -58.26
CA SER G 176 24.80 -1.29 -59.55
C SER G 176 24.39 -2.41 -60.50
N VAL G 177 23.65 -3.40 -60.01
CA VAL G 177 23.23 -4.48 -60.90
C VAL G 177 22.46 -3.95 -62.11
N ARG G 178 22.63 -4.62 -63.26
CA ARG G 178 21.97 -4.23 -64.51
C ARG G 178 21.62 -5.46 -65.35
N LEU G 179 20.69 -5.25 -66.28
CA LEU G 179 20.26 -6.32 -67.16
C LEU G 179 21.22 -6.26 -68.35
N GLY G 180 21.89 -7.37 -68.65
CA GLY G 180 22.83 -7.38 -69.75
C GLY G 180 22.16 -7.67 -71.09
N GLY G 181 21.16 -8.56 -71.07
CA GLY G 181 20.43 -8.91 -72.29
C GLY G 181 19.66 -10.20 -72.11
N LEU G 182 18.64 -10.41 -72.94
CA LEU G 182 17.82 -11.62 -72.86
C LEU G 182 18.44 -12.79 -73.61
N ILE G 183 18.21 -14.01 -73.11
CA ILE G 183 18.70 -15.22 -73.77
C ILE G 183 17.49 -16.08 -74.13
N CYS G 184 17.31 -16.26 -75.42
CA CYS G 184 16.18 -17.01 -75.89
C CYS G 184 16.48 -18.48 -76.03
N ASN G 185 15.87 -19.28 -75.20
CA ASN G 185 16.04 -20.70 -75.33
C ASN G 185 14.70 -21.18 -75.94
N SER G 186 14.78 -21.66 -77.19
CA SER G 186 13.64 -22.11 -78.00
C SER G 186 12.45 -22.79 -77.34
N ARG G 187 11.29 -22.24 -77.64
CA ARG G 187 10.05 -22.79 -77.15
C ARG G 187 9.19 -23.15 -78.38
N ASN G 188 9.82 -23.08 -79.55
CA ASN G 188 9.15 -23.43 -80.78
C ASN G 188 7.87 -22.59 -81.00
N THR G 189 8.04 -21.40 -81.61
CA THR G 189 6.99 -20.50 -82.11
C THR G 189 7.47 -20.34 -83.54
N ASP G 190 6.92 -19.40 -84.26
CA ASP G 190 7.31 -19.19 -85.62
C ASP G 190 8.16 -17.94 -85.70
N ARG G 191 7.69 -16.96 -84.96
CA ARG G 191 8.37 -15.70 -84.83
C ARG G 191 9.10 -15.71 -83.48
N GLU G 192 10.11 -16.58 -83.38
CA GLU G 192 10.96 -16.70 -82.20
C GLU G 192 12.13 -15.74 -82.37
N ASP G 193 12.52 -15.54 -83.61
CA ASP G 193 13.61 -14.66 -83.95
C ASP G 193 13.27 -13.21 -83.62
N GLU G 194 12.15 -12.74 -84.17
CA GLU G 194 11.76 -11.35 -83.99
C GLU G 194 10.93 -11.02 -82.76
N LEU G 195 9.99 -11.90 -82.42
CA LEU G 195 9.10 -11.64 -81.27
C LEU G 195 9.90 -11.22 -80.05
N ILE G 196 10.96 -11.97 -79.79
CA ILE G 196 11.81 -11.72 -78.65
C ILE G 196 12.59 -10.44 -78.84
N ILE G 197 13.23 -10.31 -80.00
CA ILE G 197 14.04 -9.13 -80.30
C ILE G 197 13.18 -7.88 -80.07
N ALA G 198 11.93 -7.96 -80.49
CA ALA G 198 10.98 -6.87 -80.32
C ALA G 198 10.88 -6.52 -78.84
N LEU G 199 10.49 -7.50 -78.03
CA LEU G 199 10.35 -7.31 -76.59
C LEU G 199 11.66 -6.87 -75.95
N ALA G 200 12.76 -7.31 -76.56
CA ALA G 200 14.09 -6.96 -76.07
C ALA G 200 14.29 -5.45 -76.22
N ASN G 201 13.70 -4.87 -77.26
CA ASN G 201 13.78 -3.44 -77.54
C ASN G 201 12.83 -2.64 -76.66
N LYS G 202 11.59 -3.07 -76.57
CA LYS G 202 10.64 -2.34 -75.74
C LYS G 202 11.14 -2.32 -74.31
N LEU G 203 12.04 -3.24 -74.02
CA LEU G 203 12.62 -3.37 -72.67
C LEU G 203 13.85 -2.46 -72.53
N GLY G 204 14.60 -2.35 -73.61
CA GLY G 204 15.80 -1.52 -73.61
C GLY G 204 17.07 -2.34 -73.53
N THR G 205 16.94 -3.65 -73.76
CA THR G 205 18.08 -4.56 -73.73
C THR G 205 18.24 -5.18 -75.11
N GLN G 206 19.04 -6.19 -75.22
CA GLN G 206 19.31 -6.85 -76.47
C GLN G 206 19.02 -8.33 -76.33
N MET G 207 18.87 -8.97 -77.45
CA MET G 207 18.68 -10.42 -77.42
C MET G 207 20.02 -11.01 -77.69
N ILE G 208 20.80 -11.17 -76.62
CA ILE G 208 22.15 -11.69 -76.67
C ILE G 208 22.35 -12.84 -77.64
N HIS G 209 21.42 -13.79 -77.65
CA HIS G 209 21.58 -14.93 -78.55
C HIS G 209 20.28 -15.72 -78.60
N PHE G 210 20.16 -16.56 -79.63
CA PHE G 210 18.98 -17.41 -79.77
C PHE G 210 19.47 -18.86 -79.72
N VAL G 211 18.82 -19.63 -78.84
CA VAL G 211 19.12 -21.05 -78.60
C VAL G 211 18.04 -22.00 -79.10
N PRO G 212 18.50 -22.82 -80.07
CA PRO G 212 17.69 -23.91 -80.72
C PRO G 212 16.99 -24.93 -79.80
N ARG G 213 15.97 -25.59 -80.35
CA ARG G 213 15.31 -26.70 -79.69
C ARG G 213 15.87 -27.93 -80.41
N ASP G 214 17.00 -28.37 -79.82
CA ASP G 214 17.77 -29.52 -80.22
C ASP G 214 17.52 -30.56 -79.12
N ASN G 215 17.38 -31.81 -79.53
CA ASN G 215 17.13 -32.88 -78.56
C ASN G 215 18.43 -33.46 -78.02
N VAL G 216 19.56 -32.86 -78.41
CA VAL G 216 20.85 -33.36 -77.95
C VAL G 216 20.96 -33.09 -76.48
N VAL G 217 20.09 -32.21 -75.99
CA VAL G 217 20.11 -31.85 -74.58
C VAL G 217 19.33 -32.83 -73.70
N GLN G 218 18.44 -33.62 -74.30
CA GLN G 218 17.74 -34.61 -73.51
C GLN G 218 18.76 -35.74 -73.45
N ARG G 219 19.48 -35.93 -74.54
CA ARG G 219 20.51 -36.97 -74.62
C ARG G 219 21.60 -36.66 -73.59
N ALA G 220 21.95 -35.38 -73.48
CA ALA G 220 22.95 -34.93 -72.52
C ALA G 220 22.35 -34.95 -71.12
N GLU G 221 21.12 -34.42 -70.99
CA GLU G 221 20.38 -34.35 -69.73
C GLU G 221 20.16 -35.71 -69.05
N ILE G 222 19.52 -36.61 -69.78
CA ILE G 222 19.26 -37.93 -69.27
C ILE G 222 20.56 -38.72 -69.06
N ARG G 223 21.62 -38.39 -69.83
CA ARG G 223 22.91 -39.10 -69.68
C ARG G 223 23.78 -38.55 -68.56
N ARG G 224 23.35 -37.51 -67.91
CA ARG G 224 24.10 -36.97 -66.82
C ARG G 224 25.30 -36.17 -67.34
N MET G 225 25.05 -35.19 -68.18
CA MET G 225 26.12 -34.32 -68.66
C MET G 225 25.62 -33.25 -69.58
N THR G 226 26.51 -32.28 -69.79
CA THR G 226 26.22 -31.13 -70.63
C THR G 226 26.33 -31.51 -72.08
N VAL G 227 25.85 -30.64 -72.95
CA VAL G 227 25.93 -30.93 -74.38
C VAL G 227 27.36 -30.73 -74.86
N ILE G 228 28.10 -29.86 -74.18
CA ILE G 228 29.47 -29.58 -74.57
C ILE G 228 30.46 -30.72 -74.36
N GLU G 229 30.21 -31.54 -73.35
CA GLU G 229 31.11 -32.67 -73.08
C GLU G 229 30.56 -33.91 -73.75
N TYR G 230 29.24 -33.94 -73.90
CA TYR G 230 28.52 -35.04 -74.53
C TYR G 230 28.85 -35.16 -76.00
N ASP G 231 28.42 -34.18 -76.78
CA ASP G 231 28.70 -34.16 -78.22
C ASP G 231 29.32 -32.81 -78.58
N PRO G 232 30.62 -32.65 -78.36
CA PRO G 232 31.40 -31.44 -78.62
C PRO G 232 31.18 -30.68 -79.94
N LYS G 233 30.79 -31.40 -81.03
CA LYS G 233 30.57 -30.79 -82.34
C LYS G 233 29.13 -30.75 -82.79
N ALA G 234 28.24 -31.25 -81.96
CA ALA G 234 26.83 -31.21 -82.26
C ALA G 234 26.44 -29.78 -82.56
N LYS G 235 25.45 -29.63 -83.43
CA LYS G 235 24.98 -28.30 -83.81
C LYS G 235 24.83 -27.37 -82.61
N GLN G 236 24.02 -27.76 -81.64
CA GLN G 236 23.79 -26.91 -80.47
C GLN G 236 24.96 -26.81 -79.50
N ALA G 237 26.07 -27.49 -79.82
CA ALA G 237 27.24 -27.43 -78.95
C ALA G 237 27.92 -26.11 -79.27
N ASP G 238 27.89 -25.73 -80.55
CA ASP G 238 28.46 -24.46 -80.97
C ASP G 238 27.50 -23.34 -80.57
N GLU G 239 26.21 -23.62 -80.56
CA GLU G 239 25.24 -22.60 -80.18
C GLU G 239 25.58 -22.12 -78.77
N TYR G 240 25.63 -23.07 -77.84
CA TYR G 240 25.95 -22.76 -76.45
C TYR G 240 27.31 -22.07 -76.37
N ARG G 241 28.21 -22.41 -77.30
CA ARG G 241 29.54 -21.77 -77.32
C ARG G 241 29.31 -20.31 -77.70
N ALA G 242 28.39 -20.11 -78.63
CA ALA G 242 28.05 -18.77 -79.10
C ALA G 242 27.61 -17.94 -77.91
N LEU G 243 26.55 -18.42 -77.26
CA LEU G 243 25.98 -17.75 -76.08
C LEU G 243 27.08 -17.35 -75.10
N ALA G 244 28.00 -18.26 -74.86
CA ALA G 244 29.12 -18.00 -73.94
C ALA G 244 30.00 -16.86 -74.44
N ARG G 245 30.42 -16.98 -75.70
CA ARG G 245 31.28 -15.98 -76.35
C ARG G 245 30.65 -14.58 -76.33
N LYS G 246 29.40 -14.48 -76.78
CA LYS G 246 28.68 -13.22 -76.81
C LYS G 246 28.63 -12.59 -75.43
N VAL G 247 28.45 -13.45 -74.43
CA VAL G 247 28.37 -13.01 -73.05
C VAL G 247 29.68 -12.38 -72.65
N VAL G 248 30.75 -13.10 -72.92
CA VAL G 248 32.07 -12.61 -72.58
C VAL G 248 32.31 -11.22 -73.14
N ASP G 249 32.06 -11.04 -74.43
CA ASP G 249 32.28 -9.77 -75.14
C ASP G 249 31.18 -8.73 -74.95
N ASN G 250 30.03 -9.19 -74.48
CA ASN G 250 28.89 -8.30 -74.25
C ASN G 250 29.30 -7.10 -73.36
N LYS G 251 28.87 -5.90 -73.74
CA LYS G 251 29.18 -4.70 -72.95
C LYS G 251 27.89 -3.96 -72.57
N LEU G 252 26.79 -4.40 -73.19
CA LEU G 252 25.49 -3.79 -73.02
C LEU G 252 24.74 -4.22 -71.75
N LEU G 253 24.78 -3.33 -70.75
CA LEU G 253 24.09 -3.54 -69.48
C LEU G 253 23.23 -2.33 -69.24
N VAL G 254 21.91 -2.49 -69.36
CA VAL G 254 21.02 -1.36 -69.16
C VAL G 254 20.08 -1.54 -67.97
N ILE G 255 19.27 -0.52 -67.75
CA ILE G 255 18.26 -0.50 -66.73
C ILE G 255 16.95 -0.76 -67.47
N PRO G 256 16.32 -1.90 -67.19
CA PRO G 256 15.06 -2.24 -67.88
C PRO G 256 14.02 -1.14 -67.86
N ASN G 257 12.93 -1.33 -68.61
CA ASN G 257 11.81 -0.39 -68.67
C ASN G 257 10.59 -1.24 -69.03
N PRO G 258 10.09 -1.94 -68.02
CA PRO G 258 8.96 -2.82 -68.24
C PRO G 258 7.93 -2.32 -69.26
N ILE G 259 7.16 -3.26 -69.79
CA ILE G 259 6.10 -2.89 -70.71
C ILE G 259 4.81 -3.26 -70.00
N THR G 260 3.67 -2.76 -70.46
CA THR G 260 2.36 -3.07 -69.83
C THR G 260 1.62 -4.21 -70.51
N MET G 261 0.80 -4.95 -69.77
CA MET G 261 0.04 -6.05 -70.34
C MET G 261 -0.42 -5.70 -71.72
N ASP G 262 -1.00 -4.53 -71.82
CA ASP G 262 -1.54 -4.04 -73.06
C ASP G 262 -0.53 -3.91 -74.21
N GLU G 263 0.68 -3.44 -73.94
CA GLU G 263 1.69 -3.31 -75.00
C GLU G 263 2.30 -4.69 -75.24
N LEU G 264 2.23 -5.52 -74.22
CA LEU G 264 2.76 -6.87 -74.28
C LEU G 264 1.95 -7.65 -75.29
N GLU G 265 0.69 -7.91 -74.93
CA GLU G 265 -0.23 -8.66 -75.77
C GLU G 265 -0.35 -8.03 -77.16
N GLU G 266 -0.05 -6.74 -77.24
CA GLU G 266 -0.09 -5.98 -78.49
C GLU G 266 0.96 -6.60 -79.42
N LEU G 267 2.12 -6.90 -78.84
CA LEU G 267 3.25 -7.53 -79.52
C LEU G 267 2.88 -8.85 -80.20
N LEU G 268 2.47 -9.82 -79.38
CA LEU G 268 2.08 -11.14 -79.87
C LEU G 268 1.00 -11.01 -80.91
N MET G 269 -0.01 -10.21 -80.57
CA MET G 269 -1.12 -9.99 -81.47
C MET G 269 -0.60 -9.47 -82.80
N GLU G 270 0.56 -8.85 -82.80
CA GLU G 270 1.13 -8.33 -84.03
C GLU G 270 1.80 -9.49 -84.79
N MET H 3 -18.59 -30.94 -49.14
CA MET H 3 -17.77 -30.02 -49.98
C MET H 3 -16.28 -30.37 -50.04
N ARG H 4 -15.80 -30.90 -51.16
CA ARG H 4 -14.37 -31.22 -51.30
C ARG H 4 -13.51 -30.04 -51.71
N GLN H 5 -12.31 -29.99 -51.15
CA GLN H 5 -11.37 -28.95 -51.52
C GLN H 5 -10.14 -29.65 -52.01
N CYS H 6 -9.79 -29.37 -53.25
CA CYS H 6 -8.61 -29.98 -53.86
C CYS H 6 -7.52 -28.94 -54.15
N ALA H 7 -6.28 -29.34 -53.92
CA ALA H 7 -5.15 -28.46 -54.15
C ALA H 7 -4.40 -28.94 -55.38
N ILE H 8 -4.21 -28.03 -56.32
CA ILE H 8 -3.52 -28.32 -57.58
C ILE H 8 -2.10 -27.79 -57.52
N TYR H 9 -1.15 -28.68 -57.74
CA TYR H 9 0.28 -28.38 -57.71
C TYR H 9 0.96 -28.69 -59.04
N GLY H 10 2.25 -28.36 -59.14
CA GLY H 10 2.98 -28.63 -60.37
C GLY H 10 4.23 -27.80 -60.50
N LYS H 11 5.02 -28.06 -61.53
CA LYS H 11 6.24 -27.30 -61.75
C LYS H 11 5.94 -26.04 -62.56
N GLY H 12 6.10 -24.87 -61.94
CA GLY H 12 5.82 -23.61 -62.61
C GLY H 12 6.02 -23.58 -64.12
N GLY H 13 4.96 -23.33 -64.89
CA GLY H 13 5.08 -23.25 -66.32
C GLY H 13 4.68 -24.49 -67.10
N ILE H 14 3.97 -25.39 -66.45
CA ILE H 14 3.52 -26.63 -67.12
C ILE H 14 2.02 -26.58 -67.30
N GLY H 15 1.35 -25.70 -66.56
CA GLY H 15 -0.09 -25.55 -66.74
C GLY H 15 -1.05 -25.70 -65.58
N LYS H 16 -0.81 -25.07 -64.44
CA LYS H 16 -1.71 -25.20 -63.31
C LYS H 16 -2.98 -24.34 -63.46
N SER H 17 -2.81 -23.03 -63.50
CA SER H 17 -3.92 -22.09 -63.57
C SER H 17 -4.98 -22.22 -64.73
N THR H 18 -4.46 -22.53 -65.90
CA THR H 18 -5.33 -22.71 -67.04
C THR H 18 -6.10 -23.98 -66.79
N THR H 19 -5.34 -25.03 -66.51
CA THR H 19 -5.87 -26.37 -66.24
C THR H 19 -6.95 -26.35 -65.17
N THR H 20 -6.74 -25.48 -64.20
CA THR H 20 -7.65 -25.31 -63.08
C THR H 20 -8.86 -24.47 -63.47
N GLN H 21 -8.61 -23.21 -63.78
CA GLN H 21 -9.70 -22.35 -64.17
C GLN H 21 -10.60 -23.02 -65.18
N ASN H 22 -10.02 -23.83 -66.06
CA ASN H 22 -10.80 -24.54 -67.07
C ASN H 22 -11.55 -25.70 -66.50
N LEU H 23 -10.94 -26.37 -65.54
CA LEU H 23 -11.58 -27.50 -64.90
C LEU H 23 -12.78 -26.98 -64.11
N VAL H 24 -12.62 -25.90 -63.34
CA VAL H 24 -13.73 -25.33 -62.55
C VAL H 24 -14.74 -24.66 -63.46
N ALA H 25 -14.26 -24.17 -64.61
CA ALA H 25 -15.11 -23.51 -65.59
C ALA H 25 -16.09 -24.60 -66.08
N ALA H 26 -15.55 -25.81 -66.23
CA ALA H 26 -16.31 -26.95 -66.66
C ALA H 26 -17.20 -27.38 -65.51
N LEU H 27 -16.61 -27.38 -64.32
CA LEU H 27 -17.32 -27.75 -63.11
C LEU H 27 -18.46 -26.78 -62.93
N ALA H 28 -18.19 -25.52 -63.25
CA ALA H 28 -19.20 -24.51 -63.14
C ALA H 28 -20.29 -24.87 -64.13
N GLU H 29 -19.88 -25.35 -65.31
CA GLU H 29 -20.84 -25.75 -66.34
C GLU H 29 -21.78 -26.82 -65.85
N MET H 30 -21.28 -27.68 -64.96
CA MET H 30 -22.07 -28.77 -64.41
C MET H 30 -23.01 -28.31 -63.30
N GLY H 31 -23.06 -26.99 -63.06
CA GLY H 31 -23.93 -26.44 -62.04
C GLY H 31 -23.40 -26.61 -60.61
N LYS H 32 -22.09 -26.49 -60.44
CA LYS H 32 -21.45 -26.67 -59.13
C LYS H 32 -20.99 -25.36 -58.47
N LYS H 33 -21.11 -25.30 -57.14
CA LYS H 33 -20.69 -24.11 -56.41
C LYS H 33 -19.18 -24.23 -56.16
N VAL H 34 -18.39 -23.49 -56.91
CA VAL H 34 -16.94 -23.58 -56.78
C VAL H 34 -16.23 -22.28 -56.35
N MET H 35 -15.04 -22.43 -55.77
CA MET H 35 -14.21 -21.30 -55.36
C MET H 35 -12.77 -21.57 -55.77
N ILE H 36 -12.08 -20.52 -56.18
CA ILE H 36 -10.70 -20.66 -56.61
C ILE H 36 -9.85 -19.78 -55.72
N VAL H 37 -9.16 -20.39 -54.77
CA VAL H 37 -8.29 -19.65 -53.88
C VAL H 37 -6.97 -19.57 -54.63
N GLY H 38 -6.46 -18.37 -54.83
CA GLY H 38 -5.21 -18.22 -55.56
C GLY H 38 -4.05 -18.07 -54.63
N CYS H 39 -3.35 -19.17 -54.42
CA CYS H 39 -2.18 -19.22 -53.55
C CYS H 39 -0.94 -19.07 -54.36
N ASP H 40 -0.87 -18.05 -55.15
CA ASP H 40 0.30 -17.77 -55.92
C ASP H 40 0.55 -16.29 -56.03
N PRO H 41 1.79 -15.88 -55.71
CA PRO H 41 2.16 -14.47 -55.80
C PRO H 41 1.91 -13.88 -57.20
N LYS H 42 1.81 -14.63 -58.25
CA LYS H 42 1.66 -14.06 -59.60
C LYS H 42 0.31 -13.36 -59.69
N ALA H 43 -0.70 -13.93 -59.04
CA ALA H 43 -2.04 -13.36 -59.05
C ALA H 43 -2.71 -13.48 -60.42
N ASP H 44 -2.82 -14.70 -60.92
CA ASP H 44 -3.45 -14.96 -62.21
C ASP H 44 -4.35 -16.19 -62.12
N SER H 45 -4.39 -16.72 -60.91
CA SER H 45 -5.19 -17.89 -60.60
C SER H 45 -6.66 -17.70 -60.93
N THR H 46 -7.15 -16.45 -60.94
CA THR H 46 -8.57 -16.20 -61.25
C THR H 46 -8.79 -15.35 -62.50
N ARG H 47 -7.73 -14.69 -62.97
CA ARG H 47 -7.77 -13.81 -64.12
C ARG H 47 -8.56 -14.32 -65.33
N LEU H 48 -8.69 -15.63 -65.48
CA LEU H 48 -9.42 -16.19 -66.63
C LEU H 48 -10.91 -16.47 -66.40
N ILE H 49 -11.37 -16.34 -65.17
CA ILE H 49 -12.77 -16.62 -64.87
C ILE H 49 -13.50 -15.34 -64.48
N LEU H 50 -12.71 -14.39 -63.94
CA LEU H 50 -13.19 -13.05 -63.49
C LEU H 50 -13.06 -12.02 -64.65
N HIS H 51 -12.04 -12.20 -65.49
CA HIS H 51 -11.84 -11.36 -66.70
C HIS H 51 -10.95 -10.12 -66.59
N SER H 52 -9.66 -10.29 -66.37
CA SER H 52 -8.82 -9.09 -66.25
C SER H 52 -7.45 -9.46 -65.70
N LYS H 53 -6.59 -8.45 -65.67
CA LYS H 53 -5.25 -8.64 -65.14
C LYS H 53 -5.42 -9.42 -63.83
N ALA H 54 -6.08 -8.79 -62.85
CA ALA H 54 -6.38 -9.42 -61.57
C ALA H 54 -7.05 -8.35 -60.73
N GLN H 55 -7.89 -8.77 -59.80
CA GLN H 55 -8.58 -7.78 -58.99
C GLN H 55 -7.82 -7.49 -57.72
N ASN H 56 -8.49 -6.85 -56.77
CA ASN H 56 -7.86 -6.54 -55.49
C ASN H 56 -7.66 -7.79 -54.67
N THR H 57 -6.39 -8.11 -54.45
CA THR H 57 -5.99 -9.29 -53.70
C THR H 57 -6.06 -9.08 -52.18
N ILE H 58 -6.08 -10.19 -51.43
CA ILE H 58 -6.16 -10.20 -49.97
C ILE H 58 -5.03 -9.42 -49.26
N MET H 59 -3.81 -9.79 -49.57
CA MET H 59 -2.61 -9.19 -48.99
C MET H 59 -2.44 -7.76 -49.43
N GLU H 60 -2.70 -7.52 -50.70
CA GLU H 60 -2.57 -6.17 -51.23
C GLU H 60 -3.63 -5.29 -50.60
N MET H 61 -4.82 -5.86 -50.46
CA MET H 61 -5.96 -5.16 -49.90
C MET H 61 -5.73 -4.89 -48.42
N ALA H 62 -5.35 -5.93 -47.68
CA ALA H 62 -5.10 -5.83 -46.23
C ALA H 62 -3.99 -4.86 -45.89
N ALA H 63 -3.22 -4.47 -46.90
CA ALA H 63 -2.14 -3.53 -46.70
C ALA H 63 -2.77 -2.17 -46.57
N GLU H 64 -3.83 -1.96 -47.33
CA GLU H 64 -4.55 -0.69 -47.31
C GLU H 64 -5.19 -0.43 -45.96
N ALA H 65 -5.84 -1.44 -45.40
CA ALA H 65 -6.51 -1.28 -44.09
C ALA H 65 -5.53 -1.30 -42.90
N GLY H 66 -4.24 -1.41 -43.18
CA GLY H 66 -3.26 -1.45 -42.12
C GLY H 66 -3.02 -2.87 -41.62
N THR H 67 -4.11 -3.57 -41.31
CA THR H 67 -4.02 -4.94 -40.81
C THR H 67 -5.03 -5.82 -41.53
N VAL H 68 -4.67 -7.09 -41.72
CA VAL H 68 -5.55 -8.05 -42.39
C VAL H 68 -6.89 -8.24 -41.68
N GLU H 69 -6.87 -8.17 -40.34
CA GLU H 69 -8.08 -8.34 -39.52
C GLU H 69 -9.10 -7.26 -39.80
N ASP H 70 -8.66 -6.24 -40.53
CA ASP H 70 -9.48 -5.09 -40.90
C ASP H 70 -10.20 -5.36 -42.20
N LEU H 71 -9.75 -6.38 -42.92
CA LEU H 71 -10.36 -6.72 -44.20
C LEU H 71 -11.65 -7.46 -44.08
N GLU H 72 -12.45 -7.40 -45.14
CA GLU H 72 -13.77 -8.04 -45.19
C GLU H 72 -13.83 -8.99 -46.36
N LEU H 73 -14.37 -10.19 -46.16
CA LEU H 73 -14.45 -11.16 -47.25
C LEU H 73 -15.09 -10.55 -48.50
N GLU H 74 -15.93 -9.53 -48.32
CA GLU H 74 -16.60 -8.88 -49.43
C GLU H 74 -15.61 -8.20 -50.37
N ASP H 75 -14.54 -7.64 -49.81
CA ASP H 75 -13.53 -6.93 -50.60
C ASP H 75 -12.67 -7.76 -51.55
N VAL H 76 -12.30 -8.98 -51.16
CA VAL H 76 -11.46 -9.83 -52.01
C VAL H 76 -12.21 -10.85 -52.83
N LEU H 77 -13.26 -11.41 -52.23
CA LEU H 77 -14.08 -12.42 -52.86
C LEU H 77 -15.00 -11.81 -53.90
N LYS H 78 -14.88 -12.28 -55.14
CA LYS H 78 -15.71 -11.78 -56.22
C LYS H 78 -16.29 -12.91 -57.07
N ALA H 79 -17.50 -12.68 -57.56
CA ALA H 79 -18.19 -13.66 -58.42
C ALA H 79 -17.75 -13.47 -59.87
N GLY H 80 -17.53 -14.59 -60.55
CA GLY H 80 -17.09 -14.55 -61.94
C GLY H 80 -17.97 -15.43 -62.81
N TYR H 81 -17.34 -16.14 -63.75
CA TYR H 81 -18.08 -17.01 -64.66
C TYR H 81 -18.84 -18.15 -63.94
N GLY H 82 -20.02 -18.48 -64.47
CA GLY H 82 -20.82 -19.54 -63.90
C GLY H 82 -20.91 -19.51 -62.38
N GLY H 83 -21.04 -18.32 -61.80
CA GLY H 83 -21.16 -18.21 -60.36
C GLY H 83 -20.02 -18.81 -59.54
N VAL H 84 -18.82 -18.79 -60.12
CA VAL H 84 -17.61 -19.29 -59.49
C VAL H 84 -17.00 -18.19 -58.62
N LYS H 85 -16.70 -18.48 -57.37
CA LYS H 85 -16.13 -17.47 -56.50
C LYS H 85 -14.59 -17.42 -56.54
N CYS H 86 -14.04 -16.22 -56.54
CA CYS H 86 -12.56 -16.08 -56.59
C CYS H 86 -11.91 -15.19 -55.54
N VAL H 87 -10.68 -15.51 -55.24
CA VAL H 87 -9.89 -14.76 -54.27
C VAL H 87 -8.46 -15.03 -54.56
N GLU H 88 -7.62 -14.06 -54.20
CA GLU H 88 -6.20 -14.15 -54.41
C GLU H 88 -5.48 -13.97 -53.09
N SER H 89 -4.42 -14.73 -52.90
CA SER H 89 -3.65 -14.63 -51.66
C SER H 89 -2.72 -13.41 -51.72
N GLY H 90 -2.45 -12.90 -52.92
CA GLY H 90 -1.60 -11.72 -53.00
C GLY H 90 -0.17 -12.08 -52.70
N GLY H 91 0.68 -11.07 -52.47
CA GLY H 91 2.07 -11.34 -52.18
C GLY H 91 3.01 -10.21 -52.60
N PRO H 92 4.30 -10.32 -52.27
CA PRO H 92 5.24 -9.26 -52.64
C PRO H 92 5.68 -9.28 -54.11
N GLU H 93 6.77 -8.59 -54.37
CA GLU H 93 7.32 -8.54 -55.71
C GLU H 93 8.63 -9.31 -55.75
N PRO H 94 9.06 -9.69 -56.96
CA PRO H 94 10.31 -10.43 -57.02
C PRO H 94 11.45 -9.79 -56.23
N GLY H 95 11.94 -10.53 -55.25
CA GLY H 95 13.05 -10.06 -54.44
C GLY H 95 12.76 -9.16 -53.24
N VAL H 96 11.72 -9.51 -52.49
CA VAL H 96 11.35 -8.76 -51.32
C VAL H 96 10.14 -9.37 -50.67
N GLY H 97 10.18 -9.43 -49.34
CA GLY H 97 9.07 -10.00 -48.62
C GLY H 97 8.99 -11.52 -48.53
N CYS H 98 7.88 -12.03 -48.02
CA CYS H 98 7.66 -13.47 -47.88
C CYS H 98 6.30 -13.79 -48.48
N ALA H 99 6.28 -14.39 -49.66
CA ALA H 99 5.00 -14.73 -50.23
C ALA H 99 4.44 -15.95 -49.52
N GLY H 100 5.32 -16.79 -49.01
CA GLY H 100 4.90 -17.98 -48.30
C GLY H 100 4.04 -17.60 -47.13
N ARG H 101 4.15 -16.34 -46.73
CA ARG H 101 3.37 -15.82 -45.62
C ARG H 101 1.96 -15.45 -46.08
N GLY H 102 1.90 -14.70 -47.17
CA GLY H 102 0.60 -14.31 -47.70
C GLY H 102 -0.30 -15.51 -47.81
N VAL H 103 0.21 -16.56 -48.45
CA VAL H 103 -0.56 -17.78 -48.65
C VAL H 103 -1.18 -18.17 -47.32
N ILE H 104 -0.41 -18.05 -46.25
CA ILE H 104 -0.92 -18.41 -44.92
C ILE H 104 -1.96 -17.39 -44.45
N THR H 105 -1.56 -16.13 -44.50
CA THR H 105 -2.42 -15.05 -44.09
C THR H 105 -3.73 -15.14 -44.87
N ALA H 106 -3.60 -15.32 -46.18
CA ALA H 106 -4.77 -15.40 -47.02
C ALA H 106 -5.69 -16.59 -46.70
N ILE H 107 -5.12 -17.77 -46.50
CA ILE H 107 -5.99 -18.91 -46.23
C ILE H 107 -6.61 -18.80 -44.84
N ASN H 108 -5.85 -18.26 -43.90
CA ASN H 108 -6.34 -18.13 -42.55
C ASN H 108 -7.52 -17.19 -42.55
N PHE H 109 -7.37 -16.10 -43.29
CA PHE H 109 -8.39 -15.09 -43.42
C PHE H 109 -9.68 -15.68 -43.96
N LEU H 110 -9.57 -16.38 -45.09
CA LEU H 110 -10.70 -17.02 -45.74
C LEU H 110 -11.41 -17.95 -44.78
N GLU H 111 -10.63 -18.81 -44.14
CA GLU H 111 -11.15 -19.75 -43.16
C GLU H 111 -11.75 -18.95 -42.02
N GLU H 112 -11.00 -17.96 -41.57
CA GLU H 112 -11.40 -17.08 -40.48
C GLU H 112 -12.68 -16.29 -40.74
N GLU H 113 -12.82 -15.70 -41.92
CA GLU H 113 -14.00 -14.95 -42.24
C GLU H 113 -15.12 -15.86 -42.73
N GLY H 114 -15.02 -17.16 -42.45
CA GLY H 114 -16.06 -18.08 -42.88
C GLY H 114 -16.35 -17.99 -44.36
N ALA H 115 -15.31 -18.24 -45.16
CA ALA H 115 -15.40 -18.21 -46.61
C ALA H 115 -15.90 -19.59 -47.05
N TYR H 116 -15.62 -20.57 -46.22
CA TYR H 116 -16.05 -21.92 -46.46
C TYR H 116 -17.47 -22.02 -45.91
N GLU H 117 -18.09 -20.86 -45.65
CA GLU H 117 -19.43 -20.77 -45.08
C GLU H 117 -20.60 -21.12 -45.99
N ASP H 118 -20.68 -20.52 -47.17
CA ASP H 118 -21.77 -20.82 -48.08
C ASP H 118 -21.60 -22.21 -48.71
N ASP H 119 -22.71 -22.83 -49.08
CA ASP H 119 -22.69 -24.16 -49.67
C ASP H 119 -21.82 -24.23 -50.94
N LEU H 120 -20.53 -24.47 -50.75
CA LEU H 120 -19.63 -24.60 -51.87
C LEU H 120 -19.48 -26.09 -52.07
N ASP H 121 -19.23 -26.50 -53.30
CA ASP H 121 -19.09 -27.92 -53.59
C ASP H 121 -17.65 -28.27 -53.83
N PHE H 122 -16.90 -27.27 -54.29
CA PHE H 122 -15.51 -27.44 -54.58
C PHE H 122 -14.74 -26.17 -54.27
N VAL H 123 -13.55 -26.36 -53.71
CA VAL H 123 -12.66 -25.27 -53.39
C VAL H 123 -11.31 -25.64 -53.94
N PHE H 124 -10.91 -24.95 -54.99
CA PHE H 124 -9.63 -25.23 -55.60
C PHE H 124 -8.47 -24.25 -55.23
N TYR H 125 -7.42 -24.84 -54.69
CA TYR H 125 -6.24 -24.06 -54.32
C TYR H 125 -5.23 -24.22 -55.44
N ASP H 126 -4.93 -23.13 -56.15
CA ASP H 126 -3.96 -23.13 -57.24
C ASP H 126 -2.62 -22.69 -56.65
N VAL H 127 -1.88 -23.65 -56.09
CA VAL H 127 -0.61 -23.35 -55.45
C VAL H 127 0.56 -23.22 -56.41
N GLY H 128 1.36 -22.19 -56.23
CA GLY H 128 2.51 -22.01 -57.09
C GLY H 128 3.59 -23.00 -56.75
N ASP H 129 4.81 -22.49 -56.67
CA ASP H 129 5.98 -23.28 -56.34
C ASP H 129 5.91 -23.73 -54.88
N VAL H 130 6.22 -24.99 -54.61
CA VAL H 130 6.18 -25.54 -53.25
C VAL H 130 7.48 -25.29 -52.47
N VAL H 131 8.10 -24.16 -52.75
CA VAL H 131 9.37 -23.75 -52.15
C VAL H 131 9.55 -23.86 -50.62
N CYS H 132 8.54 -23.49 -49.84
CA CYS H 132 8.68 -23.55 -48.38
C CYS H 132 7.43 -23.94 -47.60
N GLY H 133 7.49 -23.77 -46.29
CA GLY H 133 6.38 -24.14 -45.44
C GLY H 133 5.02 -23.54 -45.69
N GLY H 134 4.99 -22.23 -45.97
CA GLY H 134 3.73 -21.57 -46.22
C GLY H 134 2.96 -22.11 -47.41
N PHE H 135 3.66 -22.46 -48.50
CA PHE H 135 3.01 -22.98 -49.71
C PHE H 135 2.46 -24.40 -49.54
N ALA H 136 2.58 -24.92 -48.33
CA ALA H 136 2.07 -26.23 -48.04
C ALA H 136 0.74 -25.98 -47.37
N MET H 137 0.48 -24.71 -47.05
CA MET H 137 -0.75 -24.33 -46.36
C MET H 137 -1.99 -25.06 -46.87
N PRO H 138 -2.22 -24.98 -48.17
CA PRO H 138 -3.43 -25.67 -48.68
C PRO H 138 -3.59 -27.11 -48.21
N ILE H 139 -2.51 -27.81 -47.85
CA ILE H 139 -2.71 -29.24 -47.59
C ILE H 139 -2.59 -29.75 -46.17
N ARG H 140 -3.05 -28.95 -45.22
CA ARG H 140 -3.01 -29.32 -43.81
C ARG H 140 -4.26 -30.13 -43.45
N GLU H 141 -4.81 -29.81 -42.32
CA GLU H 141 -6.04 -30.38 -41.88
C GLU H 141 -7.07 -29.28 -42.03
N ASN H 142 -8.17 -29.54 -42.73
CA ASN H 142 -9.21 -28.56 -42.92
C ASN H 142 -9.02 -27.79 -44.21
N LYS H 143 -7.92 -28.00 -44.87
CA LYS H 143 -7.71 -27.31 -46.15
C LYS H 143 -8.07 -28.30 -47.24
N ALA H 144 -7.11 -28.76 -48.02
CA ALA H 144 -7.43 -29.69 -49.09
C ALA H 144 -7.05 -31.14 -48.81
N GLN H 145 -7.97 -32.04 -49.14
CA GLN H 145 -7.81 -33.49 -48.99
C GLN H 145 -7.36 -34.19 -50.28
N GLU H 146 -7.76 -33.64 -51.42
CA GLU H 146 -7.38 -34.21 -52.71
C GLU H 146 -6.33 -33.32 -53.33
N ILE H 147 -5.26 -33.91 -53.88
CA ILE H 147 -4.18 -33.17 -54.52
C ILE H 147 -3.97 -33.68 -55.92
N TYR H 148 -4.00 -32.78 -56.90
CA TYR H 148 -3.80 -33.18 -58.29
C TYR H 148 -2.58 -32.56 -58.93
N ILE H 149 -1.45 -33.23 -58.78
CA ILE H 149 -0.18 -32.78 -59.33
C ILE H 149 -0.22 -32.75 -60.87
N VAL H 150 0.20 -31.65 -61.46
CA VAL H 150 0.25 -31.52 -62.93
C VAL H 150 1.65 -31.90 -63.42
N CYS H 151 1.72 -32.56 -64.56
CA CYS H 151 3.02 -32.97 -65.08
C CYS H 151 3.05 -32.99 -66.60
N SER H 152 4.17 -33.47 -67.13
CA SER H 152 4.35 -33.57 -68.57
C SER H 152 5.38 -34.66 -68.87
N GLY H 153 5.66 -34.84 -70.16
CA GLY H 153 6.61 -35.84 -70.55
C GLY H 153 8.07 -35.48 -70.45
N GLU H 154 8.38 -34.35 -69.81
CA GLU H 154 9.76 -33.92 -69.68
C GLU H 154 10.47 -34.50 -68.45
N MET H 155 11.77 -34.76 -68.58
CA MET H 155 12.55 -35.33 -67.50
C MET H 155 12.35 -34.56 -66.21
N MET H 156 12.32 -33.24 -66.34
CA MET H 156 12.22 -32.34 -65.17
C MET H 156 10.78 -32.08 -64.71
N ALA H 157 9.85 -32.30 -65.61
CA ALA H 157 8.46 -32.07 -65.26
C ALA H 157 8.01 -33.21 -64.34
N MET H 158 8.70 -34.37 -64.45
CA MET H 158 8.36 -35.54 -63.63
C MET H 158 9.18 -35.59 -62.37
N TYR H 159 10.41 -35.11 -62.50
CA TYR H 159 11.29 -35.01 -61.34
C TYR H 159 10.49 -34.24 -60.28
N ALA H 160 9.74 -33.24 -60.76
CA ALA H 160 8.89 -32.40 -59.93
C ALA H 160 7.67 -33.16 -59.42
N ALA H 161 6.87 -33.68 -60.34
CA ALA H 161 5.69 -34.44 -59.97
C ALA H 161 6.08 -35.44 -58.90
N ASN H 162 7.31 -35.92 -59.00
CA ASN H 162 7.88 -36.87 -58.05
C ASN H 162 8.28 -36.12 -56.78
N ASN H 163 9.07 -35.06 -56.98
CA ASN H 163 9.55 -34.24 -55.88
C ASN H 163 8.37 -33.71 -55.05
N ILE H 164 7.31 -33.30 -55.73
CA ILE H 164 6.12 -32.78 -55.06
C ILE H 164 5.47 -33.85 -54.19
N SER H 165 5.00 -34.93 -54.81
CA SER H 165 4.39 -36.02 -54.06
C SER H 165 5.26 -36.45 -52.89
N LYS H 166 6.59 -36.30 -53.03
CA LYS H 166 7.49 -36.66 -51.95
C LYS H 166 7.21 -35.83 -50.69
N GLY H 167 7.16 -34.52 -50.87
CA GLY H 167 6.88 -33.66 -49.74
C GLY H 167 5.47 -33.86 -49.23
N ILE H 168 4.59 -34.42 -50.05
CA ILE H 168 3.21 -34.63 -49.61
C ILE H 168 3.10 -35.74 -48.57
N VAL H 169 3.97 -36.75 -48.67
CA VAL H 169 3.93 -37.88 -47.75
C VAL H 169 4.04 -37.46 -46.26
N LYS H 170 4.55 -36.26 -46.01
CA LYS H 170 4.72 -35.75 -44.64
C LYS H 170 3.38 -35.28 -44.11
N TYR H 171 2.65 -34.59 -44.96
CA TYR H 171 1.35 -34.06 -44.61
C TYR H 171 0.29 -35.13 -44.78
N ALA H 172 0.58 -36.11 -45.64
CA ALA H 172 -0.33 -37.21 -45.94
C ALA H 172 -0.34 -38.27 -44.86
N ASN H 173 0.83 -38.56 -44.30
CA ASN H 173 0.91 -39.54 -43.24
C ASN H 173 0.19 -38.97 -42.01
N SER H 174 0.73 -37.87 -41.48
CA SER H 174 0.18 -37.17 -40.31
C SER H 174 -1.22 -36.60 -40.53
N GLY H 175 -1.54 -36.20 -41.75
CA GLY H 175 -2.86 -35.67 -42.03
C GLY H 175 -3.73 -36.59 -42.87
N SER H 176 -4.73 -36.01 -43.53
CA SER H 176 -5.63 -36.81 -44.36
C SER H 176 -5.55 -36.46 -45.87
N VAL H 177 -4.81 -35.40 -46.21
CA VAL H 177 -4.65 -35.00 -47.59
C VAL H 177 -4.03 -36.14 -48.41
N ARG H 178 -4.47 -36.33 -49.66
CA ARG H 178 -3.92 -37.40 -50.51
C ARG H 178 -3.86 -37.07 -52.01
N LEU H 179 -2.92 -37.71 -52.70
CA LEU H 179 -2.72 -37.53 -54.14
C LEU H 179 -3.84 -38.27 -54.86
N GLY H 180 -4.68 -37.50 -55.54
CA GLY H 180 -5.79 -38.09 -56.28
C GLY H 180 -5.38 -38.55 -57.67
N GLY H 181 -4.29 -38.02 -58.20
CA GLY H 181 -3.82 -38.42 -59.51
C GLY H 181 -2.98 -37.36 -60.20
N LEU H 182 -2.36 -37.70 -61.31
CA LEU H 182 -1.58 -36.72 -62.03
C LEU H 182 -2.45 -36.26 -63.18
N ILE H 183 -2.18 -35.05 -63.68
CA ILE H 183 -2.90 -34.48 -64.82
C ILE H 183 -1.77 -34.09 -65.74
N CYS H 184 -1.85 -34.58 -66.97
CA CYS H 184 -0.79 -34.31 -67.90
C CYS H 184 -1.19 -33.29 -68.95
N ASN H 185 -0.28 -32.33 -69.16
CA ASN H 185 -0.33 -31.28 -70.19
C ASN H 185 0.97 -31.62 -70.95
N SER H 186 0.74 -32.46 -71.96
CA SER H 186 1.72 -33.08 -72.84
C SER H 186 2.88 -32.44 -73.54
N ARG H 187 3.61 -33.34 -74.18
CA ARG H 187 4.77 -33.05 -75.01
C ARG H 187 4.31 -33.43 -76.42
N ASN H 188 3.04 -33.11 -76.70
CA ASN H 188 2.39 -33.37 -77.99
C ASN H 188 1.75 -34.78 -78.12
N THR H 189 2.04 -35.66 -77.15
CA THR H 189 1.53 -37.05 -77.17
C THR H 189 2.55 -38.01 -77.80
N ASP H 190 3.70 -37.47 -78.12
CA ASP H 190 4.79 -38.21 -78.75
C ASP H 190 5.53 -39.08 -77.74
N ARG H 191 4.92 -40.22 -77.43
CA ARG H 191 5.42 -41.21 -76.48
C ARG H 191 5.09 -40.90 -75.03
N GLU H 192 4.32 -39.82 -74.80
CA GLU H 192 3.96 -39.41 -73.44
C GLU H 192 2.62 -39.91 -72.93
N ASP H 193 1.68 -40.14 -73.84
CA ASP H 193 0.35 -40.62 -73.48
C ASP H 193 0.46 -41.75 -72.46
N GLU H 194 1.43 -42.63 -72.65
CA GLU H 194 1.61 -43.76 -71.75
C GLU H 194 2.73 -43.51 -70.75
N LEU H 195 3.72 -42.72 -71.17
CA LEU H 195 4.88 -42.43 -70.33
C LEU H 195 4.56 -42.04 -68.87
N ILE H 196 3.71 -41.03 -68.71
CA ILE H 196 3.30 -40.55 -67.39
C ILE H 196 2.59 -41.65 -66.60
N ILE H 197 1.81 -42.46 -67.30
CA ILE H 197 1.06 -43.54 -66.67
C ILE H 197 2.03 -44.46 -65.93
N ALA H 198 3.25 -44.52 -66.46
CA ALA H 198 4.29 -45.33 -65.86
C ALA H 198 4.60 -44.77 -64.47
N LEU H 199 4.90 -43.47 -64.45
CA LEU H 199 5.22 -42.76 -63.22
C LEU H 199 4.04 -42.74 -62.26
N ALA H 200 2.84 -42.62 -62.81
CA ALA H 200 1.63 -42.61 -61.99
C ALA H 200 1.56 -43.89 -61.17
N ASN H 201 2.03 -45.00 -61.74
CA ASN H 201 2.01 -46.29 -61.06
C ASN H 201 3.12 -46.43 -60.06
N LYS H 202 4.34 -46.13 -60.49
CA LYS H 202 5.47 -46.22 -59.58
C LYS H 202 5.23 -45.28 -58.39
N LEU H 203 4.35 -44.30 -58.58
CA LEU H 203 4.02 -43.40 -57.50
C LEU H 203 2.93 -44.09 -56.68
N GLY H 204 2.00 -44.74 -57.40
CA GLY H 204 0.91 -45.43 -56.74
C GLY H 204 -0.39 -44.70 -56.95
N THR H 205 -0.36 -43.74 -57.86
CA THR H 205 -1.54 -42.99 -58.16
C THR H 205 -1.93 -43.26 -59.60
N GLN H 206 -2.98 -42.61 -60.06
CA GLN H 206 -3.39 -42.83 -61.44
C GLN H 206 -3.08 -41.57 -62.22
N MET H 207 -3.24 -41.64 -63.54
CA MET H 207 -3.07 -40.45 -64.36
C MET H 207 -4.52 -40.09 -64.68
N ILE H 208 -5.12 -39.20 -63.91
CA ILE H 208 -6.52 -38.86 -64.08
C ILE H 208 -7.04 -38.60 -65.49
N HIS H 209 -6.25 -37.85 -66.26
CA HIS H 209 -6.65 -37.51 -67.60
C HIS H 209 -5.45 -36.91 -68.30
N PHE H 210 -5.43 -37.01 -69.62
CA PHE H 210 -4.34 -36.46 -70.41
C PHE H 210 -4.89 -35.22 -71.10
N VAL H 211 -4.16 -34.12 -71.01
CA VAL H 211 -4.59 -32.90 -71.64
C VAL H 211 -3.61 -32.59 -72.79
N PRO H 212 -4.26 -32.35 -73.95
CA PRO H 212 -3.61 -31.88 -75.23
C PRO H 212 -2.90 -30.54 -75.24
N ARG H 213 -2.07 -30.39 -76.27
CA ARG H 213 -1.46 -29.10 -76.54
C ARG H 213 -2.27 -28.51 -77.71
N ASP H 214 -3.35 -27.78 -77.33
CA ASP H 214 -4.26 -27.08 -78.21
C ASP H 214 -4.04 -25.59 -78.03
N ASN H 215 -3.80 -24.93 -79.13
CA ASN H 215 -3.54 -23.49 -79.06
C ASN H 215 -4.80 -22.68 -78.78
N VAL H 216 -5.91 -23.38 -78.61
CA VAL H 216 -7.14 -22.66 -78.25
C VAL H 216 -6.98 -22.08 -76.88
N VAL H 217 -6.04 -22.64 -76.12
CA VAL H 217 -5.76 -22.13 -74.79
C VAL H 217 -5.10 -20.76 -74.87
N GLN H 218 -4.31 -20.52 -75.92
CA GLN H 218 -3.67 -19.22 -76.10
C GLN H 218 -4.70 -18.23 -76.63
N ARG H 219 -5.61 -18.71 -77.47
CA ARG H 219 -6.66 -17.86 -78.01
C ARG H 219 -7.55 -17.41 -76.86
N ALA H 220 -7.73 -18.28 -75.87
CA ALA H 220 -8.53 -17.90 -74.72
C ALA H 220 -7.67 -17.02 -73.80
N GLU H 221 -6.52 -17.57 -73.38
CA GLU H 221 -5.59 -16.86 -72.50
C GLU H 221 -5.39 -15.40 -72.89
N ILE H 222 -5.01 -15.16 -74.14
CA ILE H 222 -4.77 -13.80 -74.62
C ILE H 222 -6.05 -12.99 -74.79
N ARG H 223 -7.20 -13.65 -74.82
CA ARG H 223 -8.49 -12.96 -74.97
C ARG H 223 -9.19 -12.88 -73.61
N ARG H 224 -8.41 -13.10 -72.53
CA ARG H 224 -8.86 -12.97 -71.13
C ARG H 224 -10.07 -13.84 -70.73
N MET H 225 -10.09 -15.09 -71.18
CA MET H 225 -11.15 -16.01 -70.77
C MET H 225 -10.73 -17.47 -70.87
N THR H 226 -11.60 -18.38 -70.41
CA THR H 226 -11.30 -19.81 -70.47
C THR H 226 -11.70 -20.33 -71.83
N VAL H 227 -11.32 -21.57 -72.11
CA VAL H 227 -11.63 -22.23 -73.38
C VAL H 227 -13.08 -22.70 -73.35
N ILE H 228 -13.64 -22.83 -72.16
CA ILE H 228 -15.01 -23.32 -72.02
C ILE H 228 -16.04 -22.24 -72.26
N GLU H 229 -15.61 -21.01 -72.13
CA GLU H 229 -16.52 -19.92 -72.37
C GLU H 229 -16.28 -19.40 -73.78
N TYR H 230 -15.00 -19.39 -74.14
CA TYR H 230 -14.45 -18.93 -75.40
C TYR H 230 -14.89 -19.72 -76.61
N ASP H 231 -14.58 -21.00 -76.61
CA ASP H 231 -15.03 -21.88 -77.70
C ASP H 231 -15.61 -23.15 -77.10
N PRO H 232 -16.87 -23.07 -76.65
CA PRO H 232 -17.59 -24.20 -76.05
C PRO H 232 -17.45 -25.58 -76.66
N LYS H 233 -17.33 -25.67 -77.97
CA LYS H 233 -17.24 -27.00 -78.59
C LYS H 233 -15.86 -27.43 -79.13
N ALA H 234 -14.88 -26.53 -79.00
CA ALA H 234 -13.53 -26.83 -79.42
C ALA H 234 -13.12 -28.17 -78.83
N LYS H 235 -12.22 -28.84 -79.55
CA LYS H 235 -11.71 -30.14 -79.14
C LYS H 235 -11.30 -30.13 -77.66
N GLN H 236 -10.42 -29.21 -77.29
CA GLN H 236 -9.95 -29.15 -75.92
C GLN H 236 -10.97 -28.58 -74.93
N ALA H 237 -12.17 -28.29 -75.39
CA ALA H 237 -13.20 -27.77 -74.49
C ALA H 237 -13.82 -28.97 -73.81
N ASP H 238 -13.92 -30.06 -74.56
CA ASP H 238 -14.48 -31.31 -74.03
C ASP H 238 -13.40 -31.98 -73.21
N GLU H 239 -12.16 -31.85 -73.67
CA GLU H 239 -11.04 -32.43 -72.94
C GLU H 239 -11.10 -31.92 -71.51
N TYR H 240 -11.26 -30.60 -71.36
CA TYR H 240 -11.34 -29.97 -70.04
C TYR H 240 -12.63 -30.39 -69.33
N ARG H 241 -13.64 -30.77 -70.11
CA ARG H 241 -14.88 -31.23 -69.51
C ARG H 241 -14.64 -32.62 -68.99
N ALA H 242 -13.79 -33.38 -69.69
CA ALA H 242 -13.45 -34.74 -69.26
C ALA H 242 -12.74 -34.65 -67.91
N LEU H 243 -11.63 -33.91 -67.88
CA LEU H 243 -10.85 -33.72 -66.67
C LEU H 243 -11.77 -33.39 -65.51
N ALA H 244 -12.79 -32.58 -65.77
CA ALA H 244 -13.75 -32.17 -64.75
C ALA H 244 -14.62 -33.33 -64.27
N ARG H 245 -15.14 -34.08 -65.24
CA ARG H 245 -16.00 -35.22 -64.97
C ARG H 245 -15.28 -36.34 -64.21
N LYS H 246 -14.05 -36.67 -64.64
CA LYS H 246 -13.22 -37.71 -64.01
C LYS H 246 -12.96 -37.35 -62.55
N VAL H 247 -12.55 -36.10 -62.35
CA VAL H 247 -12.28 -35.59 -61.02
C VAL H 247 -13.53 -35.82 -60.17
N VAL H 248 -14.66 -35.25 -60.56
CA VAL H 248 -15.88 -35.42 -59.80
C VAL H 248 -16.13 -36.84 -59.34
N ASP H 249 -16.06 -37.81 -60.25
CA ASP H 249 -16.32 -39.21 -59.91
C ASP H 249 -15.12 -39.94 -59.31
N ASN H 250 -13.94 -39.30 -59.35
CA ASN H 250 -12.73 -39.92 -58.82
C ASN H 250 -12.81 -40.25 -57.37
N LYS H 251 -12.47 -41.48 -57.00
CA LYS H 251 -12.49 -41.90 -55.62
C LYS H 251 -11.13 -42.45 -55.16
N LEU H 252 -10.14 -42.47 -56.08
CA LEU H 252 -8.78 -42.94 -55.83
C LEU H 252 -7.94 -41.85 -55.18
N LEU H 253 -7.78 -41.95 -53.89
CA LEU H 253 -6.95 -41.00 -53.18
C LEU H 253 -5.92 -41.81 -52.42
N VAL H 254 -4.67 -41.77 -52.83
CA VAL H 254 -3.64 -42.57 -52.15
C VAL H 254 -2.56 -41.75 -51.50
N ILE H 255 -1.67 -42.42 -50.80
CA ILE H 255 -0.52 -41.75 -50.20
C ILE H 255 0.61 -42.02 -51.16
N PRO H 256 1.24 -40.95 -51.64
CA PRO H 256 2.34 -41.01 -52.60
C PRO H 256 3.52 -41.88 -52.21
N ASN H 257 4.06 -42.57 -53.20
CA ASN H 257 5.24 -43.40 -53.00
C ASN H 257 6.31 -42.84 -53.92
N PRO H 258 7.17 -41.98 -53.41
CA PRO H 258 8.22 -41.38 -54.22
C PRO H 258 9.15 -42.40 -54.84
N ILE H 259 9.77 -42.03 -55.95
CA ILE H 259 10.72 -42.90 -56.59
C ILE H 259 12.07 -42.19 -56.49
N THR H 260 13.17 -42.90 -56.76
CA THR H 260 14.49 -42.31 -56.67
C THR H 260 14.98 -41.82 -58.02
N MET H 261 15.90 -40.84 -58.00
CA MET H 261 16.46 -40.31 -59.24
C MET H 261 16.75 -41.45 -60.20
N ASP H 262 17.45 -42.45 -59.65
CA ASP H 262 17.85 -43.63 -60.40
C ASP H 262 16.70 -44.35 -61.10
N GLU H 263 15.59 -44.57 -60.38
CA GLU H 263 14.44 -45.25 -60.97
C GLU H 263 13.71 -44.29 -61.90
N LEU H 264 13.80 -43.00 -61.55
CA LEU H 264 13.18 -41.93 -62.31
C LEU H 264 13.80 -41.93 -63.69
N GLU H 265 15.09 -41.62 -63.75
CA GLU H 265 15.82 -41.56 -65.01
C GLU H 265 15.76 -42.91 -65.74
N GLU H 266 15.61 -43.98 -64.96
CA GLU H 266 15.50 -45.34 -65.50
C GLU H 266 14.31 -45.38 -66.44
N LEU H 267 13.21 -44.79 -65.99
CA LEU H 267 11.97 -44.71 -66.75
C LEU H 267 12.17 -44.06 -68.12
N LEU H 268 12.52 -42.77 -68.12
CA LEU H 268 12.74 -42.01 -69.35
C LEU H 268 13.73 -42.77 -70.22
N MET H 269 14.79 -43.21 -69.57
CA MET H 269 15.82 -43.95 -70.26
C MET H 269 15.14 -45.02 -71.11
N GLU H 270 14.13 -45.71 -70.57
CA GLU H 270 13.44 -46.74 -71.35
C GLU H 270 12.24 -46.18 -72.12
#